data_4E6M
#
_entry.id   4E6M
#
_cell.length_a   113.128
_cell.length_b   87.137
_cell.length_c   200.586
_cell.angle_alpha   90.000
_cell.angle_beta   91.390
_cell.angle_gamma   90.000
#
_symmetry.space_group_name_H-M   'P 1 21 1'
#
loop_
_entity.id
_entity.type
_entity.pdbx_description
1 polymer 'Putative dehydratase protein'
2 non-polymer 'MAGNESIUM ION'
3 non-polymer (4S)-2-METHYL-2,4-PENTANEDIOL
4 non-polymer '4-(2-HYDROXYETHYL)-1-PIPERAZINE ETHANESULFONIC ACID'
5 water water
#
_entity_poly.entity_id   1
_entity_poly.type   'polypeptide(L)'
_entity_poly.pdbx_seq_one_letter_code
;MHHHHHHSSGVDLGTENLYFQSMMKITSIEVFDCELKKRDQTMSSYNPVLIRVNTDSGLSGIGEVGLAYGAGAKAGVGII
RDLAPLIVGEDPLNIEKIWEFFFRKTFWGMGGGNVFYAGMSAIDIALWDIKGKYLGVPVYQLLGGKTNEKLRTYASQLQF
GWGDKRHILVTPEEYAEAARAALDDGYDAIKVDPLEIDRNGDDCVFQNRNRNYSGLLLADQLKMGEARIAAMREAMGDDA
DIIVEIHSLLGTNSAIQFAKAIEKYRIFLYEEPIHPLNSDNMQKVSRSTTIPIATGERSYTRWGYRELLEKQSIAVAQPD
LCLCGGITEGKKICDYANIYDTTVQVHVCGGPVSTVAALHMETAIPNFIIHEHHTNAMKASIRELCTHDYQPENGYYVAP
EQPGLGQELNDEVVKEYLAYVIK
;
_entity_poly.pdbx_strand_id   A,B,C,D,E,F,G,H
#
loop_
_chem_comp.id
_chem_comp.type
_chem_comp.name
_chem_comp.formula
EPE non-polymer '4-(2-HYDROXYETHYL)-1-PIPERAZINE ETHANESULFONIC ACID' 'C8 H18 N2 O4 S'
MG non-polymer 'MAGNESIUM ION' 'Mg 2'
MPD non-polymer (4S)-2-METHYL-2,4-PENTANEDIOL 'C6 H14 O2'
#
# COMPACT_ATOMS: atom_id res chain seq x y z
N MET A 23 13.91 -47.82 14.91
CA MET A 23 14.90 -48.85 15.36
C MET A 23 15.82 -48.35 16.48
N MET A 24 16.36 -47.13 16.34
CA MET A 24 17.13 -46.49 17.42
C MET A 24 16.21 -45.72 18.34
N LYS A 25 16.61 -45.59 19.60
CA LYS A 25 15.94 -44.69 20.53
C LYS A 25 16.98 -43.83 21.22
N ILE A 26 16.60 -42.58 21.52
CA ILE A 26 17.43 -41.71 22.32
C ILE A 26 17.37 -42.22 23.77
N THR A 27 18.54 -42.32 24.38
CA THR A 27 18.65 -42.84 25.77
C THR A 27 19.02 -41.79 26.79
N SER A 28 19.86 -40.82 26.41
CA SER A 28 20.28 -39.75 27.32
C SER A 28 20.70 -38.50 26.56
N ILE A 29 20.70 -37.35 27.23
CA ILE A 29 21.27 -36.12 26.67
C ILE A 29 22.13 -35.45 27.73
N GLU A 30 23.41 -35.31 27.42
CA GLU A 30 24.37 -34.60 28.28
C GLU A 30 24.47 -33.13 27.95
N VAL A 31 24.48 -32.28 28.97
CA VAL A 31 24.61 -30.82 28.79
C VAL A 31 25.89 -30.33 29.46
N PHE A 32 26.73 -29.66 28.67
CA PHE A 32 28.02 -29.16 29.10
C PHE A 32 27.96 -27.64 29.20
N ASP A 33 28.16 -27.15 30.41
CA ASP A 33 28.19 -25.74 30.72
C ASP A 33 29.66 -25.34 30.69
N CYS A 34 30.13 -24.86 29.54
CA CYS A 34 31.57 -24.68 29.36
C CYS A 34 32.07 -23.34 29.88
N GLU A 35 32.22 -23.24 31.20
CA GLU A 35 32.71 -22.01 31.84
C GLU A 35 34.22 -21.93 31.63
N LEU A 36 34.64 -21.31 30.53
CA LEU A 36 36.04 -21.40 30.11
C LEU A 36 37.00 -20.72 31.08
N LYS A 37 36.49 -19.77 31.86
CA LYS A 37 37.26 -19.13 32.91
C LYS A 37 37.92 -20.13 33.86
N LYS A 38 37.28 -21.30 34.06
CA LYS A 38 37.89 -22.39 34.83
C LYS A 38 39.25 -22.84 34.31
N ARG A 39 39.44 -22.77 32.99
CA ARG A 39 40.67 -23.24 32.37
C ARG A 39 41.53 -22.12 31.80
N ASP A 40 40.91 -20.99 31.48
CA ASP A 40 41.63 -19.85 30.95
C ASP A 40 40.89 -18.59 31.37
N GLN A 41 41.46 -17.85 32.32
CA GLN A 41 40.76 -16.70 32.88
C GLN A 41 40.68 -15.50 31.92
N THR A 42 41.48 -15.53 30.86
CA THR A 42 41.40 -14.51 29.80
C THR A 42 40.11 -14.62 28.97
N MET A 43 39.50 -15.80 28.97
CA MET A 43 38.23 -16.04 28.26
C MET A 43 37.03 -15.91 29.21
N SER A 44 37.15 -15.00 30.18
CA SER A 44 36.31 -14.97 31.38
C SER A 44 34.80 -14.93 31.14
N SER A 45 34.35 -14.11 30.19
CA SER A 45 32.93 -13.96 29.95
C SER A 45 32.33 -15.11 29.12
N TYR A 46 33.13 -15.70 28.23
CA TYR A 46 32.70 -16.65 27.28
CA TYR A 46 32.63 -16.69 27.28
C TYR A 46 32.30 -18.03 27.88
N ASN A 47 31.13 -18.48 27.51
CA ASN A 47 30.55 -19.69 28.11
C ASN A 47 29.78 -20.52 27.07
N PRO A 48 30.48 -21.26 26.19
CA PRO A 48 29.76 -22.15 25.26
C PRO A 48 28.90 -23.17 26.00
N VAL A 49 27.78 -23.55 25.38
CA VAL A 49 26.90 -24.57 25.94
C VAL A 49 26.80 -25.66 24.88
N LEU A 50 27.30 -26.85 25.20
CA LEU A 50 27.34 -27.97 24.27
C LEU A 50 26.44 -29.10 24.76
N ILE A 51 25.90 -29.89 23.82
CA ILE A 51 25.13 -31.08 24.19
C ILE A 51 25.63 -32.31 23.46
N ARG A 52 25.31 -33.48 24.03
CA ARG A 52 25.55 -34.74 23.35
C ARG A 52 24.30 -35.60 23.53
N VAL A 53 23.75 -36.09 22.43
CA VAL A 53 22.55 -36.90 22.45
C VAL A 53 22.98 -38.31 22.16
N ASN A 54 22.68 -39.21 23.10
CA ASN A 54 23.08 -40.60 23.02
C ASN A 54 21.91 -41.50 22.63
N THR A 55 22.19 -42.58 21.92
CA THR A 55 21.14 -43.51 21.47
C THR A 55 21.50 -44.92 21.92
N ASP A 56 20.52 -45.81 21.94
CA ASP A 56 20.76 -47.21 22.32
C ASP A 56 21.54 -48.01 21.26
N SER A 57 21.83 -47.40 20.12
CA SER A 57 22.68 -48.03 19.09
C SER A 57 24.16 -47.74 19.31
N GLY A 58 24.47 -46.87 20.27
CA GLY A 58 25.85 -46.48 20.48
C GLY A 58 26.28 -45.30 19.63
N LEU A 59 25.42 -44.84 18.72
CA LEU A 59 25.69 -43.59 18.02
C LEU A 59 25.31 -42.40 18.88
N SER A 60 26.17 -41.39 18.89
CA SER A 60 25.89 -40.15 19.58
CA SER A 60 25.89 -40.14 19.58
C SER A 60 26.03 -38.98 18.61
N GLY A 61 25.38 -37.87 18.94
CA GLY A 61 25.46 -36.66 18.13
C GLY A 61 25.75 -35.52 19.09
N ILE A 62 26.49 -34.52 18.63
CA ILE A 62 26.70 -33.33 19.44
C ILE A 62 26.01 -32.10 18.81
N GLY A 63 25.66 -31.14 19.66
CA GLY A 63 25.03 -29.90 19.23
C GLY A 63 25.48 -28.77 20.15
N GLU A 64 25.02 -27.57 19.87
CA GLU A 64 25.46 -26.40 20.59
C GLU A 64 24.31 -25.39 20.71
N VAL A 65 24.16 -24.83 21.90
CA VAL A 65 23.21 -23.76 22.19
C VAL A 65 23.97 -22.44 21.97
N GLY A 66 23.50 -21.58 21.07
CA GLY A 66 24.33 -20.44 20.60
C GLY A 66 24.40 -19.24 21.54
N LEU A 67 24.62 -19.51 22.82
CA LEU A 67 24.54 -18.44 23.81
C LEU A 67 25.85 -18.29 24.60
N ALA A 68 26.98 -18.36 23.89
CA ALA A 68 28.33 -18.30 24.46
C ALA A 68 28.74 -16.92 24.99
N TYR A 69 28.14 -15.86 24.46
CA TYR A 69 28.45 -14.49 24.87
C TYR A 69 27.15 -13.79 25.25
N GLY A 70 27.22 -12.60 25.88
CA GLY A 70 26.00 -11.92 26.35
C GLY A 70 25.39 -12.62 27.54
N ALA A 71 24.22 -12.18 27.96
CA ALA A 71 23.55 -12.78 29.11
C ALA A 71 22.66 -13.92 28.63
N GLY A 72 23.03 -15.17 28.89
CA GLY A 72 22.13 -16.24 28.52
C GLY A 72 22.57 -17.69 28.67
N ALA A 73 23.85 -17.92 28.95
CA ALA A 73 24.33 -19.31 29.07
C ALA A 73 23.54 -20.18 30.06
N LYS A 74 23.24 -19.69 31.26
CA LYS A 74 22.55 -20.56 32.22
C LYS A 74 21.12 -20.84 31.77
N ALA A 75 20.49 -19.85 31.15
CA ALA A 75 19.19 -20.04 30.50
C ALA A 75 19.28 -21.13 29.44
N GLY A 76 20.39 -21.13 28.69
CA GLY A 76 20.65 -22.09 27.62
C GLY A 76 20.85 -23.52 28.13
N VAL A 77 21.55 -23.67 29.25
CA VAL A 77 21.63 -24.97 29.93
C VAL A 77 20.22 -25.35 30.34
N GLY A 78 19.48 -24.38 30.86
CA GLY A 78 18.13 -24.63 31.42
C GLY A 78 17.17 -25.17 30.37
N ILE A 79 17.16 -24.57 29.17
CA ILE A 79 16.21 -24.94 28.11
C ILE A 79 16.40 -26.39 27.64
N ILE A 80 17.64 -26.86 27.60
CA ILE A 80 17.90 -28.27 27.30
C ILE A 80 17.27 -29.17 28.39
N ARG A 81 17.38 -28.78 29.66
CA ARG A 81 16.69 -29.50 30.75
C ARG A 81 15.17 -29.54 30.55
N ASP A 82 14.60 -28.45 30.01
CA ASP A 82 13.16 -28.36 29.70
C ASP A 82 12.74 -29.19 28.47
N LEU A 83 13.57 -29.21 27.43
CA LEU A 83 13.21 -29.85 26.16
C LEU A 83 13.63 -31.33 26.06
N ALA A 84 14.86 -31.62 26.49
CA ALA A 84 15.41 -32.97 26.35
C ALA A 84 14.50 -34.10 26.87
N PRO A 85 13.79 -33.90 28.01
CA PRO A 85 12.98 -35.01 28.53
C PRO A 85 11.93 -35.49 27.53
N LEU A 86 11.54 -34.60 26.62
CA LEU A 86 10.49 -34.86 25.66
C LEU A 86 10.90 -35.88 24.59
N ILE A 87 12.20 -35.98 24.31
CA ILE A 87 12.67 -36.87 23.24
C ILE A 87 13.38 -38.14 23.74
N VAL A 88 13.56 -38.29 25.04
CA VAL A 88 14.11 -39.53 25.60
C VAL A 88 13.15 -40.69 25.27
N GLY A 89 13.70 -41.78 24.74
CA GLY A 89 12.89 -42.91 24.34
C GLY A 89 12.33 -42.81 22.92
N GLU A 90 12.63 -41.70 22.21
CA GLU A 90 12.07 -41.47 20.88
C GLU A 90 13.07 -41.74 19.76
N ASP A 91 12.55 -41.97 18.56
CA ASP A 91 13.37 -42.27 17.40
C ASP A 91 14.04 -40.98 16.88
N PRO A 92 15.39 -40.93 16.93
CA PRO A 92 16.07 -39.68 16.55
C PRO A 92 16.01 -39.36 15.06
N LEU A 93 15.62 -40.34 14.24
CA LEU A 93 15.64 -40.16 12.79
C LEU A 93 14.51 -39.25 12.28
N ASN A 94 13.45 -39.09 13.08
CA ASN A 94 12.31 -38.27 12.69
C ASN A 94 12.55 -36.79 13.06
N ILE A 95 13.52 -36.19 12.38
CA ILE A 95 14.01 -34.88 12.74
C ILE A 95 12.95 -33.79 12.50
N GLU A 96 12.24 -33.85 11.37
CA GLU A 96 11.18 -32.86 11.08
C GLU A 96 10.07 -32.97 12.13
N LYS A 97 9.74 -34.21 12.49
CA LYS A 97 8.68 -34.48 13.48
C LYS A 97 9.01 -33.90 14.87
N ILE A 98 10.22 -34.19 15.33
CA ILE A 98 10.70 -33.68 16.61
C ILE A 98 10.72 -32.14 16.56
N TRP A 99 11.31 -31.56 15.53
CA TRP A 99 11.32 -30.08 15.36
C TRP A 99 9.93 -29.50 15.46
N GLU A 100 9.00 -30.07 14.70
CA GLU A 100 7.61 -29.59 14.69
C GLU A 100 6.91 -29.76 16.06
N PHE A 101 7.21 -30.87 16.74
CA PHE A 101 6.67 -31.08 18.09
C PHE A 101 7.16 -29.98 19.04
N PHE A 102 8.45 -29.64 18.96
CA PHE A 102 8.95 -28.54 19.81
C PHE A 102 8.26 -27.22 19.46
N PHE A 103 8.05 -26.99 18.16
CA PHE A 103 7.42 -25.76 17.70
C PHE A 103 5.95 -25.69 18.18
N ARG A 104 5.27 -26.81 18.11
CA ARG A 104 3.81 -26.82 18.24
C ARG A 104 3.24 -27.18 19.60
N LYS A 105 3.94 -28.02 20.36
CA LYS A 105 3.29 -28.71 21.50
C LYS A 105 3.99 -28.47 22.82
N THR A 106 4.68 -27.33 22.91
CA THR A 106 5.43 -26.96 24.13
C THR A 106 4.95 -25.62 24.68
N PHE A 107 3.95 -25.05 24.01
CA PHE A 107 3.45 -23.67 24.22
C PHE A 107 4.40 -22.59 23.73
N TRP A 108 5.59 -22.56 24.29
CA TRP A 108 6.56 -21.52 23.97
C TRP A 108 7.18 -21.64 22.60
N GLY A 109 7.10 -22.81 21.97
CA GLY A 109 7.61 -22.92 20.58
C GLY A 109 6.93 -21.97 19.59
N MET A 110 5.68 -21.62 19.87
CA MET A 110 4.95 -20.69 19.01
C MET A 110 5.03 -19.23 19.50
N GLY A 111 5.85 -18.96 20.51
CA GLY A 111 6.10 -17.59 20.97
C GLY A 111 7.49 -17.56 21.58
N GLY A 112 8.48 -18.01 20.80
CA GLY A 112 9.76 -18.34 21.38
C GLY A 112 10.67 -17.16 21.51
N GLY A 113 11.91 -17.36 21.10
CA GLY A 113 12.93 -16.35 21.13
C GLY A 113 14.30 -17.01 21.14
N ASN A 114 15.34 -16.23 21.43
CA ASN A 114 16.70 -16.73 21.34
C ASN A 114 16.95 -18.00 22.17
N VAL A 115 16.43 -18.05 23.40
CA VAL A 115 16.71 -19.20 24.28
C VAL A 115 15.95 -20.43 23.80
N PHE A 116 14.63 -20.31 23.60
CA PHE A 116 13.84 -21.46 23.20
C PHE A 116 14.33 -22.06 21.88
N TYR A 117 14.54 -21.21 20.86
CA TYR A 117 15.00 -21.70 19.56
C TYR A 117 16.44 -22.19 19.58
N ALA A 118 17.29 -21.63 20.46
CA ALA A 118 18.65 -22.17 20.65
C ALA A 118 18.58 -23.59 21.21
N GLY A 119 17.59 -23.86 22.07
CA GLY A 119 17.42 -25.21 22.61
C GLY A 119 17.01 -26.19 21.51
N MET A 120 16.06 -25.77 20.68
CA MET A 120 15.67 -26.55 19.51
C MET A 120 16.85 -26.75 18.59
N SER A 121 17.60 -25.68 18.37
CA SER A 121 18.75 -25.76 17.47
C SER A 121 19.75 -26.82 17.92
N ALA A 122 20.13 -26.79 19.20
CA ALA A 122 21.17 -27.69 19.69
C ALA A 122 20.79 -29.16 19.47
N ILE A 123 19.56 -29.49 19.84
CA ILE A 123 19.05 -30.83 19.66
C ILE A 123 19.01 -31.20 18.15
N ASP A 124 18.53 -30.28 17.32
CA ASP A 124 18.40 -30.53 15.90
C ASP A 124 19.78 -30.83 15.30
N ILE A 125 20.79 -30.04 15.68
CA ILE A 125 22.13 -30.24 15.16
C ILE A 125 22.63 -31.64 15.58
N ALA A 126 22.40 -32.02 16.83
CA ALA A 126 22.87 -33.36 17.29
C ALA A 126 22.13 -34.48 16.56
N LEU A 127 20.88 -34.24 16.19
CA LEU A 127 20.12 -35.26 15.46
C LEU A 127 20.67 -35.46 14.04
N TRP A 128 21.03 -34.36 13.38
CA TRP A 128 21.72 -34.45 12.08
C TRP A 128 23.03 -35.18 12.15
N ASP A 129 23.80 -34.92 13.21
CA ASP A 129 25.07 -35.62 13.44
C ASP A 129 24.81 -37.15 13.51
N ILE A 130 23.79 -37.53 14.29
CA ILE A 130 23.40 -38.95 14.41
C ILE A 130 23.00 -39.54 13.05
N LYS A 131 22.11 -38.84 12.33
CA LYS A 131 21.62 -39.34 11.03
C LYS A 131 22.76 -39.50 10.03
N GLY A 132 23.70 -38.56 10.01
CA GLY A 132 24.88 -38.64 9.16
C GLY A 132 25.75 -39.86 9.48
N LYS A 133 26.03 -40.06 10.77
CA LYS A 133 26.73 -41.27 11.19
C LYS A 133 25.97 -42.55 10.84
N TYR A 134 24.66 -42.54 11.06
CA TYR A 134 23.81 -43.70 10.75
C TYR A 134 23.88 -44.10 9.29
N LEU A 135 23.85 -43.10 8.40
CA LEU A 135 23.87 -43.31 6.95
C LEU A 135 25.29 -43.29 6.37
N GLY A 136 26.27 -42.97 7.20
CA GLY A 136 27.68 -43.09 6.81
C GLY A 136 28.21 -41.98 5.92
N VAL A 137 27.60 -40.79 6.00
CA VAL A 137 28.00 -39.66 5.15
C VAL A 137 28.09 -38.34 5.94
N PRO A 138 28.94 -37.41 5.49
CA PRO A 138 28.92 -36.07 6.11
C PRO A 138 27.57 -35.38 5.94
N VAL A 139 27.23 -34.53 6.91
CA VAL A 139 25.96 -33.84 6.91
C VAL A 139 25.71 -33.08 5.59
N TYR A 140 26.74 -32.51 4.94
CA TYR A 140 26.44 -31.77 3.70
C TYR A 140 25.79 -32.65 2.63
N GLN A 141 26.15 -33.95 2.58
CA GLN A 141 25.50 -34.86 1.62
C GLN A 141 24.00 -34.96 1.89
N LEU A 142 23.64 -34.95 3.16
CA LEU A 142 22.22 -35.00 3.50
C LEU A 142 21.48 -33.70 3.26
N LEU A 143 22.24 -32.61 3.11
CA LEU A 143 21.62 -31.28 2.86
C LEU A 143 21.54 -30.96 1.37
N GLY A 144 22.01 -31.88 0.54
CA GLY A 144 21.94 -31.67 -0.90
C GLY A 144 23.24 -31.89 -1.67
N GLY A 145 24.32 -32.20 -0.96
CA GLY A 145 25.59 -32.56 -1.63
C GLY A 145 26.62 -31.46 -1.67
N LYS A 146 27.71 -31.68 -2.40
CA LYS A 146 28.77 -30.68 -2.45
C LYS A 146 28.49 -29.63 -3.54
N THR A 147 27.85 -28.54 -3.16
CA THR A 147 27.54 -27.45 -4.09
C THR A 147 28.76 -26.54 -4.21
N ASN A 148 29.39 -26.25 -3.08
CA ASN A 148 30.55 -25.36 -2.97
C ASN A 148 31.74 -26.15 -2.45
N GLU A 149 32.75 -26.32 -3.30
CA GLU A 149 33.95 -27.08 -2.97
C GLU A 149 34.82 -26.40 -1.94
N LYS A 150 34.88 -25.08 -1.99
CA LYS A 150 35.61 -24.35 -0.98
C LYS A 150 34.88 -23.06 -0.63
N LEU A 151 35.13 -22.52 0.55
CA LEU A 151 34.31 -21.43 1.05
C LEU A 151 35.11 -20.21 1.41
N ARG A 152 34.90 -19.13 0.64
CA ARG A 152 35.49 -17.84 0.99
C ARG A 152 35.16 -17.45 2.43
N THR A 153 36.21 -17.05 3.13
CA THR A 153 36.13 -16.79 4.55
C THR A 153 36.66 -15.39 4.89
N TYR A 154 35.98 -14.71 5.80
CA TYR A 154 36.56 -13.46 6.30
C TYR A 154 37.05 -13.54 7.75
N ALA A 155 38.03 -12.70 8.07
CA ALA A 155 38.55 -12.53 9.44
C ALA A 155 37.62 -11.59 10.22
N SER A 156 37.05 -12.07 11.30
CA SER A 156 35.96 -11.42 11.99
C SER A 156 36.19 -10.79 13.36
N GLN A 157 35.60 -9.63 13.56
CA GLN A 157 35.73 -8.77 14.71
C GLN A 157 37.12 -8.25 15.07
N LEU A 158 37.72 -7.55 14.12
CA LEU A 158 39.06 -7.06 14.26
C LEU A 158 39.26 -5.98 15.32
N GLN A 159 38.18 -5.43 15.85
CA GLN A 159 38.31 -4.47 16.95
C GLN A 159 38.93 -5.16 18.17
N PHE A 160 38.99 -6.49 18.13
CA PHE A 160 39.63 -7.27 19.19
C PHE A 160 40.98 -7.84 18.75
N GLY A 161 41.53 -7.28 17.66
CA GLY A 161 42.84 -7.70 17.16
C GLY A 161 42.82 -8.93 16.27
N TRP A 162 43.96 -9.23 15.64
CA TRP A 162 44.10 -10.44 14.86
C TRP A 162 45.44 -11.07 15.12
N GLY A 163 45.42 -12.38 15.39
CA GLY A 163 46.62 -13.21 15.53
C GLY A 163 47.55 -12.83 16.67
N ASP A 164 48.66 -12.17 16.31
CA ASP A 164 49.74 -11.77 17.21
C ASP A 164 49.26 -10.87 18.35
N LYS A 165 48.77 -9.68 17.98
CA LYS A 165 48.23 -8.70 18.93
C LYS A 165 46.72 -8.92 19.13
N ARG A 166 46.35 -9.54 20.24
CA ARG A 166 44.95 -9.90 20.51
C ARG A 166 44.38 -9.21 21.75
N HIS A 167 43.89 -7.99 21.55
CA HIS A 167 43.36 -7.16 22.63
C HIS A 167 42.42 -6.10 22.09
N ILE A 168 41.78 -5.38 23.00
CA ILE A 168 40.87 -4.30 22.63
C ILE A 168 41.64 -3.21 21.89
N LEU A 169 41.27 -2.96 20.63
CA LEU A 169 41.94 -1.91 19.86
C LEU A 169 41.22 -0.58 19.96
N VAL A 170 41.99 0.49 19.99
CA VAL A 170 41.45 1.85 20.14
C VAL A 170 41.86 2.83 19.01
N THR A 171 43.15 2.91 18.71
CA THR A 171 43.64 3.91 17.76
C THR A 171 43.49 3.46 16.30
N PRO A 172 43.32 4.42 15.36
CA PRO A 172 43.22 3.95 13.97
C PRO A 172 44.45 3.17 13.47
N GLU A 173 45.63 3.48 14.01
CA GLU A 173 46.83 2.72 13.65
C GLU A 173 46.74 1.26 14.12
N GLU A 174 46.16 1.05 15.31
CA GLU A 174 45.92 -0.31 15.80
C GLU A 174 44.96 -1.10 14.89
N TYR A 175 43.86 -0.47 14.49
CA TYR A 175 42.97 -1.10 13.48
C TYR A 175 43.69 -1.41 12.17
N ALA A 176 44.56 -0.49 11.71
CA ALA A 176 45.34 -0.76 10.49
C ALA A 176 46.15 -2.04 10.65
N GLU A 177 46.83 -2.17 11.79
CA GLU A 177 47.70 -3.31 12.09
C GLU A 177 46.94 -4.63 12.10
N ALA A 178 45.73 -4.63 12.69
CA ALA A 178 44.90 -5.83 12.70
C ALA A 178 44.54 -6.23 11.28
N ALA A 179 44.22 -5.25 10.44
CA ALA A 179 43.84 -5.52 9.06
C ALA A 179 45.00 -6.11 8.28
N ARG A 180 46.19 -5.50 8.35
CA ARG A 180 47.38 -6.08 7.74
C ARG A 180 47.68 -7.51 8.20
N ALA A 181 47.52 -7.77 9.51
CA ALA A 181 47.72 -9.12 10.03
C ALA A 181 46.74 -10.11 9.41
N ALA A 182 45.46 -9.72 9.26
CA ALA A 182 44.47 -10.59 8.60
C ALA A 182 44.84 -10.84 7.14
N LEU A 183 45.24 -9.79 6.42
CA LEU A 183 45.68 -9.98 5.04
C LEU A 183 46.90 -10.91 4.95
N ASP A 184 47.85 -10.74 5.88
CA ASP A 184 49.07 -11.55 5.94
C ASP A 184 48.76 -13.01 6.20
N ASP A 185 47.67 -13.24 6.93
CA ASP A 185 47.18 -14.57 7.28
C ASP A 185 46.41 -15.23 6.11
N GLY A 186 46.15 -14.50 5.03
CA GLY A 186 45.57 -15.06 3.80
C GLY A 186 44.15 -14.62 3.45
N TYR A 187 43.53 -13.79 4.30
CA TYR A 187 42.15 -13.35 4.07
C TYR A 187 42.13 -12.19 3.09
N ASP A 188 41.08 -12.11 2.26
CA ASP A 188 40.87 -10.94 1.42
C ASP A 188 39.57 -10.24 1.80
N ALA A 189 39.12 -10.51 3.02
CA ALA A 189 37.91 -9.89 3.56
C ALA A 189 38.02 -9.87 5.08
N ILE A 190 37.54 -8.78 5.70
CA ILE A 190 37.58 -8.65 7.15
C ILE A 190 36.26 -8.08 7.65
N LYS A 191 36.01 -8.26 8.94
CA LYS A 191 34.89 -7.58 9.57
C LYS A 191 35.34 -6.85 10.82
N VAL A 192 34.84 -5.63 11.00
CA VAL A 192 35.22 -4.80 12.15
C VAL A 192 33.99 -4.03 12.59
N ASP A 193 33.81 -3.91 13.90
CA ASP A 193 32.89 -2.93 14.45
C ASP A 193 33.69 -1.70 14.91
N PRO A 194 33.61 -0.61 14.13
CA PRO A 194 34.40 0.59 14.38
C PRO A 194 33.81 1.52 15.45
N LEU A 195 32.65 1.17 16.01
CA LEU A 195 32.04 2.01 17.03
C LEU A 195 31.96 1.37 18.40
N GLU A 196 32.09 0.05 18.45
CA GLU A 196 32.01 -0.71 19.71
C GLU A 196 32.94 -0.23 20.84
N ILE A 197 34.19 0.07 20.48
CA ILE A 197 35.18 0.44 21.46
C ILE A 197 35.23 1.96 21.51
N ASP A 198 35.01 2.55 22.69
CA ASP A 198 34.98 4.01 22.79
C ASP A 198 36.41 4.52 22.91
N ARG A 199 36.59 5.84 23.01
CA ARG A 199 37.93 6.48 23.07
C ARG A 199 38.82 5.98 24.22
N ASN A 200 38.20 5.38 25.24
CA ASN A 200 38.93 4.90 26.43
C ASN A 200 39.12 3.38 26.47
N GLY A 201 38.66 2.70 25.42
CA GLY A 201 38.81 1.26 25.32
C GLY A 201 37.68 0.52 26.00
N ASP A 202 36.62 1.24 26.38
CA ASP A 202 35.43 0.61 26.96
C ASP A 202 34.54 0.02 25.86
N ASP A 203 33.71 -0.95 26.22
CA ASP A 203 32.99 -1.77 25.25
C ASP A 203 31.49 -1.43 25.23
N CYS A 204 31.03 -0.74 24.19
CA CYS A 204 29.65 -0.22 24.18
C CYS A 204 28.60 -1.31 24.05
N VAL A 205 29.00 -2.49 23.59
CA VAL A 205 28.06 -3.61 23.51
C VAL A 205 27.61 -4.10 24.89
N PHE A 206 28.51 -4.05 25.88
CA PHE A 206 28.24 -4.61 27.19
C PHE A 206 28.35 -3.65 28.38
N GLN A 207 28.68 -2.41 28.11
CA GLN A 207 28.87 -1.40 29.16
C GLN A 207 27.99 -0.20 28.84
N ASN A 208 27.50 0.52 29.84
CA ASN A 208 26.72 1.74 29.60
C ASN A 208 27.62 2.91 29.19
N ARG A 209 28.02 2.94 27.92
CA ARG A 209 28.83 4.01 27.36
C ARG A 209 28.13 4.44 26.09
N ASN A 210 28.30 5.70 25.70
CA ASN A 210 27.75 6.21 24.43
C ASN A 210 26.28 5.82 24.21
N ARG A 211 25.47 6.02 25.23
CA ARG A 211 24.05 5.68 25.12
C ARG A 211 23.31 6.49 24.06
N ASN A 212 23.85 7.67 23.72
CA ASN A 212 23.33 8.48 22.60
C ASN A 212 23.38 7.79 21.22
N TYR A 213 24.09 6.67 21.16
CA TYR A 213 24.29 5.93 19.90
C TYR A 213 22.96 5.62 19.23
N SER A 214 21.93 5.45 20.05
CA SER A 214 20.58 5.08 19.61
C SER A 214 19.77 6.19 18.92
N GLY A 215 20.28 7.42 19.02
CA GLY A 215 19.63 8.59 18.43
C GLY A 215 20.52 9.08 17.31
N LEU A 216 21.34 10.08 17.59
CA LEU A 216 22.31 10.54 16.61
C LEU A 216 23.72 10.56 17.18
N LEU A 217 24.70 10.31 16.31
CA LEU A 217 26.09 10.33 16.73
C LEU A 217 26.58 11.76 16.93
N LEU A 218 27.46 11.93 17.92
CA LEU A 218 28.20 13.20 18.12
C LEU A 218 29.37 13.24 17.14
N ALA A 219 29.87 14.44 16.85
CA ALA A 219 30.97 14.61 15.90
C ALA A 219 32.18 13.74 16.26
N ASP A 220 32.58 13.73 17.54
CA ASP A 220 33.73 12.90 17.94
C ASP A 220 33.54 11.40 17.67
N GLN A 221 32.32 10.90 17.87
CA GLN A 221 32.03 9.50 17.62
C GLN A 221 32.06 9.14 16.12
N LEU A 222 31.49 10.03 15.31
CA LEU A 222 31.46 9.90 13.87
C LEU A 222 32.92 9.85 13.35
N LYS A 223 33.74 10.79 13.80
CA LYS A 223 35.15 10.85 13.43
C LYS A 223 35.92 9.62 13.92
N MET A 224 35.65 9.19 15.15
CA MET A 224 36.30 8.01 15.71
C MET A 224 36.10 6.78 14.82
N GLY A 225 34.84 6.48 14.52
CA GLY A 225 34.50 5.32 13.68
C GLY A 225 35.04 5.46 12.26
N GLU A 226 34.85 6.63 11.64
CA GLU A 226 35.31 6.81 10.28
C GLU A 226 36.82 6.69 10.18
N ALA A 227 37.55 7.24 11.15
CA ALA A 227 39.03 7.21 11.11
C ALA A 227 39.52 5.76 11.19
N ARG A 228 38.83 4.93 11.96
CA ARG A 228 39.19 3.51 12.04
C ARG A 228 38.96 2.81 10.70
N ILE A 229 37.78 3.02 10.11
CA ILE A 229 37.51 2.50 8.76
C ILE A 229 38.53 2.99 7.71
N ALA A 230 38.79 4.30 7.70
CA ALA A 230 39.73 4.90 6.72
C ALA A 230 41.10 4.21 6.80
N ALA A 231 41.55 3.97 8.03
CA ALA A 231 42.89 3.46 8.28
C ALA A 231 42.97 2.02 7.80
N MET A 232 41.88 1.28 7.99
CA MET A 232 41.80 -0.08 7.53
C MET A 232 41.75 -0.21 6.02
N ARG A 233 40.97 0.65 5.35
CA ARG A 233 40.91 0.61 3.89
C ARG A 233 42.29 0.94 3.33
N GLU A 234 42.97 1.90 3.95
CA GLU A 234 44.27 2.35 3.46
C GLU A 234 45.28 1.20 3.59
N ALA A 235 45.26 0.51 4.72
CA ALA A 235 46.20 -0.59 4.96
C ALA A 235 45.87 -1.82 4.11
N MET A 236 44.58 -1.99 3.79
CA MET A 236 44.15 -3.18 3.05
CA MET A 236 44.15 -3.18 3.07
C MET A 236 44.23 -3.07 1.54
N GLY A 237 44.23 -1.85 1.03
CA GLY A 237 44.10 -1.63 -0.40
C GLY A 237 42.64 -1.67 -0.81
N ASP A 238 42.40 -1.43 -2.10
CA ASP A 238 41.05 -1.28 -2.64
C ASP A 238 40.26 -2.57 -2.83
N ASP A 239 40.93 -3.68 -3.06
CA ASP A 239 40.25 -4.90 -3.48
C ASP A 239 39.70 -5.79 -2.38
N ALA A 240 40.40 -5.86 -1.25
CA ALA A 240 39.93 -6.67 -0.14
C ALA A 240 38.64 -6.08 0.42
N ASP A 241 37.73 -6.96 0.83
CA ASP A 241 36.45 -6.49 1.34
C ASP A 241 36.42 -6.13 2.81
N ILE A 242 35.63 -5.09 3.12
CA ILE A 242 35.42 -4.65 4.48
C ILE A 242 33.93 -4.75 4.81
N ILE A 243 33.62 -5.55 5.82
CA ILE A 243 32.26 -5.60 6.34
C ILE A 243 32.26 -4.74 7.61
N VAL A 244 31.32 -3.80 7.71
CA VAL A 244 31.20 -3.00 8.91
C VAL A 244 30.07 -3.55 9.80
N GLU A 245 30.45 -4.01 10.99
CA GLU A 245 29.55 -4.56 12.00
C GLU A 245 29.12 -3.43 12.95
N ILE A 246 27.84 -3.39 13.33
CA ILE A 246 27.35 -2.36 14.23
C ILE A 246 26.74 -2.93 15.52
N HIS A 247 26.51 -4.24 15.56
CA HIS A 247 26.02 -4.90 16.76
C HIS A 247 24.72 -4.29 17.25
N SER A 248 23.91 -3.75 16.35
CA SER A 248 22.64 -3.07 16.71
C SER A 248 22.85 -1.92 17.70
N LEU A 249 24.03 -1.29 17.69
CA LEU A 249 24.32 -0.21 18.65
C LEU A 249 23.68 1.09 18.19
N LEU A 250 23.50 1.22 16.88
CA LEU A 250 22.92 2.43 16.34
C LEU A 250 21.40 2.29 16.28
N GLY A 251 20.72 3.43 16.28
CA GLY A 251 19.34 3.51 15.86
C GLY A 251 19.25 3.82 14.38
N THR A 252 18.03 3.76 13.88
CA THR A 252 17.72 4.06 12.45
C THR A 252 18.45 5.30 11.95
N ASN A 253 18.35 6.39 12.70
CA ASN A 253 18.86 7.67 12.25
C ASN A 253 20.37 7.74 12.27
N SER A 254 20.98 7.25 13.35
CA SER A 254 22.43 7.23 13.43
C SER A 254 23.04 6.17 12.51
N ALA A 255 22.34 5.05 12.31
CA ALA A 255 22.74 4.04 11.32
C ALA A 255 22.94 4.65 9.92
N ILE A 256 21.96 5.47 9.54
CA ILE A 256 22.00 6.14 8.23
C ILE A 256 23.11 7.19 8.21
N GLN A 257 23.18 7.99 9.28
CA GLN A 257 24.22 9.03 9.46
C GLN A 257 25.64 8.44 9.29
N PHE A 258 25.88 7.33 9.98
CA PHE A 258 27.19 6.67 9.93
C PHE A 258 27.43 6.04 8.57
N ALA A 259 26.44 5.35 8.01
CA ALA A 259 26.56 4.78 6.65
C ALA A 259 27.03 5.83 5.64
N LYS A 260 26.39 6.99 5.70
CA LYS A 260 26.74 8.07 4.78
C LYS A 260 28.21 8.49 4.92
N ALA A 261 28.75 8.41 6.14
CA ALA A 261 30.13 8.82 6.37
C ALA A 261 31.13 7.77 5.89
N ILE A 262 30.72 6.51 5.85
CA ILE A 262 31.68 5.46 5.44
C ILE A 262 31.49 4.94 4.00
N GLU A 263 30.45 5.40 3.31
CA GLU A 263 30.16 4.91 1.93
C GLU A 263 31.36 5.05 1.01
N LYS A 264 32.10 6.13 1.18
CA LYS A 264 33.29 6.40 0.37
C LYS A 264 34.38 5.31 0.46
N TYR A 265 34.27 4.39 1.44
CA TYR A 265 35.32 3.35 1.63
C TYR A 265 35.05 2.03 0.93
N ARG A 266 33.93 1.99 0.20
CA ARG A 266 33.47 0.81 -0.55
C ARG A 266 33.25 -0.36 0.42
N ILE A 267 32.17 -0.27 1.18
CA ILE A 267 31.88 -1.20 2.24
C ILE A 267 31.09 -2.37 1.61
N PHE A 268 31.47 -3.59 1.94
CA PHE A 268 30.94 -4.75 1.29
C PHE A 268 29.54 -5.01 1.87
N LEU A 269 29.45 -4.97 3.20
CA LEU A 269 28.17 -5.21 3.91
C LEU A 269 28.11 -4.36 5.16
N TYR A 270 26.89 -4.03 5.59
CA TYR A 270 26.66 -3.24 6.77
C TYR A 270 25.85 -4.18 7.66
N GLU A 271 26.48 -4.72 8.71
CA GLU A 271 25.85 -5.78 9.50
C GLU A 271 25.17 -5.25 10.75
N GLU A 272 23.96 -5.74 10.98
CA GLU A 272 23.20 -5.34 12.17
C GLU A 272 23.28 -3.83 12.45
N PRO A 273 22.90 -2.98 11.47
CA PRO A 273 22.97 -1.53 11.71
C PRO A 273 22.01 -1.10 12.83
N ILE A 274 20.90 -1.83 12.96
CA ILE A 274 19.95 -1.64 14.05
C ILE A 274 19.47 -3.03 14.44
N HIS A 275 18.80 -3.14 15.58
CA HIS A 275 18.18 -4.41 15.98
C HIS A 275 17.01 -4.80 15.09
N PRO A 276 16.64 -6.10 15.10
CA PRO A 276 15.65 -6.56 14.12
C PRO A 276 14.23 -6.55 14.69
N LEU A 277 14.03 -5.87 15.81
CA LEU A 277 12.69 -5.89 16.42
C LEU A 277 11.66 -4.98 15.71
N ASN A 278 12.10 -4.01 14.91
CA ASN A 278 11.18 -3.19 14.06
C ASN A 278 11.60 -3.34 12.58
N SER A 279 10.89 -4.21 11.87
CA SER A 279 11.27 -4.54 10.47
C SER A 279 11.08 -3.35 9.50
N ASP A 280 10.12 -2.50 9.83
CA ASP A 280 9.94 -1.30 9.02
C ASP A 280 11.15 -0.36 9.11
N ASN A 281 11.76 -0.26 10.29
CA ASN A 281 12.97 0.57 10.37
C ASN A 281 14.13 -0.07 9.62
N MET A 282 14.18 -1.40 9.64
CA MET A 282 15.24 -2.09 8.87
C MET A 282 15.09 -1.75 7.38
N GLN A 283 13.86 -1.77 6.87
CA GLN A 283 13.64 -1.38 5.46
C GLN A 283 14.02 0.07 5.22
N LYS A 284 13.63 0.97 6.13
CA LYS A 284 14.05 2.36 6.00
C LYS A 284 15.59 2.53 5.93
N VAL A 285 16.33 1.84 6.79
CA VAL A 285 17.80 1.89 6.71
C VAL A 285 18.30 1.38 5.34
N SER A 286 17.76 0.27 4.87
CA SER A 286 18.23 -0.30 3.59
C SER A 286 17.91 0.62 2.42
N ARG A 287 16.82 1.38 2.52
CA ARG A 287 16.45 2.34 1.46
C ARG A 287 17.27 3.64 1.51
N SER A 288 18.03 3.82 2.59
CA SER A 288 18.70 5.11 2.81
C SER A 288 20.21 5.06 2.69
N THR A 289 20.75 3.89 2.40
CA THR A 289 22.18 3.77 2.15
C THR A 289 22.41 2.85 0.97
N THR A 290 23.52 3.07 0.24
CA THR A 290 23.91 2.20 -0.85
C THR A 290 24.63 0.91 -0.35
N ILE A 291 25.02 0.85 0.94
CA ILE A 291 25.80 -0.32 1.41
C ILE A 291 24.76 -1.41 1.63
N PRO A 292 24.99 -2.61 1.05
CA PRO A 292 24.02 -3.69 1.27
C PRO A 292 23.95 -4.05 2.75
N ILE A 293 22.74 -4.33 3.25
CA ILE A 293 22.52 -4.69 4.67
C ILE A 293 22.59 -6.20 4.95
N ALA A 294 23.26 -6.59 6.04
CA ALA A 294 23.27 -7.96 6.49
C ALA A 294 22.65 -8.02 7.89
N THR A 295 21.81 -9.00 8.14
CA THR A 295 21.46 -9.29 9.51
C THR A 295 21.03 -10.73 9.67
N GLY A 296 20.80 -11.15 10.92
CA GLY A 296 20.24 -12.48 11.10
C GLY A 296 20.60 -13.20 12.35
N GLU A 297 21.70 -12.79 13.00
CA GLU A 297 22.12 -13.56 14.17
C GLU A 297 21.12 -13.43 15.31
N ARG A 298 20.37 -12.32 15.34
CA ARG A 298 19.27 -12.15 16.30
C ARG A 298 17.90 -12.36 15.69
N SER A 299 17.86 -13.13 14.59
CA SER A 299 16.59 -13.45 13.92
C SER A 299 16.44 -14.95 13.81
N TYR A 300 15.29 -15.46 14.26
CA TYR A 300 15.15 -16.90 14.47
C TYR A 300 13.94 -17.46 13.72
N THR A 301 14.17 -18.60 13.08
CA THR A 301 13.19 -19.35 12.28
C THR A 301 12.84 -18.64 10.99
N ARG A 302 12.17 -19.34 10.07
CA ARG A 302 11.65 -18.71 8.84
C ARG A 302 10.81 -17.49 9.16
N TRP A 303 9.97 -17.58 10.21
CA TRP A 303 9.12 -16.47 10.60
C TRP A 303 9.86 -15.22 10.98
N GLY A 304 11.09 -15.38 11.48
CA GLY A 304 11.95 -14.22 11.83
C GLY A 304 12.56 -13.52 10.61
N TYR A 305 12.46 -14.13 9.44
CA TYR A 305 13.02 -13.54 8.23
C TYR A 305 11.97 -13.00 7.26
N ARG A 306 10.71 -13.35 7.49
CA ARG A 306 9.65 -13.06 6.55
C ARG A 306 9.52 -11.58 6.24
N GLU A 307 9.48 -10.77 7.29
CA GLU A 307 9.31 -9.35 7.09
C GLU A 307 10.59 -8.72 6.60
N LEU A 308 11.73 -9.28 6.97
CA LEU A 308 12.99 -8.77 6.42
C LEU A 308 13.10 -9.01 4.91
N LEU A 309 12.71 -10.20 4.46
CA LEU A 309 12.71 -10.55 3.06
C LEU A 309 11.67 -9.90 2.18
N GLU A 310 10.44 -9.91 2.65
CA GLU A 310 9.33 -9.37 1.96
C GLU A 310 9.52 -7.86 1.75
N LYS A 311 10.11 -7.19 2.72
CA LYS A 311 10.31 -5.74 2.61
CA LYS A 311 10.32 -5.75 2.61
C LYS A 311 11.61 -5.42 1.88
N GLN A 312 12.27 -6.46 1.40
CA GLN A 312 13.52 -6.34 0.61
C GLN A 312 14.59 -5.53 1.35
N SER A 313 14.76 -5.80 2.63
CA SER A 313 15.61 -4.98 3.50
CA SER A 313 15.60 -4.97 3.48
C SER A 313 17.03 -5.50 3.57
N ILE A 314 17.22 -6.78 3.24
CA ILE A 314 18.55 -7.37 3.41
C ILE A 314 19.10 -7.99 2.15
N ALA A 315 20.40 -7.78 1.98
CA ALA A 315 21.20 -8.44 0.94
C ALA A 315 21.79 -9.78 1.40
N VAL A 316 22.13 -9.88 2.68
CA VAL A 316 22.74 -11.12 3.21
C VAL A 316 22.05 -11.50 4.52
N ALA A 317 21.59 -12.75 4.59
CA ALA A 317 21.03 -13.34 5.81
C ALA A 317 22.11 -14.08 6.60
N GLN A 318 22.11 -13.87 7.93
CA GLN A 318 23.16 -14.39 8.83
C GLN A 318 22.60 -15.18 10.02
N PRO A 319 21.79 -16.22 9.76
CA PRO A 319 21.31 -17.03 10.85
C PRO A 319 22.47 -17.72 11.55
N ASP A 320 22.36 -17.85 12.86
CA ASP A 320 23.24 -18.68 13.65
C ASP A 320 22.50 -20.01 13.74
N LEU A 321 23.13 -21.08 13.26
CA LEU A 321 22.45 -22.39 13.27
C LEU A 321 22.20 -22.90 14.69
N CYS A 322 22.95 -22.37 15.65
CA CYS A 322 22.81 -22.70 17.07
C CYS A 322 21.73 -21.86 17.77
N LEU A 323 21.10 -20.96 17.01
CA LEU A 323 19.96 -20.13 17.51
C LEU A 323 18.69 -20.18 16.67
N CYS A 324 18.87 -20.30 15.36
CA CYS A 324 17.75 -20.01 14.43
C CYS A 324 16.73 -21.17 14.32
N GLY A 325 17.02 -22.29 14.96
CA GLY A 325 16.21 -23.52 14.84
C GLY A 325 17.01 -24.72 14.33
N GLY A 326 18.32 -24.55 14.14
CA GLY A 326 19.19 -25.70 13.87
C GLY A 326 19.50 -25.83 12.39
N ILE A 327 20.01 -26.99 11.98
CA ILE A 327 20.27 -27.29 10.57
C ILE A 327 18.97 -27.40 9.75
N THR A 328 17.96 -28.08 10.31
CA THR A 328 16.66 -28.19 9.63
C THR A 328 16.09 -26.82 9.28
N GLU A 329 15.90 -25.97 10.29
CA GLU A 329 15.36 -24.64 10.08
C GLU A 329 16.31 -23.71 9.30
N GLY A 330 17.61 -23.84 9.55
CA GLY A 330 18.64 -23.01 8.88
C GLY A 330 18.62 -23.21 7.37
N LYS A 331 18.53 -24.47 6.96
CA LYS A 331 18.37 -24.81 5.54
C LYS A 331 17.12 -24.12 4.98
N LYS A 332 15.99 -24.19 5.68
CA LYS A 332 14.79 -23.54 5.19
C LYS A 332 14.92 -22.02 5.06
N ILE A 333 15.61 -21.41 6.02
CA ILE A 333 15.91 -19.97 5.95
C ILE A 333 16.77 -19.66 4.70
N CYS A 334 17.78 -20.50 4.45
CA CYS A 334 18.60 -20.22 3.27
C CYS A 334 17.76 -20.34 1.99
N ASP A 335 16.91 -21.37 1.90
CA ASP A 335 16.10 -21.62 0.71
C ASP A 335 15.13 -20.46 0.45
N TYR A 336 14.56 -19.95 1.53
CA TYR A 336 13.64 -18.81 1.48
C TYR A 336 14.35 -17.55 1.02
N ALA A 337 15.49 -17.27 1.65
CA ALA A 337 16.32 -16.08 1.31
C ALA A 337 16.65 -16.02 -0.18
N ASN A 338 16.96 -17.19 -0.76
CA ASN A 338 17.31 -17.30 -2.16
C ASN A 338 16.26 -16.70 -3.11
N ILE A 339 14.96 -16.79 -2.77
CA ILE A 339 14.00 -16.23 -3.73
CA ILE A 339 13.85 -16.21 -3.55
C ILE A 339 14.00 -14.70 -3.77
N TYR A 340 14.66 -14.05 -2.80
CA TYR A 340 14.83 -12.59 -2.83
CA TYR A 340 14.84 -12.59 -2.84
C TYR A 340 16.25 -12.15 -3.19
N ASP A 341 17.05 -13.08 -3.72
CA ASP A 341 18.45 -12.77 -4.09
C ASP A 341 19.32 -12.45 -2.86
N THR A 342 18.86 -12.95 -1.71
CA THR A 342 19.53 -12.80 -0.43
C THR A 342 20.42 -14.00 -0.23
N THR A 343 21.73 -13.74 -0.12
CA THR A 343 22.64 -14.82 0.08
C THR A 343 22.96 -14.97 1.55
N VAL A 344 23.70 -16.01 1.91
CA VAL A 344 23.84 -16.44 3.28
C VAL A 344 25.29 -16.49 3.75
N GLN A 345 25.52 -15.92 4.92
CA GLN A 345 26.72 -16.16 5.71
C GLN A 345 26.24 -16.59 7.10
N VAL A 346 26.47 -17.85 7.43
CA VAL A 346 26.05 -18.34 8.73
C VAL A 346 26.81 -17.58 9.81
N HIS A 347 26.11 -17.20 10.86
CA HIS A 347 26.77 -16.58 12.00
C HIS A 347 27.42 -17.65 12.86
N VAL A 348 28.72 -17.48 13.09
CA VAL A 348 29.50 -18.43 13.86
C VAL A 348 30.33 -17.68 14.93
N CYS A 349 29.90 -17.81 16.18
CA CYS A 349 30.65 -17.27 17.33
C CYS A 349 30.34 -18.09 18.57
N GLY A 350 31.00 -19.24 18.68
CA GLY A 350 30.79 -20.13 19.81
C GLY A 350 31.88 -21.18 19.82
N GLY A 351 31.51 -22.42 20.08
CA GLY A 351 32.47 -23.50 20.08
C GLY A 351 32.68 -24.14 18.72
N PRO A 352 33.47 -25.23 18.68
CA PRO A 352 33.75 -25.87 17.40
C PRO A 352 32.51 -26.51 16.79
N VAL A 353 31.46 -26.75 17.59
CA VAL A 353 30.25 -27.35 17.04
C VAL A 353 29.57 -26.40 16.04
N SER A 354 29.38 -25.14 16.43
CA SER A 354 28.83 -24.14 15.53
CA SER A 354 28.82 -24.15 15.52
C SER A 354 29.63 -24.05 14.22
N THR A 355 30.95 -24.03 14.32
CA THR A 355 31.77 -24.01 13.09
C THR A 355 31.41 -25.15 12.11
N VAL A 356 31.47 -26.40 12.56
CA VAL A 356 31.18 -27.52 11.64
C VAL A 356 29.77 -27.56 11.10
N ALA A 357 28.80 -27.18 11.93
CA ALA A 357 27.42 -27.12 11.44
C ALA A 357 27.35 -26.12 10.27
N ALA A 358 28.01 -24.97 10.45
CA ALA A 358 28.08 -23.92 9.44
C ALA A 358 28.74 -24.44 8.16
N LEU A 359 29.86 -25.15 8.30
CA LEU A 359 30.59 -25.63 7.11
C LEU A 359 29.72 -26.55 6.26
N HIS A 360 29.00 -27.44 6.92
CA HIS A 360 28.11 -28.38 6.22
C HIS A 360 26.98 -27.69 5.47
N MET A 361 26.33 -26.73 6.14
CA MET A 361 25.29 -25.92 5.52
C MET A 361 25.80 -25.16 4.28
N GLU A 362 26.87 -24.42 4.51
CA GLU A 362 27.45 -23.55 3.49
C GLU A 362 27.95 -24.32 2.28
N THR A 363 28.45 -25.53 2.51
CA THR A 363 28.86 -26.43 1.41
C THR A 363 27.69 -26.88 0.54
N ALA A 364 26.51 -27.07 1.14
CA ALA A 364 25.35 -27.54 0.42
C ALA A 364 24.50 -26.44 -0.28
N ILE A 365 24.37 -25.26 0.35
CA ILE A 365 23.49 -24.21 -0.19
C ILE A 365 24.01 -23.52 -1.44
N PRO A 366 23.15 -23.35 -2.46
CA PRO A 366 23.57 -22.61 -3.66
C PRO A 366 23.77 -21.11 -3.43
N ASN A 367 23.14 -20.56 -2.39
CA ASN A 367 23.20 -19.10 -2.12
C ASN A 367 24.16 -18.69 -0.99
N PHE A 368 25.20 -19.50 -0.75
CA PHE A 368 26.31 -19.11 0.12
C PHE A 368 27.06 -17.88 -0.44
N ILE A 369 27.45 -16.94 0.41
CA ILE A 369 28.28 -15.82 -0.01
C ILE A 369 29.68 -15.80 0.64
N ILE A 370 29.76 -15.98 1.96
CA ILE A 370 31.04 -15.86 2.69
C ILE A 370 30.92 -16.47 4.09
N HIS A 371 32.03 -16.97 4.60
CA HIS A 371 32.06 -17.63 5.89
C HIS A 371 32.74 -16.77 6.93
N GLU A 372 32.18 -16.75 8.12
CA GLU A 372 32.74 -15.98 9.23
C GLU A 372 33.75 -16.77 10.10
N HIS A 373 35.00 -16.30 10.13
CA HIS A 373 35.97 -16.87 11.07
CA HIS A 373 36.01 -16.85 11.04
C HIS A 373 36.32 -15.89 12.17
N HIS A 374 35.72 -16.13 13.32
CA HIS A 374 35.92 -15.28 14.49
C HIS A 374 37.31 -15.30 15.05
N THR A 375 37.73 -14.14 15.56
CA THR A 375 39.08 -13.97 16.09
C THR A 375 39.39 -14.87 17.31
N ASN A 376 38.34 -15.32 18.01
CA ASN A 376 38.43 -16.25 19.16
C ASN A 376 38.55 -17.72 18.75
N ALA A 377 38.25 -18.04 17.50
CA ALA A 377 38.17 -19.43 17.05
C ALA A 377 39.50 -20.16 17.13
N MET A 378 40.57 -19.38 17.28
CA MET A 378 41.91 -19.92 17.40
C MET A 378 42.33 -20.08 18.88
N LYS A 379 41.46 -19.68 19.82
CA LYS A 379 41.82 -19.78 21.25
C LYS A 379 41.90 -21.23 21.70
N ALA A 380 42.96 -21.54 22.44
CA ALA A 380 43.20 -22.88 22.92
C ALA A 380 42.03 -23.43 23.76
N SER A 381 41.42 -22.60 24.61
CA SER A 381 40.31 -23.08 25.44
C SER A 381 39.04 -23.36 24.66
N ILE A 382 38.96 -22.85 23.43
CA ILE A 382 37.81 -23.13 22.56
C ILE A 382 38.10 -24.39 21.74
N ARG A 383 39.26 -24.41 21.08
CA ARG A 383 39.69 -25.56 20.29
C ARG A 383 39.71 -26.88 21.08
N GLU A 384 40.10 -26.84 22.33
CA GLU A 384 40.22 -28.08 23.11
C GLU A 384 38.85 -28.70 23.47
N LEU A 385 37.75 -27.98 23.22
CA LEU A 385 36.42 -28.54 23.52
C LEU A 385 36.08 -29.73 22.62
N CYS A 386 36.73 -29.80 21.46
CA CYS A 386 36.41 -30.84 20.49
C CYS A 386 37.68 -31.53 20.01
N THR A 387 37.49 -32.64 19.31
CA THR A 387 38.64 -33.51 18.97
C THR A 387 39.37 -33.12 17.70
N HIS A 388 38.71 -32.44 16.77
CA HIS A 388 39.33 -32.05 15.50
C HIS A 388 39.43 -30.57 15.40
N ASP A 389 40.45 -30.11 14.69
CA ASP A 389 40.60 -28.68 14.44
C ASP A 389 40.31 -28.42 12.96
N TYR A 390 39.32 -27.60 12.67
CA TYR A 390 39.06 -27.22 11.29
C TYR A 390 39.29 -25.72 11.19
N GLN A 391 40.31 -25.32 10.42
CA GLN A 391 40.69 -23.92 10.31
C GLN A 391 40.78 -23.57 8.82
N PRO A 392 40.60 -22.29 8.46
CA PRO A 392 40.74 -21.93 7.04
C PRO A 392 42.23 -21.87 6.67
N GLU A 393 42.49 -21.85 5.36
CA GLU A 393 43.86 -21.78 4.81
C GLU A 393 43.76 -20.83 3.64
N ASN A 394 44.64 -19.82 3.62
CA ASN A 394 44.61 -18.82 2.56
C ASN A 394 43.22 -18.26 2.24
N GLY A 395 42.42 -18.10 3.28
CA GLY A 395 41.13 -17.45 3.16
C GLY A 395 39.97 -18.34 2.76
N TYR A 396 40.19 -19.66 2.75
CA TYR A 396 39.14 -20.61 2.36
C TYR A 396 38.99 -21.75 3.36
N TYR A 397 37.74 -22.12 3.60
CA TYR A 397 37.39 -23.31 4.34
C TYR A 397 36.96 -24.44 3.40
N VAL A 398 37.14 -25.69 3.84
CA VAL A 398 36.49 -26.84 3.18
C VAL A 398 35.70 -27.61 4.23
N ALA A 399 34.73 -28.40 3.78
CA ALA A 399 33.87 -29.17 4.68
C ALA A 399 34.63 -30.33 5.33
N PRO A 400 34.24 -30.71 6.57
CA PRO A 400 34.69 -32.01 7.04
C PRO A 400 34.14 -33.13 6.12
N GLU A 401 34.84 -34.25 6.05
CA GLU A 401 34.47 -35.36 5.15
C GLU A 401 34.07 -36.67 5.88
N GLN A 402 34.12 -36.69 7.21
CA GLN A 402 33.73 -37.86 8.02
C GLN A 402 32.22 -38.02 8.06
N PRO A 403 31.71 -39.21 8.43
CA PRO A 403 30.26 -39.31 8.67
C PRO A 403 29.79 -38.34 9.76
N GLY A 404 28.56 -37.83 9.63
CA GLY A 404 28.03 -36.84 10.60
C GLY A 404 28.66 -35.44 10.45
N LEU A 405 28.75 -34.71 11.56
CA LEU A 405 29.36 -33.36 11.55
C LEU A 405 30.90 -33.41 11.36
N GLY A 406 31.50 -34.53 11.75
CA GLY A 406 32.97 -34.67 11.72
C GLY A 406 33.67 -34.08 12.93
N GLN A 407 32.97 -34.09 14.06
CA GLN A 407 33.48 -33.62 15.35
C GLN A 407 32.99 -34.53 16.45
N GLU A 408 33.82 -34.62 17.48
CA GLU A 408 33.45 -35.24 18.73
C GLU A 408 33.88 -34.29 19.83
N LEU A 409 33.22 -34.37 20.99
CA LEU A 409 33.69 -33.67 22.18
C LEU A 409 35.00 -34.28 22.71
N ASN A 410 35.92 -33.41 23.12
CA ASN A 410 37.13 -33.82 23.79
C ASN A 410 36.83 -34.13 25.26
N ASP A 411 36.55 -35.40 25.53
CA ASP A 411 36.10 -35.83 26.85
C ASP A 411 37.07 -35.54 28.00
N GLU A 412 38.38 -35.55 27.70
CA GLU A 412 39.38 -35.14 28.69
C GLU A 412 39.11 -33.74 29.23
N VAL A 413 38.62 -32.85 28.37
CA VAL A 413 38.35 -31.48 28.77
C VAL A 413 36.91 -31.31 29.27
N VAL A 414 35.92 -31.77 28.50
CA VAL A 414 34.50 -31.46 28.78
C VAL A 414 33.89 -32.19 29.98
N LYS A 415 34.57 -33.22 30.48
CA LYS A 415 34.15 -33.84 31.74
C LYS A 415 34.05 -32.81 32.87
N GLU A 416 34.93 -31.82 32.82
CA GLU A 416 34.95 -30.70 33.75
C GLU A 416 33.71 -29.83 33.64
N TYR A 417 33.08 -29.84 32.47
CA TYR A 417 32.00 -28.91 32.17
C TYR A 417 30.63 -29.54 32.29
N LEU A 418 30.59 -30.85 32.52
CA LEU A 418 29.32 -31.55 32.51
C LEU A 418 28.42 -31.00 33.60
N ALA A 419 27.23 -30.58 33.24
CA ALA A 419 26.32 -29.94 34.19
C ALA A 419 25.10 -30.81 34.48
N TYR A 420 24.52 -31.42 33.45
CA TYR A 420 23.32 -32.27 33.62
C TYR A 420 23.29 -33.43 32.64
N VAL A 421 22.62 -34.52 33.05
CA VAL A 421 22.31 -35.64 32.15
C VAL A 421 20.81 -35.91 32.26
N ILE A 422 20.11 -35.72 31.14
CA ILE A 422 18.69 -36.04 31.05
C ILE A 422 18.57 -37.47 30.51
N LYS A 423 17.77 -38.30 31.18
CA LYS A 423 17.58 -39.70 30.81
C LYS A 423 16.23 -40.21 31.30
N MET B 23 20.43 5.87 47.64
CA MET B 23 21.08 5.40 48.89
C MET B 23 20.83 3.92 49.23
N MET B 24 19.92 3.27 48.51
CA MET B 24 19.79 1.82 48.61
C MET B 24 20.66 1.13 47.57
N LYS B 25 21.07 -0.10 47.88
CA LYS B 25 21.75 -0.94 46.92
C LYS B 25 21.21 -2.36 46.96
N ILE B 26 21.07 -2.97 45.80
CA ILE B 26 20.72 -4.39 45.73
C ILE B 26 21.83 -5.27 46.29
N THR B 27 21.49 -6.14 47.23
CA THR B 27 22.48 -7.02 47.84
C THR B 27 22.45 -8.47 47.37
N SER B 28 21.26 -9.02 47.13
CA SER B 28 21.14 -10.41 46.65
C SER B 28 19.81 -10.61 45.92
N ILE B 29 19.75 -11.69 45.14
CA ILE B 29 18.52 -12.08 44.45
C ILE B 29 18.36 -13.59 44.62
N GLU B 30 17.27 -13.98 45.26
CA GLU B 30 16.93 -15.38 45.49
C GLU B 30 16.03 -15.86 44.35
N VAL B 31 16.27 -17.08 43.88
CA VAL B 31 15.45 -17.68 42.81
C VAL B 31 14.84 -18.96 43.33
N PHE B 32 13.51 -19.04 43.23
CA PHE B 32 12.75 -20.20 43.70
C PHE B 32 12.21 -20.99 42.51
N ASP B 33 12.60 -22.26 42.43
CA ASP B 33 12.17 -23.16 41.39
C ASP B 33 11.04 -23.98 41.97
N CYS B 34 9.80 -23.52 41.78
CA CYS B 34 8.68 -24.10 42.54
C CYS B 34 8.11 -25.33 41.88
N GLU B 35 8.78 -26.46 42.10
CA GLU B 35 8.35 -27.75 41.59
C GLU B 35 7.21 -28.26 42.43
N LEU B 36 5.99 -27.82 42.12
CA LEU B 36 4.81 -28.10 42.95
C LEU B 36 4.54 -29.58 43.17
N LYS B 37 5.01 -30.41 42.25
CA LYS B 37 4.84 -31.87 42.38
C LYS B 37 5.45 -32.42 43.68
N LYS B 38 6.46 -31.74 44.21
CA LYS B 38 7.04 -32.09 45.49
C LYS B 38 6.02 -32.02 46.62
N ARG B 39 5.02 -31.15 46.48
CA ARG B 39 4.04 -30.93 47.54
C ARG B 39 2.61 -31.37 47.19
N ASP B 40 2.31 -31.48 45.90
CA ASP B 40 0.98 -31.88 45.45
C ASP B 40 1.12 -32.53 44.08
N GLN B 41 0.91 -33.85 44.03
CA GLN B 41 1.16 -34.64 42.82
C GLN B 41 0.20 -34.30 41.68
N THR B 42 -0.97 -33.81 42.04
CA THR B 42 -1.96 -33.44 41.03
C THR B 42 -1.55 -32.18 40.25
N MET B 43 -0.49 -31.51 40.70
CA MET B 43 0.02 -30.30 40.02
C MET B 43 1.28 -30.53 39.20
N SER B 44 1.61 -31.78 38.91
CA SER B 44 2.97 -32.16 38.48
C SER B 44 3.60 -31.41 37.28
N SER B 45 2.78 -30.99 36.32
CA SER B 45 3.28 -30.27 35.14
C SER B 45 3.32 -28.74 35.32
N TYR B 46 3.28 -28.27 36.56
CA TYR B 46 3.19 -26.84 36.85
C TYR B 46 4.34 -26.42 37.76
N ASN B 47 5.04 -25.37 37.36
CA ASN B 47 6.32 -25.03 37.98
C ASN B 47 6.57 -23.50 37.97
N PRO B 48 5.84 -22.76 38.82
CA PRO B 48 6.13 -21.34 38.97
C PRO B 48 7.62 -21.08 39.27
N VAL B 49 8.10 -19.93 38.82
CA VAL B 49 9.46 -19.50 39.09
C VAL B 49 9.36 -18.10 39.72
N LEU B 50 9.78 -18.00 40.98
CA LEU B 50 9.64 -16.76 41.76
C LEU B 50 11.00 -16.22 42.12
N ILE B 51 11.09 -14.91 42.27
CA ILE B 51 12.33 -14.31 42.74
C ILE B 51 12.09 -13.34 43.90
N ARG B 52 13.15 -13.06 44.64
CA ARG B 52 13.10 -12.03 45.67
C ARG B 52 14.39 -11.24 45.55
N VAL B 53 14.23 -9.93 45.44
CA VAL B 53 15.35 -9.00 45.33
C VAL B 53 15.51 -8.29 46.66
N ASN B 54 16.67 -8.48 47.28
CA ASN B 54 16.94 -7.89 48.59
C ASN B 54 17.87 -6.69 48.47
N THR B 55 17.71 -5.73 49.38
CA THR B 55 18.50 -4.50 49.36
C THR B 55 19.18 -4.30 50.73
N ASP B 56 20.23 -3.47 50.75
CA ASP B 56 20.95 -3.21 52.01
C ASP B 56 20.18 -2.34 53.00
N SER B 57 18.99 -1.91 52.61
CA SER B 57 18.08 -1.15 53.47
C SER B 57 17.10 -2.07 54.18
N GLY B 58 17.08 -3.35 53.81
CA GLY B 58 16.16 -4.29 54.41
C GLY B 58 14.83 -4.40 53.67
N LEU B 59 14.60 -3.52 52.71
CA LEU B 59 13.45 -3.66 51.82
C LEU B 59 13.70 -4.76 50.81
N SER B 60 12.72 -5.64 50.65
CA SER B 60 12.80 -6.66 49.61
C SER B 60 11.59 -6.56 48.67
N GLY B 61 11.77 -7.00 47.43
CA GLY B 61 10.69 -7.07 46.44
C GLY B 61 10.59 -8.47 45.86
N ILE B 62 9.38 -8.89 45.52
CA ILE B 62 9.18 -10.18 44.87
C ILE B 62 8.77 -9.99 43.40
N GLY B 63 9.16 -10.96 42.57
CA GLY B 63 8.80 -11.00 41.14
C GLY B 63 8.56 -12.45 40.71
N GLU B 64 8.14 -12.62 39.47
CA GLU B 64 7.80 -13.93 38.94
C GLU B 64 8.22 -13.98 37.47
N VAL B 65 8.77 -15.13 37.08
CA VAL B 65 9.13 -15.46 35.70
C VAL B 65 7.97 -16.25 35.11
N GLY B 66 7.34 -15.76 34.05
CA GLY B 66 6.02 -16.32 33.66
C GLY B 66 6.03 -17.63 32.89
N LEU B 67 6.85 -18.58 33.35
CA LEU B 67 7.05 -19.85 32.66
C LEU B 67 6.58 -21.06 33.49
N ALA B 68 5.45 -20.92 34.18
CA ALA B 68 4.95 -21.98 35.07
C ALA B 68 4.46 -23.24 34.32
N TYR B 69 4.11 -23.09 33.04
CA TYR B 69 3.59 -24.21 32.22
C TYR B 69 4.36 -24.24 30.91
N GLY B 70 4.24 -25.34 30.17
CA GLY B 70 4.98 -25.52 28.92
C GLY B 70 6.42 -25.86 29.23
N ALA B 71 7.24 -25.87 28.20
CA ALA B 71 8.65 -26.18 28.41
C ALA B 71 9.39 -24.86 28.65
N GLY B 72 9.90 -24.66 29.86
CA GLY B 72 10.62 -23.43 30.11
C GLY B 72 11.03 -23.05 31.52
N ALA B 73 10.49 -23.72 32.54
CA ALA B 73 10.81 -23.33 33.93
C ALA B 73 12.33 -23.33 34.21
N LYS B 74 13.06 -24.36 33.81
CA LYS B 74 14.48 -24.39 34.12
C LYS B 74 15.22 -23.31 33.37
N ALA B 75 14.78 -23.00 32.13
CA ALA B 75 15.36 -21.87 31.37
C ALA B 75 15.09 -20.58 32.12
N GLY B 76 13.90 -20.49 32.71
CA GLY B 76 13.50 -19.34 33.49
C GLY B 76 14.35 -19.13 34.74
N VAL B 77 14.67 -20.22 35.43
CA VAL B 77 15.58 -20.12 36.57
C VAL B 77 16.96 -19.66 36.06
N GLY B 78 17.37 -20.22 34.92
CA GLY B 78 18.69 -19.92 34.32
C GLY B 78 18.86 -18.46 33.97
N ILE B 79 17.83 -17.86 33.37
CA ILE B 79 17.90 -16.45 32.94
C ILE B 79 18.12 -15.48 34.11
N ILE B 80 17.50 -15.75 35.25
CA ILE B 80 17.79 -14.95 36.45
C ILE B 80 19.25 -15.08 36.88
N ARG B 81 19.80 -16.30 36.79
CA ARG B 81 21.23 -16.48 37.04
C ARG B 81 22.07 -15.66 36.11
N ASP B 82 21.63 -15.51 34.85
CA ASP B 82 22.33 -14.69 33.88
C ASP B 82 22.16 -13.17 34.10
N LEU B 83 20.96 -12.73 34.51
CA LEU B 83 20.67 -11.29 34.58
C LEU B 83 20.98 -10.65 35.94
N ALA B 84 20.65 -11.38 37.00
CA ALA B 84 20.78 -10.87 38.38
C ALA B 84 22.17 -10.32 38.73
N PRO B 85 23.27 -10.98 38.28
CA PRO B 85 24.58 -10.47 38.71
C PRO B 85 24.87 -9.05 38.21
N LEU B 86 24.22 -8.64 37.13
CA LEU B 86 24.42 -7.32 36.55
C LEU B 86 23.91 -6.21 37.44
N ILE B 87 22.92 -6.48 38.28
CA ILE B 87 22.34 -5.44 39.10
C ILE B 87 22.71 -5.50 40.59
N VAL B 88 23.39 -6.56 41.02
CA VAL B 88 23.92 -6.61 42.39
C VAL B 88 24.80 -5.38 42.64
N GLY B 89 24.53 -4.67 43.75
CA GLY B 89 25.26 -3.45 44.09
C GLY B 89 24.71 -2.20 43.41
N GLU B 90 23.65 -2.33 42.63
CA GLU B 90 23.11 -1.17 41.93
C GLU B 90 21.89 -0.64 42.65
N ASP B 91 21.56 0.61 42.37
CA ASP B 91 20.42 1.30 43.00
C ASP B 91 19.12 0.76 42.43
N PRO B 92 18.25 0.13 43.26
CA PRO B 92 17.04 -0.46 42.66
C PRO B 92 16.03 0.56 42.13
N LEU B 93 16.16 1.82 42.50
CA LEU B 93 15.11 2.81 42.16
C LEU B 93 15.16 3.27 40.72
N ASN B 94 16.29 3.06 40.04
CA ASN B 94 16.45 3.48 38.65
C ASN B 94 15.89 2.39 37.70
N ILE B 95 14.57 2.20 37.79
CA ILE B 95 13.92 1.10 37.13
C ILE B 95 13.97 1.19 35.59
N GLU B 96 13.71 2.37 35.01
CA GLU B 96 13.86 2.58 33.58
C GLU B 96 15.29 2.33 33.12
N LYS B 97 16.25 2.80 33.90
CA LYS B 97 17.66 2.61 33.54
C LYS B 97 18.04 1.11 33.51
N ILE B 98 17.59 0.38 34.51
CA ILE B 98 17.86 -1.07 34.62
C ILE B 98 17.21 -1.81 33.45
N TRP B 99 15.92 -1.56 33.24
CA TRP B 99 15.23 -2.12 32.06
C TRP B 99 15.99 -1.87 30.76
N GLU B 100 16.35 -0.62 30.52
CA GLU B 100 17.05 -0.22 29.31
C GLU B 100 18.42 -0.88 29.18
N PHE B 101 19.14 -1.04 30.31
CA PHE B 101 20.44 -1.75 30.29
C PHE B 101 20.25 -3.21 29.86
N PHE B 102 19.24 -3.88 30.39
CA PHE B 102 18.99 -5.25 29.99
C PHE B 102 18.62 -5.33 28.52
N PHE B 103 17.85 -4.36 28.03
CA PHE B 103 17.42 -4.33 26.64
C PHE B 103 18.66 -4.12 25.73
N ARG B 104 19.49 -3.14 26.12
CA ARG B 104 20.57 -2.64 25.26
C ARG B 104 21.94 -3.26 25.36
N LYS B 105 22.33 -3.72 26.56
CA LYS B 105 23.74 -4.01 26.83
CA LYS B 105 23.74 -4.01 26.83
C LYS B 105 23.99 -5.45 27.28
N THR B 106 23.14 -6.37 26.80
CA THR B 106 23.25 -7.79 27.14
C THR B 106 23.35 -8.67 25.90
N PHE B 107 23.34 -8.02 24.74
CA PHE B 107 23.22 -8.62 23.41
C PHE B 107 21.82 -9.12 23.11
N TRP B 108 21.37 -10.06 23.92
CA TRP B 108 20.12 -10.75 23.68
C TRP B 108 18.90 -9.92 23.98
N GLY B 109 19.04 -8.87 24.76
CA GLY B 109 17.88 -8.00 24.99
C GLY B 109 17.30 -7.39 23.71
N MET B 110 18.14 -7.24 22.67
CA MET B 110 17.68 -6.67 21.40
C MET B 110 17.30 -7.76 20.40
N GLY B 111 17.26 -9.01 20.87
CA GLY B 111 16.78 -10.14 20.06
C GLY B 111 16.26 -11.24 20.96
N GLY B 112 15.35 -10.89 21.86
CA GLY B 112 15.07 -11.73 23.02
C GLY B 112 14.04 -12.77 22.69
N GLY B 113 13.00 -12.85 23.53
CA GLY B 113 11.97 -13.84 23.40
C GLY B 113 11.35 -14.09 24.75
N ASN B 114 10.55 -15.15 24.85
CA ASN B 114 9.82 -15.39 26.07
C ASN B 114 10.74 -15.52 27.29
N VAL B 115 11.89 -16.17 27.14
CA VAL B 115 12.73 -16.43 28.30
C VAL B 115 13.44 -15.17 28.77
N PHE B 116 14.17 -14.53 27.85
CA PHE B 116 14.86 -13.31 28.17
C PHE B 116 13.94 -12.22 28.77
N TYR B 117 12.83 -11.93 28.09
CA TYR B 117 11.92 -10.88 28.59
C TYR B 117 11.23 -11.29 29.87
N ALA B 118 11.05 -12.59 30.08
CA ALA B 118 10.52 -13.10 31.37
C ALA B 118 11.56 -12.81 32.47
N GLY B 119 12.84 -13.00 32.18
CA GLY B 119 13.88 -12.66 33.17
C GLY B 119 13.83 -11.18 33.52
N MET B 120 13.70 -10.33 32.51
CA MET B 120 13.61 -8.89 32.73
C MET B 120 12.32 -8.57 33.51
N SER B 121 11.25 -9.27 33.16
CA SER B 121 9.94 -9.01 33.78
C SER B 121 9.98 -9.24 35.27
N ALA B 122 10.57 -10.36 35.66
CA ALA B 122 10.55 -10.78 37.06
C ALA B 122 11.32 -9.76 37.91
N ILE B 123 12.50 -9.37 37.43
CA ILE B 123 13.28 -8.31 38.07
C ILE B 123 12.54 -6.98 38.15
N ASP B 124 11.96 -6.55 37.04
CA ASP B 124 11.20 -5.33 37.00
C ASP B 124 10.08 -5.32 38.03
N ILE B 125 9.31 -6.40 38.11
CA ILE B 125 8.21 -6.48 39.08
C ILE B 125 8.72 -6.32 40.53
N ALA B 126 9.82 -7.00 40.84
CA ALA B 126 10.43 -6.89 42.19
C ALA B 126 10.93 -5.48 42.48
N LEU B 127 11.43 -4.78 41.45
CA LEU B 127 11.85 -3.41 41.65
C LEU B 127 10.67 -2.49 41.96
N TRP B 128 9.54 -2.67 41.28
CA TRP B 128 8.31 -1.91 41.61
C TRP B 128 7.81 -2.17 43.02
N ASP B 129 7.88 -3.43 43.44
CA ASP B 129 7.56 -3.82 44.82
C ASP B 129 8.41 -3.01 45.82
N ILE B 130 9.72 -2.98 45.57
CA ILE B 130 10.64 -2.22 46.44
C ILE B 130 10.30 -0.73 46.47
N LYS B 131 10.07 -0.15 45.29
CA LYS B 131 9.81 1.29 45.17
C LYS B 131 8.50 1.63 45.86
N GLY B 132 7.51 0.76 45.69
CA GLY B 132 6.24 0.94 46.39
C GLY B 132 6.43 0.90 47.88
N LYS B 133 7.20 -0.07 48.37
CA LYS B 133 7.47 -0.12 49.81
C LYS B 133 8.25 1.12 50.28
N TYR B 134 9.24 1.52 49.49
CA TYR B 134 10.08 2.64 49.82
C TYR B 134 9.27 3.93 49.93
N LEU B 135 8.34 4.11 49.02
CA LEU B 135 7.51 5.32 49.02
C LEU B 135 6.27 5.18 49.88
N GLY B 136 6.01 3.98 50.36
CA GLY B 136 4.90 3.71 51.28
C GLY B 136 3.51 3.64 50.67
N VAL B 137 3.43 3.32 49.37
CA VAL B 137 2.15 3.24 48.66
C VAL B 137 2.01 1.95 47.82
N PRO B 138 0.77 1.48 47.63
CA PRO B 138 0.61 0.37 46.67
C PRO B 138 1.08 0.76 45.25
N VAL B 139 1.60 -0.24 44.53
CA VAL B 139 2.06 -0.09 43.16
C VAL B 139 1.03 0.64 42.25
N TYR B 140 -0.28 0.40 42.42
CA TYR B 140 -1.19 1.11 41.53
C TYR B 140 -1.09 2.64 41.64
N GLN B 141 -0.73 3.15 42.81
CA GLN B 141 -0.56 4.60 42.95
C GLN B 141 0.59 5.11 42.11
N LEU B 142 1.61 4.27 42.00
CA LEU B 142 2.82 4.67 41.26
C LEU B 142 2.58 4.53 39.76
N LEU B 143 1.54 3.80 39.39
CA LEU B 143 1.19 3.63 37.98
C LEU B 143 0.16 4.65 37.49
N GLY B 144 -0.28 5.56 38.37
CA GLY B 144 -1.20 6.61 37.97
C GLY B 144 -2.49 6.71 38.78
N GLY B 145 -2.60 5.88 39.83
CA GLY B 145 -3.70 6.00 40.81
C GLY B 145 -4.85 5.05 40.63
N LYS B 146 -5.92 5.26 41.39
CA LYS B 146 -7.07 4.36 41.34
C LYS B 146 -8.05 4.77 40.22
N THR B 147 -7.85 4.22 39.04
CA THR B 147 -8.69 4.54 37.88
C THR B 147 -9.93 3.64 37.94
N ASN B 148 -9.69 2.35 38.20
CA ASN B 148 -10.76 1.37 38.34
C ASN B 148 -10.87 0.84 39.76
N GLU B 149 -12.01 1.09 40.39
CA GLU B 149 -12.27 0.69 41.78
C GLU B 149 -12.44 -0.79 41.95
N LYS B 150 -13.15 -1.40 41.01
CA LYS B 150 -13.25 -2.84 40.99
C LYS B 150 -13.06 -3.36 39.56
N LEU B 151 -12.75 -4.63 39.45
CA LEU B 151 -12.34 -5.17 38.18
C LEU B 151 -13.19 -6.36 37.81
N ARG B 152 -13.98 -6.23 36.76
CA ARG B 152 -14.73 -7.37 36.22
C ARG B 152 -13.79 -8.50 35.91
N THR B 153 -14.16 -9.69 36.35
CA THR B 153 -13.30 -10.86 36.27
C THR B 153 -14.02 -12.01 35.57
N TYR B 154 -13.28 -12.76 34.76
CA TYR B 154 -13.87 -14.00 34.24
C TYR B 154 -13.22 -15.28 34.79
N ALA B 155 -14.01 -16.34 34.85
CA ALA B 155 -13.57 -17.69 35.23
C ALA B 155 -12.88 -18.36 34.02
N SER B 156 -11.59 -18.68 34.15
CA SER B 156 -10.74 -19.02 33.01
C SER B 156 -10.32 -20.49 32.88
N GLN B 157 -10.42 -21.00 31.63
CA GLN B 157 -9.99 -22.35 31.19
C GLN B 157 -10.90 -23.47 31.72
N LEU B 158 -12.18 -23.35 31.41
CA LEU B 158 -13.21 -24.25 31.96
C LEU B 158 -13.17 -25.68 31.39
N GLN B 159 -12.34 -25.91 30.38
CA GLN B 159 -12.12 -27.28 29.86
C GLN B 159 -11.48 -28.15 30.94
N PHE B 160 -10.99 -27.49 31.98
CA PHE B 160 -10.41 -28.17 33.14
C PHE B 160 -11.31 -28.10 34.37
N GLY B 161 -12.57 -27.76 34.15
CA GLY B 161 -13.57 -27.74 35.23
C GLY B 161 -13.54 -26.47 36.06
N TRP B 162 -14.56 -26.31 36.89
CA TRP B 162 -14.61 -25.20 37.83
C TRP B 162 -15.10 -25.69 39.16
N GLY B 163 -14.55 -25.12 40.23
CA GLY B 163 -15.00 -25.44 41.58
C GLY B 163 -14.74 -26.88 41.98
N ASP B 164 -15.82 -27.60 42.33
CA ASP B 164 -15.76 -29.00 42.80
C ASP B 164 -15.11 -29.98 41.82
N LYS B 165 -15.73 -30.11 40.64
CA LYS B 165 -15.29 -31.05 39.60
C LYS B 165 -14.13 -30.46 38.79
N ARG B 166 -12.91 -30.88 39.14
CA ARG B 166 -11.70 -30.31 38.56
C ARG B 166 -10.84 -31.33 37.83
N HIS B 167 -11.21 -31.59 36.59
CA HIS B 167 -10.55 -32.56 35.75
C HIS B 167 -10.72 -32.19 34.31
N ILE B 168 -10.11 -32.98 33.44
CA ILE B 168 -10.24 -32.83 32.00
C ILE B 168 -11.67 -33.16 31.55
N LEU B 169 -12.38 -32.13 31.07
CA LEU B 169 -13.74 -32.29 30.60
C LEU B 169 -13.81 -32.69 29.13
N VAL B 170 -14.76 -33.57 28.81
CA VAL B 170 -14.88 -34.12 27.46
C VAL B 170 -16.25 -33.87 26.80
N THR B 171 -17.34 -34.22 27.49
CA THR B 171 -18.66 -34.13 26.87
C THR B 171 -19.29 -32.75 26.99
N PRO B 172 -20.18 -32.37 26.05
CA PRO B 172 -20.86 -31.08 26.15
C PRO B 172 -21.56 -30.85 27.49
N GLU B 173 -22.14 -31.89 28.09
CA GLU B 173 -22.81 -31.73 29.39
C GLU B 173 -21.80 -31.40 30.50
N GLU B 174 -20.62 -32.00 30.45
CA GLU B 174 -19.55 -31.66 31.39
C GLU B 174 -19.16 -30.17 31.30
N TYR B 175 -19.04 -29.65 30.08
CA TYR B 175 -18.69 -28.22 29.88
C TYR B 175 -19.79 -27.31 30.42
N ALA B 176 -21.04 -27.66 30.12
CA ALA B 176 -22.21 -26.93 30.66
C ALA B 176 -22.22 -26.93 32.19
N GLU B 177 -21.73 -28.00 32.79
CA GLU B 177 -21.70 -28.12 34.23
C GLU B 177 -20.65 -27.17 34.83
N ALA B 178 -19.48 -27.12 34.20
CA ALA B 178 -18.44 -26.18 34.62
C ALA B 178 -18.89 -24.72 34.48
N ALA B 179 -19.63 -24.42 33.39
CA ALA B 179 -20.15 -23.08 33.18
C ALA B 179 -21.20 -22.74 34.25
N ARG B 180 -22.08 -23.68 34.56
CA ARG B 180 -23.03 -23.46 35.67
C ARG B 180 -22.34 -23.19 37.02
N ALA B 181 -21.28 -23.93 37.30
CA ALA B 181 -20.52 -23.76 38.52
C ALA B 181 -19.87 -22.36 38.60
N ALA B 182 -19.26 -21.92 37.50
CA ALA B 182 -18.70 -20.56 37.44
C ALA B 182 -19.78 -19.49 37.70
N LEU B 183 -20.93 -19.61 37.05
CA LEU B 183 -22.01 -18.63 37.21
C LEU B 183 -22.52 -18.60 38.64
N ASP B 184 -22.55 -19.77 39.25
CA ASP B 184 -22.95 -19.94 40.64
C ASP B 184 -21.90 -19.41 41.60
N ASP B 185 -20.65 -19.31 41.14
CA ASP B 185 -19.56 -18.69 41.90
C ASP B 185 -19.59 -17.14 41.80
N GLY B 186 -20.43 -16.61 40.91
CA GLY B 186 -20.63 -15.16 40.81
C GLY B 186 -20.08 -14.52 39.54
N TYR B 187 -19.45 -15.32 38.69
CA TYR B 187 -18.93 -14.83 37.40
C TYR B 187 -20.03 -14.62 36.37
N ASP B 188 -19.88 -13.58 35.54
CA ASP B 188 -20.80 -13.35 34.42
C ASP B 188 -20.01 -13.41 33.10
N ALA B 189 -18.85 -14.05 33.18
CA ALA B 189 -18.01 -14.27 32.02
C ALA B 189 -17.08 -15.44 32.28
N ILE B 190 -16.88 -16.25 31.25
CA ILE B 190 -16.05 -17.44 31.34
C ILE B 190 -15.15 -17.49 30.11
N LYS B 191 -14.07 -18.25 30.22
CA LYS B 191 -13.25 -18.57 29.04
C LYS B 191 -13.04 -20.07 28.95
N VAL B 192 -13.16 -20.60 27.74
CA VAL B 192 -12.95 -22.02 27.52
C VAL B 192 -12.29 -22.25 26.19
N ASP B 193 -11.40 -23.25 26.14
CA ASP B 193 -10.86 -23.75 24.88
C ASP B 193 -11.65 -25.02 24.54
N PRO B 194 -12.56 -24.95 23.54
CA PRO B 194 -13.47 -26.05 23.20
C PRO B 194 -12.84 -27.09 22.27
N LEU B 195 -11.61 -26.82 21.82
CA LEU B 195 -10.88 -27.73 20.93
C LEU B 195 -9.67 -28.43 21.54
N GLU B 196 -9.18 -27.92 22.67
CA GLU B 196 -7.93 -28.44 23.27
C GLU B 196 -8.01 -29.93 23.60
N ILE B 197 -9.17 -30.33 24.12
CA ILE B 197 -9.35 -31.68 24.62
C ILE B 197 -10.03 -32.49 23.54
N ASP B 198 -9.38 -33.58 23.09
CA ASP B 198 -9.95 -34.36 21.99
C ASP B 198 -11.01 -35.30 22.53
N ARG B 199 -11.63 -36.09 21.65
CA ARG B 199 -12.73 -37.01 22.07
C ARG B 199 -12.31 -37.99 23.15
N ASN B 200 -11.01 -38.25 23.26
CA ASN B 200 -10.50 -39.24 24.22
C ASN B 200 -9.95 -38.63 25.50
N GLY B 201 -10.07 -37.32 25.66
CA GLY B 201 -9.55 -36.65 26.85
C GLY B 201 -8.07 -36.35 26.78
N ASP B 202 -7.49 -36.53 25.60
CA ASP B 202 -6.09 -36.13 25.36
C ASP B 202 -5.99 -34.62 25.15
N ASP B 203 -4.79 -34.06 25.32
CA ASP B 203 -4.64 -32.63 25.42
C ASP B 203 -3.80 -32.12 24.25
N CYS B 204 -4.47 -31.49 23.28
CA CYS B 204 -3.81 -31.12 22.01
C CYS B 204 -2.77 -30.02 22.15
N VAL B 205 -2.80 -29.27 23.26
CA VAL B 205 -1.78 -28.26 23.49
C VAL B 205 -0.40 -28.89 23.74
N PHE B 206 -0.38 -30.04 24.43
CA PHE B 206 0.87 -30.65 24.84
C PHE B 206 1.15 -32.06 24.34
N GLN B 207 0.24 -32.62 23.56
CA GLN B 207 0.43 -33.96 23.01
C GLN B 207 0.23 -33.93 21.50
N ASN B 208 0.83 -34.88 20.80
CA ASN B 208 0.67 -34.98 19.35
C ASN B 208 -0.66 -35.63 18.96
N ARG B 209 -1.71 -34.82 19.04
CA ARG B 209 -3.05 -35.22 18.64
C ARG B 209 -3.60 -34.14 17.74
N ASN B 210 -4.51 -34.53 16.84
CA ASN B 210 -5.17 -33.59 15.92
C ASN B 210 -4.20 -32.60 15.32
N ARG B 211 -3.10 -33.12 14.77
CA ARG B 211 -2.12 -32.27 14.14
C ARG B 211 -2.69 -31.56 12.92
N ASN B 212 -3.76 -32.10 12.33
CA ASN B 212 -4.45 -31.39 11.23
C ASN B 212 -5.07 -30.03 11.59
N TYR B 213 -5.15 -29.74 12.89
CA TYR B 213 -5.73 -28.49 13.40
C TYR B 213 -5.13 -27.29 12.69
N SER B 214 -3.86 -27.38 12.29
CA SER B 214 -3.14 -26.24 11.71
CA SER B 214 -3.20 -26.19 11.73
C SER B 214 -3.51 -25.93 10.25
N GLY B 215 -4.28 -26.83 9.64
CA GLY B 215 -4.70 -26.65 8.23
C GLY B 215 -6.19 -26.38 8.24
N LEU B 216 -6.98 -27.45 8.05
CA LEU B 216 -8.44 -27.35 8.16
C LEU B 216 -8.99 -28.41 9.11
N LEU B 217 -10.08 -28.05 9.79
CA LEU B 217 -10.76 -28.96 10.70
C LEU B 217 -11.57 -30.00 9.95
N LEU B 218 -11.66 -31.20 10.55
CA LEU B 218 -12.53 -32.27 10.06
C LEU B 218 -13.91 -32.05 10.67
N ALA B 219 -14.92 -32.66 10.04
CA ALA B 219 -16.30 -32.53 10.49
C ALA B 219 -16.45 -32.84 11.97
N ASP B 220 -15.93 -33.99 12.39
CA ASP B 220 -16.05 -34.41 13.80
C ASP B 220 -15.47 -33.35 14.77
N GLN B 221 -14.32 -32.79 14.40
CA GLN B 221 -13.68 -31.77 15.22
C GLN B 221 -14.50 -30.49 15.31
N LEU B 222 -15.07 -30.05 14.18
CA LEU B 222 -15.94 -28.88 14.18
C LEU B 222 -17.15 -29.08 15.07
N LYS B 223 -17.77 -30.25 14.93
CA LYS B 223 -18.94 -30.58 15.73
C LYS B 223 -18.58 -30.65 17.20
N MET B 224 -17.47 -31.30 17.51
CA MET B 224 -16.94 -31.40 18.87
C MET B 224 -16.80 -30.02 19.55
N GLY B 225 -16.06 -29.12 18.92
CA GLY B 225 -15.91 -27.76 19.44
C GLY B 225 -17.25 -27.02 19.53
N GLU B 226 -18.06 -27.09 18.49
CA GLU B 226 -19.28 -26.31 18.45
C GLU B 226 -20.28 -26.85 19.49
N ALA B 227 -20.38 -28.17 19.62
CA ALA B 227 -21.30 -28.75 20.62
C ALA B 227 -20.98 -28.29 22.06
N ARG B 228 -19.68 -28.18 22.38
CA ARG B 228 -19.23 -27.72 23.69
C ARG B 228 -19.62 -26.25 23.91
N ILE B 229 -19.31 -25.39 22.95
CA ILE B 229 -19.77 -23.98 22.98
C ILE B 229 -21.30 -23.83 23.10
N ALA B 230 -22.05 -24.55 22.25
CA ALA B 230 -23.53 -24.52 22.33
C ALA B 230 -24.05 -24.88 23.73
N ALA B 231 -23.50 -25.93 24.33
CA ALA B 231 -23.96 -26.43 25.64
C ALA B 231 -23.75 -25.39 26.72
N MET B 232 -22.58 -24.75 26.66
CA MET B 232 -22.23 -23.69 27.59
C MET B 232 -23.05 -22.42 27.40
N ARG B 233 -23.33 -22.00 26.16
CA ARG B 233 -24.14 -20.79 25.97
C ARG B 233 -25.56 -21.08 26.54
N GLU B 234 -26.01 -22.31 26.29
CA GLU B 234 -27.34 -22.76 26.72
C GLU B 234 -27.46 -22.71 28.26
N ALA B 235 -26.43 -23.21 28.95
CA ALA B 235 -26.40 -23.27 30.41
C ALA B 235 -26.10 -21.92 31.06
N MET B 236 -25.47 -21.02 30.32
CA MET B 236 -25.11 -19.71 30.86
CA MET B 236 -25.08 -19.70 30.84
C MET B 236 -26.16 -18.65 30.68
N GLY B 237 -27.04 -18.84 29.70
CA GLY B 237 -28.02 -17.83 29.33
C GLY B 237 -27.34 -16.88 28.34
N ASP B 238 -28.08 -15.90 27.87
CA ASP B 238 -27.64 -15.04 26.78
C ASP B 238 -26.76 -13.88 27.18
N ASP B 239 -26.89 -13.41 28.42
CA ASP B 239 -26.20 -12.20 28.84
C ASP B 239 -24.74 -12.40 29.26
N ALA B 240 -24.43 -13.52 29.89
CA ALA B 240 -23.05 -13.75 30.33
C ALA B 240 -22.16 -13.88 29.11
N ASP B 241 -20.92 -13.47 29.27
CA ASP B 241 -19.98 -13.50 28.15
C ASP B 241 -19.16 -14.76 28.12
N ILE B 242 -18.82 -15.19 26.88
CA ILE B 242 -18.00 -16.36 26.59
C ILE B 242 -16.82 -15.92 25.72
N ILE B 243 -15.64 -16.13 26.26
CA ILE B 243 -14.39 -15.97 25.49
C ILE B 243 -14.00 -17.36 25.02
N VAL B 244 -13.69 -17.50 23.73
CA VAL B 244 -13.22 -18.77 23.20
C VAL B 244 -11.72 -18.64 22.99
N GLU B 245 -10.99 -19.47 23.73
CA GLU B 245 -9.55 -19.62 23.71
C GLU B 245 -9.19 -20.72 22.73
N ILE B 246 -8.11 -20.50 21.95
CA ILE B 246 -7.71 -21.47 20.94
C ILE B 246 -6.26 -21.91 21.16
N HIS B 247 -5.54 -21.22 22.04
CA HIS B 247 -4.17 -21.62 22.37
C HIS B 247 -3.30 -21.76 21.15
N SER B 248 -3.59 -20.99 20.09
CA SER B 248 -2.79 -21.02 18.83
C SER B 248 -2.74 -22.39 18.18
N LEU B 249 -3.75 -23.21 18.46
CA LEU B 249 -3.77 -24.57 17.91
C LEU B 249 -4.23 -24.55 16.46
N LEU B 250 -5.08 -23.58 16.11
CA LEU B 250 -5.60 -23.54 14.75
C LEU B 250 -4.62 -22.74 13.89
N GLY B 251 -4.73 -22.91 12.57
CA GLY B 251 -3.99 -22.09 11.61
C GLY B 251 -4.97 -21.07 11.08
N THR B 252 -4.48 -20.16 10.26
CA THR B 252 -5.31 -19.07 9.70
C THR B 252 -6.65 -19.58 9.14
N ASN B 253 -6.58 -20.62 8.33
CA ASN B 253 -7.77 -21.13 7.63
C ASN B 253 -8.75 -21.86 8.54
N SER B 254 -8.24 -22.73 9.42
CA SER B 254 -9.12 -23.40 10.40
C SER B 254 -9.63 -22.44 11.47
N ALA B 255 -8.83 -21.43 11.81
CA ALA B 255 -9.29 -20.39 12.75
C ALA B 255 -10.52 -19.68 12.22
N ILE B 256 -10.51 -19.35 10.94
CA ILE B 256 -11.67 -18.70 10.29
C ILE B 256 -12.86 -19.66 10.18
N GLN B 257 -12.55 -20.90 9.80
CA GLN B 257 -13.56 -21.98 9.67
C GLN B 257 -14.29 -22.18 11.00
N PHE B 258 -13.54 -22.32 12.08
CA PHE B 258 -14.14 -22.50 13.39
C PHE B 258 -14.91 -21.27 13.87
N ALA B 259 -14.34 -20.08 13.64
CA ALA B 259 -15.04 -18.86 14.02
C ALA B 259 -16.42 -18.77 13.38
N LYS B 260 -16.53 -19.09 12.08
CA LYS B 260 -17.83 -19.04 11.43
C LYS B 260 -18.84 -20.01 12.06
N ALA B 261 -18.35 -21.12 12.61
CA ALA B 261 -19.27 -22.11 13.22
C ALA B 261 -19.74 -21.68 14.60
N ILE B 262 -18.99 -20.79 15.22
CA ILE B 262 -19.33 -20.32 16.57
C ILE B 262 -19.91 -18.92 16.66
N GLU B 263 -19.86 -18.16 15.55
CA GLU B 263 -20.40 -16.78 15.60
C GLU B 263 -21.80 -16.69 16.18
N LYS B 264 -22.61 -17.69 15.90
CA LYS B 264 -24.03 -17.66 16.31
C LYS B 264 -24.24 -17.67 17.82
N TYR B 265 -23.21 -17.99 18.60
CA TYR B 265 -23.30 -18.02 20.07
C TYR B 265 -22.94 -16.72 20.77
N ARG B 266 -22.72 -15.65 19.99
CA ARG B 266 -22.37 -14.32 20.48
C ARG B 266 -21.09 -14.37 21.32
N ILE B 267 -19.96 -14.58 20.64
CA ILE B 267 -18.71 -14.79 21.34
C ILE B 267 -18.11 -13.43 21.66
N PHE B 268 -17.65 -13.26 22.91
CA PHE B 268 -17.12 -11.99 23.39
C PHE B 268 -15.74 -11.70 22.78
N LEU B 269 -14.86 -12.70 22.81
CA LEU B 269 -13.47 -12.55 22.30
C LEU B 269 -12.99 -13.89 21.79
N TYR B 270 -12.08 -13.84 20.83
CA TYR B 270 -11.54 -15.03 20.21
C TYR B 270 -10.06 -14.92 20.49
N GLU B 271 -9.57 -15.74 21.43
CA GLU B 271 -8.24 -15.57 21.98
C GLU B 271 -7.23 -16.50 21.33
N GLU B 272 -6.11 -15.92 20.91
CA GLU B 272 -5.04 -16.69 20.27
C GLU B 272 -5.54 -17.68 19.21
N PRO B 273 -6.33 -17.18 18.23
CA PRO B 273 -6.83 -18.08 17.21
C PRO B 273 -5.68 -18.70 16.39
N ILE B 274 -4.56 -17.98 16.28
CA ILE B 274 -3.31 -18.50 15.69
C ILE B 274 -2.13 -17.92 16.47
N HIS B 275 -0.94 -18.49 16.30
CA HIS B 275 0.23 -17.95 16.96
C HIS B 275 0.52 -16.57 16.42
N PRO B 276 1.37 -15.80 17.12
CA PRO B 276 1.53 -14.41 16.70
C PRO B 276 2.79 -14.20 15.85
N LEU B 277 3.39 -15.27 15.36
CA LEU B 277 4.68 -15.12 14.63
C LEU B 277 4.53 -14.58 13.19
N ASN B 278 3.31 -14.60 12.64
CA ASN B 278 3.03 -13.99 11.31
C ASN B 278 1.89 -12.99 11.48
N SER B 279 2.27 -11.72 11.60
CA SER B 279 1.28 -10.66 11.90
C SER B 279 0.26 -10.41 10.80
N ASP B 280 0.66 -10.65 9.55
CA ASP B 280 -0.24 -10.51 8.42
C ASP B 280 -1.36 -11.55 8.46
N ASN B 281 -1.04 -12.76 8.92
CA ASN B 281 -2.07 -13.76 9.12
C ASN B 281 -3.03 -13.39 10.23
N MET B 282 -2.52 -12.79 11.32
CA MET B 282 -3.43 -12.34 12.37
C MET B 282 -4.39 -11.29 11.80
N GLN B 283 -3.87 -10.40 10.97
CA GLN B 283 -4.75 -9.41 10.33
C GLN B 283 -5.81 -10.08 9.46
N LYS B 284 -5.39 -11.03 8.63
CA LYS B 284 -6.35 -11.83 7.86
C LYS B 284 -7.48 -12.47 8.71
N VAL B 285 -7.14 -13.13 9.82
CA VAL B 285 -8.16 -13.72 10.71
C VAL B 285 -9.10 -12.62 11.23
N SER B 286 -8.53 -11.48 11.65
CA SER B 286 -9.38 -10.42 12.23
C SER B 286 -10.33 -9.83 11.19
N ARG B 287 -9.92 -9.81 9.93
CA ARG B 287 -10.77 -9.29 8.84
C ARG B 287 -11.81 -10.31 8.34
N SER B 288 -11.74 -11.55 8.83
CA SER B 288 -12.57 -12.61 8.27
C SER B 288 -13.57 -13.18 9.26
N THR B 289 -13.60 -12.62 10.47
CA THR B 289 -14.64 -13.01 11.44
C THR B 289 -15.14 -11.77 12.15
N THR B 290 -16.37 -11.82 12.61
CA THR B 290 -16.93 -10.71 13.33
C THR B 290 -16.57 -10.78 14.83
N ILE B 291 -15.99 -11.88 15.27
CA ILE B 291 -15.61 -11.99 16.68
C ILE B 291 -14.32 -11.21 16.85
N PRO B 292 -14.29 -10.27 17.81
CA PRO B 292 -13.11 -9.49 18.11
C PRO B 292 -12.00 -10.39 18.62
N ILE B 293 -10.78 -10.17 18.10
CA ILE B 293 -9.62 -10.97 18.45
C ILE B 293 -8.88 -10.49 19.72
N ALA B 294 -8.50 -11.45 20.56
CA ALA B 294 -7.58 -11.17 21.67
C ALA B 294 -6.28 -11.92 21.45
N THR B 295 -5.17 -11.26 21.74
CA THR B 295 -3.91 -11.99 21.84
C THR B 295 -2.92 -11.21 22.71
N GLY B 296 -1.86 -11.86 23.14
CA GLY B 296 -0.81 -11.12 23.81
C GLY B 296 0.09 -11.93 24.67
N GLU B 297 -0.37 -13.11 25.11
CA GLU B 297 0.44 -13.79 26.12
C GLU B 297 1.78 -14.25 25.56
N ARG B 298 1.84 -14.48 24.25
CA ARG B 298 3.07 -14.85 23.56
C ARG B 298 3.66 -13.68 22.77
N SER B 299 3.27 -12.46 23.17
CA SER B 299 3.79 -11.26 22.52
C SER B 299 4.51 -10.42 23.57
N TYR B 300 5.77 -10.05 23.31
CA TYR B 300 6.58 -9.43 24.36
C TYR B 300 7.10 -8.07 23.95
N THR B 301 7.06 -7.13 24.91
CA THR B 301 7.47 -5.74 24.76
C THR B 301 6.59 -4.95 23.79
N ARG B 302 6.69 -3.61 23.86
CA ARG B 302 6.05 -2.74 22.87
C ARG B 302 6.27 -3.22 21.43
N TRP B 303 7.54 -3.57 21.08
CA TRP B 303 7.85 -4.06 19.74
C TRP B 303 7.02 -5.25 19.27
N GLY B 304 6.58 -6.09 20.20
CA GLY B 304 5.79 -7.26 19.83
C GLY B 304 4.30 -6.97 19.65
N TYR B 305 3.90 -5.73 19.91
CA TYR B 305 2.51 -5.33 19.69
C TYR B 305 2.37 -4.39 18.50
N ARG B 306 3.49 -3.86 18.01
CA ARG B 306 3.45 -2.83 17.00
C ARG B 306 2.70 -3.28 15.74
N GLU B 307 3.07 -4.42 15.19
CA GLU B 307 2.40 -4.87 13.98
C GLU B 307 0.98 -5.35 14.24
N LEU B 308 0.71 -5.86 15.43
CA LEU B 308 -0.67 -6.25 15.79
C LEU B 308 -1.58 -5.04 15.82
N LEU B 309 -1.12 -3.97 16.44
CA LEU B 309 -1.85 -2.74 16.52
C LEU B 309 -1.99 -1.95 15.21
N GLU B 310 -0.86 -1.76 14.52
CA GLU B 310 -0.82 -0.97 13.32
C GLU B 310 -1.73 -1.58 12.25
N LYS B 311 -1.83 -2.90 12.21
CA LYS B 311 -2.62 -3.63 11.25
CA LYS B 311 -2.61 -3.62 11.24
C LYS B 311 -4.04 -3.81 11.77
N GLN B 312 -4.32 -3.27 12.91
CA GLN B 312 -5.68 -3.21 13.48
C GLN B 312 -6.26 -4.60 13.62
N SER B 313 -5.43 -5.54 14.09
CA SER B 313 -5.80 -6.96 14.12
CA SER B 313 -5.82 -6.94 14.09
C SER B 313 -6.45 -7.38 15.43
N ILE B 314 -6.28 -6.58 16.49
CA ILE B 314 -6.74 -7.03 17.81
C ILE B 314 -7.68 -6.05 18.48
N ALA B 315 -8.69 -6.59 19.16
CA ALA B 315 -9.57 -5.77 19.97
C ALA B 315 -9.03 -5.65 21.40
N VAL B 316 -8.37 -6.71 21.86
CA VAL B 316 -7.90 -6.80 23.25
C VAL B 316 -6.48 -7.35 23.30
N ALA B 317 -5.62 -6.64 24.03
CA ALA B 317 -4.23 -7.03 24.20
C ALA B 317 -4.09 -7.74 25.55
N GLN B 318 -3.34 -8.84 25.58
CA GLN B 318 -3.22 -9.67 26.79
C GLN B 318 -1.79 -9.95 27.21
N PRO B 319 -0.97 -8.89 27.40
CA PRO B 319 0.36 -9.16 27.87
C PRO B 319 0.32 -9.87 29.25
N ASP B 320 1.29 -10.76 29.43
CA ASP B 320 1.59 -11.34 30.73
C ASP B 320 2.69 -10.48 31.31
N LEU B 321 2.42 -9.83 32.44
CA LEU B 321 3.42 -8.96 33.04
C LEU B 321 4.72 -9.71 33.43
N CYS B 322 4.63 -11.02 33.60
CA CYS B 322 5.78 -11.87 33.93
C CYS B 322 6.53 -12.37 32.70
N LEU B 323 6.11 -11.94 31.51
CA LEU B 323 6.81 -12.28 30.26
C LEU B 323 7.12 -11.06 29.39
N CYS B 324 6.20 -10.10 29.37
CA CYS B 324 6.21 -9.03 28.37
C CYS B 324 7.28 -7.97 28.62
N GLY B 325 7.95 -8.01 29.77
CA GLY B 325 8.90 -6.95 30.15
C GLY B 325 8.57 -6.31 31.48
N GLY B 326 7.54 -6.80 32.18
CA GLY B 326 7.35 -6.38 33.58
C GLY B 326 6.27 -5.32 33.71
N ILE B 327 6.21 -4.69 34.87
CA ILE B 327 5.26 -3.59 35.09
C ILE B 327 5.66 -2.38 34.22
N THR B 328 6.96 -2.11 34.11
CA THR B 328 7.41 -0.96 33.33
C THR B 328 6.94 -1.09 31.87
N GLU B 329 7.27 -2.21 31.24
CA GLU B 329 6.94 -2.42 29.83
C GLU B 329 5.44 -2.69 29.65
N GLY B 330 4.85 -3.40 30.59
CA GLY B 330 3.43 -3.70 30.51
C GLY B 330 2.58 -2.43 30.44
N LYS B 331 2.92 -1.47 31.30
CA LYS B 331 2.22 -0.16 31.28
C LYS B 331 2.36 0.51 29.90
N LYS B 332 3.57 0.50 29.34
CA LYS B 332 3.79 1.02 28.00
C LYS B 332 2.99 0.31 26.92
N ILE B 333 2.83 -1.01 27.02
CA ILE B 333 2.00 -1.77 26.07
C ILE B 333 0.53 -1.32 26.18
N CYS B 334 0.07 -1.16 27.42
CA CYS B 334 -1.33 -0.72 27.64
C CYS B 334 -1.56 0.68 27.05
N ASP B 335 -0.59 1.59 27.28
CA ASP B 335 -0.72 2.99 26.83
C ASP B 335 -0.75 3.06 25.30
N TYR B 336 0.10 2.23 24.68
CA TYR B 336 0.13 2.04 23.23
C TYR B 336 -1.17 1.47 22.65
N ALA B 337 -1.66 0.38 23.23
CA ALA B 337 -2.88 -0.26 22.78
C ALA B 337 -4.05 0.74 22.76
N ASN B 338 -4.06 1.63 23.76
CA ASN B 338 -5.14 2.61 23.88
C ASN B 338 -5.37 3.44 22.63
N ILE B 339 -4.29 3.79 21.93
CA ILE B 339 -4.50 4.70 20.83
C ILE B 339 -5.15 4.02 19.63
N TYR B 340 -5.23 2.67 19.68
CA TYR B 340 -5.93 1.89 18.67
CA TYR B 340 -5.96 1.93 18.65
C TYR B 340 -7.31 1.37 19.14
N ASP B 341 -7.79 1.88 20.26
CA ASP B 341 -9.08 1.40 20.88
C ASP B 341 -8.97 -0.06 21.37
N THR B 342 -7.74 -0.49 21.58
CA THR B 342 -7.46 -1.84 22.08
C THR B 342 -7.41 -1.80 23.59
N THR B 343 -8.23 -2.61 24.24
CA THR B 343 -8.29 -2.59 25.68
C THR B 343 -7.46 -3.75 26.19
N VAL B 344 -7.30 -3.85 27.51
CA VAL B 344 -6.33 -4.76 28.09
C VAL B 344 -6.95 -5.74 29.09
N GLN B 345 -6.59 -7.01 28.93
CA GLN B 345 -6.78 -8.03 29.94
C GLN B 345 -5.45 -8.69 30.17
N VAL B 346 -4.84 -8.43 31.32
CA VAL B 346 -3.51 -8.99 31.58
C VAL B 346 -3.65 -10.49 31.64
N HIS B 347 -2.71 -11.20 31.01
CA HIS B 347 -2.67 -12.65 31.12
C HIS B 347 -2.10 -13.08 32.44
N VAL B 348 -2.86 -13.86 33.18
CA VAL B 348 -2.48 -14.32 34.52
C VAL B 348 -2.66 -15.83 34.62
N CYS B 349 -1.54 -16.55 34.57
CA CYS B 349 -1.53 -18.01 34.79
C CYS B 349 -0.19 -18.47 35.37
N GLY B 350 -0.04 -18.28 36.68
CA GLY B 350 1.15 -18.70 37.42
C GLY B 350 0.91 -18.61 38.91
N GLY B 351 1.88 -18.03 39.60
CA GLY B 351 1.82 -17.91 41.06
C GLY B 351 1.05 -16.67 41.50
N PRO B 352 0.98 -16.45 42.82
CA PRO B 352 0.22 -15.31 43.34
C PRO B 352 0.85 -13.97 42.98
N VAL B 353 2.15 -13.96 42.64
CA VAL B 353 2.83 -12.72 42.28
C VAL B 353 2.29 -12.16 40.95
N SER B 354 2.14 -13.02 39.95
CA SER B 354 1.48 -12.60 38.70
C SER B 354 0.10 -11.99 38.96
N THR B 355 -0.68 -12.61 39.84
CA THR B 355 -1.99 -12.02 40.16
C THR B 355 -1.93 -10.57 40.68
N VAL B 356 -1.11 -10.30 41.70
CA VAL B 356 -1.04 -8.94 42.25
C VAL B 356 -0.46 -7.89 41.30
N ALA B 357 0.55 -8.29 40.51
CA ALA B 357 1.10 -7.40 39.50
C ALA B 357 -0.03 -6.98 38.56
N ALA B 358 -0.83 -7.95 38.12
CA ALA B 358 -1.96 -7.66 37.23
C ALA B 358 -2.95 -6.72 37.90
N LEU B 359 -3.27 -6.98 39.18
CA LEU B 359 -4.29 -6.19 39.87
C LEU B 359 -3.88 -4.72 39.93
N HIS B 360 -2.61 -4.46 40.21
CA HIS B 360 -2.10 -3.07 40.25
C HIS B 360 -2.14 -2.39 38.91
N MET B 361 -1.63 -3.07 37.87
CA MET B 361 -1.74 -2.57 36.48
C MET B 361 -3.18 -2.22 36.10
N GLU B 362 -4.07 -3.18 36.28
CA GLU B 362 -5.45 -3.06 35.86
C GLU B 362 -6.23 -1.95 36.60
N THR B 363 -5.89 -1.76 37.87
CA THR B 363 -6.45 -0.67 38.68
C THR B 363 -6.06 0.70 38.11
N ALA B 364 -4.84 0.85 37.61
CA ALA B 364 -4.34 2.16 37.13
C ALA B 364 -4.72 2.50 35.68
N ILE B 365 -4.75 1.50 34.80
CA ILE B 365 -4.95 1.78 33.36
C ILE B 365 -6.40 2.15 32.98
N PRO B 366 -6.56 3.20 32.14
CA PRO B 366 -7.91 3.59 31.70
C PRO B 366 -8.53 2.60 30.71
N ASN B 367 -7.71 1.77 30.07
CA ASN B 367 -8.17 0.86 29.02
C ASN B 367 -8.27 -0.61 29.44
N PHE B 368 -8.47 -0.83 30.74
CA PHE B 368 -8.73 -2.17 31.25
C PHE B 368 -10.11 -2.64 30.78
N ILE B 369 -10.23 -3.91 30.40
CA ILE B 369 -11.52 -4.48 30.03
C ILE B 369 -12.02 -5.58 30.97
N ILE B 370 -11.17 -6.54 31.30
CA ILE B 370 -11.60 -7.69 32.10
C ILE B 370 -10.38 -8.41 32.68
N HIS B 371 -10.56 -9.06 33.82
CA HIS B 371 -9.45 -9.73 34.51
C HIS B 371 -9.58 -11.23 34.42
N GLU B 372 -8.46 -11.91 34.17
CA GLU B 372 -8.47 -13.39 34.08
C GLU B 372 -8.25 -14.09 35.44
N HIS B 373 -9.22 -14.91 35.86
CA HIS B 373 -9.04 -15.76 37.04
CA HIS B 373 -9.01 -15.76 37.04
C HIS B 373 -8.94 -17.22 36.67
N HIS B 374 -7.73 -17.74 36.64
CA HIS B 374 -7.50 -19.11 36.19
C HIS B 374 -8.05 -20.12 37.17
N THR B 375 -8.52 -21.26 36.64
CA THR B 375 -9.12 -22.31 37.47
C THR B 375 -8.15 -22.87 38.56
N ASN B 376 -6.85 -22.83 38.28
CA ASN B 376 -5.78 -23.28 39.19
C ASN B 376 -5.42 -22.32 40.31
N ALA B 377 -5.89 -21.07 40.22
CA ALA B 377 -5.51 -20.03 41.20
C ALA B 377 -6.12 -20.32 42.56
N MET B 378 -7.03 -21.28 42.59
CA MET B 378 -7.71 -21.68 43.80
C MET B 378 -6.96 -22.84 44.50
N LYS B 379 -5.93 -23.41 43.84
CA LYS B 379 -5.23 -24.59 44.38
C LYS B 379 -4.34 -24.27 45.57
N ALA B 380 -4.42 -25.12 46.60
CA ALA B 380 -3.66 -24.92 47.84
C ALA B 380 -2.17 -24.74 47.57
N SER B 381 -1.64 -25.54 46.65
CA SER B 381 -0.20 -25.55 46.37
C SER B 381 0.28 -24.28 45.66
N ILE B 382 -0.65 -23.57 45.04
CA ILE B 382 -0.33 -22.27 44.41
C ILE B 382 -0.45 -21.21 45.50
N ARG B 383 -1.56 -21.23 46.22
CA ARG B 383 -1.83 -20.22 47.24
C ARG B 383 -0.79 -20.15 48.37
N GLU B 384 -0.29 -21.29 48.83
CA GLU B 384 0.67 -21.32 49.94
C GLU B 384 2.05 -20.75 49.56
N LEU B 385 2.24 -20.36 48.31
CA LEU B 385 3.53 -19.81 47.89
C LEU B 385 3.74 -18.43 48.49
N CYS B 386 2.63 -17.76 48.80
CA CYS B 386 2.65 -16.38 49.25
C CYS B 386 1.80 -16.21 50.51
N THR B 387 1.93 -15.08 51.19
CA THR B 387 1.33 -14.91 52.51
C THR B 387 -0.14 -14.46 52.48
N HIS B 388 -0.53 -13.74 51.42
CA HIS B 388 -1.89 -13.23 51.31
C HIS B 388 -2.66 -13.94 50.24
N ASP B 389 -3.96 -14.05 50.42
CA ASP B 389 -4.81 -14.62 49.40
C ASP B 389 -5.75 -13.55 48.83
N TYR B 390 -5.52 -13.15 47.58
CA TYR B 390 -6.40 -12.20 46.89
C TYR B 390 -7.25 -12.99 45.91
N GLN B 391 -8.56 -13.03 46.17
CA GLN B 391 -9.51 -13.77 45.32
C GLN B 391 -10.69 -12.85 44.95
N PRO B 392 -11.32 -13.10 43.77
CA PRO B 392 -12.51 -12.37 43.34
C PRO B 392 -13.68 -12.59 44.28
N GLU B 393 -14.61 -11.65 44.29
CA GLU B 393 -15.88 -11.82 45.01
C GLU B 393 -16.98 -11.38 44.09
N ASN B 394 -17.98 -12.23 43.91
CA ASN B 394 -19.12 -11.90 43.05
CA ASN B 394 -19.12 -11.94 43.05
C ASN B 394 -18.69 -11.38 41.69
N GLY B 395 -17.66 -11.99 41.10
CA GLY B 395 -17.22 -11.62 39.76
C GLY B 395 -16.28 -10.42 39.69
N TYR B 396 -15.89 -9.87 40.84
CA TYR B 396 -15.03 -8.68 40.87
C TYR B 396 -13.82 -8.82 41.77
N TYR B 397 -12.69 -8.34 41.26
CA TYR B 397 -11.47 -8.18 42.02
C TYR B 397 -11.31 -6.73 42.49
N VAL B 398 -10.59 -6.53 43.60
CA VAL B 398 -10.08 -5.18 43.97
C VAL B 398 -8.56 -5.22 44.20
N ALA B 399 -7.91 -4.06 44.15
CA ALA B 399 -6.45 -4.01 44.29
C ALA B 399 -6.04 -4.26 45.76
N PRO B 400 -4.84 -4.85 45.98
CA PRO B 400 -4.27 -4.76 47.33
C PRO B 400 -3.99 -3.29 47.70
N GLU B 401 -3.98 -2.98 48.99
CA GLU B 401 -3.82 -1.60 49.46
C GLU B 401 -2.56 -1.34 50.31
N GLN B 402 -1.79 -2.41 50.59
CA GLN B 402 -0.53 -2.30 51.34
C GLN B 402 0.55 -1.63 50.49
N PRO B 403 1.64 -1.14 51.13
CA PRO B 403 2.76 -0.65 50.30
C PRO B 403 3.34 -1.74 49.36
N GLY B 404 3.78 -1.32 48.18
CA GLY B 404 4.30 -2.24 47.15
C GLY B 404 3.20 -3.10 46.54
N LEU B 405 3.55 -4.34 46.23
CA LEU B 405 2.61 -5.29 45.61
C LEU B 405 1.53 -5.79 46.57
N GLY B 406 1.84 -5.83 47.87
CA GLY B 406 0.91 -6.30 48.89
C GLY B 406 0.99 -7.80 49.04
N GLN B 407 2.18 -8.33 48.82
CA GLN B 407 2.37 -9.76 48.80
C GLN B 407 3.80 -10.07 49.25
N GLU B 408 3.94 -11.17 49.97
CA GLU B 408 5.25 -11.68 50.37
C GLU B 408 5.29 -13.16 50.14
N LEU B 409 6.49 -13.71 49.94
CA LEU B 409 6.66 -15.16 49.88
C LEU B 409 6.45 -15.81 51.25
N ASN B 410 5.82 -16.98 51.24
CA ASN B 410 5.63 -17.76 52.42
C ASN B 410 6.86 -18.61 52.64
N ASP B 411 7.80 -18.08 53.42
CA ASP B 411 9.10 -18.72 53.63
C ASP B 411 9.08 -20.17 54.11
N GLU B 412 8.07 -20.54 54.89
CA GLU B 412 7.90 -21.91 55.37
C GLU B 412 7.74 -22.87 54.21
N VAL B 413 7.10 -22.42 53.15
CA VAL B 413 6.91 -23.25 51.97
C VAL B 413 8.07 -23.08 50.98
N VAL B 414 8.39 -21.83 50.63
CA VAL B 414 9.33 -21.57 49.53
C VAL B 414 10.78 -21.97 49.82
N LYS B 415 11.13 -22.15 51.09
CA LYS B 415 12.43 -22.71 51.46
C LYS B 415 12.71 -24.04 50.74
N GLU B 416 11.65 -24.82 50.54
CA GLU B 416 11.68 -26.09 49.80
C GLU B 416 12.05 -25.90 48.32
N TYR B 417 11.80 -24.70 47.79
CA TYR B 417 11.99 -24.45 46.37
C TYR B 417 13.22 -23.58 46.07
N LEU B 418 13.85 -23.05 47.12
CA LEU B 418 14.97 -22.16 46.91
C LEU B 418 16.01 -22.89 46.07
N ALA B 419 16.43 -22.28 44.95
CA ALA B 419 17.35 -22.94 44.03
C ALA B 419 18.72 -22.25 43.93
N TYR B 420 18.73 -20.93 43.94
CA TYR B 420 19.97 -20.14 43.79
C TYR B 420 19.84 -18.83 44.56
N VAL B 421 20.97 -18.34 45.07
CA VAL B 421 21.07 -16.97 45.62
C VAL B 421 22.22 -16.28 44.88
N ILE B 422 21.90 -15.23 44.12
CA ILE B 422 22.93 -14.47 43.40
C ILE B 422 23.33 -13.27 44.25
N LYS B 423 24.62 -13.13 44.54
CA LYS B 423 25.11 -11.98 45.28
C LYS B 423 26.57 -11.70 44.95
N MET C 23 -34.75 37.88 -10.27
CA MET C 23 -34.90 39.19 -10.97
C MET C 23 -34.43 39.10 -12.43
N MET C 24 -33.13 38.90 -12.66
CA MET C 24 -32.59 38.85 -14.04
C MET C 24 -32.76 37.49 -14.71
N LYS C 25 -32.81 37.50 -16.03
CA LYS C 25 -32.82 36.26 -16.80
C LYS C 25 -31.84 36.37 -17.94
N ILE C 26 -31.13 35.28 -18.25
CA ILE C 26 -30.31 35.22 -19.45
C ILE C 26 -31.21 35.30 -20.69
N THR C 27 -30.86 36.17 -21.62
CA THR C 27 -31.67 36.34 -22.85
C THR C 27 -31.02 35.73 -24.10
N SER C 28 -29.69 35.80 -24.18
CA SER C 28 -28.98 35.28 -25.34
C SER C 28 -27.51 35.07 -25.04
N ILE C 29 -26.88 34.22 -25.86
CA ILE C 29 -25.43 34.00 -25.78
C ILE C 29 -24.86 34.12 -27.19
N GLU C 30 -23.91 35.02 -27.34
CA GLU C 30 -23.19 35.25 -28.59
C GLU C 30 -21.88 34.47 -28.54
N VAL C 31 -21.54 33.79 -29.64
CA VAL C 31 -20.29 33.00 -29.73
C VAL C 31 -19.42 33.59 -30.85
N PHE C 32 -18.17 33.91 -30.52
CA PHE C 32 -17.24 34.51 -31.47
C PHE C 32 -16.15 33.51 -31.80
N ASP C 33 -16.06 33.16 -33.07
CA ASP C 33 -15.06 32.24 -33.59
C ASP C 33 -13.93 33.12 -34.17
N CYS C 34 -12.94 33.43 -33.36
CA CYS C 34 -12.00 34.48 -33.73
C CYS C 34 -10.86 33.96 -34.59
N GLU C 35 -11.16 33.79 -35.89
CA GLU C 35 -10.17 33.37 -36.87
C GLU C 35 -9.24 34.51 -37.18
N LEU C 36 -8.22 34.63 -36.34
CA LEU C 36 -7.32 35.78 -36.38
C LEU C 36 -6.62 35.94 -37.73
N LYS C 37 -6.43 34.83 -38.45
CA LYS C 37 -5.89 34.87 -39.83
C LYS C 37 -6.65 35.86 -40.74
N LYS C 38 -7.91 36.12 -40.43
CA LYS C 38 -8.74 37.11 -41.17
C LYS C 38 -8.19 38.54 -41.09
N ARG C 39 -7.49 38.85 -39.99
CA ARG C 39 -6.97 40.20 -39.75
C ARG C 39 -5.44 40.29 -39.70
N ASP C 40 -4.78 39.15 -39.48
CA ASP C 40 -3.33 39.08 -39.29
C ASP C 40 -2.86 37.67 -39.65
N GLN C 41 -2.19 37.53 -40.80
CA GLN C 41 -1.79 36.22 -41.30
C GLN C 41 -0.61 35.61 -40.53
N THR C 42 0.12 36.42 -39.77
CA THR C 42 1.16 35.90 -38.87
C THR C 42 0.57 35.05 -37.74
N MET C 43 -0.74 35.20 -37.49
CA MET C 43 -1.44 34.47 -36.42
C MET C 43 -2.25 33.29 -36.94
N SER C 44 -1.82 32.77 -38.09
CA SER C 44 -2.61 31.83 -38.89
C SER C 44 -3.36 30.74 -38.12
N SER C 45 -2.66 30.00 -37.27
CA SER C 45 -3.26 28.88 -36.53
C SER C 45 -4.20 29.32 -35.40
N TYR C 46 -3.79 30.35 -34.69
CA TYR C 46 -4.41 30.81 -33.45
C TYR C 46 -5.88 31.27 -33.62
N ASN C 47 -6.79 30.73 -32.81
CA ASN C 47 -8.23 30.92 -32.98
C ASN C 47 -8.96 31.05 -31.64
N PRO C 48 -8.85 32.20 -30.94
CA PRO C 48 -9.59 32.28 -29.67
C PRO C 48 -11.07 32.09 -29.92
N VAL C 49 -11.79 31.61 -28.91
CA VAL C 49 -13.24 31.45 -28.96
C VAL C 49 -13.78 32.17 -27.74
N LEU C 50 -14.59 33.20 -27.98
CA LEU C 50 -15.10 34.07 -26.90
C LEU C 50 -16.62 34.02 -26.89
N ILE C 51 -17.22 34.28 -25.75
CA ILE C 51 -18.70 34.32 -25.64
C ILE C 51 -19.14 35.58 -24.95
N ARG C 52 -20.40 35.94 -25.16
CA ARG C 52 -21.01 37.00 -24.36
C ARG C 52 -22.40 36.52 -23.97
N VAL C 53 -22.66 36.57 -22.67
CA VAL C 53 -23.95 36.18 -22.11
C VAL C 53 -24.72 37.46 -21.79
N ASN C 54 -25.89 37.62 -22.43
CA ASN C 54 -26.73 38.78 -22.21
C ASN C 54 -27.92 38.49 -21.31
N THR C 55 -28.34 39.50 -20.55
CA THR C 55 -29.49 39.38 -19.63
C THR C 55 -30.53 40.46 -19.94
N ASP C 56 -31.76 40.23 -19.47
CA ASP C 56 -32.87 41.16 -19.64
C ASP C 56 -32.77 42.41 -18.77
N SER C 57 -31.66 42.57 -18.06
CA SER C 57 -31.43 43.74 -17.22
C SER C 57 -30.47 44.68 -17.92
N GLY C 58 -29.90 44.23 -19.03
CA GLY C 58 -28.90 44.99 -19.73
C GLY C 58 -27.47 44.65 -19.37
N LEU C 59 -27.26 43.90 -18.29
CA LEU C 59 -25.91 43.48 -17.94
C LEU C 59 -25.51 42.29 -18.80
N SER C 60 -24.28 42.34 -19.29
CA SER C 60 -23.69 41.23 -20.03
CA SER C 60 -23.70 41.24 -20.05
C SER C 60 -22.36 40.81 -19.40
N GLY C 61 -21.98 39.56 -19.65
CA GLY C 61 -20.72 39.01 -19.16
C GLY C 61 -20.00 38.32 -20.29
N ILE C 62 -18.67 38.36 -20.27
CA ILE C 62 -17.87 37.70 -21.30
C ILE C 62 -17.09 36.52 -20.72
N GLY C 63 -16.87 35.50 -21.55
CA GLY C 63 -16.07 34.33 -21.18
C GLY C 63 -15.27 33.88 -22.39
N GLU C 64 -14.50 32.81 -22.19
CA GLU C 64 -13.59 32.32 -23.19
C GLU C 64 -13.49 30.80 -23.04
N VAL C 65 -13.48 30.12 -24.17
CA VAL C 65 -13.31 28.69 -24.31
C VAL C 65 -11.83 28.52 -24.63
N GLY C 66 -11.08 27.81 -23.76
CA GLY C 66 -9.61 27.79 -23.84
C GLY C 66 -8.99 26.89 -24.91
N LEU C 67 -9.53 26.94 -26.12
CA LEU C 67 -9.07 26.11 -27.22
C LEU C 67 -8.51 26.91 -28.40
N ALA C 68 -7.69 27.93 -28.12
CA ALA C 68 -7.21 28.84 -29.15
C ALA C 68 -6.08 28.27 -29.99
N TYR C 69 -5.44 27.24 -29.48
CA TYR C 69 -4.34 26.57 -30.18
C TYR C 69 -4.61 25.07 -30.17
N GLY C 70 -3.89 24.32 -31.00
CA GLY C 70 -4.15 22.90 -31.17
C GLY C 70 -5.43 22.62 -31.96
N ALA C 71 -5.85 21.37 -32.03
CA ALA C 71 -7.07 21.02 -32.75
C ALA C 71 -8.25 21.09 -31.80
N GLY C 72 -9.07 22.13 -31.91
CA GLY C 72 -10.26 22.21 -31.08
C GLY C 72 -11.14 23.42 -31.14
N ALA C 73 -10.73 24.48 -31.84
CA ALA C 73 -11.54 25.73 -31.85
C ALA C 73 -12.99 25.51 -32.32
N LYS C 74 -13.18 24.74 -33.40
CA LYS C 74 -14.54 24.53 -33.92
C LYS C 74 -15.39 23.68 -32.97
N ALA C 75 -14.75 22.72 -32.30
CA ALA C 75 -15.40 21.91 -31.27
C ALA C 75 -15.81 22.82 -30.13
N GLY C 76 -14.98 23.82 -29.85
CA GLY C 76 -15.27 24.81 -28.78
C GLY C 76 -16.48 25.68 -29.07
N VAL C 77 -16.60 26.12 -30.32
CA VAL C 77 -17.82 26.85 -30.74
C VAL C 77 -19.05 25.93 -30.59
N GLY C 78 -18.91 24.69 -31.07
CA GLY C 78 -19.99 23.70 -31.03
C GLY C 78 -20.50 23.43 -29.61
N ILE C 79 -19.58 23.29 -28.65
CA ILE C 79 -20.00 23.02 -27.27
C ILE C 79 -20.83 24.16 -26.67
N ILE C 80 -20.52 25.41 -27.03
CA ILE C 80 -21.35 26.54 -26.59
C ILE C 80 -22.75 26.41 -27.20
N ARG C 81 -22.83 26.00 -28.46
CA ARG C 81 -24.15 25.72 -29.07
C ARG C 81 -24.92 24.61 -28.36
N ASP C 82 -24.20 23.61 -27.84
CA ASP C 82 -24.87 22.52 -27.11
C ASP C 82 -25.28 22.92 -25.70
N LEU C 83 -24.48 23.75 -25.03
CA LEU C 83 -24.75 24.11 -23.61
C LEU C 83 -25.61 25.35 -23.40
N ALA C 84 -25.29 26.43 -24.13
CA ALA C 84 -26.01 27.70 -23.97
C ALA C 84 -27.55 27.58 -23.96
N PRO C 85 -28.15 26.70 -24.79
CA PRO C 85 -29.63 26.65 -24.80
C PRO C 85 -30.22 26.26 -23.45
N LEU C 86 -29.47 25.53 -22.64
CA LEU C 86 -29.93 25.06 -21.33
C LEU C 86 -30.11 26.18 -20.29
N ILE C 87 -29.44 27.30 -20.48
CA ILE C 87 -29.51 28.40 -19.51
C ILE C 87 -30.23 29.66 -20.01
N VAL C 88 -30.63 29.65 -21.28
CA VAL C 88 -31.49 30.74 -21.78
C VAL C 88 -32.78 30.75 -20.94
N GLY C 89 -33.15 31.93 -20.42
CA GLY C 89 -34.33 32.08 -19.57
C GLY C 89 -34.08 31.82 -18.09
N GLU C 90 -32.86 31.46 -17.72
CA GLU C 90 -32.56 31.11 -16.34
C GLU C 90 -31.84 32.25 -15.61
N ASP C 91 -31.89 32.22 -14.28
CA ASP C 91 -31.28 33.23 -13.42
C ASP C 91 -29.75 33.07 -13.42
N PRO C 92 -29.01 34.08 -13.95
CA PRO C 92 -27.55 33.95 -14.05
C PRO C 92 -26.83 33.91 -12.69
N LEU C 93 -27.50 34.37 -11.63
CA LEU C 93 -26.86 34.46 -10.31
C LEU C 93 -26.62 33.14 -9.59
N ASN C 94 -27.36 32.10 -9.99
CA ASN C 94 -27.20 30.78 -9.38
C ASN C 94 -26.07 30.01 -10.04
N ILE C 95 -24.86 30.49 -9.80
CA ILE C 95 -23.70 30.03 -10.53
C ILE C 95 -23.33 28.58 -10.17
N GLU C 96 -23.38 28.25 -8.87
CA GLU C 96 -23.09 26.87 -8.42
C GLU C 96 -24.12 25.92 -9.01
N LYS C 97 -25.40 26.33 -8.99
CA LYS C 97 -26.50 25.51 -9.52
C LYS C 97 -26.33 25.22 -11.02
N ILE C 98 -25.97 26.25 -11.78
CA ILE C 98 -25.76 26.11 -13.24
C ILE C 98 -24.61 25.15 -13.50
N TRP C 99 -23.51 25.36 -12.78
CA TRP C 99 -22.32 24.51 -12.90
C TRP C 99 -22.67 23.07 -12.62
N GLU C 100 -23.37 22.86 -11.52
CA GLU C 100 -23.75 21.49 -11.11
C GLU C 100 -24.72 20.86 -12.13
N PHE C 101 -25.60 21.67 -12.71
CA PHE C 101 -26.51 21.14 -13.73
C PHE C 101 -25.74 20.64 -14.94
N PHE C 102 -24.77 21.43 -15.42
CA PHE C 102 -23.93 21.00 -16.53
C PHE C 102 -23.15 19.71 -16.19
N PHE C 103 -22.61 19.64 -14.98
CA PHE C 103 -21.85 18.46 -14.55
C PHE C 103 -22.75 17.22 -14.51
N ARG C 104 -23.96 17.39 -13.97
CA ARG C 104 -24.83 16.24 -13.60
C ARG C 104 -25.87 15.76 -14.63
N LYS C 105 -26.39 16.69 -15.42
CA LYS C 105 -27.63 16.46 -16.17
C LYS C 105 -27.48 16.62 -17.66
N THR C 106 -26.25 16.49 -18.17
CA THR C 106 -26.02 16.62 -19.59
C THR C 106 -25.44 15.33 -20.20
N PHE C 107 -25.34 14.31 -19.34
CA PHE C 107 -24.65 13.05 -19.58
C PHE C 107 -23.14 13.20 -19.58
N TRP C 108 -22.64 14.03 -20.49
CA TRP C 108 -21.20 14.16 -20.71
C TRP C 108 -20.47 14.91 -19.63
N GLY C 109 -21.19 15.75 -18.88
CA GLY C 109 -20.61 16.41 -17.70
C GLY C 109 -19.89 15.46 -16.74
N MET C 110 -20.42 14.23 -16.63
CA MET C 110 -19.80 13.24 -15.73
C MET C 110 -18.75 12.36 -16.41
N GLY C 111 -18.43 12.70 -17.66
CA GLY C 111 -17.38 12.00 -18.42
C GLY C 111 -16.85 12.91 -19.52
N GLY C 112 -16.49 14.13 -19.14
CA GLY C 112 -16.17 15.20 -20.08
C GLY C 112 -14.76 15.13 -20.64
N GLY C 113 -14.08 16.26 -20.59
CA GLY C 113 -12.75 16.40 -21.19
C GLY C 113 -12.54 17.86 -21.54
N ASN C 114 -11.49 18.13 -22.32
CA ASN C 114 -11.12 19.50 -22.62
C ASN C 114 -12.25 20.30 -23.22
N VAL C 115 -12.99 19.71 -24.17
CA VAL C 115 -14.00 20.48 -24.87
C VAL C 115 -15.20 20.76 -23.96
N PHE C 116 -15.71 19.71 -23.33
CA PHE C 116 -16.90 19.88 -22.48
C PHE C 116 -16.65 20.85 -21.31
N TYR C 117 -15.56 20.63 -20.57
CA TYR C 117 -15.25 21.50 -19.45
C TYR C 117 -14.92 22.94 -19.90
N ALA C 118 -14.30 23.10 -21.09
CA ALA C 118 -14.08 24.42 -21.68
C ALA C 118 -15.40 25.17 -21.92
N GLY C 119 -16.42 24.47 -22.40
CA GLY C 119 -17.76 25.07 -22.58
C GLY C 119 -18.35 25.53 -21.25
N MET C 120 -18.26 24.67 -20.24
CA MET C 120 -18.70 25.04 -18.88
C MET C 120 -17.91 26.22 -18.34
N SER C 121 -16.61 26.24 -18.63
CA SER C 121 -15.70 27.28 -18.16
C SER C 121 -16.08 28.64 -18.70
N ALA C 122 -16.32 28.71 -20.01
CA ALA C 122 -16.60 29.99 -20.66
C ALA C 122 -17.87 30.62 -20.10
N ILE C 123 -18.90 29.79 -19.96
CA ILE C 123 -20.16 30.23 -19.36
C ILE C 123 -19.98 30.66 -17.91
N ASP C 124 -19.27 29.85 -17.13
CA ASP C 124 -19.01 30.19 -15.73
C ASP C 124 -18.33 31.55 -15.58
N ILE C 125 -17.31 31.81 -16.41
CA ILE C 125 -16.60 33.07 -16.34
C ILE C 125 -17.50 34.27 -16.66
N ALA C 126 -18.35 34.12 -17.67
CA ALA C 126 -19.24 35.17 -18.07
C ALA C 126 -20.25 35.43 -16.96
N LEU C 127 -20.65 34.38 -16.22
CA LEU C 127 -21.60 34.55 -15.11
C LEU C 127 -20.95 35.34 -13.94
N TRP C 128 -19.67 35.05 -13.65
CA TRP C 128 -18.95 35.83 -12.64
C TRP C 128 -18.83 37.29 -13.01
N ASP C 129 -18.59 37.54 -14.30
CA ASP C 129 -18.57 38.89 -14.85
C ASP C 129 -19.89 39.61 -14.56
N ILE C 130 -21.00 38.94 -14.87
CA ILE C 130 -22.35 39.49 -14.61
C ILE C 130 -22.55 39.75 -13.11
N LYS C 131 -22.17 38.79 -12.28
CA LYS C 131 -22.36 38.91 -10.85
C LYS C 131 -21.56 40.08 -10.26
N GLY C 132 -20.32 40.26 -10.73
CA GLY C 132 -19.49 41.38 -10.29
C GLY C 132 -20.09 42.72 -10.68
N LYS C 133 -20.55 42.82 -11.92
CA LYS C 133 -21.22 44.03 -12.41
C LYS C 133 -22.49 44.28 -11.60
N TYR C 134 -23.28 43.24 -11.38
CA TYR C 134 -24.50 43.38 -10.60
C TYR C 134 -24.22 43.88 -9.17
N LEU C 135 -23.16 43.38 -8.54
CA LEU C 135 -22.86 43.76 -7.17
C LEU C 135 -21.92 44.97 -7.10
N GLY C 136 -21.51 45.46 -8.27
CA GLY C 136 -20.65 46.64 -8.37
C GLY C 136 -19.22 46.50 -7.86
N VAL C 137 -18.64 45.29 -7.96
CA VAL C 137 -17.28 45.05 -7.50
C VAL C 137 -16.45 44.20 -8.47
N PRO C 138 -15.11 44.35 -8.47
CA PRO C 138 -14.30 43.44 -9.29
C PRO C 138 -14.46 41.98 -8.84
N VAL C 139 -14.26 41.06 -9.76
CA VAL C 139 -14.42 39.63 -9.45
C VAL C 139 -13.55 39.18 -8.28
N TYR C 140 -12.33 39.69 -8.17
CA TYR C 140 -11.49 39.23 -7.04
C TYR C 140 -12.16 39.47 -5.68
N GLN C 141 -12.93 40.56 -5.56
CA GLN C 141 -13.72 40.80 -4.33
C GLN C 141 -14.68 39.65 -4.00
N LEU C 142 -15.38 39.13 -5.00
CA LEU C 142 -16.30 37.99 -4.79
C LEU C 142 -15.59 36.66 -4.55
N LEU C 143 -14.32 36.59 -4.91
CA LEU C 143 -13.51 35.40 -4.70
C LEU C 143 -12.79 35.36 -3.35
N GLY C 144 -12.83 36.47 -2.61
CA GLY C 144 -12.26 36.50 -1.27
C GLY C 144 -11.49 37.74 -0.90
N GLY C 145 -11.34 38.67 -1.84
CA GLY C 145 -10.76 39.97 -1.56
C GLY C 145 -9.36 40.11 -2.10
N LYS C 146 -8.70 41.20 -1.75
CA LYS C 146 -7.34 41.45 -2.26
C LYS C 146 -6.28 40.78 -1.38
N THR C 147 -5.95 39.55 -1.70
CA THR C 147 -4.99 38.81 -0.91
C THR C 147 -3.57 39.21 -1.36
N ASN C 148 -3.40 39.29 -2.69
CA ASN C 148 -2.13 39.62 -3.32
C ASN C 148 -2.27 40.92 -4.08
N GLU C 149 -1.52 41.95 -3.67
CA GLU C 149 -1.60 43.27 -4.26
C GLU C 149 -0.89 43.36 -5.60
N LYS C 150 0.20 42.64 -5.73
CA LYS C 150 0.85 42.54 -7.01
C LYS C 150 1.25 41.10 -7.26
N LEU C 151 1.41 40.75 -8.54
CA LEU C 151 1.57 39.35 -8.93
C LEU C 151 2.85 39.22 -9.74
N ARG C 152 3.85 38.59 -9.14
CA ARG C 152 5.08 38.22 -9.87
C ARG C 152 4.68 37.50 -11.16
N THR C 153 5.33 37.90 -12.27
CA THR C 153 4.96 37.43 -13.61
C THR C 153 6.18 36.95 -14.36
N TYR C 154 6.05 35.84 -15.09
CA TYR C 154 7.12 35.39 -15.98
C TYR C 154 6.85 35.57 -17.46
N ALA C 155 7.94 35.79 -18.21
CA ALA C 155 7.89 35.86 -19.67
C ALA C 155 7.83 34.44 -20.23
N SER C 156 6.75 34.12 -20.93
CA SER C 156 6.44 32.72 -21.25
C SER C 156 6.64 32.31 -22.71
N GLN C 157 7.31 31.16 -22.89
CA GLN C 157 7.53 30.49 -24.20
C GLN C 157 8.53 31.20 -25.09
N LEU C 158 9.73 31.39 -24.58
CA LEU C 158 10.78 32.17 -25.26
C LEU C 158 11.41 31.48 -26.48
N GLN C 159 11.04 30.23 -26.72
CA GLN C 159 11.44 29.57 -27.96
C GLN C 159 10.81 30.26 -29.19
N PHE C 160 9.77 31.06 -28.95
CA PHE C 160 9.14 31.86 -30.00
C PHE C 160 9.60 33.31 -29.93
N GLY C 161 10.63 33.55 -29.18
CA GLY C 161 11.24 34.85 -29.03
C GLY C 161 10.51 35.73 -28.03
N TRP C 162 11.13 36.85 -27.67
CA TRP C 162 10.51 37.88 -26.89
C TRP C 162 10.57 39.20 -27.61
N GLY C 163 9.42 39.68 -28.04
CA GLY C 163 9.29 40.74 -29.01
C GLY C 163 7.88 40.87 -29.54
N ASP C 164 7.69 41.87 -30.38
CA ASP C 164 6.42 42.32 -30.95
C ASP C 164 5.78 41.31 -31.90
N LYS C 165 6.65 40.69 -32.68
CA LYS C 165 6.32 39.60 -33.56
C LYS C 165 7.23 38.42 -33.18
N ARG C 166 8.50 38.57 -33.54
CA ARG C 166 9.56 37.63 -33.23
C ARG C 166 9.46 36.33 -33.98
N HIS C 167 10.12 35.29 -33.52
CA HIS C 167 10.24 34.12 -34.39
C HIS C 167 10.68 32.81 -33.76
N ILE C 168 10.54 31.73 -34.51
CA ILE C 168 10.96 30.41 -34.07
C ILE C 168 12.48 30.43 -33.88
N LEU C 169 12.92 30.16 -32.66
CA LEU C 169 14.35 30.20 -32.33
C LEU C 169 14.97 28.82 -32.38
N VAL C 170 16.22 28.76 -32.81
CA VAL C 170 16.87 27.48 -33.02
C VAL C 170 18.17 27.37 -32.23
N THR C 171 19.05 28.35 -32.38
CA THR C 171 20.39 28.26 -31.81
C THR C 171 20.41 28.76 -30.36
N PRO C 172 21.36 28.28 -29.53
CA PRO C 172 21.46 28.69 -28.14
C PRO C 172 21.60 30.21 -27.98
N GLU C 173 22.39 30.81 -28.87
CA GLU C 173 22.57 32.25 -28.86
C GLU C 173 21.26 32.99 -29.05
N GLU C 174 20.41 32.48 -29.94
CA GLU C 174 19.10 33.09 -30.15
C GLU C 174 18.27 32.96 -28.87
N TYR C 175 18.46 31.85 -28.16
CA TYR C 175 17.71 31.59 -26.91
C TYR C 175 18.18 32.57 -25.82
N ALA C 176 19.49 32.70 -25.71
CA ALA C 176 20.12 33.66 -24.80
C ALA C 176 19.67 35.11 -25.03
N GLU C 177 19.52 35.49 -26.30
CA GLU C 177 19.05 36.83 -26.66
C GLU C 177 17.61 37.06 -26.22
N ALA C 178 16.75 36.06 -26.42
CA ALA C 178 15.36 36.16 -25.95
C ALA C 178 15.34 36.32 -24.43
N ALA C 179 16.22 35.58 -23.73
CA ALA C 179 16.33 35.68 -22.27
C ALA C 179 16.75 37.08 -21.83
N ARG C 180 17.83 37.59 -22.44
CA ARG C 180 18.24 38.99 -22.24
C ARG C 180 17.12 40.01 -22.54
N ALA C 181 16.34 39.78 -23.60
CA ALA C 181 15.23 40.68 -23.94
C ALA C 181 14.11 40.66 -22.88
N ALA C 182 13.83 39.49 -22.35
CA ALA C 182 12.83 39.34 -21.28
C ALA C 182 13.32 40.08 -20.02
N LEU C 183 14.59 39.93 -19.70
CA LEU C 183 15.14 40.58 -18.51
C LEU C 183 15.17 42.10 -18.66
N ASP C 184 15.53 42.58 -19.85
CA ASP C 184 15.49 44.02 -20.16
C ASP C 184 14.07 44.58 -20.05
N ASP C 185 13.09 43.70 -20.22
CA ASP C 185 11.71 44.08 -20.18
C ASP C 185 11.16 44.10 -18.74
N GLY C 186 12.01 43.76 -17.77
CA GLY C 186 11.65 43.85 -16.35
C GLY C 186 11.28 42.52 -15.68
N TYR C 187 11.31 41.42 -16.42
CA TYR C 187 11.01 40.10 -15.84
C TYR C 187 12.19 39.53 -15.07
N ASP C 188 11.93 38.85 -13.95
CA ASP C 188 12.98 38.08 -13.28
C ASP C 188 12.68 36.56 -13.27
N ALA C 189 11.90 36.15 -14.26
CA ALA C 189 11.55 34.74 -14.47
C ALA C 189 11.11 34.56 -15.91
N ILE C 190 11.54 33.46 -16.51
CA ILE C 190 11.19 33.14 -17.88
C ILE C 190 10.79 31.67 -17.96
N LYS C 191 9.98 31.32 -18.96
CA LYS C 191 9.68 29.92 -19.30
C LYS C 191 10.06 29.64 -20.75
N VAL C 192 10.70 28.49 -20.98
CA VAL C 192 11.09 28.04 -22.31
C VAL C 192 10.90 26.52 -22.47
N ASP C 193 10.44 26.08 -23.65
CA ASP C 193 10.54 24.68 -24.04
C ASP C 193 11.79 24.57 -24.90
N PRO C 194 12.84 23.91 -24.36
CA PRO C 194 14.11 23.80 -25.09
C PRO C 194 14.16 22.61 -26.07
N LEU C 195 13.08 21.82 -26.13
CA LEU C 195 13.07 20.65 -27.01
C LEU C 195 12.00 20.71 -28.10
N GLU C 196 11.07 21.66 -27.98
CA GLU C 196 9.97 21.80 -28.94
C GLU C 196 10.48 22.02 -30.37
N ILE C 197 11.47 22.89 -30.50
CA ILE C 197 11.97 23.23 -31.82
C ILE C 197 13.17 22.34 -32.15
N ASP C 198 13.09 21.61 -33.25
CA ASP C 198 14.19 20.71 -33.61
C ASP C 198 15.32 21.49 -34.29
N ARG C 199 16.36 20.76 -34.70
CA ARG C 199 17.54 21.31 -35.41
C ARG C 199 17.19 22.16 -36.64
N ASN C 200 16.13 21.79 -37.33
CA ASN C 200 15.74 22.49 -38.57
C ASN C 200 14.68 23.56 -38.37
N GLY C 201 14.33 23.85 -37.12
CA GLY C 201 13.31 24.85 -36.85
C GLY C 201 11.89 24.33 -36.97
N ASP C 202 11.72 23.01 -37.03
CA ASP C 202 10.38 22.43 -37.07
C ASP C 202 9.81 22.30 -35.64
N ASP C 203 8.50 22.20 -35.54
CA ASP C 203 7.80 22.27 -34.24
C ASP C 203 7.26 20.89 -33.79
N CYS C 204 7.90 20.26 -32.80
CA CYS C 204 7.56 18.88 -32.41
C CYS C 204 6.21 18.78 -31.70
N VAL C 205 5.66 19.91 -31.27
CA VAL C 205 4.34 19.88 -30.63
C VAL C 205 3.26 19.59 -31.67
N PHE C 206 3.49 20.09 -32.89
CA PHE C 206 2.45 19.98 -33.93
C PHE C 206 2.85 19.29 -35.21
N GLN C 207 4.10 18.83 -35.28
CA GLN C 207 4.57 18.17 -36.49
C GLN C 207 5.13 16.84 -36.09
N ASN C 208 5.07 15.87 -37.00
CA ASN C 208 5.65 14.55 -36.77
CA ASN C 208 5.67 14.54 -36.74
C ASN C 208 7.19 14.58 -36.87
N ARG C 209 7.83 15.06 -35.83
CA ARG C 209 9.29 15.11 -35.74
C ARG C 209 9.71 14.56 -34.37
N ASN C 210 10.90 13.99 -34.31
CA ASN C 210 11.44 13.47 -33.04
C ASN C 210 10.42 12.62 -32.27
N ARG C 211 9.84 11.66 -32.96
CA ARG C 211 8.83 10.81 -32.32
C ARG C 211 9.44 9.96 -31.21
N ASN C 212 10.76 9.78 -31.27
CA ASN C 212 11.45 9.00 -30.25
C ASN C 212 11.45 9.68 -28.88
N TYR C 213 10.99 10.95 -28.84
CA TYR C 213 10.93 11.74 -27.62
C TYR C 213 10.17 10.99 -26.53
N SER C 214 9.18 10.21 -26.93
CA SER C 214 8.29 9.50 -25.95
C SER C 214 9.02 8.34 -25.25
N GLY C 215 10.20 7.98 -25.74
CA GLY C 215 10.95 6.83 -25.22
C GLY C 215 12.16 7.31 -24.49
N LEU C 216 13.29 7.34 -25.20
CA LEU C 216 14.54 7.89 -24.69
C LEU C 216 15.15 8.87 -25.70
N LEU C 217 15.76 9.92 -25.19
CA LEU C 217 16.40 10.93 -26.05
C LEU C 217 17.69 10.38 -26.63
N LEU C 218 18.00 10.84 -27.83
CA LEU C 218 19.29 10.57 -28.47
C LEU C 218 20.30 11.62 -28.00
N ALA C 219 21.59 11.29 -28.12
CA ALA C 219 22.65 12.19 -27.70
C ALA C 219 22.43 13.60 -28.23
N ASP C 220 22.14 13.71 -29.52
CA ASP C 220 22.04 15.05 -30.15
C ASP C 220 20.91 15.89 -29.57
N GLN C 221 19.82 15.23 -29.23
CA GLN C 221 18.62 15.91 -28.74
C GLN C 221 18.82 16.43 -27.33
N LEU C 222 19.42 15.58 -26.50
CA LEU C 222 19.86 15.91 -25.17
C LEU C 222 20.76 17.15 -25.22
N LYS C 223 21.78 17.11 -26.07
CA LYS C 223 22.69 18.23 -26.23
C LYS C 223 21.98 19.49 -26.74
N MET C 224 21.09 19.33 -27.71
CA MET C 224 20.34 20.47 -28.25
C MET C 224 19.56 21.19 -27.12
N GLY C 225 18.77 20.44 -26.35
CA GLY C 225 18.01 21.02 -25.26
C GLY C 225 18.89 21.61 -24.16
N GLU C 226 19.93 20.88 -23.74
CA GLU C 226 20.77 21.37 -22.64
C GLU C 226 21.54 22.65 -23.02
N ALA C 227 22.04 22.71 -24.26
CA ALA C 227 22.83 23.88 -24.71
C ALA C 227 21.97 25.14 -24.67
N ARG C 228 20.70 25.02 -25.02
CA ARG C 228 19.77 26.16 -24.99
C ARG C 228 19.52 26.64 -23.57
N ILE C 229 19.30 25.70 -22.63
CA ILE C 229 19.13 26.06 -21.23
C ILE C 229 20.42 26.66 -20.65
N ALA C 230 21.56 26.03 -20.93
CA ALA C 230 22.86 26.50 -20.49
C ALA C 230 23.14 27.95 -20.93
N ALA C 231 22.78 28.26 -22.17
CA ALA C 231 23.03 29.59 -22.75
C ALA C 231 22.11 30.62 -22.10
N MET C 232 20.89 30.21 -21.82
CA MET C 232 19.94 31.10 -21.17
C MET C 232 20.35 31.42 -19.72
N ARG C 233 20.83 30.42 -18.99
CA ARG C 233 21.23 30.62 -17.59
C ARG C 233 22.41 31.57 -17.53
N GLU C 234 23.35 31.35 -18.45
CA GLU C 234 24.55 32.17 -18.51
C GLU C 234 24.18 33.63 -18.78
N ALA C 235 23.24 33.86 -19.70
CA ALA C 235 22.82 35.21 -20.07
C ALA C 235 21.99 35.87 -18.97
N MET C 236 21.27 35.07 -18.20
CA MET C 236 20.38 35.61 -17.19
C MET C 236 21.05 35.91 -15.86
N GLY C 237 22.17 35.25 -15.56
CA GLY C 237 22.72 35.23 -14.21
C GLY C 237 21.94 34.23 -13.36
N ASP C 238 22.39 34.02 -12.12
CA ASP C 238 21.91 32.89 -11.29
C ASP C 238 20.59 33.13 -10.58
N ASP C 239 20.22 34.40 -10.40
CA ASP C 239 19.10 34.76 -9.55
C ASP C 239 17.74 34.69 -10.23
N ALA C 240 17.70 35.08 -11.50
CA ALA C 240 16.49 35.00 -12.29
C ALA C 240 16.06 33.54 -12.39
N ASP C 241 14.76 33.31 -12.45
CA ASP C 241 14.25 31.95 -12.48
C ASP C 241 14.01 31.45 -13.90
N ILE C 242 14.25 30.14 -14.11
CA ILE C 242 13.96 29.49 -15.38
C ILE C 242 12.98 28.35 -15.15
N ILE C 243 11.84 28.43 -15.84
CA ILE C 243 10.87 27.34 -15.89
C ILE C 243 11.08 26.59 -17.22
N VAL C 244 11.33 25.29 -17.12
CA VAL C 244 11.46 24.45 -18.30
C VAL C 244 10.12 23.75 -18.61
N GLU C 245 9.56 24.11 -19.76
CA GLU C 245 8.30 23.62 -20.30
C GLU C 245 8.62 22.46 -21.23
N ILE C 246 7.83 21.39 -21.18
CA ILE C 246 8.08 20.18 -21.99
C ILE C 246 6.88 19.84 -22.90
N HIS C 247 5.71 20.44 -22.62
CA HIS C 247 4.53 20.27 -23.48
C HIS C 247 4.16 18.82 -23.61
N SER C 248 4.48 18.00 -22.59
CA SER C 248 4.21 16.56 -22.64
C SER C 248 4.86 15.83 -23.81
N LEU C 249 5.97 16.37 -24.32
CA LEU C 249 6.59 15.75 -25.47
C LEU C 249 7.38 14.51 -25.06
N LEU C 250 7.89 14.51 -23.83
CA LEU C 250 8.68 13.40 -23.30
C LEU C 250 7.75 12.36 -22.68
N GLY C 251 8.27 11.13 -22.56
CA GLY C 251 7.63 10.08 -21.78
C GLY C 251 8.35 9.99 -20.44
N THR C 252 7.85 9.14 -19.56
CA THR C 252 8.40 9.02 -18.20
C THR C 252 9.94 8.94 -18.17
N ASN C 253 10.48 8.06 -18.98
CA ASN C 253 11.93 7.80 -18.99
C ASN C 253 12.79 8.92 -19.56
N SER C 254 12.40 9.49 -20.70
CA SER C 254 13.13 10.64 -21.28
C SER C 254 12.92 11.91 -20.43
N ALA C 255 11.76 12.04 -19.76
CA ALA C 255 11.55 13.18 -18.88
C ALA C 255 12.58 13.19 -17.74
N ILE C 256 12.87 12.02 -17.18
CA ILE C 256 13.82 11.88 -16.08
C ILE C 256 15.25 12.08 -16.63
N GLN C 257 15.50 11.44 -17.75
CA GLN C 257 16.80 11.57 -18.42
C GLN C 257 17.16 13.03 -18.70
N PHE C 258 16.22 13.77 -19.27
CA PHE C 258 16.42 15.18 -19.51
C PHE C 258 16.53 16.01 -18.23
N ALA C 259 15.66 15.76 -17.24
CA ALA C 259 15.77 16.50 -15.98
C ALA C 259 17.18 16.41 -15.36
N LYS C 260 17.77 15.21 -15.39
CA LYS C 260 19.07 14.99 -14.76
C LYS C 260 20.14 15.81 -15.51
N ALA C 261 19.93 16.02 -16.81
CA ALA C 261 20.86 16.82 -17.63
C ALA C 261 20.78 18.32 -17.31
N ILE C 262 19.62 18.78 -16.87
CA ILE C 262 19.43 20.23 -16.65
C ILE C 262 19.36 20.66 -15.20
N GLU C 263 19.36 19.69 -14.27
CA GLU C 263 19.33 20.00 -12.84
C GLU C 263 20.42 20.99 -12.41
N LYS C 264 21.60 20.92 -13.04
CA LYS C 264 22.74 21.77 -12.68
C LYS C 264 22.50 23.26 -12.88
N TYR C 265 21.46 23.61 -13.67
CA TYR C 265 21.16 25.00 -14.00
C TYR C 265 20.17 25.69 -13.04
N ARG C 266 19.80 24.99 -11.96
CA ARG C 266 18.86 25.47 -10.94
C ARG C 266 17.52 25.86 -11.58
N ILE C 267 16.75 24.83 -11.92
CA ILE C 267 15.51 25.00 -12.64
C ILE C 267 14.42 25.22 -11.62
N PHE C 268 13.58 26.21 -11.88
CA PHE C 268 12.56 26.63 -10.94
C PHE C 268 11.41 25.62 -10.92
N LEU C 269 10.88 25.29 -12.10
CA LEU C 269 9.80 24.30 -12.26
C LEU C 269 10.00 23.50 -13.54
N TYR C 270 9.46 22.30 -13.56
CA TYR C 270 9.49 21.40 -14.72
C TYR C 270 8.03 21.22 -15.10
N GLU C 271 7.61 21.86 -16.19
CA GLU C 271 6.22 21.87 -16.58
C GLU C 271 5.85 20.82 -17.62
N GLU C 272 4.75 20.11 -17.33
CA GLU C 272 4.24 19.07 -18.21
C GLU C 272 5.33 18.15 -18.75
N PRO C 273 6.15 17.56 -17.85
CA PRO C 273 7.22 16.72 -18.37
C PRO C 273 6.68 15.48 -19.12
N ILE C 274 5.47 15.03 -18.77
CA ILE C 274 4.71 13.97 -19.49
C ILE C 274 3.22 14.36 -19.43
N HIS C 275 2.37 13.74 -20.23
CA HIS C 275 0.94 14.07 -20.21
C HIS C 275 0.34 13.60 -18.91
N PRO C 276 -0.89 14.05 -18.58
CA PRO C 276 -1.36 13.67 -17.29
C PRO C 276 -2.27 12.44 -17.31
N LEU C 277 -2.24 11.64 -18.38
CA LEU C 277 -3.23 10.55 -18.49
C LEU C 277 -2.92 9.35 -17.62
N ASN C 278 -1.63 9.18 -17.29
CA ASN C 278 -1.21 8.16 -16.30
C ASN C 278 -0.61 8.82 -15.05
N SER C 279 -1.43 8.95 -14.01
CA SER C 279 -0.99 9.68 -12.81
C SER C 279 0.13 8.97 -12.02
N ASP C 280 0.21 7.64 -12.11
CA ASP C 280 1.30 6.93 -11.46
C ASP C 280 2.65 7.26 -12.11
N ASN C 281 2.69 7.43 -13.44
CA ASN C 281 3.92 7.87 -14.09
C ASN C 281 4.34 9.28 -13.70
N MET C 282 3.35 10.16 -13.52
CA MET C 282 3.65 11.51 -13.06
C MET C 282 4.36 11.42 -11.68
N GLN C 283 3.80 10.63 -10.75
CA GLN C 283 4.44 10.43 -9.43
C GLN C 283 5.89 9.94 -9.57
N LYS C 284 6.09 8.98 -10.48
CA LYS C 284 7.43 8.45 -10.70
C LYS C 284 8.44 9.53 -11.16
N VAL C 285 8.02 10.37 -12.10
CA VAL C 285 8.88 11.46 -12.59
C VAL C 285 9.20 12.36 -11.40
N SER C 286 8.18 12.69 -10.60
CA SER C 286 8.42 13.63 -9.51
C SER C 286 9.36 13.07 -8.45
N ARG C 287 9.33 11.76 -8.23
CA ARG C 287 10.22 11.11 -7.26
C ARG C 287 11.59 10.88 -7.84
N SER C 288 11.75 11.19 -9.12
CA SER C 288 13.00 10.85 -9.80
C SER C 288 13.84 12.04 -10.19
N THR C 289 13.36 13.25 -9.96
CA THR C 289 14.16 14.47 -10.22
C THR C 289 14.05 15.40 -9.03
N THR C 290 15.06 16.23 -8.80
CA THR C 290 14.92 17.25 -7.75
C THR C 290 14.14 18.48 -8.24
N ILE C 291 13.83 18.59 -9.53
CA ILE C 291 13.13 19.80 -10.03
C ILE C 291 11.67 19.67 -9.67
N PRO C 292 11.07 20.71 -9.03
CA PRO C 292 9.64 20.57 -8.70
C PRO C 292 8.80 20.52 -9.99
N ILE C 293 7.76 19.69 -10.02
CA ILE C 293 6.94 19.51 -11.21
C ILE C 293 5.74 20.46 -11.21
N ALA C 294 5.46 21.01 -12.39
CA ALA C 294 4.20 21.74 -12.61
C ALA C 294 3.38 21.05 -13.71
N THR C 295 2.08 20.99 -13.53
CA THR C 295 1.19 20.59 -14.59
C THR C 295 -0.19 21.11 -14.25
N GLY C 296 -1.09 21.05 -15.23
CA GLY C 296 -2.49 21.41 -15.00
C GLY C 296 -3.23 21.93 -16.20
N GLU C 297 -2.55 22.44 -17.22
CA GLU C 297 -3.33 23.01 -18.34
C GLU C 297 -4.20 21.95 -19.00
N ARG C 298 -3.75 20.69 -18.96
CA ARG C 298 -4.53 19.61 -19.54
C ARG C 298 -5.19 18.74 -18.49
N SER C 299 -5.44 19.31 -17.30
CA SER C 299 -6.21 18.64 -16.24
C SER C 299 -7.41 19.47 -15.85
N TYR C 300 -8.59 18.85 -15.75
CA TYR C 300 -9.84 19.62 -15.65
C TYR C 300 -10.64 19.14 -14.47
N THR C 301 -11.20 20.11 -13.74
CA THR C 301 -12.02 19.91 -12.55
C THR C 301 -11.18 19.45 -11.34
N ARG C 302 -11.76 19.60 -10.14
CA ARG C 302 -11.17 19.01 -8.93
C ARG C 302 -10.80 17.52 -9.15
N TRP C 303 -11.66 16.78 -9.86
CA TRP C 303 -11.40 15.35 -10.09
C TRP C 303 -10.16 15.09 -10.89
N GLY C 304 -9.84 16.01 -11.79
CA GLY C 304 -8.60 15.89 -12.58
C GLY C 304 -7.33 16.13 -11.78
N TYR C 305 -7.46 16.66 -10.57
CA TYR C 305 -6.31 16.95 -9.70
C TYR C 305 -6.13 15.94 -8.55
N ARG C 306 -7.18 15.18 -8.25
CA ARG C 306 -7.15 14.32 -7.09
C ARG C 306 -5.97 13.38 -7.05
N GLU C 307 -5.70 12.67 -8.15
CA GLU C 307 -4.62 11.72 -8.12
C GLU C 307 -3.26 12.41 -8.15
N LEU C 308 -3.16 13.55 -8.83
CA LEU C 308 -1.87 14.30 -8.85
C LEU C 308 -1.51 14.78 -7.44
N LEU C 309 -2.50 15.33 -6.74
CA LEU C 309 -2.29 15.78 -5.38
C LEU C 309 -2.10 14.69 -4.33
N GLU C 310 -2.95 13.68 -4.33
CA GLU C 310 -2.87 12.60 -3.37
C GLU C 310 -1.53 11.89 -3.47
N LYS C 311 -1.01 11.79 -4.66
CA LYS C 311 0.24 11.13 -4.89
C LYS C 311 1.40 12.07 -4.72
N GLN C 312 1.11 13.29 -4.35
CA GLN C 312 2.14 14.30 -4.05
C GLN C 312 3.11 14.43 -5.21
N SER C 313 2.55 14.47 -6.43
CA SER C 313 3.39 14.47 -7.64
CA SER C 313 3.37 14.46 -7.64
C SER C 313 3.71 15.88 -8.12
N ILE C 314 2.96 16.87 -7.67
CA ILE C 314 3.18 18.23 -8.21
C ILE C 314 3.45 19.25 -7.13
N ALA C 315 4.31 20.19 -7.46
CA ALA C 315 4.59 21.35 -6.62
C ALA C 315 3.70 22.52 -7.00
N VAL C 316 3.36 22.62 -8.28
CA VAL C 316 2.54 23.74 -8.80
C VAL C 316 1.44 23.24 -9.73
N ALA C 317 0.21 23.66 -9.44
CA ALA C 317 -0.94 23.37 -10.28
C ALA C 317 -1.13 24.53 -11.25
N GLN C 318 -1.47 24.19 -12.51
CA GLN C 318 -1.60 25.18 -13.60
C GLN C 318 -2.93 25.07 -14.34
N PRO C 319 -4.06 25.09 -13.59
CA PRO C 319 -5.31 24.98 -14.31
C PRO C 319 -5.50 26.20 -15.25
N ASP C 320 -6.08 25.95 -16.42
CA ASP C 320 -6.54 27.02 -17.29
C ASP C 320 -8.01 27.27 -16.91
N LEU C 321 -8.31 28.50 -16.51
CA LEU C 321 -9.71 28.78 -16.07
C LEU C 321 -10.71 28.64 -17.22
N CYS C 322 -10.20 28.69 -18.46
CA CYS C 322 -11.04 28.56 -19.65
C CYS C 322 -11.20 27.09 -20.09
N LEU C 323 -10.67 26.19 -19.27
CA LEU C 323 -10.78 24.76 -19.53
C LEU C 323 -11.23 23.95 -18.31
N CYS C 324 -10.77 24.34 -17.12
CA CYS C 324 -10.81 23.46 -15.93
C CYS C 324 -12.22 23.46 -15.29
N GLY C 325 -13.10 24.32 -15.80
CA GLY C 325 -14.45 24.45 -15.25
C GLY C 325 -14.73 25.90 -14.83
N GLY C 326 -13.84 26.82 -15.21
CA GLY C 326 -14.08 28.25 -15.03
C GLY C 326 -13.61 28.77 -13.68
N ILE C 327 -14.12 29.93 -13.28
CA ILE C 327 -13.71 30.56 -12.03
C ILE C 327 -14.24 29.75 -10.84
N THR C 328 -15.52 29.34 -10.88
CA THR C 328 -16.05 28.52 -9.79
C THR C 328 -15.17 27.30 -9.49
N GLU C 329 -14.92 26.47 -10.50
CA GLU C 329 -14.15 25.24 -10.30
C GLU C 329 -12.66 25.55 -10.11
N GLY C 330 -12.17 26.57 -10.79
CA GLY C 330 -10.76 26.97 -10.65
C GLY C 330 -10.41 27.32 -9.21
N LYS C 331 -11.29 28.09 -8.54
CA LYS C 331 -11.11 28.44 -7.14
C LYS C 331 -11.01 27.16 -6.29
N LYS C 332 -11.93 26.22 -6.54
CA LYS C 332 -11.96 24.94 -5.83
C LYS C 332 -10.70 24.14 -6.03
N ILE C 333 -10.17 24.17 -7.26
CA ILE C 333 -8.87 23.53 -7.52
C ILE C 333 -7.77 24.13 -6.67
N CYS C 334 -7.68 25.48 -6.65
CA CYS C 334 -6.67 26.18 -5.86
C CYS C 334 -6.76 25.85 -4.38
N ASP C 335 -7.99 25.82 -3.85
CA ASP C 335 -8.21 25.57 -2.44
C ASP C 335 -7.74 24.16 -2.07
N TYR C 336 -8.00 23.20 -2.98
CA TYR C 336 -7.65 21.80 -2.78
C TYR C 336 -6.13 21.68 -2.83
N ALA C 337 -5.53 22.30 -3.83
CA ALA C 337 -4.06 22.24 -3.99
C ALA C 337 -3.36 22.72 -2.72
N ASN C 338 -3.94 23.73 -2.05
CA ASN C 338 -3.32 24.35 -0.88
C ASN C 338 -3.04 23.34 0.23
N ILE C 339 -3.88 22.32 0.34
CA ILE C 339 -3.66 21.38 1.44
C ILE C 339 -2.49 20.42 1.26
N TYR C 340 -1.98 20.37 0.03
CA TYR C 340 -0.78 19.59 -0.29
CA TYR C 340 -0.78 19.58 -0.27
C TYR C 340 0.45 20.46 -0.50
N ASP C 341 0.36 21.73 -0.04
CA ASP C 341 1.42 22.74 -0.27
C ASP C 341 1.67 23.00 -1.75
N THR C 342 0.66 22.73 -2.59
CA THR C 342 0.76 22.98 -4.03
C THR C 342 0.26 24.39 -4.28
N THR C 343 1.09 25.21 -4.91
CA THR C 343 0.74 26.58 -5.21
C THR C 343 0.26 26.65 -6.64
N VAL C 344 -0.12 27.83 -7.10
CA VAL C 344 -0.93 27.95 -8.33
C VAL C 344 -0.41 29.05 -9.22
N GLN C 345 -0.17 28.66 -10.48
CA GLN C 345 0.01 29.56 -11.59
C GLN C 345 -1.03 29.24 -12.66
N VAL C 346 -2.02 30.08 -12.79
CA VAL C 346 -3.06 29.87 -13.80
C VAL C 346 -2.42 29.77 -15.20
N HIS C 347 -2.82 28.76 -15.98
CA HIS C 347 -2.41 28.69 -17.37
C HIS C 347 -3.19 29.73 -18.18
N VAL C 348 -2.44 30.60 -18.85
CA VAL C 348 -3.03 31.70 -19.66
C VAL C 348 -2.39 31.74 -21.02
N CYS C 349 -3.12 31.30 -22.04
CA CYS C 349 -2.66 31.35 -23.43
C CYS C 349 -3.89 31.41 -24.34
N GLY C 350 -4.46 32.60 -24.46
CA GLY C 350 -5.64 32.79 -25.29
C GLY C 350 -5.90 34.26 -25.52
N GLY C 351 -7.17 34.63 -25.43
CA GLY C 351 -7.54 36.03 -25.57
C GLY C 351 -7.37 36.80 -24.28
N PRO C 352 -7.75 38.09 -24.29
CA PRO C 352 -7.66 38.94 -23.11
C PRO C 352 -8.62 38.53 -21.99
N VAL C 353 -9.65 37.76 -22.31
CA VAL C 353 -10.56 37.33 -21.26
C VAL C 353 -9.84 36.35 -20.32
N SER C 354 -9.09 35.40 -20.88
CA SER C 354 -8.36 34.45 -20.05
CA SER C 354 -8.36 34.45 -20.06
C SER C 354 -7.45 35.20 -19.08
N THR C 355 -6.77 36.24 -19.58
CA THR C 355 -5.88 37.05 -18.74
C THR C 355 -6.56 37.66 -17.53
N VAL C 356 -7.72 38.31 -17.71
CA VAL C 356 -8.41 38.97 -16.56
C VAL C 356 -9.02 37.95 -15.59
N ALA C 357 -9.58 36.86 -16.11
CA ALA C 357 -10.02 35.75 -15.25
C ALA C 357 -8.88 35.28 -14.33
N ALA C 358 -7.68 35.11 -14.89
CA ALA C 358 -6.51 34.68 -14.12
C ALA C 358 -6.14 35.73 -13.09
N LEU C 359 -6.15 37.00 -13.49
CA LEU C 359 -5.74 38.08 -12.58
C LEU C 359 -6.64 38.14 -11.36
N HIS C 360 -7.95 38.06 -11.57
CA HIS C 360 -8.86 38.06 -10.42
C HIS C 360 -8.66 36.89 -9.49
N MET C 361 -8.51 35.69 -10.08
CA MET C 361 -8.24 34.46 -9.29
C MET C 361 -6.97 34.56 -8.46
N GLU C 362 -5.88 34.98 -9.10
CA GLU C 362 -4.58 35.01 -8.47
C GLU C 362 -4.49 36.10 -7.40
N THR C 363 -5.24 37.18 -7.61
CA THR C 363 -5.37 38.24 -6.60
C THR C 363 -6.00 37.73 -5.31
N ALA C 364 -7.00 36.86 -5.43
CA ALA C 364 -7.75 36.39 -4.27
C ALA C 364 -7.11 35.20 -3.53
N ILE C 365 -6.46 34.27 -4.26
CA ILE C 365 -6.01 33.01 -3.62
C ILE C 365 -4.76 33.19 -2.78
N PRO C 366 -4.69 32.55 -1.60
CA PRO C 366 -3.49 32.66 -0.77
C PRO C 366 -2.30 31.85 -1.29
N ASN C 367 -2.55 30.87 -2.14
CA ASN C 367 -1.47 30.01 -2.65
C ASN C 367 -1.08 30.34 -4.09
N PHE C 368 -1.20 31.61 -4.47
CA PHE C 368 -0.63 32.06 -5.74
C PHE C 368 0.89 31.96 -5.70
N ILE C 369 1.51 31.49 -6.79
CA ILE C 369 2.99 31.53 -6.90
C ILE C 369 3.55 32.49 -7.97
N ILE C 370 3.01 32.43 -9.20
CA ILE C 370 3.55 33.27 -10.28
C ILE C 370 2.54 33.33 -11.43
N HIS C 371 2.64 34.38 -12.25
CA HIS C 371 1.72 34.56 -13.34
C HIS C 371 2.43 34.38 -14.65
N GLU C 372 1.74 33.72 -15.58
CA GLU C 372 2.25 33.46 -16.92
C GLU C 372 1.87 34.57 -17.90
N HIS C 373 2.86 35.23 -18.48
CA HIS C 373 2.57 36.17 -19.55
CA HIS C 373 2.61 36.22 -19.53
C HIS C 373 3.14 35.71 -20.85
N HIS C 374 2.24 35.19 -21.68
CA HIS C 374 2.57 34.61 -22.98
C HIS C 374 3.05 35.63 -23.97
N THR C 375 4.06 35.24 -24.73
CA THR C 375 4.67 36.09 -25.77
C THR C 375 3.70 36.64 -26.85
N ASN C 376 2.56 35.97 -27.06
CA ASN C 376 1.54 36.41 -28.02
CA ASN C 376 1.60 36.48 -28.04
C ASN C 376 0.56 37.42 -27.45
N ALA C 377 0.49 37.50 -26.12
CA ALA C 377 -0.41 38.45 -25.44
C ALA C 377 -0.14 39.93 -25.81
N MET C 378 1.00 40.19 -26.42
CA MET C 378 1.35 41.53 -26.87
C MET C 378 1.01 41.77 -28.35
N LYS C 379 0.44 40.76 -29.02
CA LYS C 379 0.09 40.86 -30.46
C LYS C 379 -1.16 41.73 -30.66
N ALA C 380 -1.11 42.59 -31.69
CA ALA C 380 -2.24 43.49 -31.95
C ALA C 380 -3.56 42.75 -32.18
N SER C 381 -3.51 41.63 -32.91
CA SER C 381 -4.74 40.90 -33.23
C SER C 381 -5.40 40.20 -32.02
N ILE C 382 -4.61 39.99 -30.95
CA ILE C 382 -5.15 39.48 -29.70
C ILE C 382 -5.64 40.63 -28.83
N ARG C 383 -4.81 41.66 -28.68
CA ARG C 383 -5.16 42.82 -27.85
C ARG C 383 -6.44 43.50 -28.34
N GLU C 384 -6.66 43.54 -29.65
CA GLU C 384 -7.80 44.27 -30.22
C GLU C 384 -9.15 43.57 -30.03
N LEU C 385 -9.13 42.34 -29.52
CA LEU C 385 -10.36 41.61 -29.23
C LEU C 385 -11.17 42.25 -28.10
N CYS C 386 -10.47 42.97 -27.22
CA CYS C 386 -11.11 43.55 -26.04
C CYS C 386 -10.80 45.02 -25.89
N THR C 387 -11.58 45.69 -25.04
CA THR C 387 -11.52 47.16 -24.93
C THR C 387 -10.36 47.69 -24.06
N HIS C 388 -9.88 46.88 -23.12
CA HIS C 388 -8.80 47.30 -22.22
C HIS C 388 -7.56 46.48 -22.43
N ASP C 389 -6.40 47.08 -22.21
CA ASP C 389 -5.14 46.36 -22.26
C ASP C 389 -4.59 46.27 -20.84
N TYR C 390 -4.43 45.06 -20.32
CA TYR C 390 -3.77 44.86 -19.04
C TYR C 390 -2.46 44.14 -19.31
N GLN C 391 -1.36 44.83 -19.03
CA GLN C 391 -0.01 44.31 -19.26
C GLN C 391 0.84 44.38 -17.98
N PRO C 392 1.82 43.46 -17.82
CA PRO C 392 2.69 43.59 -16.64
C PRO C 392 3.56 44.83 -16.74
N GLU C 393 3.99 45.34 -15.59
CA GLU C 393 4.94 46.45 -15.51
C GLU C 393 6.09 46.03 -14.58
N ASN C 394 7.31 46.03 -15.09
CA ASN C 394 8.46 45.64 -14.29
C ASN C 394 8.32 44.25 -13.64
N GLY C 395 7.79 43.30 -14.42
CA GLY C 395 7.65 41.91 -13.98
C GLY C 395 6.53 41.67 -12.98
N TYR C 396 5.63 42.64 -12.84
CA TYR C 396 4.46 42.45 -11.99
C TYR C 396 3.15 42.83 -12.66
N TYR C 397 2.09 42.11 -12.29
CA TYR C 397 0.73 42.40 -12.71
C TYR C 397 -0.06 42.91 -11.51
N VAL C 398 -1.04 43.77 -11.75
CA VAL C 398 -2.08 44.07 -10.75
C VAL C 398 -3.47 43.72 -11.28
N ALA C 399 -4.43 43.54 -10.39
CA ALA C 399 -5.81 43.26 -10.83
C ALA C 399 -6.51 44.46 -11.44
N PRO C 400 -7.46 44.22 -12.36
CA PRO C 400 -8.39 45.28 -12.78
C PRO C 400 -9.27 45.64 -11.58
N GLU C 401 -9.79 46.87 -11.57
CA GLU C 401 -10.51 47.37 -10.41
C GLU C 401 -11.98 47.74 -10.67
N GLN C 402 -12.42 47.65 -11.94
CA GLN C 402 -13.81 47.96 -12.30
C GLN C 402 -14.73 46.81 -11.89
N PRO C 403 -16.07 47.05 -11.85
CA PRO C 403 -16.99 45.92 -11.58
C PRO C 403 -16.87 44.78 -12.57
N GLY C 404 -17.04 43.55 -12.09
CA GLY C 404 -16.93 42.34 -12.91
C GLY C 404 -15.49 42.07 -13.27
N LEU C 405 -15.27 41.58 -14.48
CA LEU C 405 -13.91 41.22 -14.89
C LEU C 405 -13.05 42.43 -15.24
N GLY C 406 -13.70 43.54 -15.58
CA GLY C 406 -13.00 44.74 -16.04
C GLY C 406 -12.56 44.68 -17.49
N GLN C 407 -13.31 43.94 -18.31
CA GLN C 407 -13.09 43.83 -19.75
C GLN C 407 -14.39 43.80 -20.49
N GLU C 408 -14.37 44.31 -21.71
CA GLU C 408 -15.47 44.18 -22.65
C GLU C 408 -14.90 43.76 -24.00
N LEU C 409 -15.72 43.13 -24.83
CA LEU C 409 -15.28 42.83 -26.21
C LEU C 409 -15.20 44.13 -27.02
N ASN C 410 -14.20 44.23 -27.89
CA ASN C 410 -14.11 45.32 -28.84
C ASN C 410 -15.02 45.01 -30.03
N ASP C 411 -16.26 45.51 -29.96
CA ASP C 411 -17.27 45.16 -30.97
C ASP C 411 -16.92 45.54 -32.42
N GLU C 412 -16.16 46.63 -32.59
CA GLU C 412 -15.72 47.05 -33.92
C GLU C 412 -14.90 45.94 -34.60
N VAL C 413 -14.17 45.16 -33.80
CA VAL C 413 -13.40 44.01 -34.30
C VAL C 413 -14.21 42.72 -34.27
N VAL C 414 -14.81 42.41 -33.11
CA VAL C 414 -15.41 41.08 -32.94
C VAL C 414 -16.66 40.83 -33.75
N LYS C 415 -17.29 41.88 -34.27
CA LYS C 415 -18.42 41.69 -35.18
C LYS C 415 -18.05 40.79 -36.39
N GLU C 416 -16.83 40.90 -36.89
CA GLU C 416 -16.31 40.04 -37.96
C GLU C 416 -16.29 38.56 -37.56
N TYR C 417 -16.17 38.30 -36.26
CA TYR C 417 -15.99 36.94 -35.76
C TYR C 417 -17.24 36.29 -35.24
N LEU C 418 -18.36 37.04 -35.18
CA LEU C 418 -19.58 36.48 -34.60
C LEU C 418 -20.02 35.26 -35.41
N ALA C 419 -20.22 34.13 -34.74
CA ALA C 419 -20.54 32.86 -35.40
C ALA C 419 -21.98 32.37 -35.14
N TYR C 420 -22.44 32.45 -33.90
CA TYR C 420 -23.76 31.98 -33.54
C TYR C 420 -24.29 32.85 -32.41
N VAL C 421 -25.61 33.03 -32.39
CA VAL C 421 -26.29 33.65 -31.26
C VAL C 421 -27.35 32.65 -30.81
N ILE C 422 -27.24 32.21 -29.56
CA ILE C 422 -28.21 31.28 -28.98
C ILE C 422 -29.21 32.10 -28.19
N LYS C 423 -30.49 31.90 -28.46
CA LYS C 423 -31.52 32.70 -27.84
C LYS C 423 -32.81 31.89 -27.70
N MET D 23 -0.19 4.49 -52.14
CA MET D 23 -1.16 4.35 -53.26
C MET D 23 -2.33 5.35 -53.11
N MET D 24 -3.26 5.07 -52.18
CA MET D 24 -4.44 5.96 -51.99
C MET D 24 -4.13 7.22 -51.18
N LYS D 25 -4.93 8.26 -51.40
CA LYS D 25 -4.90 9.46 -50.55
C LYS D 25 -6.31 9.86 -50.19
N ILE D 26 -6.49 10.31 -48.95
CA ILE D 26 -7.76 10.88 -48.54
C ILE D 26 -7.98 12.17 -49.32
N THR D 27 -9.17 12.32 -49.88
CA THR D 27 -9.50 13.50 -50.68
C THR D 27 -10.47 14.44 -49.96
N SER D 28 -11.36 13.89 -49.14
CA SER D 28 -12.36 14.69 -48.43
C SER D 28 -13.08 13.91 -47.34
N ILE D 29 -13.64 14.68 -46.42
CA ILE D 29 -14.42 14.14 -45.33
C ILE D 29 -15.74 14.91 -45.24
N GLU D 30 -16.83 14.16 -45.35
CA GLU D 30 -18.16 14.71 -45.21
C GLU D 30 -18.63 14.51 -43.79
N VAL D 31 -19.30 15.52 -43.22
CA VAL D 31 -19.86 15.46 -41.87
C VAL D 31 -21.35 15.69 -41.88
N PHE D 32 -22.09 14.75 -41.30
CA PHE D 32 -23.54 14.78 -41.30
C PHE D 32 -24.07 15.05 -39.89
N ASP D 33 -24.81 16.14 -39.75
CA ASP D 33 -25.38 16.55 -38.49
C ASP D 33 -26.82 16.09 -38.55
N CYS D 34 -27.06 14.89 -38.02
CA CYS D 34 -28.34 14.20 -38.22
C CYS D 34 -29.38 14.65 -37.21
N GLU D 35 -29.93 15.83 -37.45
CA GLU D 35 -30.98 16.38 -36.61
C GLU D 35 -32.29 15.66 -36.91
N LEU D 36 -32.47 14.49 -36.33
CA LEU D 36 -33.60 13.59 -36.66
C LEU D 36 -34.95 14.25 -36.54
N LYS D 37 -35.06 15.24 -35.65
CA LYS D 37 -36.32 16.00 -35.47
C LYS D 37 -36.87 16.60 -36.78
N LYS D 38 -35.99 16.83 -37.76
CA LYS D 38 -36.37 17.27 -39.11
C LYS D 38 -37.29 16.29 -39.83
N ARG D 39 -37.05 14.99 -39.60
CA ARG D 39 -37.81 13.94 -40.27
C ARG D 39 -38.75 13.14 -39.36
N ASP D 40 -38.55 13.23 -38.04
CA ASP D 40 -39.39 12.55 -37.06
C ASP D 40 -39.40 13.30 -35.73
N GLN D 41 -40.53 13.96 -35.45
CA GLN D 41 -40.69 14.79 -34.25
C GLN D 41 -40.50 14.04 -32.93
N THR D 42 -40.77 12.74 -32.94
CA THR D 42 -40.68 11.91 -31.73
C THR D 42 -39.23 11.65 -31.31
N MET D 43 -38.28 11.90 -32.20
CA MET D 43 -36.87 11.66 -31.93
C MET D 43 -36.13 12.96 -31.60
N SER D 44 -36.88 13.94 -31.08
CA SER D 44 -36.47 15.34 -31.06
C SER D 44 -35.09 15.68 -30.51
N SER D 45 -34.72 14.99 -29.42
N SER D 45 -34.69 15.06 -29.41
CA SER D 45 -33.44 15.21 -28.71
CA SER D 45 -33.35 15.34 -28.86
C SER D 45 -32.38 14.15 -29.00
C SER D 45 -32.24 14.70 -29.70
N TYR D 46 -32.51 13.48 -30.14
CA TYR D 46 -31.50 12.54 -30.64
C TYR D 46 -30.86 13.08 -31.93
N ASN D 47 -29.53 13.03 -32.00
CA ASN D 47 -28.80 13.72 -33.06
C ASN D 47 -27.51 12.97 -33.39
N PRO D 48 -27.61 11.82 -34.09
CA PRO D 48 -26.37 11.16 -34.52
C PRO D 48 -25.47 12.09 -35.33
N VAL D 49 -24.17 11.85 -35.28
CA VAL D 49 -23.19 12.58 -36.08
C VAL D 49 -22.39 11.53 -36.84
N LEU D 50 -22.47 11.59 -38.18
CA LEU D 50 -21.83 10.58 -39.04
C LEU D 50 -20.80 11.25 -39.93
N ILE D 51 -19.80 10.48 -40.35
CA ILE D 51 -18.83 10.99 -41.34
C ILE D 51 -18.66 10.01 -42.49
N ARG D 52 -18.17 10.54 -43.61
CA ARG D 52 -17.71 9.71 -44.71
C ARG D 52 -16.34 10.21 -45.13
N VAL D 53 -15.37 9.30 -45.13
CA VAL D 53 -14.01 9.63 -45.57
C VAL D 53 -13.85 9.13 -47.01
N ASN D 54 -13.56 10.04 -47.93
CA ASN D 54 -13.43 9.69 -49.36
C ASN D 54 -11.94 9.67 -49.78
N THR D 55 -11.60 8.78 -50.71
CA THR D 55 -10.22 8.63 -51.22
C THR D 55 -10.14 8.84 -52.74
N ASP D 56 -8.91 9.04 -53.25
CA ASP D 56 -8.72 9.18 -54.68
C ASP D 56 -8.84 7.85 -55.46
N SER D 57 -9.11 6.76 -54.77
CA SER D 57 -9.29 5.47 -55.44
C SER D 57 -10.78 5.18 -55.67
N GLY D 58 -11.64 6.01 -55.09
CA GLY D 58 -13.08 5.75 -55.17
C GLY D 58 -13.63 5.05 -53.94
N LEU D 59 -12.76 4.41 -53.16
CA LEU D 59 -13.18 3.79 -51.91
C LEU D 59 -13.48 4.85 -50.88
N SER D 60 -14.62 4.69 -50.20
CA SER D 60 -15.04 5.55 -49.11
C SER D 60 -15.25 4.74 -47.85
N GLY D 61 -15.17 5.39 -46.70
CA GLY D 61 -15.42 4.72 -45.43
C GLY D 61 -16.30 5.60 -44.57
N ILE D 62 -17.17 4.98 -43.77
CA ILE D 62 -18.06 5.74 -42.88
C ILE D 62 -17.71 5.53 -41.42
N GLY D 63 -17.94 6.59 -40.62
CA GLY D 63 -17.64 6.61 -39.21
C GLY D 63 -18.77 7.32 -38.48
N GLU D 64 -18.69 7.34 -37.15
CA GLU D 64 -19.72 7.93 -36.31
C GLU D 64 -19.06 8.52 -35.05
N VAL D 65 -19.48 9.73 -34.69
CA VAL D 65 -19.07 10.45 -33.48
C VAL D 65 -20.15 10.13 -32.45
N GLY D 66 -19.77 9.51 -31.33
CA GLY D 66 -20.77 8.93 -30.41
C GLY D 66 -21.49 9.90 -29.47
N LEU D 67 -22.00 11.01 -30.03
CA LEU D 67 -22.62 12.03 -29.17
C LEU D 67 -24.05 12.30 -29.60
N ALA D 68 -24.82 11.24 -29.85
CA ALA D 68 -26.18 11.34 -30.38
C ALA D 68 -27.19 11.84 -29.34
N TYR D 69 -26.81 11.68 -28.07
CA TYR D 69 -27.66 12.10 -26.95
C TYR D 69 -26.82 12.96 -26.02
N GLY D 70 -27.49 13.65 -25.11
CA GLY D 70 -26.82 14.56 -24.18
C GLY D 70 -26.40 15.86 -24.83
N ALA D 71 -25.63 16.66 -24.14
CA ALA D 71 -25.14 17.87 -24.75
C ALA D 71 -23.80 17.61 -25.43
N GLY D 72 -23.77 17.64 -26.76
CA GLY D 72 -22.49 17.44 -27.44
C GLY D 72 -22.49 17.32 -28.95
N ALA D 73 -23.67 17.14 -29.56
CA ALA D 73 -23.74 16.89 -31.03
C ALA D 73 -22.99 17.95 -31.82
N LYS D 74 -23.20 19.23 -31.49
CA LYS D 74 -22.58 20.31 -32.27
C LYS D 74 -21.06 20.38 -32.06
N ALA D 75 -20.62 20.13 -30.82
CA ALA D 75 -19.19 19.97 -30.53
C ALA D 75 -18.56 18.83 -31.34
N GLY D 76 -19.34 17.76 -31.50
CA GLY D 76 -18.91 16.56 -32.27
C GLY D 76 -18.75 16.86 -33.76
N VAL D 77 -19.63 17.70 -34.29
CA VAL D 77 -19.51 18.16 -35.66
C VAL D 77 -18.23 19.00 -35.76
N GLY D 78 -18.05 19.90 -34.79
CA GLY D 78 -16.90 20.79 -34.74
C GLY D 78 -15.56 20.07 -34.69
N ILE D 79 -15.45 19.03 -33.86
CA ILE D 79 -14.18 18.30 -33.75
C ILE D 79 -13.72 17.66 -35.07
N ILE D 80 -14.67 17.17 -35.85
CA ILE D 80 -14.35 16.67 -37.19
C ILE D 80 -13.75 17.79 -38.05
N ARG D 81 -14.33 18.99 -37.98
CA ARG D 81 -13.76 20.16 -38.68
C ARG D 81 -12.35 20.49 -38.21
N ASP D 82 -12.06 20.24 -36.93
CA ASP D 82 -10.73 20.48 -36.38
C ASP D 82 -9.73 19.39 -36.77
N LEU D 83 -10.19 18.14 -36.81
CA LEU D 83 -9.29 16.99 -37.07
C LEU D 83 -9.10 16.59 -38.54
N ALA D 84 -10.20 16.56 -39.29
CA ALA D 84 -10.19 16.17 -40.70
C ALA D 84 -9.12 16.84 -41.60
N PRO D 85 -8.88 18.17 -41.46
CA PRO D 85 -7.93 18.83 -42.36
C PRO D 85 -6.51 18.28 -42.25
N LEU D 86 -6.20 17.69 -41.11
CA LEU D 86 -4.87 17.14 -40.84
C LEU D 86 -4.57 15.88 -41.66
N ILE D 87 -5.59 15.14 -42.06
CA ILE D 87 -5.37 13.94 -42.85
C ILE D 87 -5.78 13.99 -44.34
N VAL D 88 -6.32 15.11 -44.79
CA VAL D 88 -6.52 15.32 -46.22
C VAL D 88 -5.16 15.22 -46.93
N GLY D 89 -5.08 14.35 -47.94
CA GLY D 89 -3.85 14.13 -48.71
C GLY D 89 -2.99 13.00 -48.17
N GLU D 90 -3.44 12.39 -47.07
CA GLU D 90 -2.63 11.37 -46.42
C GLU D 90 -3.10 9.97 -46.79
N ASP D 91 -2.21 9.00 -46.65
CA ASP D 91 -2.50 7.60 -46.92
C ASP D 91 -3.39 7.01 -45.81
N PRO D 92 -4.63 6.59 -46.16
CA PRO D 92 -5.58 6.14 -45.13
C PRO D 92 -5.18 4.82 -44.46
N LEU D 93 -4.25 4.09 -45.10
CA LEU D 93 -3.89 2.74 -44.63
C LEU D 93 -3.02 2.72 -43.38
N ASN D 94 -2.42 3.86 -43.05
CA ASN D 94 -1.56 3.96 -41.87
C ASN D 94 -2.39 4.36 -40.68
N ILE D 95 -3.23 3.43 -40.26
CA ILE D 95 -4.23 3.70 -39.24
C ILE D 95 -3.59 3.98 -37.88
N GLU D 96 -2.60 3.16 -37.49
CA GLU D 96 -1.89 3.35 -36.20
C GLU D 96 -1.17 4.70 -36.20
N LYS D 97 -0.55 5.04 -37.33
CA LYS D 97 0.13 6.31 -37.45
C LYS D 97 -0.80 7.53 -37.32
N ILE D 98 -1.96 7.48 -37.96
CA ILE D 98 -2.93 8.57 -37.93
C ILE D 98 -3.45 8.73 -36.50
N TRP D 99 -3.79 7.61 -35.87
CA TRP D 99 -4.26 7.58 -34.48
C TRP D 99 -3.25 8.22 -33.57
N GLU D 100 -1.99 7.78 -33.70
CA GLU D 100 -0.94 8.26 -32.82
C GLU D 100 -0.68 9.76 -33.05
N PHE D 101 -0.87 10.21 -34.29
CA PHE D 101 -0.60 11.60 -34.62
C PHE D 101 -1.67 12.46 -33.96
N PHE D 102 -2.92 11.99 -33.97
CA PHE D 102 -3.99 12.71 -33.28
C PHE D 102 -3.77 12.76 -31.77
N PHE D 103 -3.37 11.63 -31.19
CA PHE D 103 -3.03 11.56 -29.78
C PHE D 103 -1.87 12.51 -29.44
N ARG D 104 -0.82 12.50 -30.25
CA ARG D 104 0.43 13.16 -29.91
C ARG D 104 0.68 14.61 -30.36
N LYS D 105 0.12 15.00 -31.51
CA LYS D 105 0.57 16.22 -32.19
CA LYS D 105 0.57 16.23 -32.17
C LYS D 105 -0.55 17.25 -32.41
N THR D 106 -1.58 17.21 -31.56
CA THR D 106 -2.71 18.13 -31.66
C THR D 106 -2.91 18.96 -30.39
N PHE D 107 -1.99 18.79 -29.44
CA PHE D 107 -2.06 19.28 -28.08
C PHE D 107 -3.11 18.53 -27.25
N TRP D 108 -4.38 18.63 -27.65
CA TRP D 108 -5.48 18.07 -26.84
C TRP D 108 -5.59 16.57 -26.84
N GLY D 109 -4.97 15.91 -27.82
CA GLY D 109 -4.96 14.46 -27.85
C GLY D 109 -4.41 13.84 -26.57
N MET D 110 -3.48 14.55 -25.94
CA MET D 110 -2.89 14.09 -24.69
C MET D 110 -3.60 14.59 -23.44
N GLY D 111 -4.77 15.21 -23.61
CA GLY D 111 -5.55 15.75 -22.48
C GLY D 111 -6.97 15.89 -22.95
N GLY D 112 -7.48 14.82 -23.53
CA GLY D 112 -8.66 14.87 -24.36
C GLY D 112 -9.93 14.76 -23.54
N GLY D 113 -10.83 13.90 -23.99
CA GLY D 113 -12.14 13.79 -23.36
C GLY D 113 -13.14 13.23 -24.35
N ASN D 114 -14.42 13.22 -23.97
CA ASN D 114 -15.42 12.61 -24.83
C ASN D 114 -15.46 13.18 -26.25
N VAL D 115 -15.32 14.50 -26.40
CA VAL D 115 -15.44 15.11 -27.72
C VAL D 115 -14.20 14.81 -28.57
N PHE D 116 -13.02 15.06 -28.03
CA PHE D 116 -11.78 14.87 -28.78
C PHE D 116 -11.63 13.41 -29.23
N TYR D 117 -11.78 12.47 -28.27
CA TYR D 117 -11.66 11.06 -28.59
C TYR D 117 -12.78 10.54 -29.48
N ALA D 118 -13.97 11.15 -29.39
CA ALA D 118 -15.05 10.85 -30.35
C ALA D 118 -14.68 11.21 -31.79
N GLY D 119 -14.02 12.35 -31.97
CA GLY D 119 -13.51 12.79 -33.28
C GLY D 119 -12.53 11.77 -33.84
N MET D 120 -11.58 11.38 -33.00
CA MET D 120 -10.60 10.35 -33.38
C MET D 120 -11.31 9.04 -33.68
N SER D 121 -12.34 8.70 -32.87
CA SER D 121 -13.07 7.47 -33.06
C SER D 121 -13.71 7.37 -34.45
N ALA D 122 -14.42 8.43 -34.85
CA ALA D 122 -15.18 8.41 -36.10
C ALA D 122 -14.23 8.21 -37.28
N ILE D 123 -13.14 8.95 -37.26
CA ILE D 123 -12.16 8.85 -38.32
C ILE D 123 -11.57 7.44 -38.39
N ASP D 124 -11.15 6.93 -37.23
CA ASP D 124 -10.61 5.57 -37.14
C ASP D 124 -11.54 4.50 -37.74
N ILE D 125 -12.83 4.54 -37.38
CA ILE D 125 -13.84 3.58 -37.86
C ILE D 125 -13.98 3.68 -39.38
N ALA D 126 -14.00 4.90 -39.91
CA ALA D 126 -14.00 5.12 -41.36
C ALA D 126 -12.76 4.53 -42.01
N LEU D 127 -11.60 4.63 -41.34
CA LEU D 127 -10.36 4.08 -41.95
C LEU D 127 -10.36 2.55 -41.99
N TRP D 128 -10.91 1.91 -40.94
CA TRP D 128 -11.09 0.47 -40.94
C TRP D 128 -12.04 0.01 -42.04
N ASP D 129 -13.09 0.80 -42.28
CA ASP D 129 -14.04 0.55 -43.38
C ASP D 129 -13.30 0.56 -44.71
N ILE D 130 -12.52 1.61 -44.93
CA ILE D 130 -11.66 1.68 -46.12
C ILE D 130 -10.72 0.46 -46.28
N LYS D 131 -10.00 0.13 -45.21
CA LYS D 131 -9.03 -0.95 -45.25
C LYS D 131 -9.71 -2.28 -45.54
N GLY D 132 -10.84 -2.54 -44.89
CA GLY D 132 -11.63 -3.73 -45.20
C GLY D 132 -12.06 -3.83 -46.66
N LYS D 133 -12.55 -2.71 -47.20
CA LYS D 133 -12.98 -2.69 -48.61
C LYS D 133 -11.78 -2.90 -49.52
N TYR D 134 -10.70 -2.18 -49.23
CA TYR D 134 -9.47 -2.33 -49.98
C TYR D 134 -8.95 -3.79 -50.03
N LEU D 135 -9.02 -4.52 -48.91
CA LEU D 135 -8.47 -5.87 -48.83
C LEU D 135 -9.53 -6.93 -49.15
N GLY D 136 -10.78 -6.48 -49.34
CA GLY D 136 -11.87 -7.34 -49.76
C GLY D 136 -12.47 -8.22 -48.69
N VAL D 137 -12.38 -7.81 -47.42
CA VAL D 137 -12.86 -8.65 -46.32
C VAL D 137 -13.60 -7.82 -45.28
N PRO D 138 -14.54 -8.43 -44.54
CA PRO D 138 -15.19 -7.68 -43.45
C PRO D 138 -14.18 -7.30 -42.37
N VAL D 139 -14.48 -6.22 -41.66
CA VAL D 139 -13.60 -5.71 -40.61
C VAL D 139 -13.24 -6.77 -39.55
N TYR D 140 -14.17 -7.65 -39.18
CA TYR D 140 -13.81 -8.66 -38.15
C TYR D 140 -12.60 -9.51 -38.56
N GLN D 141 -12.43 -9.74 -39.87
CA GLN D 141 -11.27 -10.51 -40.37
C GLN D 141 -9.96 -9.79 -40.11
N LEU D 142 -9.99 -8.47 -40.22
CA LEU D 142 -8.82 -7.65 -39.93
C LEU D 142 -8.57 -7.54 -38.42
N LEU D 143 -9.60 -7.76 -37.62
CA LEU D 143 -9.47 -7.74 -36.16
C LEU D 143 -9.05 -9.07 -35.52
N GLY D 144 -8.89 -10.10 -36.35
CA GLY D 144 -8.43 -11.43 -35.88
C GLY D 144 -9.26 -12.65 -36.28
N GLY D 145 -10.35 -12.42 -37.04
CA GLY D 145 -11.12 -13.51 -37.63
C GLY D 145 -12.42 -13.75 -36.89
N LYS D 146 -13.08 -14.85 -37.22
CA LYS D 146 -14.37 -15.16 -36.60
C LYS D 146 -14.25 -15.99 -35.31
N THR D 147 -14.15 -15.30 -34.18
CA THR D 147 -14.01 -15.92 -32.89
C THR D 147 -15.40 -16.36 -32.36
N ASN D 148 -16.38 -15.47 -32.49
CA ASN D 148 -17.76 -15.70 -32.00
C ASN D 148 -18.71 -15.69 -33.20
N GLU D 149 -19.34 -16.83 -33.46
CA GLU D 149 -20.21 -17.01 -34.62
C GLU D 149 -21.52 -16.28 -34.45
N LYS D 150 -21.99 -16.21 -33.22
CA LYS D 150 -23.18 -15.45 -32.93
C LYS D 150 -23.09 -14.80 -31.56
N LEU D 151 -23.82 -13.71 -31.36
CA LEU D 151 -23.53 -12.81 -30.26
C LEU D 151 -24.79 -12.66 -29.42
N ARG D 152 -24.79 -13.24 -28.21
CA ARG D 152 -25.92 -13.07 -27.30
C ARG D 152 -26.19 -11.57 -27.15
N THR D 153 -27.47 -11.19 -27.17
CA THR D 153 -27.86 -9.81 -27.21
C THR D 153 -28.92 -9.49 -26.15
N TYR D 154 -28.80 -8.33 -25.50
CA TYR D 154 -29.86 -7.92 -24.59
C TYR D 154 -30.73 -6.77 -25.08
N ALA D 155 -32.00 -6.78 -24.66
CA ALA D 155 -32.92 -5.68 -24.92
C ALA D 155 -32.61 -4.51 -23.98
N SER D 156 -32.21 -3.38 -24.54
CA SER D 156 -31.62 -2.30 -23.73
C SER D 156 -32.51 -1.07 -23.48
N GLN D 157 -32.57 -0.68 -22.21
CA GLN D 157 -33.26 0.54 -21.68
C GLN D 157 -34.79 0.46 -21.69
N LEU D 158 -35.32 -0.56 -21.02
CA LEU D 158 -36.76 -0.83 -21.00
C LEU D 158 -37.60 0.17 -20.22
N GLN D 159 -36.97 1.12 -19.52
CA GLN D 159 -37.71 2.23 -18.91
C GLN D 159 -38.38 3.10 -19.98
N PHE D 160 -37.93 2.94 -21.23
CA PHE D 160 -38.54 3.59 -22.39
C PHE D 160 -39.39 2.64 -23.24
N GLY D 161 -39.78 1.52 -22.64
CA GLY D 161 -40.63 0.52 -23.28
C GLY D 161 -39.91 -0.37 -24.27
N TRP D 162 -40.61 -1.42 -24.70
CA TRP D 162 -40.10 -2.30 -25.75
C TRP D 162 -41.16 -2.57 -26.80
N GLY D 163 -40.78 -2.38 -28.06
CA GLY D 163 -41.64 -2.75 -29.20
C GLY D 163 -42.78 -1.80 -29.51
N ASP D 164 -44.01 -2.27 -29.25
CA ASP D 164 -45.26 -1.54 -29.51
C ASP D 164 -45.46 -0.30 -28.61
N LYS D 165 -45.35 -0.52 -27.30
CA LYS D 165 -45.55 0.54 -26.30
C LYS D 165 -44.22 1.28 -26.05
N ARG D 166 -43.98 2.34 -26.83
CA ARG D 166 -42.72 3.11 -26.76
C ARG D 166 -42.87 4.51 -26.10
N HIS D 167 -42.68 4.54 -24.79
CA HIS D 167 -42.75 5.78 -24.01
C HIS D 167 -42.20 5.60 -22.61
N ILE D 168 -42.11 6.71 -21.89
CA ILE D 168 -41.62 6.73 -20.51
C ILE D 168 -42.51 5.87 -19.63
N LEU D 169 -41.92 4.86 -19.00
CA LEU D 169 -42.65 3.96 -18.12
C LEU D 169 -42.51 4.40 -16.66
N VAL D 170 -43.60 4.26 -15.90
CA VAL D 170 -43.60 4.70 -14.50
C VAL D 170 -43.92 3.59 -13.51
N THR D 171 -45.00 2.86 -13.74
CA THR D 171 -45.49 1.92 -12.73
C THR D 171 -44.82 0.56 -12.87
N PRO D 172 -44.69 -0.19 -11.76
CA PRO D 172 -44.09 -1.53 -11.85
C PRO D 172 -44.71 -2.44 -12.92
N GLU D 173 -46.04 -2.40 -13.06
CA GLU D 173 -46.72 -3.22 -14.07
C GLU D 173 -46.32 -2.82 -15.49
N GLU D 174 -46.07 -1.55 -15.71
CA GLU D 174 -45.54 -1.09 -16.99
C GLU D 174 -44.13 -1.65 -17.26
N TYR D 175 -43.29 -1.73 -16.23
CA TYR D 175 -41.96 -2.31 -16.37
C TYR D 175 -42.01 -3.82 -16.64
N ALA D 176 -42.91 -4.51 -15.94
CA ALA D 176 -43.13 -5.94 -16.13
C ALA D 176 -43.63 -6.23 -17.55
N GLU D 177 -44.50 -5.35 -18.06
CA GLU D 177 -44.98 -5.48 -19.44
C GLU D 177 -43.88 -5.37 -20.50
N ALA D 178 -42.97 -4.41 -20.30
CA ALA D 178 -41.83 -4.22 -21.22
C ALA D 178 -40.93 -5.46 -21.21
N ALA D 179 -40.72 -6.02 -20.01
CA ALA D 179 -39.93 -7.24 -19.84
C ALA D 179 -40.54 -8.41 -20.63
N ARG D 180 -41.84 -8.65 -20.46
CA ARG D 180 -42.55 -9.69 -21.22
C ARG D 180 -42.43 -9.52 -22.73
N ALA D 181 -42.57 -8.28 -23.19
CA ALA D 181 -42.45 -7.93 -24.61
C ALA D 181 -41.05 -8.22 -25.17
N ALA D 182 -40.01 -7.93 -24.37
CA ALA D 182 -38.65 -8.22 -24.80
C ALA D 182 -38.44 -9.74 -24.86
N LEU D 183 -38.94 -10.46 -23.87
CA LEU D 183 -38.84 -11.90 -23.86
C LEU D 183 -39.66 -12.54 -24.98
N ASP D 184 -40.79 -11.92 -25.32
CA ASP D 184 -41.62 -12.34 -26.46
C ASP D 184 -40.90 -12.15 -27.78
N ASP D 185 -40.02 -11.16 -27.80
CA ASP D 185 -39.23 -10.80 -28.97
C ASP D 185 -37.98 -11.69 -29.08
N GLY D 186 -37.87 -12.67 -28.19
CA GLY D 186 -36.76 -13.64 -28.22
C GLY D 186 -35.49 -13.33 -27.42
N TYR D 187 -35.52 -12.28 -26.60
CA TYR D 187 -34.36 -11.95 -25.76
C TYR D 187 -34.37 -12.77 -24.48
N ASP D 188 -33.19 -13.16 -23.98
CA ASP D 188 -33.13 -13.77 -22.67
C ASP D 188 -32.35 -12.90 -21.68
N ALA D 189 -32.27 -11.61 -21.99
CA ALA D 189 -31.59 -10.62 -21.13
C ALA D 189 -32.15 -9.24 -21.45
N ILE D 190 -32.32 -8.42 -20.41
CA ILE D 190 -32.78 -7.05 -20.58
C ILE D 190 -31.90 -6.12 -19.74
N LYS D 191 -31.92 -4.83 -20.07
CA LYS D 191 -31.33 -3.80 -19.20
C LYS D 191 -32.37 -2.73 -18.94
N VAL D 192 -32.40 -2.26 -17.70
CA VAL D 192 -33.34 -1.23 -17.28
C VAL D 192 -32.65 -0.30 -16.29
N ASP D 193 -32.88 1.00 -16.43
CA ASP D 193 -32.59 1.91 -15.33
C ASP D 193 -33.91 2.12 -14.56
N PRO D 194 -34.00 1.57 -13.33
CA PRO D 194 -35.23 1.62 -12.49
C PRO D 194 -35.37 2.91 -11.67
N LEU D 195 -34.37 3.80 -11.76
CA LEU D 195 -34.37 5.05 -11.00
C LEU D 195 -34.37 6.31 -11.89
N GLU D 196 -34.07 6.15 -13.17
CA GLU D 196 -34.07 7.30 -14.09
C GLU D 196 -35.41 8.06 -14.08
N ILE D 197 -36.51 7.31 -14.11
CA ILE D 197 -37.82 7.93 -14.22
C ILE D 197 -38.43 8.08 -12.84
N ASP D 198 -38.82 9.31 -12.49
CA ASP D 198 -39.40 9.54 -11.18
C ASP D 198 -40.90 9.20 -11.16
N ARG D 199 -41.54 9.44 -10.02
CA ARG D 199 -42.97 9.16 -9.82
C ARG D 199 -43.85 9.87 -10.84
N ASN D 200 -43.38 11.01 -11.34
CA ASN D 200 -44.20 11.87 -12.20
C ASN D 200 -43.89 11.68 -13.67
N GLY D 201 -42.96 10.78 -13.99
CA GLY D 201 -42.54 10.53 -15.36
C GLY D 201 -41.46 11.47 -15.85
N ASP D 202 -40.82 12.20 -14.93
CA ASP D 202 -39.71 13.07 -15.34
C ASP D 202 -38.42 12.29 -15.40
N ASP D 203 -37.48 12.77 -16.21
CA ASP D 203 -36.25 12.04 -16.53
C ASP D 203 -35.07 12.62 -15.74
N CYS D 204 -34.64 11.90 -14.71
CA CYS D 204 -33.55 12.39 -13.82
C CYS D 204 -32.19 12.50 -14.50
N VAL D 205 -32.01 11.87 -15.66
CA VAL D 205 -30.73 11.97 -16.38
C VAL D 205 -30.54 13.37 -16.95
N PHE D 206 -31.64 14.00 -17.35
CA PHE D 206 -31.59 15.26 -18.08
C PHE D 206 -32.38 16.42 -17.48
N GLN D 207 -33.00 16.17 -16.34
CA GLN D 207 -33.78 17.21 -15.65
C GLN D 207 -33.32 17.26 -14.21
N ASN D 208 -33.39 18.45 -13.61
CA ASN D 208 -33.12 18.60 -12.16
C ASN D 208 -34.26 18.04 -11.31
N ARG D 209 -34.23 16.72 -11.12
CA ARG D 209 -35.16 16.00 -10.27
C ARG D 209 -34.32 15.06 -9.45
N ASN D 210 -34.73 14.83 -8.20
CA ASN D 210 -34.06 13.87 -7.31
C ASN D 210 -32.56 14.13 -7.20
N ARG D 211 -32.19 15.39 -6.92
CA ARG D 211 -30.78 15.74 -6.81
C ARG D 211 -30.11 15.03 -5.63
N ASN D 212 -30.91 14.64 -4.63
CA ASN D 212 -30.41 13.86 -3.48
C ASN D 212 -29.87 12.49 -3.88
N TYR D 213 -30.11 12.06 -5.12
CA TYR D 213 -29.61 10.78 -5.60
C TYR D 213 -28.12 10.60 -5.34
N SER D 214 -27.36 11.69 -5.42
CA SER D 214 -25.91 11.55 -5.34
C SER D 214 -25.36 11.43 -3.91
N GLY D 215 -26.25 11.47 -2.91
CA GLY D 215 -25.87 11.25 -1.51
C GLY D 215 -26.46 9.93 -1.06
N LEU D 216 -27.67 10.00 -0.51
CA LEU D 216 -28.40 8.82 -0.02
C LEU D 216 -29.85 8.89 -0.51
N LEU D 217 -30.41 7.72 -0.84
CA LEU D 217 -31.78 7.61 -1.37
C LEU D 217 -32.77 7.73 -0.24
N LEU D 218 -33.91 8.36 -0.53
CA LEU D 218 -35.03 8.43 0.42
C LEU D 218 -35.81 7.14 0.30
N ALA D 219 -36.61 6.84 1.32
CA ALA D 219 -37.36 5.61 1.34
C ALA D 219 -38.20 5.43 0.09
N ASP D 220 -38.91 6.47 -0.34
CA ASP D 220 -39.80 6.32 -1.50
C ASP D 220 -39.04 5.96 -2.77
N GLN D 221 -37.82 6.47 -2.88
CA GLN D 221 -37.03 6.26 -4.09
C GLN D 221 -36.47 4.86 -4.15
N LEU D 222 -36.05 4.36 -3.01
CA LEU D 222 -35.61 3.01 -2.89
C LEU D 222 -36.75 2.07 -3.22
N LYS D 223 -37.91 2.33 -2.67
CA LYS D 223 -39.05 1.49 -2.95
C LYS D 223 -39.47 1.57 -4.40
N MET D 224 -39.37 2.77 -4.99
CA MET D 224 -39.76 2.97 -6.39
C MET D 224 -38.88 2.08 -7.28
N GLY D 225 -37.58 2.19 -7.08
CA GLY D 225 -36.61 1.44 -7.86
C GLY D 225 -36.77 -0.04 -7.66
N GLU D 226 -36.87 -0.47 -6.40
CA GLU D 226 -36.93 -1.90 -6.12
C GLU D 226 -38.22 -2.57 -6.64
N ALA D 227 -39.33 -1.84 -6.54
CA ALA D 227 -40.62 -2.37 -7.02
C ALA D 227 -40.58 -2.64 -8.53
N ARG D 228 -39.90 -1.76 -9.29
CA ARG D 228 -39.78 -1.95 -10.73
C ARG D 228 -38.94 -3.20 -11.04
N ILE D 229 -37.81 -3.35 -10.33
CA ILE D 229 -36.97 -4.55 -10.49
C ILE D 229 -37.73 -5.84 -10.09
N ALA D 230 -38.38 -5.81 -8.93
CA ALA D 230 -39.24 -6.91 -8.49
C ALA D 230 -40.28 -7.34 -9.54
N ALA D 231 -41.00 -6.37 -10.09
CA ALA D 231 -42.04 -6.65 -11.10
C ALA D 231 -41.44 -7.33 -12.31
N MET D 232 -40.25 -6.88 -12.72
CA MET D 232 -39.60 -7.41 -13.90
C MET D 232 -39.07 -8.84 -13.68
N ARG D 233 -38.46 -9.11 -12.53
CA ARG D 233 -37.95 -10.44 -12.24
C ARG D 233 -39.12 -11.40 -12.22
N GLU D 234 -40.21 -10.98 -11.60
CA GLU D 234 -41.37 -11.84 -11.46
C GLU D 234 -41.92 -12.16 -12.84
N ALA D 235 -42.02 -11.15 -13.70
CA ALA D 235 -42.53 -11.37 -15.05
C ALA D 235 -41.60 -12.21 -15.94
N MET D 236 -40.30 -12.14 -15.67
CA MET D 236 -39.32 -12.82 -16.52
C MET D 236 -39.02 -14.27 -16.13
N GLY D 237 -39.34 -14.64 -14.90
CA GLY D 237 -38.87 -15.91 -14.34
C GLY D 237 -37.39 -15.76 -13.96
N ASP D 238 -36.79 -16.84 -13.47
CA ASP D 238 -35.51 -16.72 -12.78
C ASP D 238 -34.29 -16.77 -13.67
N ASP D 239 -34.46 -17.24 -14.91
CA ASP D 239 -33.30 -17.60 -15.74
C ASP D 239 -32.82 -16.50 -16.65
N ALA D 240 -33.74 -15.72 -17.19
CA ALA D 240 -33.40 -14.58 -18.01
C ALA D 240 -32.61 -13.58 -17.16
N ASP D 241 -31.68 -12.90 -17.80
CA ASP D 241 -30.84 -11.96 -17.08
C ASP D 241 -31.35 -10.51 -17.02
N ILE D 242 -31.10 -9.86 -15.88
CA ILE D 242 -31.41 -8.45 -15.70
C ILE D 242 -30.14 -7.65 -15.43
N ILE D 243 -29.86 -6.71 -16.32
CA ILE D 243 -28.82 -5.71 -16.09
C ILE D 243 -29.48 -4.43 -15.56
N VAL D 244 -28.97 -3.94 -14.44
CA VAL D 244 -29.43 -2.69 -13.84
C VAL D 244 -28.48 -1.55 -14.20
N GLU D 245 -28.99 -0.61 -14.99
CA GLU D 245 -28.29 0.58 -15.46
C GLU D 245 -28.63 1.71 -14.48
N ILE D 246 -27.66 2.54 -14.15
CA ILE D 246 -27.84 3.62 -13.17
C ILE D 246 -27.49 4.98 -13.76
N HIS D 247 -26.84 4.99 -14.93
CA HIS D 247 -26.48 6.24 -15.63
C HIS D 247 -25.69 7.20 -14.78
N SER D 248 -24.94 6.68 -13.80
CA SER D 248 -24.15 7.51 -12.90
C SER D 248 -25.00 8.47 -12.07
N LEU D 249 -26.28 8.15 -11.89
CA LEU D 249 -27.16 9.04 -11.16
C LEU D 249 -26.91 8.98 -9.66
N LEU D 250 -26.43 7.83 -9.19
CA LEU D 250 -26.10 7.64 -7.77
C LEU D 250 -24.66 8.05 -7.47
N GLY D 251 -24.38 8.30 -6.18
CA GLY D 251 -23.04 8.46 -5.68
C GLY D 251 -22.61 7.16 -5.00
N THR D 252 -21.35 7.08 -4.60
CA THR D 252 -20.84 5.87 -3.92
C THR D 252 -21.81 5.27 -2.89
N ASN D 253 -22.32 6.12 -2.01
CA ASN D 253 -23.11 5.65 -0.85
C ASN D 253 -24.51 5.18 -1.24
N SER D 254 -25.14 5.90 -2.14
CA SER D 254 -26.49 5.53 -2.58
C SER D 254 -26.40 4.34 -3.55
N ALA D 255 -25.31 4.22 -4.29
CA ALA D 255 -25.13 3.10 -5.20
C ALA D 255 -25.01 1.80 -4.43
N ILE D 256 -24.30 1.84 -3.31
CA ILE D 256 -24.14 0.65 -2.48
C ILE D 256 -25.49 0.34 -1.80
N GLN D 257 -26.11 1.41 -1.32
CA GLN D 257 -27.45 1.35 -0.69
C GLN D 257 -28.51 0.65 -1.56
N PHE D 258 -28.59 1.07 -2.82
CA PHE D 258 -29.56 0.50 -3.75
C PHE D 258 -29.18 -0.92 -4.14
N ALA D 259 -27.90 -1.17 -4.37
CA ALA D 259 -27.42 -2.53 -4.70
C ALA D 259 -27.85 -3.55 -3.65
N LYS D 260 -27.73 -3.16 -2.39
CA LYS D 260 -28.17 -4.06 -1.30
C LYS D 260 -29.67 -4.37 -1.35
N ALA D 261 -30.47 -3.39 -1.79
CA ALA D 261 -31.91 -3.54 -1.91
C ALA D 261 -32.27 -4.45 -3.10
N ILE D 262 -31.40 -4.54 -4.11
CA ILE D 262 -31.76 -5.30 -5.31
C ILE D 262 -31.00 -6.61 -5.51
N GLU D 263 -29.99 -6.86 -4.68
CA GLU D 263 -29.23 -8.12 -4.74
C GLU D 263 -30.09 -9.39 -4.79
N LYS D 264 -31.19 -9.39 -4.06
CA LYS D 264 -32.08 -10.55 -3.94
C LYS D 264 -32.70 -10.98 -5.26
N TYR D 265 -32.71 -10.10 -6.27
CA TYR D 265 -33.31 -10.43 -7.57
C TYR D 265 -32.34 -11.09 -8.58
N ARG D 266 -31.13 -11.40 -8.11
CA ARG D 266 -30.08 -12.03 -8.94
C ARG D 266 -29.74 -11.17 -10.16
N ILE D 267 -29.05 -10.05 -9.91
CA ILE D 267 -28.78 -9.04 -10.92
C ILE D 267 -27.50 -9.41 -11.67
N PHE D 268 -27.56 -9.38 -13.00
CA PHE D 268 -26.46 -9.87 -13.84
C PHE D 268 -25.25 -8.93 -13.79
N LEU D 269 -25.52 -7.64 -13.99
CA LEU D 269 -24.54 -6.59 -13.93
C LEU D 269 -25.16 -5.27 -13.39
N TYR D 270 -24.33 -4.44 -12.79
CA TYR D 270 -24.73 -3.14 -12.28
C TYR D 270 -23.91 -2.15 -13.09
N GLU D 271 -24.60 -1.44 -13.99
CA GLU D 271 -23.94 -0.56 -14.94
C GLU D 271 -23.82 0.88 -14.50
N GLU D 272 -22.61 1.45 -14.59
CA GLU D 272 -22.37 2.84 -14.22
C GLU D 272 -23.09 3.25 -12.93
N PRO D 273 -22.83 2.53 -11.81
CA PRO D 273 -23.46 2.87 -10.55
C PRO D 273 -23.07 4.28 -10.09
N ILE D 274 -21.87 4.75 -10.44
CA ILE D 274 -21.43 6.12 -10.19
C ILE D 274 -20.61 6.50 -11.44
N HIS D 275 -20.33 7.79 -11.63
CA HIS D 275 -19.47 8.22 -12.75
C HIS D 275 -18.05 7.71 -12.58
N PRO D 276 -17.21 7.80 -13.65
CA PRO D 276 -15.89 7.22 -13.53
C PRO D 276 -14.78 8.24 -13.21
N LEU D 277 -15.13 9.40 -12.70
CA LEU D 277 -14.14 10.44 -12.50
C LEU D 277 -13.29 10.23 -11.24
N ASN D 278 -13.81 9.44 -10.29
CA ASN D 278 -13.05 9.00 -9.08
C ASN D 278 -12.93 7.47 -9.05
N SER D 279 -11.79 6.96 -9.50
CA SER D 279 -11.62 5.52 -9.65
C SER D 279 -11.57 4.79 -8.32
N ASP D 280 -11.13 5.47 -7.26
CA ASP D 280 -11.13 4.86 -5.95
C ASP D 280 -12.56 4.60 -5.43
N ASN D 281 -13.49 5.50 -5.75
CA ASN D 281 -14.90 5.24 -5.36
C ASN D 281 -15.51 4.09 -6.10
N MET D 282 -15.12 3.93 -7.36
CA MET D 282 -15.58 2.79 -8.17
C MET D 282 -15.13 1.49 -7.50
N GLN D 283 -13.86 1.42 -7.13
CA GLN D 283 -13.34 0.25 -6.37
C GLN D 283 -14.13 -0.02 -5.10
N LYS D 284 -14.44 1.04 -4.35
CA LYS D 284 -15.24 0.87 -3.14
C LYS D 284 -16.66 0.30 -3.40
N VAL D 285 -17.33 0.83 -4.42
CA VAL D 285 -18.61 0.27 -4.84
C VAL D 285 -18.40 -1.21 -5.19
N SER D 286 -17.34 -1.53 -5.93
CA SER D 286 -17.18 -2.93 -6.36
C SER D 286 -16.96 -3.85 -5.18
N ARG D 287 -16.31 -3.34 -4.14
CA ARG D 287 -16.02 -4.14 -2.97
C ARG D 287 -17.18 -4.23 -1.99
N SER D 288 -18.26 -3.53 -2.28
CA SER D 288 -19.35 -3.39 -1.32
C SER D 288 -20.66 -4.03 -1.76
N THR D 289 -20.67 -4.58 -2.97
CA THR D 289 -21.81 -5.31 -3.48
C THR D 289 -21.33 -6.60 -4.13
N THR D 290 -22.16 -7.64 -4.09
CA THR D 290 -21.87 -8.86 -4.83
C THR D 290 -22.29 -8.76 -6.31
N ILE D 291 -23.02 -7.71 -6.71
CA ILE D 291 -23.40 -7.58 -8.13
C ILE D 291 -22.14 -7.12 -8.90
N PRO D 292 -21.79 -7.82 -9.99
CA PRO D 292 -20.62 -7.41 -10.76
C PRO D 292 -20.83 -6.03 -11.39
N ILE D 293 -19.77 -5.23 -11.46
CA ILE D 293 -19.87 -3.89 -12.00
C ILE D 293 -19.50 -3.81 -13.48
N ALA D 294 -20.28 -3.01 -14.21
CA ALA D 294 -19.99 -2.69 -15.60
C ALA D 294 -19.88 -1.18 -15.74
N THR D 295 -18.87 -0.73 -16.47
CA THR D 295 -18.84 0.65 -16.88
C THR D 295 -18.00 0.77 -18.13
N GLY D 296 -17.97 1.96 -18.71
CA GLY D 296 -17.04 2.21 -19.81
C GLY D 296 -17.56 3.18 -20.86
N GLU D 297 -18.86 3.41 -20.90
CA GLU D 297 -19.32 4.31 -21.97
C GLU D 297 -18.76 5.74 -21.82
N ARG D 298 -18.48 6.17 -20.58
CA ARG D 298 -17.82 7.45 -20.36
C ARG D 298 -16.32 7.29 -20.02
N SER D 299 -15.71 6.17 -20.41
CA SER D 299 -14.28 6.00 -20.26
C SER D 299 -13.60 5.83 -21.62
N TYR D 300 -12.54 6.60 -21.85
CA TYR D 300 -11.96 6.73 -23.18
C TYR D 300 -10.49 6.35 -23.20
N THR D 301 -10.12 5.53 -24.19
CA THR D 301 -8.76 5.08 -24.43
C THR D 301 -8.32 4.08 -23.37
N ARG D 302 -7.26 3.34 -23.68
CA ARG D 302 -6.59 2.46 -22.70
C ARG D 302 -6.35 3.16 -21.37
N TRP D 303 -5.97 4.44 -21.42
CA TRP D 303 -5.62 5.21 -20.21
C TRP D 303 -6.83 5.42 -19.32
N GLY D 304 -8.00 5.48 -19.92
CA GLY D 304 -9.24 5.60 -19.13
C GLY D 304 -9.68 4.32 -18.46
N TYR D 305 -9.05 3.20 -18.79
CA TYR D 305 -9.39 1.89 -18.19
C TYR D 305 -8.35 1.42 -17.17
N ARG D 306 -7.17 2.04 -17.19
CA ARG D 306 -6.05 1.55 -16.41
C ARG D 306 -6.37 1.43 -14.91
N GLU D 307 -6.92 2.50 -14.33
CA GLU D 307 -7.20 2.48 -12.91
C GLU D 307 -8.44 1.63 -12.58
N LEU D 308 -9.38 1.55 -13.51
CA LEU D 308 -10.53 0.67 -13.28
C LEU D 308 -10.10 -0.79 -13.23
N LEU D 309 -9.18 -1.18 -14.12
CA LEU D 309 -8.71 -2.58 -14.17
C LEU D 309 -7.69 -2.94 -13.10
N GLU D 310 -6.74 -2.06 -12.87
CA GLU D 310 -5.72 -2.26 -11.88
C GLU D 310 -6.32 -2.40 -10.49
N LYS D 311 -7.35 -1.63 -10.22
CA LYS D 311 -8.01 -1.69 -8.91
CA LYS D 311 -8.02 -1.67 -8.92
C LYS D 311 -9.08 -2.77 -8.85
N GLN D 312 -9.21 -3.53 -9.95
CA GLN D 312 -10.11 -4.69 -10.02
C GLN D 312 -11.54 -4.33 -9.69
N SER D 313 -11.98 -3.21 -10.27
CA SER D 313 -13.27 -2.60 -9.94
CA SER D 313 -13.26 -2.64 -9.91
C SER D 313 -14.39 -3.05 -10.86
N ILE D 314 -14.05 -3.56 -12.04
CA ILE D 314 -15.11 -3.92 -13.00
C ILE D 314 -15.05 -5.36 -13.49
N ALA D 315 -16.23 -5.97 -13.67
CA ALA D 315 -16.37 -7.26 -14.30
C ALA D 315 -16.46 -7.13 -15.82
N VAL D 316 -17.08 -6.05 -16.28
CA VAL D 316 -17.38 -5.89 -17.70
C VAL D 316 -17.04 -4.47 -18.10
N ALA D 317 -16.24 -4.35 -19.17
CA ALA D 317 -15.96 -3.07 -19.81
C ALA D 317 -16.94 -2.78 -20.95
N GLN D 318 -17.38 -1.52 -21.05
CA GLN D 318 -18.38 -1.12 -22.06
C GLN D 318 -17.92 0.09 -22.86
N PRO D 319 -16.73 0.00 -23.51
CA PRO D 319 -16.36 1.16 -24.30
C PRO D 319 -17.32 1.36 -25.46
N ASP D 320 -17.54 2.63 -25.82
CA ASP D 320 -18.27 2.97 -27.02
C ASP D 320 -17.22 3.18 -28.08
N LEU D 321 -17.30 2.42 -29.17
CA LEU D 321 -16.24 2.54 -30.21
C LEU D 321 -16.28 3.91 -30.91
N CYS D 322 -17.40 4.61 -30.78
CA CYS D 322 -17.51 5.96 -31.35
C CYS D 322 -17.05 7.07 -30.40
N LEU D 323 -16.48 6.68 -29.26
CA LEU D 323 -16.00 7.64 -28.23
C LEU D 323 -14.63 7.30 -27.70
N CYS D 324 -14.36 5.98 -27.58
CA CYS D 324 -13.22 5.49 -26.81
C CYS D 324 -11.90 5.60 -27.59
N GLY D 325 -11.99 5.97 -28.86
CA GLY D 325 -10.78 6.05 -29.71
C GLY D 325 -10.92 5.15 -30.94
N GLY D 326 -12.11 4.60 -31.15
CA GLY D 326 -12.44 3.90 -32.40
C GLY D 326 -12.18 2.41 -32.33
N ILE D 327 -12.11 1.79 -33.50
CA ILE D 327 -11.84 0.34 -33.59
C ILE D 327 -10.42 0.00 -33.15
N THR D 328 -9.43 0.81 -33.56
CA THR D 328 -8.03 0.56 -33.17
C THR D 328 -7.88 0.55 -31.64
N GLU D 329 -8.35 1.61 -30.99
CA GLU D 329 -8.22 1.71 -29.53
C GLU D 329 -9.20 0.78 -28.79
N GLY D 330 -10.40 0.65 -29.33
CA GLY D 330 -11.40 -0.28 -28.77
C GLY D 330 -10.83 -1.68 -28.64
N LYS D 331 -10.14 -2.16 -29.69
CA LYS D 331 -9.57 -3.52 -29.67
C LYS D 331 -8.53 -3.61 -28.55
N LYS D 332 -7.69 -2.58 -28.45
CA LYS D 332 -6.69 -2.49 -27.40
C LYS D 332 -7.27 -2.49 -25.99
N ILE D 333 -8.37 -1.76 -25.81
CA ILE D 333 -9.10 -1.81 -24.53
C ILE D 333 -9.59 -3.23 -24.23
N CYS D 334 -10.12 -3.92 -25.24
CA CYS D 334 -10.62 -5.30 -25.02
C CYS D 334 -9.48 -6.23 -24.64
N ASP D 335 -8.35 -6.09 -25.33
CA ASP D 335 -7.17 -6.92 -25.07
C ASP D 335 -6.65 -6.71 -23.64
N TYR D 336 -6.64 -5.44 -23.21
CA TYR D 336 -6.21 -5.06 -21.88
C TYR D 336 -7.15 -5.65 -20.81
N ALA D 337 -8.45 -5.41 -20.97
CA ALA D 337 -9.47 -5.95 -20.04
C ALA D 337 -9.33 -7.46 -19.81
N ASN D 338 -8.99 -8.18 -20.88
CA ASN D 338 -8.86 -9.63 -20.83
C ASN D 338 -7.91 -10.13 -19.75
N ILE D 339 -6.81 -9.41 -19.50
CA ILE D 339 -5.87 -9.89 -18.47
C ILE D 339 -6.35 -9.79 -17.01
N TYR D 340 -7.44 -9.05 -16.80
CA TYR D 340 -8.11 -8.92 -15.50
CA TYR D 340 -8.08 -8.94 -15.49
C TYR D 340 -9.41 -9.72 -15.43
N ASP D 341 -9.63 -10.61 -16.41
CA ASP D 341 -10.88 -11.39 -16.48
C ASP D 341 -12.09 -10.48 -16.71
N THR D 342 -11.81 -9.32 -17.27
CA THR D 342 -12.89 -8.40 -17.58
C THR D 342 -13.32 -8.65 -19.02
N THR D 343 -14.60 -8.91 -19.19
CA THR D 343 -15.17 -9.19 -20.50
C THR D 343 -15.79 -7.91 -21.05
N VAL D 344 -16.28 -7.97 -22.29
CA VAL D 344 -16.63 -6.76 -23.01
C VAL D 344 -18.02 -6.79 -23.64
N GLN D 345 -18.79 -5.73 -23.37
CA GLN D 345 -20.00 -5.43 -24.12
C GLN D 345 -19.81 -4.03 -24.64
N VAL D 346 -19.66 -3.89 -25.95
CA VAL D 346 -19.53 -2.55 -26.55
C VAL D 346 -20.78 -1.73 -26.26
N HIS D 347 -20.58 -0.48 -25.86
CA HIS D 347 -21.70 0.44 -25.71
C HIS D 347 -22.22 0.88 -27.06
N VAL D 348 -23.53 0.68 -27.31
CA VAL D 348 -24.11 0.99 -28.61
C VAL D 348 -25.40 1.77 -28.44
N CYS D 349 -25.35 3.07 -28.74
CA CYS D 349 -26.54 3.93 -28.66
C CYS D 349 -26.37 5.13 -29.58
N GLY D 350 -26.46 4.87 -30.89
CA GLY D 350 -26.40 5.92 -31.89
C GLY D 350 -26.99 5.46 -33.21
N GLY D 351 -26.30 5.78 -34.28
CA GLY D 351 -26.72 5.37 -35.61
C GLY D 351 -26.35 3.93 -35.91
N PRO D 352 -26.63 3.49 -37.15
CA PRO D 352 -26.31 2.14 -37.60
C PRO D 352 -24.81 1.91 -37.73
N VAL D 353 -24.01 2.97 -37.82
CA VAL D 353 -22.55 2.80 -37.88
C VAL D 353 -21.99 2.24 -36.57
N SER D 354 -22.45 2.79 -35.44
CA SER D 354 -22.04 2.24 -34.14
C SER D 354 -22.38 0.74 -34.05
N THR D 355 -23.56 0.37 -34.52
CA THR D 355 -23.95 -1.03 -34.49
C THR D 355 -22.97 -1.95 -35.22
N VAL D 356 -22.62 -1.65 -36.48
CA VAL D 356 -21.73 -2.54 -37.25
C VAL D 356 -20.30 -2.52 -36.74
N ALA D 357 -19.83 -1.36 -36.29
CA ALA D 357 -18.52 -1.29 -35.64
C ALA D 357 -18.45 -2.28 -34.45
N ALA D 358 -19.48 -2.26 -33.60
CA ALA D 358 -19.60 -3.15 -32.46
C ALA D 358 -19.66 -4.61 -32.90
N LEU D 359 -20.45 -4.90 -33.92
CA LEU D 359 -20.58 -6.28 -34.40
C LEU D 359 -19.25 -6.85 -34.81
N HIS D 360 -18.46 -6.08 -35.56
CA HIS D 360 -17.18 -6.62 -35.99
C HIS D 360 -16.25 -6.84 -34.83
N MET D 361 -16.24 -5.89 -33.88
CA MET D 361 -15.36 -5.99 -32.71
C MET D 361 -15.67 -7.23 -31.91
N GLU D 362 -16.95 -7.37 -31.57
CA GLU D 362 -17.44 -8.44 -30.74
C GLU D 362 -17.26 -9.81 -31.39
N THR D 363 -17.38 -9.88 -32.72
CA THR D 363 -17.12 -11.11 -33.48
C THR D 363 -15.66 -11.57 -33.32
N ALA D 364 -14.72 -10.62 -33.30
CA ALA D 364 -13.29 -10.98 -33.27
C ALA D 364 -12.69 -11.24 -31.86
N ILE D 365 -13.13 -10.49 -30.85
CA ILE D 365 -12.51 -10.57 -29.50
C ILE D 365 -12.88 -11.86 -28.74
N PRO D 366 -11.89 -12.48 -28.07
CA PRO D 366 -12.25 -13.66 -27.27
C PRO D 366 -13.02 -13.38 -25.97
N ASN D 367 -12.96 -12.13 -25.47
CA ASN D 367 -13.59 -11.82 -24.19
C ASN D 367 -14.92 -11.08 -24.34
N PHE D 368 -15.66 -11.38 -25.41
CA PHE D 368 -16.96 -10.80 -25.61
C PHE D 368 -17.91 -11.41 -24.58
N ILE D 369 -18.83 -10.63 -24.02
CA ILE D 369 -19.85 -11.21 -23.12
C ILE D 369 -21.30 -11.13 -23.64
N ILE D 370 -21.75 -9.95 -24.06
CA ILE D 370 -23.12 -9.76 -24.49
C ILE D 370 -23.17 -8.49 -25.30
N HIS D 371 -24.14 -8.40 -26.21
CA HIS D 371 -24.31 -7.25 -27.08
C HIS D 371 -25.52 -6.43 -26.70
N GLU D 372 -25.37 -5.11 -26.75
CA GLU D 372 -26.46 -4.18 -26.41
C GLU D 372 -27.35 -3.85 -27.61
N HIS D 373 -28.66 -4.11 -27.51
CA HIS D 373 -29.60 -3.67 -28.55
CA HIS D 373 -29.56 -3.62 -28.54
C HIS D 373 -30.55 -2.65 -28.00
N HIS D 374 -30.31 -1.38 -28.32
CA HIS D 374 -31.09 -0.27 -27.79
C HIS D 374 -32.48 -0.18 -28.35
N THR D 375 -33.43 0.17 -27.49
CA THR D 375 -34.85 0.23 -27.86
C THR D 375 -35.10 1.18 -29.05
N ASN D 376 -34.21 2.14 -29.27
CA ASN D 376 -34.29 3.08 -30.39
C ASN D 376 -33.79 2.57 -31.75
N ALA D 377 -32.99 1.52 -31.75
CA ALA D 377 -32.36 1.00 -32.97
C ALA D 377 -33.38 0.44 -33.96
N MET D 378 -34.63 0.32 -33.53
CA MET D 378 -35.72 -0.14 -34.40
C MET D 378 -36.48 1.05 -35.02
N LYS D 379 -36.17 2.28 -34.60
CA LYS D 379 -36.85 3.49 -35.13
C LYS D 379 -36.51 3.77 -36.61
N ALA D 380 -37.55 4.07 -37.39
CA ALA D 380 -37.40 4.33 -38.83
C ALA D 380 -36.38 5.45 -39.14
N SER D 381 -36.43 6.54 -38.36
CA SER D 381 -35.53 7.67 -38.57
C SER D 381 -34.05 7.39 -38.25
N ILE D 382 -33.77 6.29 -37.54
CA ILE D 382 -32.40 5.83 -37.30
C ILE D 382 -31.97 4.87 -38.41
N ARG D 383 -32.82 3.89 -38.68
CA ARG D 383 -32.54 2.91 -39.71
C ARG D 383 -32.31 3.52 -41.08
N GLU D 384 -33.09 4.56 -41.42
CA GLU D 384 -33.00 5.14 -42.76
C GLU D 384 -31.70 5.89 -43.03
N LEU D 385 -30.87 6.05 -42.00
CA LEU D 385 -29.59 6.72 -42.17
C LEU D 385 -28.62 5.90 -43.02
N CYS D 386 -28.79 4.58 -43.02
CA CYS D 386 -27.87 3.68 -43.69
C CYS D 386 -28.62 2.73 -44.62
N THR D 387 -27.89 2.04 -45.49
CA THR D 387 -28.50 1.24 -46.57
C THR D 387 -28.89 -0.17 -46.12
N HIS D 388 -28.22 -0.70 -45.10
CA HIS D 388 -28.49 -2.06 -44.62
C HIS D 388 -29.09 -2.05 -43.24
N ASP D 389 -29.93 -3.04 -42.97
CA ASP D 389 -30.52 -3.22 -41.65
C ASP D 389 -29.94 -4.52 -41.05
N TYR D 390 -29.35 -4.39 -39.88
CA TYR D 390 -28.81 -5.54 -39.17
C TYR D 390 -29.50 -5.56 -37.82
N GLN D 391 -30.33 -6.58 -37.60
CA GLN D 391 -31.13 -6.68 -36.40
C GLN D 391 -30.85 -8.03 -35.76
N PRO D 392 -31.01 -8.15 -34.43
CA PRO D 392 -30.87 -9.46 -33.81
C PRO D 392 -32.06 -10.33 -34.17
N GLU D 393 -31.89 -11.65 -34.05
CA GLU D 393 -32.97 -12.63 -34.25
C GLU D 393 -32.89 -13.65 -33.14
N ASN D 394 -33.99 -13.89 -32.44
CA ASN D 394 -34.02 -14.85 -31.33
C ASN D 394 -32.99 -14.56 -30.24
N GLY D 395 -32.68 -13.28 -30.04
CA GLY D 395 -31.74 -12.86 -29.02
C GLY D 395 -30.27 -12.96 -29.44
N TYR D 396 -30.01 -13.13 -30.73
CA TYR D 396 -28.63 -13.19 -31.22
C TYR D 396 -28.34 -12.30 -32.41
N TYR D 397 -27.12 -11.78 -32.44
CA TYR D 397 -26.65 -11.00 -33.59
C TYR D 397 -25.61 -11.82 -34.32
N VAL D 398 -25.47 -11.59 -35.63
CA VAL D 398 -24.31 -12.10 -36.38
C VAL D 398 -23.62 -10.94 -37.09
N ALA D 399 -22.38 -11.16 -37.52
CA ALA D 399 -21.61 -10.09 -38.16
C ALA D 399 -22.04 -9.91 -39.61
N PRO D 400 -21.94 -8.68 -40.13
CA PRO D 400 -21.96 -8.44 -41.57
C PRO D 400 -20.80 -9.19 -42.25
N GLU D 401 -20.99 -9.56 -43.50
CA GLU D 401 -20.01 -10.39 -44.21
C GLU D 401 -19.40 -9.72 -45.44
N GLN D 402 -19.92 -8.55 -45.81
CA GLN D 402 -19.42 -7.77 -46.96
C GLN D 402 -18.03 -7.20 -46.66
N PRO D 403 -17.31 -6.71 -47.69
CA PRO D 403 -16.04 -6.07 -47.32
C PRO D 403 -16.24 -4.77 -46.49
N GLY D 404 -15.27 -4.46 -45.63
CA GLY D 404 -15.35 -3.33 -44.70
C GLY D 404 -16.40 -3.54 -43.62
N LEU D 405 -17.06 -2.46 -43.22
CA LEU D 405 -18.10 -2.53 -42.17
C LEU D 405 -19.38 -3.23 -42.63
N GLY D 406 -19.64 -3.19 -43.94
CA GLY D 406 -20.90 -3.72 -44.47
C GLY D 406 -22.04 -2.74 -44.35
N GLN D 407 -21.73 -1.46 -44.36
CA GLN D 407 -22.75 -0.40 -44.33
C GLN D 407 -22.38 0.72 -45.25
N GLU D 408 -23.40 1.35 -45.81
CA GLU D 408 -23.24 2.61 -46.53
C GLU D 408 -24.25 3.61 -46.02
N LEU D 409 -23.97 4.90 -46.18
CA LEU D 409 -24.99 5.91 -45.88
C LEU D 409 -26.08 5.92 -46.95
N ASN D 410 -27.31 6.17 -46.52
CA ASN D 410 -28.42 6.32 -47.43
C ASN D 410 -28.46 7.79 -47.89
N ASP D 411 -27.79 8.07 -49.01
CA ASP D 411 -27.67 9.44 -49.55
C ASP D 411 -29.01 10.19 -49.70
N GLU D 412 -30.05 9.47 -50.13
CA GLU D 412 -31.39 10.06 -50.28
C GLU D 412 -31.86 10.75 -48.99
N VAL D 413 -31.44 10.19 -47.84
CA VAL D 413 -31.76 10.76 -46.54
C VAL D 413 -30.67 11.69 -46.00
N VAL D 414 -29.41 11.24 -46.02
CA VAL D 414 -28.34 12.00 -45.36
C VAL D 414 -27.99 13.32 -46.06
N LYS D 415 -28.40 13.47 -47.32
CA LYS D 415 -28.24 14.76 -47.98
C LYS D 415 -28.86 15.91 -47.17
N GLU D 416 -29.97 15.64 -46.47
CA GLU D 416 -30.63 16.66 -45.65
C GLU D 416 -29.78 17.02 -44.43
N TYR D 417 -28.82 16.17 -44.08
CA TYR D 417 -28.02 16.33 -42.86
C TYR D 417 -26.59 16.78 -43.12
N LEU D 418 -26.19 16.83 -44.39
CA LEU D 418 -24.81 17.20 -44.71
C LEU D 418 -24.55 18.57 -44.12
N ALA D 419 -23.47 18.69 -43.37
CA ALA D 419 -23.17 19.89 -42.62
C ALA D 419 -21.92 20.58 -43.13
N TYR D 420 -20.86 19.81 -43.36
CA TYR D 420 -19.56 20.33 -43.82
C TYR D 420 -18.88 19.30 -44.71
N VAL D 421 -18.08 19.79 -45.66
CA VAL D 421 -17.18 18.92 -46.41
C VAL D 421 -15.78 19.49 -46.25
N ILE D 422 -14.89 18.71 -45.65
CA ILE D 422 -13.52 19.12 -45.46
C ILE D 422 -12.70 18.55 -46.61
N LYS D 423 -11.98 19.43 -47.32
CA LYS D 423 -11.09 18.98 -48.40
C LYS D 423 -9.98 19.99 -48.66
N MET E 23 -13.52 -20.79 -46.27
CA MET E 23 -12.63 -20.90 -47.45
C MET E 23 -11.62 -22.04 -47.29
N MET E 24 -10.53 -21.79 -46.57
CA MET E 24 -9.46 -22.78 -46.50
C MET E 24 -9.35 -23.52 -45.18
N LYS E 25 -8.67 -24.65 -45.25
CA LYS E 25 -8.40 -25.47 -44.11
C LYS E 25 -6.92 -25.72 -44.08
N ILE E 26 -6.39 -25.79 -42.87
CA ILE E 26 -5.04 -26.28 -42.64
C ILE E 26 -5.00 -27.78 -42.96
N THR E 27 -3.98 -28.18 -43.73
CA THR E 27 -3.82 -29.57 -44.17
C THR E 27 -2.68 -30.30 -43.49
N SER E 28 -1.56 -29.61 -43.30
CA SER E 28 -0.40 -30.22 -42.66
C SER E 28 0.51 -29.17 -42.03
N ILE E 29 1.32 -29.59 -41.07
CA ILE E 29 2.29 -28.71 -40.43
C ILE E 29 3.62 -29.44 -40.44
N GLU E 30 4.60 -28.86 -41.12
CA GLU E 30 5.97 -29.35 -41.12
C GLU E 30 6.79 -28.71 -40.00
N VAL E 31 7.59 -29.54 -39.32
CA VAL E 31 8.48 -29.10 -38.24
C VAL E 31 9.94 -29.37 -38.64
N PHE E 32 10.74 -28.32 -38.63
CA PHE E 32 12.15 -28.40 -39.02
C PHE E 32 13.02 -28.23 -37.79
N ASP E 33 13.68 -29.32 -37.43
CA ASP E 33 14.62 -29.33 -36.32
C ASP E 33 15.96 -28.92 -36.94
N CYS E 34 16.28 -27.64 -36.86
CA CYS E 34 17.41 -27.09 -37.60
C CYS E 34 18.69 -27.22 -36.78
N GLU E 35 19.15 -28.45 -36.63
CA GLU E 35 20.40 -28.75 -35.96
C GLU E 35 21.57 -28.33 -36.83
N LEU E 36 21.97 -27.05 -36.71
CA LEU E 36 22.95 -26.46 -37.64
C LEU E 36 24.28 -27.19 -37.74
N LYS E 37 24.67 -27.87 -36.67
CA LYS E 37 25.95 -28.61 -36.70
C LYS E 37 26.00 -29.68 -37.79
N LYS E 38 24.83 -30.05 -38.31
CA LYS E 38 24.75 -31.00 -39.42
C LYS E 38 25.36 -30.44 -40.68
N ARG E 39 25.36 -29.10 -40.78
CA ARG E 39 25.90 -28.41 -41.94
C ARG E 39 27.11 -27.52 -41.60
N ASP E 40 27.24 -27.10 -40.36
CA ASP E 40 28.27 -26.13 -39.97
C ASP E 40 28.71 -26.40 -38.55
N GLN E 41 29.92 -26.93 -38.40
CA GLN E 41 30.43 -27.30 -37.08
C GLN E 41 30.74 -26.10 -36.20
N THR E 42 30.96 -24.93 -36.81
CA THR E 42 31.18 -23.73 -36.02
C THR E 42 29.91 -23.24 -35.32
N MET E 43 28.78 -23.83 -35.63
CA MET E 43 27.51 -23.33 -35.15
C MET E 43 26.86 -24.25 -34.17
N SER E 44 27.69 -24.96 -33.44
CA SER E 44 27.39 -26.20 -32.80
C SER E 44 26.27 -26.22 -31.83
N SER E 45 26.20 -25.28 -30.93
CA SER E 45 25.10 -25.26 -30.03
C SER E 45 23.76 -24.97 -30.73
N TYR E 46 23.79 -23.98 -31.59
CA TYR E 46 22.61 -23.31 -32.13
CA TYR E 46 22.64 -23.29 -32.17
C TYR E 46 21.68 -24.22 -32.91
N ASN E 47 20.39 -24.11 -32.61
CA ASN E 47 19.39 -25.01 -33.14
C ASN E 47 18.03 -24.30 -33.34
N PRO E 48 17.92 -23.48 -34.40
CA PRO E 48 16.60 -22.94 -34.74
C PRO E 48 15.56 -24.03 -34.96
N VAL E 49 14.31 -23.74 -34.61
CA VAL E 49 13.19 -24.64 -34.86
C VAL E 49 12.17 -23.85 -35.69
N LEU E 50 11.90 -24.32 -36.90
CA LEU E 50 11.02 -23.62 -37.85
C LEU E 50 9.84 -24.51 -38.18
N ILE E 51 8.75 -23.88 -38.58
CA ILE E 51 7.57 -24.63 -38.98
C ILE E 51 7.00 -24.07 -40.28
N ARG E 52 6.24 -24.89 -40.99
CA ARG E 52 5.50 -24.43 -42.15
C ARG E 52 4.11 -25.00 -42.06
N VAL E 53 3.12 -24.12 -42.15
CA VAL E 53 1.72 -24.52 -42.05
C VAL E 53 1.15 -24.47 -43.48
N ASN E 54 0.66 -25.61 -43.96
CA ASN E 54 0.16 -25.73 -45.30
C ASN E 54 -1.36 -25.77 -45.30
N THR E 55 -1.97 -25.19 -46.33
CA THR E 55 -3.43 -25.15 -46.46
C THR E 55 -3.88 -25.79 -47.77
N ASP E 56 -5.17 -26.08 -47.86
CA ASP E 56 -5.73 -26.69 -49.07
C ASP E 56 -5.91 -25.69 -50.23
N SER E 57 -5.54 -24.44 -50.02
CA SER E 57 -5.57 -23.45 -51.09
C SER E 57 -4.20 -23.34 -51.75
N GLY E 58 -3.21 -24.02 -51.19
CA GLY E 58 -1.85 -23.91 -51.69
C GLY E 58 -1.04 -22.82 -51.03
N LEU E 59 -1.70 -21.95 -50.26
CA LEU E 59 -0.98 -20.96 -49.46
C LEU E 59 -0.36 -21.65 -48.24
N SER E 60 0.91 -21.35 -48.00
CA SER E 60 1.59 -21.83 -46.81
CA SER E 60 1.56 -21.82 -46.78
C SER E 60 2.18 -20.65 -46.03
N GLY E 61 2.47 -20.86 -44.75
CA GLY E 61 3.05 -19.80 -43.93
C GLY E 61 4.10 -20.42 -43.05
N ILE E 62 5.09 -19.61 -42.68
CA ILE E 62 6.17 -20.11 -41.86
C ILE E 62 6.22 -19.40 -40.53
N GLY E 63 6.71 -20.12 -39.53
CA GLY E 63 6.86 -19.62 -38.18
C GLY E 63 8.12 -20.20 -37.55
N GLU E 64 8.43 -19.71 -36.35
CA GLU E 64 9.62 -20.11 -35.63
C GLU E 64 9.32 -20.20 -34.13
N VAL E 65 9.86 -21.26 -33.51
CA VAL E 65 9.87 -21.48 -32.05
C VAL E 65 11.19 -20.88 -31.53
N GLY E 66 11.11 -19.91 -30.62
CA GLY E 66 12.32 -19.14 -30.25
C GLY E 66 13.26 -19.77 -29.23
N LEU E 67 13.67 -21.01 -29.46
CA LEU E 67 14.55 -21.74 -28.52
C LEU E 67 15.84 -22.19 -29.21
N ALA E 68 16.43 -21.30 -30.01
CA ALA E 68 17.61 -21.65 -30.82
C ALA E 68 18.91 -21.80 -30.01
N TYR E 69 18.93 -21.23 -28.83
CA TYR E 69 20.08 -21.25 -27.92
C TYR E 69 19.63 -21.71 -26.54
N GLY E 70 20.58 -22.06 -25.67
CA GLY E 70 20.24 -22.58 -24.36
C GLY E 70 19.63 -23.97 -24.48
N ALA E 71 19.08 -24.46 -23.38
CA ALA E 71 18.57 -25.82 -23.36
C ALA E 71 17.08 -25.77 -23.65
N GLY E 72 16.68 -26.27 -24.83
CA GLY E 72 15.26 -26.15 -25.20
C GLY E 72 14.82 -26.53 -26.60
N ALA E 73 15.75 -26.58 -27.55
CA ALA E 73 15.38 -26.82 -28.96
C ALA E 73 14.53 -28.10 -29.17
N LYS E 74 14.92 -29.24 -28.58
CA LYS E 74 14.16 -30.48 -28.77
C LYS E 74 12.78 -30.42 -28.09
N ALA E 75 12.68 -29.72 -26.96
CA ALA E 75 11.36 -29.47 -26.34
C ALA E 75 10.50 -28.64 -27.31
N GLY E 76 11.17 -27.75 -28.04
CA GLY E 76 10.51 -26.87 -29.00
C GLY E 76 9.94 -27.62 -30.19
N VAL E 77 10.66 -28.62 -30.66
CA VAL E 77 10.17 -29.49 -31.72
C VAL E 77 8.96 -30.24 -31.17
N GLY E 78 9.05 -30.68 -29.92
CA GLY E 78 8.01 -31.50 -29.29
C GLY E 78 6.69 -30.76 -29.11
N ILE E 79 6.76 -29.49 -28.72
CA ILE E 79 5.54 -28.74 -28.45
C ILE E 79 4.72 -28.55 -29.75
N ILE E 80 5.40 -28.42 -30.88
CA ILE E 80 4.68 -28.39 -32.16
C ILE E 80 4.00 -29.72 -32.43
N ARG E 81 4.64 -30.84 -32.12
CA ARG E 81 3.98 -32.15 -32.24
C ARG E 81 2.74 -32.19 -31.35
N ASP E 82 2.77 -31.47 -30.21
CA ASP E 82 1.65 -31.49 -29.26
C ASP E 82 0.50 -30.58 -29.69
N LEU E 83 0.86 -29.44 -30.28
CA LEU E 83 -0.12 -28.39 -30.62
C LEU E 83 -0.74 -28.49 -32.03
N ALA E 84 0.10 -28.78 -33.01
CA ALA E 84 -0.30 -28.86 -34.43
C ALA E 84 -1.51 -29.78 -34.71
N PRO E 85 -1.62 -30.95 -34.04
CA PRO E 85 -2.75 -31.80 -34.46
C PRO E 85 -4.09 -31.13 -34.18
N LEU E 86 -4.13 -30.27 -33.17
CA LEU E 86 -5.33 -29.57 -32.74
C LEU E 86 -5.90 -28.64 -33.82
N ILE E 87 -5.06 -28.21 -34.76
CA ILE E 87 -5.56 -27.29 -35.79
C ILE E 87 -5.64 -27.85 -37.21
N VAL E 88 -5.18 -29.08 -37.44
CA VAL E 88 -5.37 -29.72 -38.75
C VAL E 88 -6.86 -29.72 -39.08
N GLY E 89 -7.21 -29.23 -40.27
CA GLY E 89 -8.60 -29.20 -40.70
C GLY E 89 -9.31 -27.93 -40.30
N GLU E 90 -8.61 -27.03 -39.61
CA GLU E 90 -9.24 -25.81 -39.14
C GLU E 90 -8.94 -24.65 -40.07
N ASP E 91 -9.81 -23.65 -40.00
CA ASP E 91 -9.68 -22.43 -40.76
C ASP E 91 -8.56 -21.56 -40.19
N PRO E 92 -7.47 -21.37 -40.96
CA PRO E 92 -6.34 -20.61 -40.44
C PRO E 92 -6.60 -19.12 -40.19
N LEU E 93 -7.61 -18.55 -40.84
CA LEU E 93 -7.87 -17.11 -40.68
C LEU E 93 -8.37 -16.70 -39.29
N ASN E 94 -8.91 -17.66 -38.52
CA ASN E 94 -9.41 -17.36 -37.19
C ASN E 94 -8.26 -17.38 -36.16
N ILE E 95 -7.36 -16.41 -36.31
CA ILE E 95 -6.11 -16.40 -35.56
C ILE E 95 -6.33 -16.12 -34.07
N GLU E 96 -7.19 -15.17 -33.72
CA GLU E 96 -7.53 -14.93 -32.31
C GLU E 96 -8.16 -16.16 -31.70
N LYS E 97 -9.07 -16.78 -32.45
CA LYS E 97 -9.77 -17.98 -31.95
C LYS E 97 -8.78 -19.14 -31.68
N ILE E 98 -7.85 -19.34 -32.61
CA ILE E 98 -6.83 -20.38 -32.47
C ILE E 98 -5.95 -20.09 -31.25
N TRP E 99 -5.48 -18.84 -31.12
CA TRP E 99 -4.67 -18.44 -29.97
C TRP E 99 -5.40 -18.69 -28.67
N GLU E 100 -6.63 -18.23 -28.59
CA GLU E 100 -7.43 -18.40 -27.40
C GLU E 100 -7.67 -19.89 -27.07
N PHE E 101 -7.90 -20.72 -28.10
CA PHE E 101 -8.06 -22.16 -27.89
C PHE E 101 -6.82 -22.78 -27.24
N PHE E 102 -5.64 -22.47 -27.77
CA PHE E 102 -4.41 -22.97 -27.18
C PHE E 102 -4.21 -22.47 -25.73
N PHE E 103 -4.60 -21.23 -25.47
CA PHE E 103 -4.46 -20.65 -24.14
C PHE E 103 -5.43 -21.35 -23.18
N ARG E 104 -6.66 -21.57 -23.65
CA ARG E 104 -7.76 -22.05 -22.79
C ARG E 104 -8.01 -23.54 -22.66
N LYS E 105 -7.72 -24.29 -23.72
CA LYS E 105 -8.29 -25.64 -23.82
C LYS E 105 -7.25 -26.74 -24.02
N THR E 106 -6.01 -26.50 -23.57
CA THR E 106 -4.92 -27.47 -23.68
C THR E 106 -4.39 -27.83 -22.28
N PHE E 107 -5.07 -27.32 -21.25
CA PHE E 107 -4.61 -27.30 -19.84
C PHE E 107 -3.41 -26.39 -19.58
N TRP E 108 -2.30 -26.70 -20.25
CA TRP E 108 -1.04 -25.99 -20.01
C TRP E 108 -0.98 -24.59 -20.51
N GLY E 109 -1.87 -24.21 -21.44
CA GLY E 109 -1.92 -22.84 -21.93
C GLY E 109 -2.15 -21.83 -20.81
N MET E 110 -2.87 -22.24 -19.76
CA MET E 110 -3.10 -21.38 -18.60
C MET E 110 -2.07 -21.54 -17.47
N GLY E 111 -0.99 -22.26 -17.74
CA GLY E 111 0.12 -22.30 -16.79
C GLY E 111 1.35 -22.67 -17.58
N GLY E 112 1.60 -21.90 -18.62
CA GLY E 112 2.56 -22.27 -19.67
C GLY E 112 3.99 -21.95 -19.31
N GLY E 113 4.72 -21.39 -20.25
CA GLY E 113 6.07 -20.97 -19.98
C GLY E 113 6.79 -20.84 -21.29
N ASN E 114 8.13 -20.85 -21.25
CA ASN E 114 8.87 -20.56 -22.48
C ASN E 114 8.54 -21.53 -23.62
N VAL E 115 8.39 -22.81 -23.29
CA VAL E 115 8.18 -23.82 -24.36
C VAL E 115 6.76 -23.74 -24.91
N PHE E 116 5.78 -23.75 -24.01
CA PHE E 116 4.41 -23.76 -24.44
C PHE E 116 4.06 -22.52 -25.27
N TYR E 117 4.43 -21.34 -24.77
CA TYR E 117 4.08 -20.11 -25.49
C TYR E 117 4.92 -19.97 -26.77
N ALA E 118 6.11 -20.55 -26.76
CA ALA E 118 6.92 -20.63 -28.00
C ALA E 118 6.20 -21.44 -29.10
N GLY E 119 5.55 -22.53 -28.70
CA GLY E 119 4.80 -23.34 -29.68
C GLY E 119 3.64 -22.54 -30.24
N MET E 120 2.87 -21.88 -29.36
CA MET E 120 1.78 -20.99 -29.78
C MET E 120 2.31 -19.89 -30.71
N SER E 121 3.47 -19.35 -30.35
CA SER E 121 4.10 -18.28 -31.12
C SER E 121 4.36 -18.71 -32.55
N ALA E 122 5.03 -19.85 -32.72
CA ALA E 122 5.40 -20.32 -34.05
C ALA E 122 4.17 -20.47 -34.94
N ILE E 123 3.13 -21.10 -34.39
CA ILE E 123 1.87 -21.29 -35.12
C ILE E 123 1.22 -19.96 -35.48
N ASP E 124 1.18 -19.05 -34.50
CA ASP E 124 0.57 -17.74 -34.71
C ASP E 124 1.29 -16.96 -35.81
N ILE E 125 2.62 -16.97 -35.78
CA ILE E 125 3.39 -16.28 -36.81
C ILE E 125 3.09 -16.83 -38.24
N ALA E 126 3.06 -18.16 -38.38
CA ALA E 126 2.70 -18.82 -39.63
C ALA E 126 1.30 -18.42 -40.13
N LEU E 127 0.33 -18.29 -39.22
CA LEU E 127 -1.01 -17.87 -39.61
C LEU E 127 -1.04 -16.43 -40.14
N TRP E 128 -0.27 -15.55 -39.49
CA TRP E 128 -0.14 -14.17 -39.99
C TRP E 128 0.45 -14.16 -41.37
N ASP E 129 1.48 -14.98 -41.60
CA ASP E 129 2.06 -15.18 -42.95
C ASP E 129 0.97 -15.57 -43.97
N ILE E 130 0.20 -16.61 -43.65
CA ILE E 130 -0.93 -17.03 -44.49
C ILE E 130 -1.92 -15.87 -44.76
N LYS E 131 -2.36 -15.20 -43.71
CA LYS E 131 -3.34 -14.13 -43.85
C LYS E 131 -2.82 -12.98 -44.73
N GLY E 132 -1.55 -12.60 -44.55
CA GLY E 132 -0.93 -11.58 -45.39
C GLY E 132 -0.94 -11.98 -46.86
N LYS E 133 -0.57 -13.23 -47.11
CA LYS E 133 -0.57 -13.79 -48.45
C LYS E 133 -1.96 -13.77 -49.07
N TYR E 134 -2.94 -14.20 -48.30
CA TYR E 134 -4.33 -14.29 -48.74
C TYR E 134 -4.90 -12.94 -49.10
N LEU E 135 -4.55 -11.91 -48.32
CA LEU E 135 -5.08 -10.58 -48.56
C LEU E 135 -4.15 -9.78 -49.45
N GLY E 136 -2.95 -10.32 -49.71
CA GLY E 136 -2.04 -9.72 -50.70
C GLY E 136 -1.22 -8.54 -50.21
N VAL E 137 -0.94 -8.48 -48.91
CA VAL E 137 -0.21 -7.37 -48.31
C VAL E 137 0.83 -7.85 -47.30
N PRO E 138 1.90 -7.05 -47.07
CA PRO E 138 2.85 -7.38 -45.99
C PRO E 138 2.19 -7.38 -44.62
N VAL E 139 2.71 -8.19 -43.70
CA VAL E 139 2.11 -8.30 -42.37
C VAL E 139 1.97 -6.94 -41.66
N TYR E 140 2.94 -6.03 -41.83
CA TYR E 140 2.85 -4.74 -41.14
C TYR E 140 1.54 -4.01 -41.47
N GLN E 141 1.01 -4.21 -42.68
CA GLN E 141 -0.27 -3.57 -43.06
C GLN E 141 -1.44 -4.09 -42.24
N LEU E 142 -1.38 -5.37 -41.90
CA LEU E 142 -2.42 -5.99 -41.07
C LEU E 142 -2.28 -5.63 -39.60
N LEU E 143 -1.11 -5.13 -39.23
CA LEU E 143 -0.85 -4.73 -37.86
C LEU E 143 -1.11 -3.24 -37.62
N GLY E 144 -1.47 -2.52 -38.68
CA GLY E 144 -1.86 -1.12 -38.57
C GLY E 144 -1.21 -0.16 -39.54
N GLY E 145 -0.34 -0.67 -40.42
CA GLY E 145 0.25 0.15 -41.48
C GLY E 145 1.67 0.55 -41.21
N LYS E 146 2.22 1.41 -42.07
CA LYS E 146 3.61 1.84 -41.93
C LYS E 146 3.74 3.04 -41.00
N THR E 147 3.95 2.75 -39.73
CA THR E 147 4.09 3.80 -38.72
C THR E 147 5.51 4.33 -38.74
N ASN E 148 6.47 3.42 -38.86
CA ASN E 148 7.88 3.75 -38.88
C ASN E 148 8.51 3.31 -40.20
N GLU E 149 8.95 4.28 -41.00
CA GLU E 149 9.50 3.98 -42.33
C GLU E 149 10.87 3.35 -42.28
N LYS E 150 11.63 3.66 -41.25
CA LYS E 150 12.92 3.01 -41.05
C LYS E 150 13.10 2.78 -39.57
N LEU E 151 13.93 1.78 -39.24
CA LEU E 151 14.09 1.33 -37.86
C LEU E 151 15.55 1.40 -37.40
N ARG E 152 15.82 2.30 -36.45
CA ARG E 152 17.17 2.41 -35.85
C ARG E 152 17.56 1.05 -35.27
N THR E 153 18.77 0.63 -35.59
CA THR E 153 19.22 -0.72 -35.25
C THR E 153 20.52 -0.63 -34.46
N TYR E 154 20.64 -1.50 -33.44
CA TYR E 154 21.93 -1.67 -32.76
C TYR E 154 22.68 -2.99 -33.05
N ALA E 155 24.01 -2.94 -32.97
CA ALA E 155 24.88 -4.10 -33.12
C ALA E 155 24.96 -4.85 -31.77
N SER E 156 24.54 -6.11 -31.76
CA SER E 156 24.17 -6.80 -30.51
C SER E 156 25.16 -7.88 -30.13
N GLN E 157 25.53 -7.89 -28.84
CA GLN E 157 26.37 -8.90 -28.19
C GLN E 157 27.82 -8.84 -28.64
N LEU E 158 28.42 -7.66 -28.51
CA LEU E 158 29.83 -7.42 -28.90
C LEU E 158 30.90 -8.15 -28.08
N GLN E 159 30.51 -8.84 -27.00
CA GLN E 159 31.43 -9.69 -26.26
C GLN E 159 31.90 -10.88 -27.13
N PHE E 160 31.17 -11.11 -28.23
CA PHE E 160 31.56 -12.13 -29.20
C PHE E 160 32.14 -11.50 -30.48
N GLY E 161 32.49 -10.21 -30.40
CA GLY E 161 33.13 -9.49 -31.51
C GLY E 161 32.14 -8.90 -32.51
N TRP E 162 32.68 -8.21 -33.53
CA TRP E 162 31.90 -7.72 -34.66
C TRP E 162 32.74 -7.79 -35.92
N GLY E 163 32.19 -8.34 -36.99
CA GLY E 163 32.85 -8.29 -38.31
C GLY E 163 33.84 -9.40 -38.64
N ASP E 164 35.10 -9.00 -38.90
CA ASP E 164 36.23 -9.92 -39.15
C ASP E 164 36.50 -10.86 -37.98
N LYS E 165 36.68 -10.28 -36.79
CA LYS E 165 36.87 -11.03 -35.55
C LYS E 165 35.53 -11.55 -35.03
N ARG E 166 35.37 -12.88 -35.03
CA ARG E 166 34.11 -13.54 -34.66
C ARG E 166 34.27 -14.41 -33.39
N HIS E 167 34.93 -13.86 -32.36
CA HIS E 167 35.34 -14.67 -31.21
C HIS E 167 35.12 -14.08 -29.83
N ILE E 168 35.38 -14.91 -28.82
CA ILE E 168 35.15 -14.57 -27.42
C ILE E 168 36.18 -13.55 -26.95
N LEU E 169 35.71 -12.36 -26.58
CA LEU E 169 36.56 -11.23 -26.21
C LEU E 169 36.86 -11.15 -24.72
N VAL E 170 38.10 -10.80 -24.37
CA VAL E 170 38.51 -10.77 -22.96
C VAL E 170 38.98 -9.40 -22.48
N THR E 171 39.97 -8.82 -23.18
CA THR E 171 40.62 -7.60 -22.70
C THR E 171 39.84 -6.35 -23.08
N PRO E 172 39.93 -5.29 -22.27
CA PRO E 172 39.26 -4.03 -22.61
C PRO E 172 39.58 -3.56 -24.02
N GLU E 173 40.85 -3.70 -24.45
CA GLU E 173 41.26 -3.32 -25.79
C GLU E 173 40.51 -4.08 -26.90
N GLU E 174 40.30 -5.38 -26.70
CA GLU E 174 39.44 -6.16 -27.61
C GLU E 174 38.00 -5.65 -27.71
N TYR E 175 37.38 -5.36 -26.56
CA TYR E 175 36.04 -4.75 -26.53
C TYR E 175 36.00 -3.41 -27.29
N ALA E 176 36.97 -2.54 -27.04
CA ALA E 176 37.12 -1.30 -27.81
C ALA E 176 37.15 -1.51 -29.34
N GLU E 177 37.85 -2.57 -29.77
CA GLU E 177 38.00 -2.90 -31.18
C GLU E 177 36.68 -3.37 -31.79
N ALA E 178 35.92 -4.19 -31.05
CA ALA E 178 34.59 -4.56 -31.47
C ALA E 178 33.68 -3.33 -31.65
N ALA E 179 33.75 -2.40 -30.69
CA ALA E 179 32.96 -1.16 -30.72
C ALA E 179 33.27 -0.33 -31.97
N ARG E 180 34.55 -0.12 -32.23
CA ARG E 180 34.96 0.54 -33.44
C ARG E 180 34.43 -0.14 -34.71
N ALA E 181 34.54 -1.47 -34.78
CA ALA E 181 34.05 -2.23 -35.93
C ALA E 181 32.57 -1.97 -36.18
N ALA E 182 31.77 -1.99 -35.09
CA ALA E 182 30.34 -1.76 -35.22
C ALA E 182 30.07 -0.35 -35.74
N LEU E 183 30.75 0.64 -35.16
CA LEU E 183 30.57 2.03 -35.58
C LEU E 183 31.00 2.26 -37.04
N ASP E 184 32.00 1.50 -37.48
CA ASP E 184 32.48 1.53 -38.88
C ASP E 184 31.49 0.89 -39.84
N ASP E 185 30.76 -0.09 -39.32
CA ASP E 185 29.69 -0.77 -40.04
C ASP E 185 28.42 0.09 -40.09
N GLY E 186 28.47 1.28 -39.51
CA GLY E 186 27.39 2.28 -39.62
C GLY E 186 26.38 2.34 -38.47
N TYR E 187 26.68 1.62 -37.39
CA TYR E 187 25.80 1.65 -36.20
C TYR E 187 26.14 2.83 -35.27
N ASP E 188 25.10 3.38 -34.64
CA ASP E 188 25.30 4.43 -33.65
C ASP E 188 24.83 3.94 -32.26
N ALA E 189 24.67 2.62 -32.15
CA ALA E 189 24.29 1.98 -30.89
C ALA E 189 24.76 0.53 -30.89
N ILE E 190 25.22 0.08 -29.73
CA ILE E 190 25.73 -1.26 -29.53
C ILE E 190 25.20 -1.83 -28.22
N LYS E 191 25.18 -3.17 -28.13
CA LYS E 191 24.94 -3.86 -26.88
C LYS E 191 26.07 -4.82 -26.54
N VAL E 192 26.49 -4.80 -25.29
CA VAL E 192 27.54 -5.68 -24.80
C VAL E 192 27.16 -6.25 -23.43
N ASP E 193 27.46 -7.53 -23.21
CA ASP E 193 27.48 -8.04 -21.85
C ASP E 193 28.93 -8.05 -21.40
N PRO E 194 29.28 -7.14 -20.46
CA PRO E 194 30.70 -6.98 -20.05
C PRO E 194 31.10 -7.91 -18.90
N LEU E 195 30.16 -8.71 -18.38
CA LEU E 195 30.44 -9.62 -17.27
C LEU E 195 30.32 -11.09 -17.67
N GLU E 196 29.73 -11.35 -18.83
CA GLU E 196 29.51 -12.72 -19.28
C GLU E 196 30.82 -13.54 -19.43
N ILE E 197 31.85 -12.92 -19.96
CA ILE E 197 33.12 -13.60 -20.19
C ILE E 197 34.06 -13.34 -19.02
N ASP E 198 34.51 -14.41 -18.36
CA ASP E 198 35.40 -14.23 -17.22
C ASP E 198 36.80 -13.93 -17.72
N ARG E 199 37.74 -13.81 -16.78
CA ARG E 199 39.13 -13.45 -17.08
C ARG E 199 39.80 -14.48 -17.98
N ASN E 200 39.26 -15.70 -18.00
CA ASN E 200 39.89 -16.81 -18.70
C ASN E 200 39.20 -17.12 -20.02
N GLY E 201 38.24 -16.29 -20.37
CA GLY E 201 37.53 -16.48 -21.61
C GLY E 201 36.40 -17.49 -21.51
N ASP E 202 36.02 -17.88 -20.30
CA ASP E 202 34.93 -18.85 -20.11
C ASP E 202 33.62 -18.07 -20.06
N ASP E 203 32.50 -18.76 -20.26
CA ASP E 203 31.24 -18.10 -20.51
C ASP E 203 30.26 -18.38 -19.36
N CYS E 204 30.03 -17.38 -18.51
CA CYS E 204 29.24 -17.55 -17.28
C CYS E 204 27.77 -17.77 -17.53
N VAL E 205 27.31 -17.55 -18.77
CA VAL E 205 25.90 -17.77 -19.08
C VAL E 205 25.62 -19.27 -19.12
N PHE E 206 26.60 -20.05 -19.62
CA PHE E 206 26.42 -21.48 -19.83
C PHE E 206 27.38 -22.40 -19.06
N GLN E 207 28.31 -21.80 -18.32
CA GLN E 207 29.25 -22.58 -17.51
C GLN E 207 29.17 -22.19 -16.05
N ASN E 208 29.40 -23.16 -15.15
CA ASN E 208 29.55 -22.84 -13.73
C ASN E 208 30.82 -22.06 -13.42
N ARG E 209 30.77 -20.75 -13.66
CA ARG E 209 31.85 -19.84 -13.31
C ARG E 209 31.23 -18.65 -12.62
N ASN E 210 31.95 -18.05 -11.67
CA ASN E 210 31.53 -16.82 -11.01
C ASN E 210 30.09 -16.95 -10.46
N ARG E 211 29.85 -18.04 -9.74
CA ARG E 211 28.52 -18.25 -9.13
C ARG E 211 28.17 -17.15 -8.12
N ASN E 212 29.18 -16.47 -7.63
CA ASN E 212 29.01 -15.40 -6.66
C ASN E 212 28.31 -14.20 -7.29
N TYR E 213 28.23 -14.18 -8.63
CA TYR E 213 27.54 -13.10 -9.37
C TYR E 213 26.13 -12.85 -8.81
N SER E 214 25.42 -13.88 -8.37
CA SER E 214 24.04 -13.58 -7.92
C SER E 214 23.91 -13.05 -6.48
N GLY E 215 25.05 -12.87 -5.81
CA GLY E 215 25.08 -12.26 -4.48
C GLY E 215 25.68 -10.87 -4.64
N LEU E 216 26.99 -10.77 -4.42
CA LEU E 216 27.74 -9.53 -4.58
C LEU E 216 29.00 -9.76 -5.39
N LEU E 217 29.30 -8.81 -6.24
CA LEU E 217 30.52 -8.93 -7.07
C LEU E 217 31.76 -8.76 -6.24
N LEU E 218 32.84 -9.47 -6.61
CA LEU E 218 34.16 -9.26 -6.03
C LEU E 218 34.80 -8.06 -6.72
N ALA E 219 35.78 -7.46 -6.06
CA ALA E 219 36.49 -6.29 -6.61
C ALA E 219 36.98 -6.51 -8.04
N ASP E 220 37.65 -7.63 -8.30
CA ASP E 220 38.20 -7.93 -9.64
C ASP E 220 37.11 -8.04 -10.69
N GLN E 221 35.96 -8.59 -10.31
CA GLN E 221 34.87 -8.72 -11.28
C GLN E 221 34.28 -7.36 -11.64
N LEU E 222 34.14 -6.51 -10.67
CA LEU E 222 33.62 -5.19 -10.85
C LEU E 222 34.58 -4.43 -11.74
N LYS E 223 35.86 -4.53 -11.45
CA LYS E 223 36.89 -3.86 -12.28
C LYS E 223 36.88 -4.39 -13.70
N MET E 224 36.75 -5.72 -13.84
CA MET E 224 36.71 -6.37 -15.14
C MET E 224 35.61 -5.78 -16.02
N GLY E 225 34.36 -5.77 -15.51
CA GLY E 225 33.25 -5.28 -16.29
C GLY E 225 33.38 -3.81 -16.64
N GLU E 226 33.77 -2.98 -15.67
CA GLU E 226 33.76 -1.53 -15.82
C GLU E 226 34.86 -1.15 -16.81
N ALA E 227 35.94 -1.88 -16.74
CA ALA E 227 37.09 -1.58 -17.66
C ALA E 227 36.67 -1.82 -19.13
N ARG E 228 35.89 -2.88 -19.37
CA ARG E 228 35.35 -3.16 -20.71
C ARG E 228 34.39 -2.05 -21.18
N ILE E 229 33.42 -1.68 -20.34
CA ILE E 229 32.56 -0.54 -20.67
C ILE E 229 33.36 0.79 -20.89
N ALA E 230 34.28 1.09 -19.99
CA ALA E 230 35.10 2.31 -20.10
C ALA E 230 35.82 2.38 -21.45
N ALA E 231 36.38 1.26 -21.89
CA ALA E 231 37.17 1.22 -23.15
C ALA E 231 36.23 1.36 -24.35
N MET E 232 35.03 0.80 -24.24
CA MET E 232 34.08 0.93 -25.32
C MET E 232 33.57 2.36 -25.44
N ARG E 233 33.30 3.01 -24.31
CA ARG E 233 32.80 4.39 -24.34
C ARG E 233 33.90 5.29 -24.92
N GLU E 234 35.13 5.04 -24.53
CA GLU E 234 36.22 5.85 -25.04
C GLU E 234 36.43 5.69 -26.54
N ALA E 235 36.32 4.45 -27.03
CA ALA E 235 36.49 4.14 -28.45
C ALA E 235 35.38 4.75 -29.29
N MET E 236 34.17 4.75 -28.74
CA MET E 236 32.96 5.19 -29.44
C MET E 236 32.70 6.70 -29.47
N GLY E 237 33.22 7.44 -28.50
CA GLY E 237 32.87 8.83 -28.35
C GLY E 237 31.57 8.89 -27.54
N ASP E 238 31.12 10.09 -27.24
CA ASP E 238 30.05 10.26 -26.24
C ASP E 238 28.64 10.07 -26.78
N ASP E 239 28.50 10.28 -28.09
CA ASP E 239 27.21 10.30 -28.75
C ASP E 239 26.56 8.95 -29.03
N ALA E 240 27.35 7.96 -29.45
CA ALA E 240 26.82 6.63 -29.72
C ALA E 240 26.26 6.01 -28.45
N ASP E 241 25.20 5.23 -28.57
CA ASP E 241 24.59 4.59 -27.41
C ASP E 241 25.16 3.21 -27.03
N ILE E 242 25.30 2.97 -25.73
CA ILE E 242 25.70 1.68 -25.18
C ILE E 242 24.56 1.06 -24.39
N ILE E 243 24.12 -0.13 -24.79
CA ILE E 243 23.19 -0.92 -23.97
C ILE E 243 24.05 -1.97 -23.23
N VAL E 244 23.85 -2.08 -21.92
CA VAL E 244 24.53 -3.08 -21.11
C VAL E 244 23.61 -4.26 -20.86
N GLU E 245 24.00 -5.41 -21.40
CA GLU E 245 23.28 -6.67 -21.28
C GLU E 245 23.84 -7.42 -20.06
N ILE E 246 22.98 -7.97 -19.21
CA ILE E 246 23.46 -8.73 -18.05
C ILE E 246 23.07 -10.23 -18.10
N HIS E 247 22.14 -10.60 -18.98
CA HIS E 247 21.72 -12.00 -19.13
C HIS E 247 21.17 -12.59 -17.85
N SER E 248 20.61 -11.75 -16.99
CA SER E 248 20.14 -12.20 -15.67
C SER E 248 21.20 -12.87 -14.81
N LEU E 249 22.48 -12.56 -15.04
CA LEU E 249 23.55 -13.17 -14.27
C LEU E 249 23.71 -12.62 -12.86
N LEU E 250 23.33 -11.35 -12.66
CA LEU E 250 23.50 -10.71 -11.37
C LEU E 250 22.21 -10.97 -10.57
N GLY E 251 22.27 -10.82 -9.26
CA GLY E 251 21.06 -10.75 -8.47
C GLY E 251 20.76 -9.31 -8.12
N THR E 252 19.69 -9.08 -7.37
CA THR E 252 19.32 -7.69 -7.07
C THR E 252 20.45 -6.80 -6.55
N ASN E 253 21.22 -7.33 -5.60
CA ASN E 253 22.21 -6.53 -4.94
C ASN E 253 23.44 -6.29 -5.81
N SER E 254 23.88 -7.31 -6.55
CA SER E 254 25.03 -7.09 -7.44
C SER E 254 24.61 -6.28 -8.69
N ALA E 255 23.35 -6.44 -9.12
CA ALA E 255 22.84 -5.65 -10.27
C ALA E 255 22.94 -4.15 -9.96
N ILE E 256 22.58 -3.77 -8.73
CA ILE E 256 22.66 -2.35 -8.29
C ILE E 256 24.11 -1.90 -8.14
N GLN E 257 24.92 -2.75 -7.50
CA GLN E 257 26.32 -2.49 -7.28
C GLN E 257 27.02 -2.23 -8.62
N PHE E 258 26.77 -3.08 -9.62
CA PHE E 258 27.40 -2.89 -10.95
C PHE E 258 26.86 -1.63 -11.65
N ALA E 259 25.54 -1.43 -11.59
CA ALA E 259 24.92 -0.22 -12.20
C ALA E 259 25.60 1.06 -11.72
N LYS E 260 25.92 1.13 -10.44
CA LYS E 260 26.49 2.35 -9.85
C LYS E 260 27.90 2.59 -10.35
N ALA E 261 28.62 1.50 -10.62
CA ALA E 261 29.96 1.54 -11.20
C ALA E 261 29.97 1.99 -12.68
N ILE E 262 28.88 1.74 -13.40
CA ILE E 262 28.88 2.04 -14.85
C ILE E 262 28.01 3.26 -15.23
N GLU E 263 27.32 3.85 -14.26
CA GLU E 263 26.45 5.03 -14.52
C GLU E 263 27.19 6.17 -15.19
N LYS E 264 28.44 6.33 -14.82
CA LYS E 264 29.25 7.44 -15.32
C LYS E 264 29.50 7.40 -16.84
N TYR E 265 29.24 6.25 -17.47
CA TYR E 265 29.51 6.09 -18.92
C TYR E 265 28.32 6.44 -19.81
N ARG E 266 27.20 6.83 -19.18
CA ARG E 266 25.99 7.21 -19.88
C ARG E 266 25.42 6.02 -20.63
N ILE E 267 24.80 5.10 -19.87
CA ILE E 267 24.30 3.86 -20.43
C ILE E 267 22.86 4.08 -20.86
N PHE E 268 22.54 3.61 -22.07
CA PHE E 268 21.22 3.85 -22.69
C PHE E 268 20.18 2.98 -22.02
N LEU E 269 20.48 1.69 -21.91
CA LEU E 269 19.60 0.71 -21.26
C LEU E 269 20.43 -0.35 -20.53
N TYR E 270 19.85 -0.92 -19.49
CA TYR E 270 20.47 -1.96 -18.69
C TYR E 270 19.55 -3.17 -18.86
N GLU E 271 19.98 -4.16 -19.63
CA GLU E 271 19.09 -5.26 -20.04
C GLU E 271 19.20 -6.47 -19.13
N GLU E 272 18.04 -7.00 -18.70
CA GLU E 272 18.00 -8.18 -17.85
C GLU E 272 19.01 -8.13 -16.72
N PRO E 273 18.93 -7.10 -15.85
CA PRO E 273 19.90 -7.02 -14.74
C PRO E 273 19.73 -8.19 -13.77
N ILE E 274 18.49 -8.66 -13.63
CA ILE E 274 18.18 -9.89 -12.90
C ILE E 274 17.11 -10.64 -13.70
N HIS E 275 16.82 -11.88 -13.34
CA HIS E 275 15.79 -12.63 -14.01
C HIS E 275 14.43 -12.05 -13.65
N PRO E 276 13.38 -12.38 -14.43
CA PRO E 276 12.11 -11.73 -14.17
C PRO E 276 11.20 -12.56 -13.26
N LEU E 277 11.73 -13.55 -12.55
CA LEU E 277 10.83 -14.41 -11.76
C LEU E 277 10.31 -13.76 -10.48
N ASN E 278 11.04 -12.75 -9.96
CA ASN E 278 10.56 -11.96 -8.81
C ASN E 278 10.38 -10.48 -9.24
N SER E 279 9.12 -10.08 -9.46
CA SER E 279 8.82 -8.76 -10.05
C SER E 279 9.10 -7.63 -9.06
N ASP E 280 9.00 -7.91 -7.75
CA ASP E 280 9.34 -6.90 -6.73
C ASP E 280 10.83 -6.57 -6.73
N ASN E 281 11.66 -7.58 -6.93
CA ASN E 281 13.09 -7.33 -7.08
C ASN E 281 13.41 -6.49 -8.29
N MET E 282 12.72 -6.75 -9.40
CA MET E 282 12.91 -5.94 -10.61
C MET E 282 12.60 -4.48 -10.31
N GLN E 283 11.48 -4.25 -9.62
CA GLN E 283 11.12 -2.89 -9.19
C GLN E 283 12.21 -2.26 -8.33
N LYS E 284 12.84 -3.05 -7.45
CA LYS E 284 13.78 -2.48 -6.53
C LYS E 284 15.03 -2.07 -7.35
N VAL E 285 15.38 -2.90 -8.33
CA VAL E 285 16.58 -2.58 -9.17
C VAL E 285 16.30 -1.28 -9.92
N SER E 286 15.10 -1.14 -10.48
CA SER E 286 14.74 0.08 -11.26
C SER E 286 14.76 1.36 -10.41
N ARG E 287 14.32 1.25 -9.15
CA ARG E 287 14.37 2.38 -8.22
C ARG E 287 15.76 2.72 -7.69
N SER E 288 16.73 1.84 -7.92
CA SER E 288 18.04 1.98 -7.30
C SER E 288 19.15 2.37 -8.25
N THR E 289 18.83 2.55 -9.52
CA THR E 289 19.82 3.03 -10.51
C THR E 289 19.08 4.02 -11.42
N THR E 290 19.86 4.94 -11.98
CA THR E 290 19.30 5.89 -12.92
C THR E 290 19.31 5.32 -14.34
N ILE E 291 19.93 4.16 -14.56
CA ILE E 291 19.93 3.61 -15.92
C ILE E 291 18.56 2.98 -16.17
N PRO E 292 17.89 3.33 -17.28
CA PRO E 292 16.58 2.70 -17.54
C PRO E 292 16.68 1.18 -17.79
N ILE E 293 15.71 0.41 -17.30
CA ILE E 293 15.78 -1.05 -17.38
C ILE E 293 15.07 -1.56 -18.65
N ALA E 294 15.70 -2.52 -19.33
CA ALA E 294 15.03 -3.29 -20.36
C ALA E 294 14.93 -4.76 -19.95
N THR E 295 13.79 -5.38 -20.25
CA THR E 295 13.69 -6.83 -20.13
C THR E 295 12.53 -7.28 -21.00
N GLY E 296 12.44 -8.59 -21.21
CA GLY E 296 11.24 -9.19 -21.79
C GLY E 296 11.46 -10.46 -22.57
N GLU E 297 12.69 -10.74 -22.98
CA GLU E 297 12.89 -11.96 -23.71
C GLU E 297 12.50 -13.24 -22.94
N ARG E 298 12.58 -13.22 -21.59
CA ARG E 298 12.13 -14.33 -20.77
C ARG E 298 10.78 -14.02 -20.10
N SER E 299 10.02 -13.12 -20.72
CA SER E 299 8.68 -12.76 -20.22
C SER E 299 7.66 -13.02 -21.32
N TYR E 300 6.59 -13.76 -21.02
CA TYR E 300 5.70 -14.24 -22.10
C TYR E 300 4.25 -13.88 -21.81
N THR E 301 3.53 -13.49 -22.87
CA THR E 301 2.12 -13.05 -22.87
C THR E 301 1.93 -11.72 -22.13
N ARG E 302 0.81 -11.08 -22.39
CA ARG E 302 0.38 -9.92 -21.61
C ARG E 302 0.59 -10.13 -20.09
N TRP E 303 0.24 -11.33 -19.60
CA TRP E 303 0.27 -11.65 -18.16
C TRP E 303 1.66 -11.62 -17.61
N GLY E 304 2.65 -11.89 -18.46
CA GLY E 304 4.06 -11.83 -18.08
C GLY E 304 4.63 -10.43 -17.98
N TYR E 305 3.89 -9.42 -18.45
CA TYR E 305 4.34 -8.02 -18.37
C TYR E 305 3.53 -7.24 -17.35
N ARG E 306 2.43 -7.80 -16.87
CA ARG E 306 1.57 -7.02 -16.00
C ARG E 306 2.31 -6.45 -14.76
N GLU E 307 3.00 -7.31 -14.02
CA GLU E 307 3.70 -6.83 -12.83
C GLU E 307 4.87 -5.93 -13.15
N LEU E 308 5.56 -6.21 -14.25
CA LEU E 308 6.66 -5.34 -14.70
C LEU E 308 6.19 -3.91 -15.00
N LEU E 309 5.06 -3.82 -15.70
CA LEU E 309 4.49 -2.52 -16.04
C LEU E 309 3.80 -1.81 -14.87
N GLU E 310 2.97 -2.52 -14.15
CA GLU E 310 2.28 -1.90 -13.04
C GLU E 310 3.23 -1.38 -11.98
N LYS E 311 4.35 -2.05 -11.79
CA LYS E 311 5.28 -1.64 -10.77
C LYS E 311 6.24 -0.62 -11.37
N GLN E 312 5.99 -0.23 -12.61
CA GLN E 312 6.80 0.80 -13.27
C GLN E 312 8.30 0.48 -13.28
N SER E 313 8.64 -0.78 -13.54
CA SER E 313 10.01 -1.23 -13.36
CA SER E 313 10.01 -1.22 -13.36
C SER E 313 10.84 -1.19 -14.64
N ILE E 314 10.20 -1.06 -15.81
CA ILE E 314 10.92 -1.12 -17.10
C ILE E 314 10.67 0.07 -18.01
N ALA E 315 11.74 0.52 -18.67
CA ALA E 315 11.64 1.56 -19.68
C ALA E 315 11.37 0.97 -21.05
N VAL E 316 11.89 -0.24 -21.28
CA VAL E 316 11.81 -0.91 -22.58
C VAL E 316 11.43 -2.37 -22.40
N ALA E 317 10.39 -2.77 -23.13
CA ALA E 317 9.95 -4.15 -23.20
C ALA E 317 10.59 -4.86 -24.42
N GLN E 318 11.06 -6.09 -24.22
CA GLN E 318 11.79 -6.81 -25.25
C GLN E 318 11.20 -8.21 -25.48
N PRO E 319 9.88 -8.30 -25.74
CA PRO E 319 9.31 -9.61 -26.04
C PRO E 319 10.00 -10.24 -27.28
N ASP E 320 10.19 -11.56 -27.24
CA ASP E 320 10.58 -12.31 -28.41
C ASP E 320 9.29 -12.84 -29.02
N LEU E 321 9.00 -12.44 -30.27
CA LEU E 321 7.75 -12.84 -30.93
C LEU E 321 7.62 -14.36 -31.13
N CYS E 322 8.76 -15.04 -31.18
CA CYS E 322 8.79 -16.49 -31.22
C CYS E 322 8.69 -17.18 -29.82
N LEU E 323 8.51 -16.38 -28.74
CA LEU E 323 8.32 -16.91 -27.38
C LEU E 323 7.07 -16.36 -26.69
N CYS E 324 6.76 -15.09 -26.94
CA CYS E 324 5.79 -14.36 -26.09
C CYS E 324 4.35 -14.69 -26.39
N GLY E 325 4.11 -15.46 -27.47
CA GLY E 325 2.76 -15.74 -27.94
C GLY E 325 2.51 -15.30 -29.37
N GLY E 326 3.57 -14.87 -30.07
CA GLY E 326 3.48 -14.65 -31.51
C GLY E 326 3.26 -13.19 -31.86
N ILE E 327 2.83 -12.96 -33.09
CA ILE E 327 2.45 -11.64 -33.55
C ILE E 327 1.16 -11.15 -32.86
N THR E 328 0.14 -12.01 -32.75
CA THR E 328 -1.09 -11.60 -32.08
C THR E 328 -0.82 -11.11 -30.65
N GLU E 329 -0.16 -11.93 -29.82
CA GLU E 329 0.15 -11.53 -28.45
C GLU E 329 1.24 -10.44 -28.37
N GLY E 330 2.25 -10.53 -29.22
CA GLY E 330 3.27 -9.49 -29.25
C GLY E 330 2.71 -8.08 -29.41
N LYS E 331 1.80 -7.92 -30.36
CA LYS E 331 1.17 -6.61 -30.60
C LYS E 331 0.44 -6.11 -29.34
N LYS E 332 -0.23 -7.05 -28.64
CA LYS E 332 -0.98 -6.70 -27.42
C LYS E 332 -0.04 -6.27 -26.30
N ILE E 333 1.12 -6.93 -26.23
CA ILE E 333 2.18 -6.54 -25.31
C ILE E 333 2.69 -5.10 -25.61
N CYS E 334 2.91 -4.80 -26.89
CA CYS E 334 3.37 -3.46 -27.28
C CYS E 334 2.31 -2.40 -26.93
N ASP E 335 1.05 -2.70 -27.23
CA ASP E 335 -0.07 -1.81 -26.92
C ASP E 335 -0.20 -1.52 -25.41
N TYR E 336 0.00 -2.55 -24.62
CA TYR E 336 -0.04 -2.47 -23.15
C TYR E 336 1.14 -1.64 -22.65
N ALA E 337 2.34 -1.98 -23.11
CA ALA E 337 3.54 -1.26 -22.74
C ALA E 337 3.38 0.26 -22.88
N ASN E 338 2.77 0.65 -24.00
CA ASN E 338 2.63 2.06 -24.35
C ASN E 338 1.98 2.92 -23.26
N ILE E 339 1.05 2.34 -22.53
CA ILE E 339 0.35 3.17 -21.55
C ILE E 339 1.22 3.51 -20.32
N TYR E 340 2.36 2.83 -20.18
CA TYR E 340 3.33 3.12 -19.13
CA TYR E 340 3.31 3.17 -19.13
C TYR E 340 4.58 3.82 -19.68
N ASP E 341 4.48 4.34 -20.91
CA ASP E 341 5.63 5.04 -21.62
C ASP E 341 6.77 4.05 -21.83
N THR E 342 6.41 2.77 -21.85
CA THR E 342 7.38 1.71 -22.14
C THR E 342 7.42 1.48 -23.64
N THR E 343 8.58 1.68 -24.26
CA THR E 343 8.72 1.48 -25.69
C THR E 343 9.25 0.05 -25.95
N VAL E 344 9.35 -0.33 -27.22
CA VAL E 344 9.55 -1.75 -27.56
C VAL E 344 10.80 -1.96 -28.44
N GLN E 345 11.65 -2.90 -28.02
CA GLN E 345 12.67 -3.51 -28.90
C GLN E 345 12.40 -5.02 -28.92
N VAL E 346 11.88 -5.54 -30.03
CA VAL E 346 11.61 -6.99 -30.09
C VAL E 346 12.92 -7.75 -29.89
N HIS E 347 12.93 -8.82 -29.09
CA HIS E 347 14.14 -9.64 -29.00
C HIS E 347 14.30 -10.50 -30.23
N VAL E 348 15.48 -10.45 -30.88
CA VAL E 348 15.72 -11.22 -32.11
C VAL E 348 17.05 -11.96 -32.01
N CYS E 349 16.97 -13.27 -31.80
CA CYS E 349 18.18 -14.11 -31.78
C CYS E 349 17.84 -15.54 -32.21
N GLY E 350 17.59 -15.70 -33.50
CA GLY E 350 17.18 -16.98 -34.04
C GLY E 350 17.40 -17.08 -35.54
N GLY E 351 16.41 -17.62 -36.21
CA GLY E 351 16.48 -17.76 -37.66
C GLY E 351 15.93 -16.51 -38.35
N PRO E 352 15.85 -16.54 -39.68
CA PRO E 352 15.36 -15.38 -40.41
C PRO E 352 13.88 -15.12 -40.21
N VAL E 353 13.14 -16.12 -39.74
CA VAL E 353 11.71 -15.91 -39.50
C VAL E 353 11.54 -14.90 -38.35
N SER E 354 12.31 -15.05 -37.28
CA SER E 354 12.21 -14.11 -36.15
CA SER E 354 12.20 -14.10 -36.15
C SER E 354 12.49 -12.66 -36.60
N THR E 355 13.51 -12.48 -37.42
CA THR E 355 13.84 -11.17 -37.90
C THR E 355 12.68 -10.52 -38.64
N VAL E 356 12.04 -11.23 -39.57
CA VAL E 356 10.98 -10.59 -40.34
C VAL E 356 9.73 -10.35 -39.52
N ALA E 357 9.42 -11.26 -38.59
CA ALA E 357 8.28 -11.06 -37.70
C ALA E 357 8.51 -9.76 -36.92
N ALA E 358 9.74 -9.57 -36.44
CA ALA E 358 10.09 -8.36 -35.69
C ALA E 358 9.96 -7.10 -36.57
N LEU E 359 10.49 -7.17 -37.79
CA LEU E 359 10.43 -6.03 -38.72
C LEU E 359 8.99 -5.57 -38.96
N HIS E 360 8.08 -6.50 -39.18
CA HIS E 360 6.68 -6.13 -39.40
C HIS E 360 6.07 -5.52 -38.17
N MET E 361 6.34 -6.12 -37.02
CA MET E 361 5.83 -5.58 -35.74
C MET E 361 6.36 -4.17 -35.51
N GLU E 362 7.67 -3.98 -35.68
CA GLU E 362 8.28 -2.69 -35.32
C GLU E 362 7.91 -1.57 -36.28
N THR E 363 7.61 -1.95 -37.51
CA THR E 363 7.10 -1.01 -38.51
C THR E 363 5.72 -0.45 -38.15
N ALA E 364 4.87 -1.29 -37.58
CA ALA E 364 3.47 -0.88 -37.30
C ALA E 364 3.26 -0.15 -35.93
N ILE E 365 4.03 -0.51 -34.90
CA ILE E 365 3.79 0.00 -33.54
C ILE E 365 4.32 1.42 -33.35
N PRO E 366 3.52 2.30 -32.71
CA PRO E 366 3.99 3.65 -32.49
C PRO E 366 5.07 3.76 -31.39
N ASN E 367 5.20 2.73 -30.54
CA ASN E 367 6.14 2.77 -29.42
C ASN E 367 7.42 1.93 -29.64
N PHE E 368 7.80 1.80 -30.91
CA PHE E 368 9.10 1.23 -31.25
C PHE E 368 10.21 2.14 -30.74
N ILE E 369 11.28 1.56 -30.18
CA ILE E 369 12.45 2.38 -29.85
C ILE E 369 13.69 2.01 -30.67
N ILE E 370 14.04 0.72 -30.72
CA ILE E 370 15.29 0.34 -31.39
C ILE E 370 15.20 -1.12 -31.81
N HIS E 371 16.01 -1.56 -32.78
CA HIS E 371 15.95 -2.92 -33.28
C HIS E 371 17.24 -3.67 -33.07
N GLU E 372 17.15 -4.92 -32.65
CA GLU E 372 18.36 -5.71 -32.29
C GLU E 372 18.93 -6.47 -33.50
N HIS E 373 20.20 -6.23 -33.86
CA HIS E 373 20.81 -7.03 -34.90
CA HIS E 373 20.84 -6.98 -34.92
C HIS E 373 21.97 -7.82 -34.35
N HIS E 374 21.76 -9.13 -34.25
CA HIS E 374 22.72 -9.99 -33.59
C HIS E 374 23.95 -10.20 -34.43
N THR E 375 25.09 -10.33 -33.75
CA THR E 375 26.39 -10.55 -34.40
C THR E 375 26.45 -11.80 -35.30
N ASN E 376 25.59 -12.77 -35.02
CA ASN E 376 25.51 -14.03 -35.79
C ASN E 376 24.54 -14.00 -36.98
N ALA E 377 23.84 -12.88 -37.17
CA ALA E 377 22.74 -12.84 -38.15
C ALA E 377 23.23 -12.97 -39.59
N MET E 378 24.51 -12.66 -39.81
CA MET E 378 25.11 -12.81 -41.14
C MET E 378 25.70 -14.20 -41.39
N LYS E 379 25.61 -15.11 -40.42
CA LYS E 379 26.15 -16.45 -40.63
C LYS E 379 25.41 -17.19 -41.75
N ALA E 380 26.20 -17.73 -42.68
CA ALA E 380 25.73 -18.53 -43.79
C ALA E 380 24.74 -19.61 -43.38
N SER E 381 25.05 -20.33 -42.30
CA SER E 381 24.18 -21.42 -41.87
C SER E 381 22.82 -20.95 -41.33
N ILE E 382 22.74 -19.70 -40.89
CA ILE E 382 21.45 -19.11 -40.46
C ILE E 382 20.72 -18.58 -41.70
N ARG E 383 21.43 -17.80 -42.52
CA ARG E 383 20.87 -17.17 -43.71
C ARG E 383 20.25 -18.17 -44.69
N GLU E 384 20.95 -19.29 -44.90
CA GLU E 384 20.52 -20.28 -45.89
C GLU E 384 19.25 -21.02 -45.50
N LEU E 385 18.75 -20.83 -44.28
CA LEU E 385 17.48 -21.44 -43.88
C LEU E 385 16.33 -20.91 -44.72
N CYS E 386 16.46 -19.66 -45.18
CA CYS E 386 15.38 -18.97 -45.87
C CYS E 386 15.79 -18.43 -47.24
N THR E 387 14.82 -17.93 -48.01
CA THR E 387 15.11 -17.55 -49.40
C THR E 387 15.55 -16.10 -49.61
N HIS E 388 15.17 -15.19 -48.72
CA HIS E 388 15.57 -13.78 -48.83
C HIS E 388 16.51 -13.36 -47.75
N ASP E 389 17.32 -12.34 -48.02
CA ASP E 389 18.13 -11.71 -47.01
C ASP E 389 17.53 -10.34 -46.68
N TYR E 390 17.43 -10.02 -45.38
CA TYR E 390 17.07 -8.68 -44.94
C TYR E 390 18.11 -8.28 -43.90
N GLN E 391 18.90 -7.27 -44.23
CA GLN E 391 20.01 -6.83 -43.41
C GLN E 391 19.87 -5.33 -43.24
N PRO E 392 20.39 -4.77 -42.12
CA PRO E 392 20.33 -3.31 -41.96
C PRO E 392 21.36 -2.64 -42.88
N GLU E 393 21.18 -1.36 -43.12
CA GLU E 393 22.14 -0.54 -43.87
C GLU E 393 22.31 0.78 -43.16
N ASN E 394 23.56 1.15 -42.92
CA ASN E 394 23.86 2.42 -42.26
CA ASN E 394 23.91 2.40 -42.23
C ASN E 394 23.17 2.57 -40.89
N GLY E 395 22.90 1.46 -40.21
CA GLY E 395 22.27 1.49 -38.89
C GLY E 395 20.76 1.45 -38.91
N TYR E 396 20.17 1.18 -40.06
CA TYR E 396 18.71 1.16 -40.22
C TYR E 396 18.19 -0.05 -40.95
N TYR E 397 17.04 -0.53 -40.48
CA TYR E 397 16.30 -1.58 -41.14
C TYR E 397 15.06 -0.97 -41.79
N VAL E 398 14.60 -1.59 -42.88
CA VAL E 398 13.26 -1.32 -43.43
C VAL E 398 12.45 -2.62 -43.48
N ALA E 399 11.11 -2.52 -43.49
CA ALA E 399 10.23 -3.69 -43.57
C ALA E 399 10.31 -4.44 -44.92
N PRO E 400 10.06 -5.76 -44.90
CA PRO E 400 9.74 -6.39 -46.19
C PRO E 400 8.45 -5.80 -46.77
N GLU E 401 8.33 -5.91 -48.09
CA GLU E 401 7.19 -5.32 -48.80
C GLU E 401 6.34 -6.37 -49.59
N GLN E 402 6.76 -7.64 -49.54
CA GLN E 402 6.05 -8.74 -50.18
CA GLN E 402 6.04 -8.74 -50.18
C GLN E 402 4.79 -9.10 -49.40
N PRO E 403 3.84 -9.85 -50.03
CA PRO E 403 2.69 -10.29 -49.21
C PRO E 403 3.14 -11.23 -48.08
N GLY E 404 2.45 -11.19 -46.95
CA GLY E 404 2.81 -11.99 -45.78
C GLY E 404 4.09 -11.48 -45.13
N LEU E 405 4.91 -12.39 -44.63
CA LEU E 405 6.14 -12.02 -43.90
C LEU E 405 7.27 -11.60 -44.83
N GLY E 406 7.25 -12.09 -46.06
CA GLY E 406 8.29 -11.81 -47.03
C GLY E 406 9.45 -12.78 -46.96
N GLN E 407 9.17 -14.00 -46.51
CA GLN E 407 10.16 -15.08 -46.46
C GLN E 407 9.54 -16.42 -46.83
N GLU E 408 10.36 -17.29 -47.40
CA GLU E 408 10.03 -18.70 -47.57
C GLU E 408 11.24 -19.51 -47.11
N LEU E 409 11.00 -20.78 -46.81
CA LEU E 409 12.09 -21.70 -46.45
C LEU E 409 12.88 -22.07 -47.70
N ASN E 410 14.19 -22.18 -47.53
CA ASN E 410 15.07 -22.66 -48.57
C ASN E 410 15.05 -24.19 -48.54
N ASP E 411 14.14 -24.77 -49.34
CA ASP E 411 13.84 -26.21 -49.30
C ASP E 411 15.06 -27.10 -49.57
N GLU E 412 16.00 -26.60 -50.37
CA GLU E 412 17.24 -27.35 -50.64
C GLU E 412 18.11 -27.56 -49.39
N VAL E 413 17.98 -26.67 -48.42
CA VAL E 413 18.65 -26.81 -47.14
C VAL E 413 17.71 -27.45 -46.12
N VAL E 414 16.52 -26.89 -45.93
CA VAL E 414 15.66 -27.39 -44.84
C VAL E 414 15.14 -28.82 -45.01
N LYS E 415 15.19 -29.39 -46.22
CA LYS E 415 14.83 -30.80 -46.40
C LYS E 415 15.56 -31.70 -45.40
N GLU E 416 16.81 -31.36 -45.10
CA GLU E 416 17.61 -32.21 -44.22
C GLU E 416 17.32 -31.99 -42.73
N TYR E 417 16.53 -30.95 -42.44
CA TYR E 417 16.10 -30.63 -41.07
C TYR E 417 14.67 -31.07 -40.78
N LEU E 418 13.92 -31.47 -41.81
CA LEU E 418 12.54 -31.87 -41.61
C LEU E 418 12.47 -33.02 -40.62
N ALA E 419 11.74 -32.81 -39.53
CA ALA E 419 11.71 -33.80 -38.47
C ALA E 419 10.36 -34.48 -38.38
N TYR E 420 9.28 -33.72 -38.57
CA TYR E 420 7.92 -34.25 -38.48
C TYR E 420 7.00 -33.58 -39.45
N VAL E 421 6.00 -34.33 -39.92
CA VAL E 421 4.92 -33.77 -40.70
C VAL E 421 3.63 -34.16 -39.98
N ILE E 422 2.94 -33.18 -39.41
CA ILE E 422 1.70 -33.46 -38.68
C ILE E 422 0.58 -33.27 -39.68
N LYS E 423 -0.27 -34.29 -39.84
CA LYS E 423 -1.42 -34.19 -40.75
C LYS E 423 -2.62 -35.03 -40.29
N MET F 23 32.22 -40.62 -5.76
CA MET F 23 32.78 -41.68 -6.64
C MET F 23 31.93 -42.00 -7.88
N MET F 24 30.59 -42.04 -7.73
CA MET F 24 29.69 -42.35 -8.86
C MET F 24 29.64 -41.26 -9.93
N LYS F 25 29.41 -41.67 -11.18
CA LYS F 25 29.10 -40.77 -12.28
C LYS F 25 27.89 -41.29 -13.07
N ILE F 26 27.05 -40.37 -13.51
CA ILE F 26 25.96 -40.68 -14.42
C ILE F 26 26.51 -41.12 -15.77
N THR F 27 26.02 -42.25 -16.26
CA THR F 27 26.48 -42.78 -17.54
C THR F 27 25.46 -42.57 -18.66
N SER F 28 24.17 -42.63 -18.33
CA SER F 28 23.14 -42.52 -19.35
C SER F 28 21.77 -42.16 -18.76
N ILE F 29 20.92 -41.61 -19.61
CA ILE F 29 19.55 -41.25 -19.22
C ILE F 29 18.61 -41.77 -20.31
N GLU F 30 17.73 -42.70 -19.94
CA GLU F 30 16.72 -43.23 -20.84
C GLU F 30 15.43 -42.43 -20.68
N VAL F 31 14.78 -42.09 -21.82
CA VAL F 31 13.51 -41.38 -21.84
C VAL F 31 12.47 -42.28 -22.48
N PHE F 32 11.37 -42.48 -21.76
CA PHE F 32 10.28 -43.32 -22.17
C PHE F 32 9.04 -42.49 -22.52
N ASP F 33 8.64 -42.55 -23.79
CA ASP F 33 7.45 -41.86 -24.29
C ASP F 33 6.26 -42.84 -24.21
N CYS F 34 5.53 -42.78 -23.10
CA CYS F 34 4.55 -43.82 -22.78
C CYS F 34 3.21 -43.55 -23.44
N GLU F 35 3.15 -43.80 -24.74
CA GLU F 35 1.92 -43.66 -25.52
C GLU F 35 1.00 -44.83 -25.21
N LEU F 36 0.18 -44.68 -24.18
CA LEU F 36 -0.61 -45.80 -23.65
C LEU F 36 -1.59 -46.38 -24.69
N LYS F 37 -2.02 -45.56 -25.63
CA LYS F 37 -2.93 -46.00 -26.70
C LYS F 37 -2.37 -47.18 -27.49
N LYS F 38 -1.03 -47.26 -27.60
CA LYS F 38 -0.38 -48.42 -28.21
C LYS F 38 -0.76 -49.71 -27.52
N ARG F 39 -0.95 -49.68 -26.21
CA ARG F 39 -1.28 -50.89 -25.45
C ARG F 39 -2.72 -50.93 -24.92
N ASP F 40 -3.44 -49.81 -24.99
CA ASP F 40 -4.77 -49.66 -24.40
C ASP F 40 -5.49 -48.48 -25.06
N GLN F 41 -6.50 -48.78 -25.88
CA GLN F 41 -7.20 -47.71 -26.63
C GLN F 41 -8.10 -46.82 -25.76
N THR F 42 -8.58 -47.35 -24.63
CA THR F 42 -9.39 -46.56 -23.68
C THR F 42 -8.60 -45.42 -23.01
N MET F 43 -7.28 -45.39 -23.15
CA MET F 43 -6.40 -44.48 -22.45
C MET F 43 -5.83 -43.53 -23.44
N SER F 44 -6.66 -43.11 -24.35
CA SER F 44 -6.27 -42.75 -25.65
C SER F 44 -5.22 -41.69 -25.70
N SER F 45 -5.37 -40.61 -24.99
CA SER F 45 -4.48 -39.50 -25.19
C SER F 45 -3.37 -39.45 -24.12
N TYR F 46 -3.74 -39.94 -22.98
CA TYR F 46 -2.89 -40.00 -21.80
C TYR F 46 -1.52 -40.60 -22.16
N ASN F 47 -0.45 -39.93 -21.77
CA ASN F 47 0.90 -40.23 -22.25
C ASN F 47 1.94 -39.88 -21.17
N PRO F 48 2.12 -40.77 -20.17
CA PRO F 48 3.17 -40.47 -19.18
C PRO F 48 4.54 -40.37 -19.85
N VAL F 49 5.44 -39.61 -19.22
CA VAL F 49 6.82 -39.51 -19.71
C VAL F 49 7.72 -39.85 -18.53
N LEU F 50 8.51 -40.92 -18.67
CA LEU F 50 9.32 -41.45 -17.58
C LEU F 50 10.78 -41.37 -17.99
N ILE F 51 11.67 -41.29 -17.01
CA ILE F 51 13.10 -41.37 -17.29
C ILE F 51 13.75 -42.36 -16.35
N ARG F 52 14.92 -42.84 -16.72
CA ARG F 52 15.75 -43.60 -15.81
C ARG F 52 17.17 -43.08 -15.93
N VAL F 53 17.77 -42.71 -14.81
CA VAL F 53 19.13 -42.17 -14.77
C VAL F 53 20.07 -43.29 -14.28
N ASN F 54 21.04 -43.69 -15.11
CA ASN F 54 21.93 -44.79 -14.78
C ASN F 54 23.28 -44.26 -14.40
N THR F 55 23.98 -44.99 -13.52
CA THR F 55 25.32 -44.62 -13.06
C THR F 55 26.34 -45.72 -13.32
N ASP F 56 27.62 -45.39 -13.19
CA ASP F 56 28.69 -46.35 -13.38
C ASP F 56 28.82 -47.28 -12.16
N SER F 57 28.09 -46.99 -11.10
CA SER F 57 28.06 -47.85 -9.93
C SER F 57 27.00 -48.93 -10.07
N GLY F 58 26.21 -48.90 -11.14
CA GLY F 58 25.11 -49.83 -11.31
C GLY F 58 23.79 -49.40 -10.66
N LEU F 59 23.82 -48.40 -9.78
CA LEU F 59 22.59 -47.84 -9.25
C LEU F 59 21.91 -46.99 -10.31
N SER F 60 20.58 -47.09 -10.38
CA SER F 60 19.78 -46.25 -11.27
CA SER F 60 19.81 -46.22 -11.25
C SER F 60 18.64 -45.62 -10.47
N GLY F 61 18.10 -44.52 -10.98
CA GLY F 61 16.96 -43.90 -10.36
C GLY F 61 15.97 -43.55 -11.42
N ILE F 62 14.68 -43.54 -11.06
CA ILE F 62 13.64 -43.24 -12.04
C ILE F 62 12.95 -41.93 -11.67
N GLY F 63 12.37 -41.27 -12.67
CA GLY F 63 11.64 -40.03 -12.49
C GLY F 63 10.56 -39.88 -13.53
N GLU F 64 9.83 -38.78 -13.46
CA GLU F 64 8.68 -38.57 -14.30
C GLU F 64 8.52 -37.09 -14.63
N VAL F 65 8.15 -36.85 -15.88
CA VAL F 65 7.84 -35.52 -16.42
C VAL F 65 6.30 -35.39 -16.38
N GLY F 66 5.80 -34.39 -15.65
CA GLY F 66 4.36 -34.32 -15.31
C GLY F 66 3.40 -33.84 -16.39
N LEU F 67 3.57 -34.32 -17.63
CA LEU F 67 2.80 -33.83 -18.80
C LEU F 67 1.99 -34.96 -19.45
N ALA F 68 1.42 -35.84 -18.62
CA ALA F 68 0.72 -37.02 -19.14
C ALA F 68 -0.62 -36.69 -19.80
N TYR F 69 -1.17 -35.50 -19.49
CA TYR F 69 -2.46 -35.08 -20.00
C TYR F 69 -2.31 -33.66 -20.56
N GLY F 70 -3.31 -33.18 -21.31
CA GLY F 70 -3.16 -31.89 -21.99
C GLY F 70 -2.15 -31.93 -23.12
N ALA F 71 -1.76 -30.77 -23.63
CA ALA F 71 -0.85 -30.71 -24.77
C ALA F 71 0.55 -30.50 -24.23
N GLY F 72 1.38 -31.52 -24.30
CA GLY F 72 2.76 -31.34 -23.83
C GLY F 72 3.67 -32.55 -23.67
N ALA F 73 3.13 -33.77 -23.81
CA ALA F 73 3.97 -34.98 -23.63
C ALA F 73 5.20 -34.99 -24.54
N LYS F 74 5.06 -34.64 -25.83
CA LYS F 74 6.23 -34.67 -26.73
C LYS F 74 7.26 -33.58 -26.41
N ALA F 75 6.76 -32.42 -25.94
CA ALA F 75 7.61 -31.38 -25.41
C ALA F 75 8.37 -31.93 -24.19
N GLY F 76 7.67 -32.70 -23.36
CA GLY F 76 8.29 -33.35 -22.15
C GLY F 76 9.43 -34.32 -22.50
N VAL F 77 9.23 -35.13 -23.55
CA VAL F 77 10.32 -35.99 -24.05
C VAL F 77 11.51 -35.13 -24.52
N GLY F 78 11.20 -34.08 -25.27
CA GLY F 78 12.24 -33.18 -25.81
C GLY F 78 13.10 -32.49 -24.75
N ILE F 79 12.47 -32.03 -23.68
CA ILE F 79 13.22 -31.30 -22.63
C ILE F 79 14.23 -32.22 -21.95
N ILE F 80 13.92 -33.52 -21.86
CA ILE F 80 14.90 -34.45 -21.32
C ILE F 80 16.10 -34.57 -22.30
N ARG F 81 15.82 -34.56 -23.60
CA ARG F 81 16.90 -34.58 -24.60
C ARG F 81 17.75 -33.32 -24.51
N ASP F 82 17.15 -32.20 -24.10
CA ASP F 82 17.87 -30.93 -23.91
C ASP F 82 18.71 -30.87 -22.63
N LEU F 83 18.17 -31.42 -21.55
CA LEU F 83 18.80 -31.30 -20.23
C LEU F 83 19.79 -32.40 -19.92
N ALA F 84 19.39 -33.65 -20.18
CA ALA F 84 20.21 -34.83 -19.81
C ALA F 84 21.69 -34.76 -20.28
N PRO F 85 21.96 -34.27 -21.50
CA PRO F 85 23.39 -34.26 -21.90
C PRO F 85 24.25 -33.51 -20.92
N LEU F 86 23.66 -32.51 -20.25
CA LEU F 86 24.43 -31.63 -19.39
C LEU F 86 24.97 -32.36 -18.16
N ILE F 87 24.33 -33.46 -17.78
CA ILE F 87 24.76 -34.17 -16.56
C ILE F 87 25.41 -35.55 -16.77
N VAL F 88 25.52 -35.99 -18.01
CA VAL F 88 26.27 -37.21 -18.30
C VAL F 88 27.72 -36.97 -17.85
N GLY F 89 28.26 -37.91 -17.07
CA GLY F 89 29.61 -37.83 -16.55
C GLY F 89 29.72 -37.09 -15.21
N GLU F 90 28.59 -36.61 -14.69
CA GLU F 90 28.59 -35.86 -13.44
C GLU F 90 28.19 -36.73 -12.25
N ASP F 91 28.53 -36.28 -11.05
CA ASP F 91 28.28 -36.99 -9.81
C ASP F 91 26.80 -36.73 -9.44
N PRO F 92 25.98 -37.79 -9.45
CA PRO F 92 24.52 -37.66 -9.18
C PRO F 92 24.18 -37.15 -7.76
N LEU F 93 25.15 -37.28 -6.84
CA LEU F 93 24.90 -36.98 -5.42
C LEU F 93 24.76 -35.48 -5.12
N ASN F 94 25.32 -34.64 -6.02
CA ASN F 94 25.26 -33.17 -5.86
C ASN F 94 23.96 -32.61 -6.40
N ILE F 95 22.86 -32.99 -5.74
CA ILE F 95 21.48 -32.71 -6.17
C ILE F 95 21.11 -31.20 -6.15
N GLU F 96 21.51 -30.46 -5.12
CA GLU F 96 21.31 -29.00 -5.08
C GLU F 96 22.14 -28.33 -6.20
N LYS F 97 23.37 -28.79 -6.37
CA LYS F 97 24.22 -28.22 -7.41
C LYS F 97 23.68 -28.40 -8.84
N ILE F 98 23.22 -29.61 -9.15
CA ILE F 98 22.61 -29.91 -10.43
C ILE F 98 21.35 -29.05 -10.65
N TRP F 99 20.47 -29.02 -9.66
CA TRP F 99 19.26 -28.20 -9.72
C TRP F 99 19.59 -26.76 -10.02
N GLU F 100 20.54 -26.22 -9.26
CA GLU F 100 20.94 -24.82 -9.39
C GLU F 100 21.57 -24.56 -10.78
N PHE F 101 22.31 -25.55 -11.31
CA PHE F 101 22.86 -25.44 -12.67
C PHE F 101 21.76 -25.38 -13.75
N PHE F 102 20.75 -26.24 -13.64
CA PHE F 102 19.65 -26.18 -14.61
C PHE F 102 18.95 -24.82 -14.52
N PHE F 103 18.80 -24.31 -13.30
CA PHE F 103 18.11 -23.01 -13.07
C PHE F 103 18.93 -21.86 -13.65
N ARG F 104 20.24 -21.91 -13.49
CA ARG F 104 21.09 -20.74 -13.71
C ARG F 104 21.84 -20.73 -15.05
N LYS F 105 22.16 -21.91 -15.56
CA LYS F 105 23.14 -21.96 -16.64
C LYS F 105 22.61 -22.58 -17.93
N THR F 106 21.30 -22.47 -18.17
CA THR F 106 20.64 -23.05 -19.33
C THR F 106 19.87 -22.01 -20.13
N PHE F 107 19.99 -20.76 -19.69
CA PHE F 107 19.18 -19.62 -20.15
C PHE F 107 17.72 -19.71 -19.68
N TRP F 108 17.01 -20.74 -20.13
CA TRP F 108 15.56 -20.87 -19.86
C TRP F 108 15.21 -21.20 -18.45
N GLY F 109 16.16 -21.73 -17.68
CA GLY F 109 15.93 -22.01 -16.25
C GLY F 109 15.47 -20.79 -15.49
N MET F 110 15.96 -19.63 -15.90
CA MET F 110 15.52 -18.37 -15.24
C MET F 110 14.29 -17.71 -15.90
N GLY F 111 13.64 -18.40 -16.84
CA GLY F 111 12.35 -17.95 -17.37
C GLY F 111 11.62 -19.13 -17.97
N GLY F 112 11.52 -20.21 -17.19
CA GLY F 112 11.05 -21.49 -17.72
C GLY F 112 9.54 -21.55 -17.78
N GLY F 113 8.98 -22.62 -17.22
CA GLY F 113 7.53 -22.85 -17.22
C GLY F 113 7.28 -24.33 -17.08
N ASN F 114 6.10 -24.80 -17.48
CA ASN F 114 5.74 -26.16 -17.16
C ASN F 114 6.68 -27.19 -17.75
N VAL F 115 7.08 -27.00 -19.00
CA VAL F 115 7.94 -27.98 -19.65
C VAL F 115 9.34 -27.97 -19.07
N PHE F 116 9.96 -26.78 -19.01
CA PHE F 116 11.33 -26.69 -18.55
C PHE F 116 11.45 -27.22 -17.10
N TYR F 117 10.55 -26.78 -16.23
CA TYR F 117 10.63 -27.20 -14.82
C TYR F 117 10.23 -28.68 -14.64
N ALA F 118 9.38 -29.20 -15.53
CA ALA F 118 9.08 -30.65 -15.55
C ALA F 118 10.34 -31.47 -15.90
N GLY F 119 11.18 -30.92 -16.77
CA GLY F 119 12.44 -31.60 -17.13
C GLY F 119 13.34 -31.71 -15.90
N MET F 120 13.53 -30.56 -15.25
CA MET F 120 14.29 -30.47 -14.00
C MET F 120 13.73 -31.42 -12.96
N SER F 121 12.40 -31.43 -12.84
CA SER F 121 11.72 -32.25 -11.86
C SER F 121 12.04 -33.74 -12.05
N ALA F 122 11.91 -34.23 -13.29
CA ALA F 122 12.08 -35.65 -13.52
C ALA F 122 13.50 -36.08 -13.16
N ILE F 123 14.49 -35.31 -13.61
CA ILE F 123 15.87 -35.59 -13.27
C ILE F 123 16.10 -35.53 -11.74
N ASP F 124 15.52 -34.51 -11.10
CA ASP F 124 15.64 -34.38 -9.65
C ASP F 124 15.11 -35.61 -8.92
N ILE F 125 13.93 -36.08 -9.33
CA ILE F 125 13.30 -37.21 -8.66
C ILE F 125 14.18 -38.44 -8.80
N ALA F 126 14.74 -38.61 -10.00
CA ALA F 126 15.65 -39.73 -10.27
C ALA F 126 16.88 -39.68 -9.37
N LEU F 127 17.40 -38.48 -9.09
CA LEU F 127 18.60 -38.33 -8.27
C LEU F 127 18.32 -38.66 -6.80
N TRP F 128 17.14 -38.25 -6.30
CA TRP F 128 16.73 -38.68 -4.97
C TRP F 128 16.58 -40.18 -4.87
N ASP F 129 16.03 -40.81 -5.91
CA ASP F 129 15.93 -42.28 -5.95
C ASP F 129 17.33 -42.89 -5.78
N ILE F 130 18.28 -42.43 -6.60
CA ILE F 130 19.66 -42.89 -6.51
C ILE F 130 20.27 -42.68 -5.11
N LYS F 131 20.13 -41.47 -4.56
CA LYS F 131 20.75 -41.14 -3.27
C LYS F 131 20.14 -42.03 -2.16
N GLY F 132 18.82 -42.23 -2.19
CA GLY F 132 18.16 -43.16 -1.27
C GLY F 132 18.69 -44.60 -1.37
N LYS F 133 18.87 -45.09 -2.60
CA LYS F 133 19.44 -46.45 -2.79
C LYS F 133 20.88 -46.52 -2.28
N TYR F 134 21.66 -45.49 -2.58
CA TYR F 134 23.03 -45.38 -2.13
C TYR F 134 23.16 -45.40 -0.61
N LEU F 135 22.24 -44.71 0.08
CA LEU F 135 22.29 -44.59 1.53
C LEU F 135 21.48 -45.67 2.23
N GLY F 136 20.77 -46.48 1.44
CA GLY F 136 20.03 -47.62 1.95
C GLY F 136 18.72 -47.30 2.65
N VAL F 137 18.15 -46.13 2.37
CA VAL F 137 16.92 -45.69 3.06
C VAL F 137 15.88 -45.13 2.11
N PRO F 138 14.58 -45.23 2.47
CA PRO F 138 13.54 -44.61 1.67
C PRO F 138 13.69 -43.08 1.64
N VAL F 139 13.28 -42.49 0.52
CA VAL F 139 13.41 -41.06 0.31
C VAL F 139 12.83 -40.21 1.46
N TYR F 140 11.68 -40.60 2.04
CA TYR F 140 11.15 -39.81 3.14
C TYR F 140 12.14 -39.66 4.29
N GLN F 141 13.02 -40.65 4.49
CA GLN F 141 14.08 -40.50 5.52
C GLN F 141 15.02 -39.36 5.22
N LEU F 142 15.39 -39.23 3.95
CA LEU F 142 16.28 -38.18 3.50
C LEU F 142 15.55 -36.84 3.50
N LEU F 143 14.23 -36.88 3.49
CA LEU F 143 13.46 -35.63 3.55
C LEU F 143 13.12 -35.14 4.97
N GLY F 144 13.54 -35.88 6.00
CA GLY F 144 13.30 -35.49 7.39
C GLY F 144 12.66 -36.52 8.30
N GLY F 145 12.37 -37.71 7.71
CA GLY F 145 11.94 -38.87 8.49
C GLY F 145 10.42 -39.06 8.45
N LYS F 146 9.91 -39.92 9.33
CA LYS F 146 8.51 -40.28 9.26
C LYS F 146 7.67 -39.34 10.13
N THR F 147 7.22 -38.25 9.51
CA THR F 147 6.44 -37.25 10.24
C THR F 147 4.97 -37.71 10.34
N ASN F 148 4.47 -38.27 9.24
CA ASN F 148 3.08 -38.70 9.12
C ASN F 148 3.06 -40.19 8.82
N GLU F 149 2.45 -40.96 9.73
CA GLU F 149 2.41 -42.42 9.64
C GLU F 149 1.41 -42.91 8.61
N LYS F 150 0.32 -42.17 8.46
CA LYS F 150 -0.65 -42.49 7.43
C LYS F 150 -1.17 -41.19 6.82
N LEU F 151 -1.67 -41.28 5.61
CA LEU F 151 -2.03 -40.09 4.87
C LEU F 151 -3.49 -40.14 4.45
N ARG F 152 -4.31 -39.27 5.03
CA ARG F 152 -5.69 -39.11 4.60
C ARG F 152 -5.71 -38.88 3.09
N THR F 153 -6.58 -39.62 2.40
CA THR F 153 -6.64 -39.63 0.94
C THR F 153 -8.06 -39.36 0.46
N TYR F 154 -8.17 -38.57 -0.59
CA TYR F 154 -9.43 -38.34 -1.26
C TYR F 154 -9.54 -38.98 -2.66
N ALA F 155 -10.77 -39.33 -3.01
CA ALA F 155 -11.11 -39.89 -4.32
C ALA F 155 -11.30 -38.73 -5.30
N SER F 156 -10.45 -38.69 -6.32
CA SER F 156 -10.31 -37.51 -7.15
C SER F 156 -10.97 -37.59 -8.54
N GLN F 157 -11.65 -36.52 -8.92
CA GLN F 157 -12.23 -36.26 -10.26
C GLN F 157 -13.46 -37.13 -10.52
N LEU F 158 -14.46 -37.02 -9.65
CA LEU F 158 -15.64 -37.88 -9.73
C LEU F 158 -16.58 -37.60 -10.91
N GLN F 159 -16.35 -36.49 -11.63
CA GLN F 159 -17.06 -36.24 -12.89
C GLN F 159 -16.80 -37.37 -13.91
N PHE F 160 -15.76 -38.16 -13.66
CA PHE F 160 -15.42 -39.30 -14.50
C PHE F 160 -15.80 -40.61 -13.83
N GLY F 161 -16.71 -40.53 -12.86
CA GLY F 161 -17.18 -41.70 -12.15
C GLY F 161 -16.16 -42.26 -11.19
N TRP F 162 -16.56 -43.30 -10.47
CA TRP F 162 -15.68 -43.98 -9.55
C TRP F 162 -15.94 -45.44 -9.61
N GLY F 163 -14.88 -46.25 -9.71
CA GLY F 163 -14.99 -47.70 -9.62
C GLY F 163 -15.70 -48.40 -10.76
N ASP F 164 -16.85 -49.01 -10.46
CA ASP F 164 -17.66 -49.84 -11.38
C ASP F 164 -18.19 -49.08 -12.60
N LYS F 165 -18.44 -47.79 -12.43
CA LYS F 165 -19.00 -46.94 -13.49
C LYS F 165 -18.01 -45.82 -13.83
N ARG F 166 -17.02 -46.13 -14.66
CA ARG F 166 -16.00 -45.15 -15.03
C ARG F 166 -16.22 -44.53 -16.43
N HIS F 167 -16.89 -43.38 -16.43
CA HIS F 167 -17.24 -42.64 -17.64
C HIS F 167 -17.69 -41.23 -17.34
N ILE F 168 -17.93 -40.44 -18.39
CA ILE F 168 -18.32 -39.04 -18.25
C ILE F 168 -19.72 -38.91 -17.64
N LEU F 169 -19.83 -38.21 -16.51
CA LEU F 169 -21.10 -38.07 -15.80
C LEU F 169 -21.76 -36.75 -16.12
N VAL F 170 -23.09 -36.78 -16.26
CA VAL F 170 -23.86 -35.60 -16.67
C VAL F 170 -24.94 -35.24 -15.67
N THR F 171 -25.80 -36.19 -15.30
CA THR F 171 -26.94 -35.89 -14.41
C THR F 171 -26.54 -35.86 -12.93
N PRO F 172 -27.28 -35.07 -12.11
CA PRO F 172 -26.93 -35.04 -10.69
C PRO F 172 -26.98 -36.41 -10.03
N GLU F 173 -27.93 -37.25 -10.45
CA GLU F 173 -28.07 -38.61 -9.93
C GLU F 173 -26.82 -39.42 -10.20
N GLU F 174 -26.25 -39.28 -11.39
CA GLU F 174 -24.98 -39.93 -11.69
C GLU F 174 -23.87 -39.47 -10.75
N TYR F 175 -23.82 -38.17 -10.47
CA TYR F 175 -22.81 -37.61 -9.57
C TYR F 175 -22.97 -38.16 -8.15
N ALA F 176 -24.22 -38.27 -7.69
CA ALA F 176 -24.52 -38.77 -6.35
C ALA F 176 -24.04 -40.21 -6.22
N GLU F 177 -24.23 -40.98 -7.30
CA GLU F 177 -23.83 -42.38 -7.34
C GLU F 177 -22.30 -42.56 -7.30
N ALA F 178 -21.56 -41.73 -8.02
CA ALA F 178 -20.10 -41.78 -7.90
C ALA F 178 -19.65 -41.44 -6.47
N ALA F 179 -20.30 -40.46 -5.86
CA ALA F 179 -20.02 -40.07 -4.46
C ALA F 179 -20.24 -41.24 -3.49
N ARG F 180 -21.41 -41.89 -3.57
CA ARG F 180 -21.67 -43.09 -2.77
C ARG F 180 -20.60 -44.16 -2.99
N ALA F 181 -20.23 -44.40 -4.25
CA ALA F 181 -19.22 -45.41 -4.61
C ALA F 181 -17.91 -45.13 -3.90
N ALA F 182 -17.50 -43.87 -3.89
CA ALA F 182 -16.25 -43.50 -3.26
C ALA F 182 -16.37 -43.74 -1.76
N LEU F 183 -17.50 -43.34 -1.16
CA LEU F 183 -17.69 -43.55 0.27
C LEU F 183 -17.69 -45.04 0.61
N ASP F 184 -18.32 -45.83 -0.24
CA ASP F 184 -18.35 -47.29 -0.05
C ASP F 184 -16.99 -47.91 -0.24
N ASP F 185 -16.11 -47.18 -0.91
CA ASP F 185 -14.72 -47.57 -1.08
C ASP F 185 -13.84 -47.17 0.13
N GLY F 186 -14.42 -46.47 1.09
CA GLY F 186 -13.73 -46.12 2.35
C GLY F 186 -13.16 -44.70 2.41
N TYR F 187 -13.44 -43.88 1.38
CA TYR F 187 -12.99 -42.48 1.37
C TYR F 187 -13.94 -41.60 2.19
N ASP F 188 -13.39 -40.63 2.92
CA ASP F 188 -14.25 -39.65 3.65
C ASP F 188 -14.11 -38.23 3.07
N ALA F 189 -13.44 -38.19 1.91
CA ALA F 189 -13.28 -36.99 1.09
C ALA F 189 -13.31 -37.34 -0.42
N ILE F 190 -13.91 -36.44 -1.20
CA ILE F 190 -13.98 -36.62 -2.66
C ILE F 190 -13.65 -35.25 -3.30
N LYS F 191 -13.19 -35.29 -4.56
CA LYS F 191 -13.06 -34.11 -5.38
C LYS F 191 -13.81 -34.27 -6.69
N VAL F 192 -14.50 -33.21 -7.08
CA VAL F 192 -15.31 -33.20 -8.29
C VAL F 192 -15.24 -31.84 -8.99
N ASP F 193 -15.23 -31.85 -10.32
CA ASP F 193 -15.40 -30.61 -11.07
C ASP F 193 -16.82 -30.65 -11.59
N PRO F 194 -17.71 -29.82 -11.01
CA PRO F 194 -19.13 -29.88 -11.31
C PRO F 194 -19.51 -29.07 -12.56
N LEU F 195 -18.54 -28.44 -13.21
CA LEU F 195 -18.83 -27.58 -14.35
C LEU F 195 -18.09 -28.00 -15.63
N GLU F 196 -17.09 -28.88 -15.49
CA GLU F 196 -16.29 -29.34 -16.63
C GLU F 196 -17.15 -29.99 -17.74
N ILE F 197 -18.16 -30.78 -17.34
CA ILE F 197 -18.99 -31.50 -18.29
C ILE F 197 -20.25 -30.70 -18.54
N ASP F 198 -20.53 -30.38 -19.80
CA ASP F 198 -21.74 -29.63 -20.12
C ASP F 198 -22.99 -30.54 -20.14
N ARG F 199 -24.13 -29.97 -20.51
CA ARG F 199 -25.39 -30.74 -20.53
C ARG F 199 -25.37 -31.89 -21.53
N ASN F 200 -24.45 -31.81 -22.50
CA ASN F 200 -24.40 -32.79 -23.58
C ASN F 200 -23.29 -33.81 -23.37
N GLY F 201 -22.63 -33.73 -22.22
CA GLY F 201 -21.52 -34.64 -21.92
C GLY F 201 -20.22 -34.24 -22.60
N ASP F 202 -20.16 -33.01 -23.14
CA ASP F 202 -18.91 -32.52 -23.70
C ASP F 202 -18.01 -31.98 -22.59
N ASP F 203 -16.71 -31.95 -22.84
CA ASP F 203 -15.72 -31.68 -21.80
C ASP F 203 -15.10 -30.31 -22.02
N CYS F 204 -15.49 -29.36 -21.17
CA CYS F 204 -15.09 -27.96 -21.35
C CYS F 204 -13.62 -27.67 -21.10
N VAL F 205 -12.90 -28.63 -20.51
CA VAL F 205 -11.47 -28.41 -20.28
C VAL F 205 -10.71 -28.52 -21.59
N PHE F 206 -11.20 -29.37 -22.50
CA PHE F 206 -10.42 -29.63 -23.73
C PHE F 206 -11.22 -29.41 -25.00
N GLN F 207 -12.46 -28.97 -24.86
CA GLN F 207 -13.31 -28.66 -26.01
C GLN F 207 -13.79 -27.20 -25.95
N ASN F 208 -14.01 -26.59 -27.10
CA ASN F 208 -14.56 -25.21 -27.14
C ASN F 208 -16.04 -25.23 -26.83
N ARG F 209 -16.36 -25.37 -25.56
CA ARG F 209 -17.73 -25.38 -25.07
C ARG F 209 -17.77 -24.37 -23.93
N ASN F 210 -18.93 -23.75 -23.72
CA ASN F 210 -19.09 -22.81 -22.60
C ASN F 210 -17.97 -21.78 -22.47
N ARG F 211 -17.57 -21.22 -23.60
CA ARG F 211 -16.55 -20.18 -23.56
C ARG F 211 -16.91 -18.98 -22.68
N ASN F 212 -18.21 -18.76 -22.44
CA ASN F 212 -18.65 -17.70 -21.54
C ASN F 212 -18.25 -17.92 -20.07
N TYR F 213 -17.79 -19.12 -19.74
CA TYR F 213 -17.28 -19.43 -18.38
C TYR F 213 -16.28 -18.41 -17.83
N SER F 214 -15.46 -17.81 -18.68
CA SER F 214 -14.40 -16.87 -18.28
CA SER F 214 -14.42 -16.91 -18.18
C SER F 214 -14.92 -15.49 -17.89
N GLY F 215 -16.22 -15.26 -18.13
CA GLY F 215 -16.90 -14.00 -17.82
C GLY F 215 -17.85 -14.19 -16.66
N LEU F 216 -19.14 -14.35 -16.99
CA LEU F 216 -20.20 -14.65 -16.02
C LEU F 216 -20.99 -15.89 -16.46
N LEU F 217 -21.39 -16.70 -15.49
CA LEU F 217 -22.21 -17.88 -15.78
C LEU F 217 -23.62 -17.51 -16.15
N LEU F 218 -24.18 -18.29 -17.07
CA LEU F 218 -25.61 -18.24 -17.39
C LEU F 218 -26.35 -19.04 -16.33
N ALA F 219 -27.64 -18.73 -16.17
CA ALA F 219 -28.46 -19.35 -15.14
C ALA F 219 -28.45 -20.87 -15.25
N ASP F 220 -28.58 -21.38 -16.47
CA ASP F 220 -28.58 -22.82 -16.69
C ASP F 220 -27.28 -23.46 -16.18
N GLN F 221 -26.15 -22.77 -16.40
CA GLN F 221 -24.86 -23.32 -16.02
C GLN F 221 -24.67 -23.35 -14.49
N LEU F 222 -25.09 -22.27 -13.84
CA LEU F 222 -25.12 -22.17 -12.40
C LEU F 222 -25.94 -23.31 -11.80
N LYS F 223 -27.15 -23.51 -12.31
CA LYS F 223 -28.03 -24.57 -11.84
C LYS F 223 -27.42 -25.94 -12.06
N MET F 224 -26.84 -26.15 -13.24
CA MET F 224 -26.20 -27.41 -13.58
C MET F 224 -25.13 -27.77 -12.55
N GLY F 225 -24.21 -26.82 -12.32
CA GLY F 225 -23.15 -27.01 -11.32
C GLY F 225 -23.67 -27.20 -9.90
N GLU F 226 -24.57 -26.34 -9.46
CA GLU F 226 -24.99 -26.39 -8.08
C GLU F 226 -25.81 -27.68 -7.84
N ALA F 227 -26.61 -28.08 -8.83
CA ALA F 227 -27.43 -29.32 -8.72
C ALA F 227 -26.57 -30.57 -8.52
N ARG F 228 -25.43 -30.62 -9.21
CA ARG F 228 -24.50 -31.75 -9.08
C ARG F 228 -23.87 -31.78 -7.66
N ILE F 229 -23.41 -30.63 -7.18
CA ILE F 229 -22.87 -30.55 -5.82
C ILE F 229 -23.95 -30.90 -4.76
N ALA F 230 -25.12 -30.29 -4.90
CA ALA F 230 -26.27 -30.57 -4.02
C ALA F 230 -26.57 -32.06 -3.92
N ALA F 231 -26.62 -32.75 -5.07
CA ALA F 231 -26.88 -34.20 -5.12
C ALA F 231 -25.78 -35.02 -4.41
N MET F 232 -24.51 -34.63 -4.61
CA MET F 232 -23.40 -35.27 -3.93
C MET F 232 -23.41 -35.05 -2.41
N ARG F 233 -23.66 -33.83 -1.96
CA ARG F 233 -23.76 -33.56 -0.52
C ARG F 233 -24.89 -34.39 0.11
N GLU F 234 -26.05 -34.38 -0.54
CA GLU F 234 -27.18 -35.15 -0.01
C GLU F 234 -26.82 -36.64 0.09
N ALA F 235 -26.29 -37.22 -0.98
CA ALA F 235 -25.85 -38.63 -0.94
C ALA F 235 -24.73 -38.94 0.07
N MET F 236 -23.81 -38.01 0.30
CA MET F 236 -22.64 -38.26 1.14
C MET F 236 -22.90 -38.12 2.64
N GLY F 237 -23.87 -37.31 3.00
CA GLY F 237 -24.03 -36.87 4.38
C GLY F 237 -23.19 -35.64 4.63
N ASP F 238 -23.31 -35.07 5.83
CA ASP F 238 -22.64 -33.80 6.13
C ASP F 238 -21.17 -33.88 6.52
N ASP F 239 -20.70 -35.07 6.89
CA ASP F 239 -19.38 -35.16 7.49
C ASP F 239 -18.26 -35.35 6.48
N ALA F 240 -18.52 -36.14 5.44
CA ALA F 240 -17.50 -36.37 4.40
C ALA F 240 -17.15 -35.06 3.69
N ASP F 241 -15.90 -34.88 3.28
CA ASP F 241 -15.54 -33.62 2.65
C ASP F 241 -15.70 -33.62 1.13
N ILE F 242 -16.05 -32.44 0.59
CA ILE F 242 -16.18 -32.23 -0.84
C ILE F 242 -15.20 -31.12 -1.22
N ILE F 243 -14.23 -31.47 -2.05
CA ILE F 243 -13.37 -30.49 -2.71
C ILE F 243 -14.01 -30.14 -4.07
N VAL F 244 -14.23 -28.86 -4.33
CA VAL F 244 -14.71 -28.46 -5.67
C VAL F 244 -13.56 -28.03 -6.57
N GLU F 245 -13.32 -28.79 -7.62
CA GLU F 245 -12.30 -28.53 -8.66
C GLU F 245 -12.90 -27.65 -9.78
N ILE F 246 -12.17 -26.65 -10.26
CA ILE F 246 -12.69 -25.79 -11.31
C ILE F 246 -11.80 -25.83 -12.57
N HIS F 247 -10.60 -26.37 -12.43
CA HIS F 247 -9.69 -26.49 -13.60
C HIS F 247 -9.41 -25.17 -14.28
N SER F 248 -9.42 -24.06 -13.53
CA SER F 248 -9.21 -22.71 -14.10
C SER F 248 -10.20 -22.37 -15.23
N LEU F 249 -11.39 -22.98 -15.22
CA LEU F 249 -12.35 -22.75 -16.31
C LEU F 249 -13.06 -21.44 -16.11
N LEU F 250 -13.19 -21.03 -14.85
CA LEU F 250 -13.89 -19.78 -14.54
C LEU F 250 -12.92 -18.60 -14.58
N GLY F 251 -13.47 -17.40 -14.67
CA GLY F 251 -12.74 -16.16 -14.47
C GLY F 251 -13.03 -15.61 -13.08
N THR F 252 -12.32 -14.56 -12.69
CA THR F 252 -12.47 -13.96 -11.36
C THR F 252 -13.97 -13.79 -11.00
N ASN F 253 -14.74 -13.20 -11.93
CA ASN F 253 -16.15 -12.91 -11.64
C ASN F 253 -17.08 -14.10 -11.53
N SER F 254 -16.99 -15.05 -12.48
CA SER F 254 -17.79 -16.28 -12.41
C SER F 254 -17.32 -17.21 -11.25
N ALA F 255 -16.02 -17.23 -10.97
CA ALA F 255 -15.48 -18.00 -9.79
C ALA F 255 -16.18 -17.59 -8.50
N ILE F 256 -16.32 -16.27 -8.31
CA ILE F 256 -16.95 -15.74 -7.14
C ILE F 256 -18.45 -16.04 -7.15
N GLN F 257 -19.10 -15.79 -8.29
CA GLN F 257 -20.50 -16.10 -8.54
C GLN F 257 -20.80 -17.56 -8.21
N PHE F 258 -19.98 -18.48 -8.73
CA PHE F 258 -20.23 -19.89 -8.49
C PHE F 258 -19.99 -20.27 -7.02
N ALA F 259 -18.92 -19.72 -6.42
CA ALA F 259 -18.62 -20.01 -5.00
C ALA F 259 -19.80 -19.63 -4.15
N LYS F 260 -20.42 -18.49 -4.44
CA LYS F 260 -21.57 -18.05 -3.63
C LYS F 260 -22.73 -19.01 -3.70
N ALA F 261 -22.92 -19.65 -4.84
CA ALA F 261 -24.02 -20.61 -5.02
C ALA F 261 -23.79 -21.96 -4.31
N ILE F 262 -22.53 -22.32 -4.09
CA ILE F 262 -22.23 -23.62 -3.47
C ILE F 262 -21.71 -23.53 -2.04
N GLU F 263 -21.58 -22.32 -1.50
CA GLU F 263 -21.10 -22.16 -0.13
C GLU F 263 -21.95 -22.96 0.84
N LYS F 264 -23.24 -23.03 0.56
CA LYS F 264 -24.18 -23.67 1.47
C LYS F 264 -23.93 -25.17 1.66
N TYR F 265 -23.08 -25.77 0.83
CA TYR F 265 -22.90 -27.23 0.88
C TYR F 265 -21.71 -27.60 1.73
N ARG F 266 -21.10 -26.58 2.37
CA ARG F 266 -19.93 -26.74 3.22
C ARG F 266 -18.76 -27.35 2.44
N ILE F 267 -18.13 -26.54 1.62
CA ILE F 267 -17.09 -27.00 0.70
C ILE F 267 -15.75 -26.97 1.42
N PHE F 268 -15.01 -28.07 1.34
CA PHE F 268 -13.71 -28.19 2.03
C PHE F 268 -12.67 -27.26 1.42
N LEU F 269 -12.47 -27.38 0.10
CA LEU F 269 -11.54 -26.54 -0.67
C LEU F 269 -12.13 -26.21 -2.03
N TYR F 270 -11.73 -25.05 -2.58
CA TYR F 270 -12.11 -24.58 -3.93
C TYR F 270 -10.79 -24.57 -4.75
N GLU F 271 -10.62 -25.54 -5.68
CA GLU F 271 -9.35 -25.71 -6.38
C GLU F 271 -9.34 -25.04 -7.76
N GLU F 272 -8.23 -24.37 -8.05
CA GLU F 272 -8.03 -23.70 -9.33
C GLU F 272 -9.28 -22.97 -9.79
N PRO F 273 -9.82 -22.06 -8.95
CA PRO F 273 -11.03 -21.35 -9.37
C PRO F 273 -10.77 -20.49 -10.60
N ILE F 274 -9.54 -19.99 -10.73
CA ILE F 274 -9.11 -19.27 -11.92
C ILE F 274 -7.67 -19.73 -12.13
N HIS F 275 -7.09 -19.39 -13.27
CA HIS F 275 -5.67 -19.68 -13.53
C HIS F 275 -4.70 -18.84 -12.69
N PRO F 276 -3.43 -19.25 -12.60
CA PRO F 276 -2.61 -18.53 -11.64
C PRO F 276 -1.77 -17.43 -12.28
N LEU F 277 -2.07 -17.07 -13.52
CA LEU F 277 -1.27 -16.07 -14.23
C LEU F 277 -1.48 -14.62 -13.75
N ASN F 278 -2.61 -14.34 -13.09
CA ASN F 278 -2.80 -13.01 -12.48
C ASN F 278 -3.00 -13.20 -10.97
N SER F 279 -1.94 -13.00 -10.21
CA SER F 279 -1.98 -13.28 -8.77
C SER F 279 -2.88 -12.31 -7.99
N ASP F 280 -3.04 -11.08 -8.50
CA ASP F 280 -3.98 -10.16 -7.88
C ASP F 280 -5.43 -10.62 -8.01
N ASN F 281 -5.76 -11.27 -9.13
CA ASN F 281 -7.10 -11.84 -9.26
C ASN F 281 -7.34 -12.99 -8.30
N MET F 282 -6.31 -13.80 -8.09
CA MET F 282 -6.39 -14.92 -7.12
C MET F 282 -6.65 -14.35 -5.74
N GLN F 283 -5.99 -13.26 -5.40
CA GLN F 283 -6.23 -12.66 -4.09
C GLN F 283 -7.68 -12.18 -3.98
N LYS F 284 -8.17 -11.54 -5.04
CA LYS F 284 -9.52 -11.06 -5.04
C LYS F 284 -10.56 -12.19 -4.84
N VAL F 285 -10.36 -13.30 -5.55
CA VAL F 285 -11.24 -14.45 -5.38
C VAL F 285 -11.18 -14.90 -3.93
N SER F 286 -9.98 -15.04 -3.38
CA SER F 286 -9.85 -15.51 -1.99
C SER F 286 -10.56 -14.61 -0.99
N ARG F 287 -10.62 -13.31 -1.25
CA ARG F 287 -11.28 -12.39 -0.31
C ARG F 287 -12.79 -12.30 -0.50
N SER F 288 -13.32 -12.95 -1.55
CA SER F 288 -14.70 -12.78 -1.92
C SER F 288 -15.54 -14.04 -1.71
N THR F 289 -14.91 -15.12 -1.26
CA THR F 289 -15.64 -16.31 -0.85
C THR F 289 -15.09 -16.82 0.49
N THR F 290 -15.94 -17.48 1.27
CA THR F 290 -15.52 -18.10 2.52
C THR F 290 -14.90 -19.49 2.26
N ILE F 291 -15.03 -20.02 1.04
CA ILE F 291 -14.41 -21.33 0.76
C ILE F 291 -12.90 -21.17 0.60
N PRO F 292 -12.09 -21.94 1.37
CA PRO F 292 -10.63 -21.83 1.26
C PRO F 292 -10.14 -22.23 -0.13
N ILE F 293 -9.13 -21.51 -0.64
CA ILE F 293 -8.67 -21.74 -2.01
C ILE F 293 -7.51 -22.72 -2.02
N ALA F 294 -7.53 -23.63 -2.99
CA ALA F 294 -6.34 -24.43 -3.33
C ALA F 294 -5.87 -24.16 -4.75
N THR F 295 -4.55 -24.12 -4.92
CA THR F 295 -4.01 -24.13 -6.29
C THR F 295 -2.59 -24.61 -6.23
N GLY F 296 -2.02 -24.92 -7.38
CA GLY F 296 -0.60 -25.15 -7.44
C GLY F 296 -0.12 -26.06 -8.53
N GLU F 297 -1.03 -26.84 -9.12
CA GLU F 297 -0.56 -27.76 -10.15
C GLU F 297 0.00 -27.05 -11.39
N ARG F 298 -0.47 -25.84 -11.66
CA ARG F 298 0.11 -24.99 -12.68
C ARG F 298 1.03 -23.87 -12.14
N SER F 299 1.61 -24.08 -10.94
CA SER F 299 2.55 -23.12 -10.31
C SER F 299 3.86 -23.83 -10.03
N TYR F 300 4.94 -23.27 -10.56
CA TYR F 300 6.21 -23.97 -10.55
C TYR F 300 7.28 -23.19 -9.79
N THR F 301 8.04 -23.93 -8.98
CA THR F 301 9.17 -23.42 -8.14
C THR F 301 8.71 -22.51 -7.01
N ARG F 302 9.62 -22.23 -6.07
CA ARG F 302 9.33 -21.24 -5.01
C ARG F 302 8.82 -19.92 -5.60
N TRP F 303 9.44 -19.45 -6.67
CA TRP F 303 9.04 -18.16 -7.26
C TRP F 303 7.62 -18.13 -7.71
N GLY F 304 7.09 -19.30 -8.11
CA GLY F 304 5.71 -19.43 -8.55
C GLY F 304 4.69 -19.37 -7.43
N TYR F 305 5.13 -19.52 -6.17
CA TYR F 305 4.22 -19.44 -5.02
C TYR F 305 4.34 -18.15 -4.23
N ARG F 306 5.37 -17.35 -4.53
CA ARG F 306 5.65 -16.16 -3.75
C ARG F 306 4.45 -15.22 -3.67
N GLU F 307 3.87 -14.87 -4.81
CA GLU F 307 2.80 -13.88 -4.83
C GLU F 307 1.51 -14.50 -4.31
N LEU F 308 1.33 -15.81 -4.50
CA LEU F 308 0.16 -16.50 -3.92
C LEU F 308 0.22 -16.46 -2.40
N LEU F 309 1.38 -16.77 -1.87
CA LEU F 309 1.59 -16.78 -0.44
C LEU F 309 1.60 -15.39 0.22
N GLU F 310 2.36 -14.47 -0.35
CA GLU F 310 2.47 -13.14 0.22
C GLU F 310 1.11 -12.45 0.24
N LYS F 311 0.27 -12.75 -0.74
CA LYS F 311 -1.03 -12.09 -0.86
C LYS F 311 -2.09 -12.86 -0.10
N GLN F 312 -1.65 -13.93 0.56
CA GLN F 312 -2.50 -14.71 1.46
C GLN F 312 -3.74 -15.23 0.74
N SER F 313 -3.52 -15.68 -0.49
CA SER F 313 -4.60 -16.07 -1.39
CA SER F 313 -4.61 -16.06 -1.37
C SER F 313 -4.98 -17.54 -1.32
N ILE F 314 -4.10 -18.37 -0.75
CA ILE F 314 -4.31 -19.84 -0.78
C ILE F 314 -4.20 -20.50 0.59
N ALA F 315 -5.14 -21.39 0.84
CA ALA F 315 -5.14 -22.21 2.04
C ALA F 315 -4.33 -23.46 1.87
N VAL F 316 -4.36 -24.03 0.67
CA VAL F 316 -3.65 -25.29 0.39
C VAL F 316 -2.84 -25.13 -0.89
N ALA F 317 -1.56 -25.47 -0.84
CA ALA F 317 -0.72 -25.51 -2.05
C ALA F 317 -0.65 -26.90 -2.66
N GLN F 318 -0.77 -26.98 -3.99
CA GLN F 318 -0.85 -28.28 -4.67
C GLN F 318 0.22 -28.44 -5.74
N PRO F 319 1.50 -28.27 -5.37
CA PRO F 319 2.51 -28.49 -6.41
C PRO F 319 2.52 -29.94 -6.95
N ASP F 320 2.81 -30.08 -8.24
CA ASP F 320 3.02 -31.42 -8.82
C ASP F 320 4.52 -31.59 -8.78
N LEU F 321 5.01 -32.62 -8.09
CA LEU F 321 6.47 -32.80 -7.95
C LEU F 321 7.15 -33.09 -9.28
N CYS F 322 6.36 -33.52 -10.26
CA CYS F 322 6.87 -33.79 -11.60
C CYS F 322 6.81 -32.53 -12.52
N LEU F 323 6.40 -31.39 -11.95
CA LEU F 323 6.39 -30.11 -12.66
C LEU F 323 7.10 -28.99 -11.91
N CYS F 324 6.94 -28.95 -10.59
CA CYS F 324 7.29 -27.75 -9.82
C CYS F 324 8.79 -27.57 -9.64
N GLY F 325 9.56 -28.57 -10.04
CA GLY F 325 11.01 -28.59 -9.83
C GLY F 325 11.49 -29.82 -9.10
N GLY F 326 10.60 -30.79 -8.86
CA GLY F 326 10.99 -32.07 -8.28
C GLY F 326 10.90 -32.14 -6.77
N ILE F 327 11.58 -33.12 -6.21
CA ILE F 327 11.60 -33.29 -4.77
C ILE F 327 12.36 -32.18 -4.05
N THR F 328 13.53 -31.79 -4.57
CA THR F 328 14.28 -30.68 -3.95
C THR F 328 13.47 -29.39 -3.84
N GLU F 329 12.85 -28.97 -4.93
CA GLU F 329 12.11 -27.72 -4.95
C GLU F 329 10.74 -27.91 -4.28
N GLY F 330 10.13 -29.06 -4.50
CA GLY F 330 8.83 -29.35 -3.85
C GLY F 330 8.93 -29.18 -2.33
N LYS F 331 9.97 -29.76 -1.74
CA LYS F 331 10.18 -29.65 -0.30
C LYS F 331 10.29 -28.17 0.09
N LYS F 332 11.08 -27.38 -0.65
CA LYS F 332 11.19 -25.94 -0.39
C LYS F 332 9.84 -25.21 -0.48
N ILE F 333 8.99 -25.60 -1.43
CA ILE F 333 7.64 -25.04 -1.56
C ILE F 333 6.78 -25.36 -0.33
N CYS F 334 6.84 -26.62 0.13
CA CYS F 334 6.11 -27.01 1.36
C CYS F 334 6.58 -26.20 2.57
N ASP F 335 7.91 -26.04 2.70
CA ASP F 335 8.51 -25.32 3.85
C ASP F 335 8.13 -23.85 3.85
N TYR F 336 8.02 -23.27 2.64
CA TYR F 336 7.64 -21.86 2.45
C TYR F 336 6.13 -21.68 2.79
N ALA F 337 5.31 -22.53 2.20
CA ALA F 337 3.85 -22.51 2.45
C ALA F 337 3.53 -22.52 3.93
N ASN F 338 4.27 -23.33 4.70
CA ASN F 338 4.08 -23.46 6.15
C ASN F 338 4.03 -22.16 6.91
N ILE F 339 4.86 -21.21 6.52
CA ILE F 339 4.89 -19.97 7.28
C ILE F 339 3.65 -19.09 7.09
N TYR F 340 2.83 -19.45 6.09
CA TYR F 340 1.56 -18.77 5.84
CA TYR F 340 1.57 -18.76 5.85
C TYR F 340 0.38 -19.62 6.26
N ASP F 341 0.64 -20.67 7.03
CA ASP F 341 -0.39 -21.65 7.45
C ASP F 341 -1.01 -22.35 6.24
N THR F 342 -0.27 -22.41 5.14
CA THR F 342 -0.77 -23.04 3.93
C THR F 342 -0.30 -24.48 4.00
N THR F 343 -1.24 -25.42 3.93
CA THR F 343 -0.87 -26.82 3.99
C THR F 343 -0.77 -27.38 2.58
N VAL F 344 -0.31 -28.63 2.48
CA VAL F 344 0.08 -29.19 1.19
C VAL F 344 -0.66 -30.48 0.81
N GLN F 345 -1.24 -30.48 -0.39
CA GLN F 345 -1.66 -31.71 -1.07
C GLN F 345 -0.92 -31.78 -2.39
N VAL F 346 0.02 -32.71 -2.51
CA VAL F 346 0.76 -32.87 -3.76
C VAL F 346 -0.20 -33.24 -4.91
N HIS F 347 -0.02 -32.60 -6.07
CA HIS F 347 -0.81 -32.93 -7.24
C HIS F 347 -0.30 -34.19 -7.87
N VAL F 348 -1.17 -35.18 -8.02
CA VAL F 348 -0.76 -36.50 -8.54
C VAL F 348 -1.72 -36.97 -9.64
N CYS F 349 -1.28 -36.87 -10.88
CA CYS F 349 -2.07 -37.37 -12.01
C CYS F 349 -1.14 -37.72 -13.15
N GLY F 350 -0.49 -38.88 -13.03
CA GLY F 350 0.50 -39.33 -14.01
C GLY F 350 0.72 -40.82 -13.88
N GLY F 351 1.97 -41.24 -13.97
CA GLY F 351 2.32 -42.63 -13.76
C GLY F 351 2.62 -42.94 -12.28
N PRO F 352 3.04 -44.18 -11.97
CA PRO F 352 3.29 -44.57 -10.58
C PRO F 352 4.50 -43.85 -9.95
N VAL F 353 5.39 -43.27 -10.76
CA VAL F 353 6.54 -42.56 -10.21
C VAL F 353 6.07 -41.29 -9.46
N SER F 354 5.19 -40.51 -10.11
CA SER F 354 4.54 -39.40 -9.45
C SER F 354 3.93 -39.80 -8.10
N THR F 355 3.23 -40.92 -8.06
CA THR F 355 2.61 -41.38 -6.82
C THR F 355 3.64 -41.57 -5.69
N VAL F 356 4.74 -42.27 -5.96
CA VAL F 356 5.68 -42.54 -4.86
C VAL F 356 6.49 -41.30 -4.47
N ALA F 357 6.79 -40.42 -5.43
CA ALA F 357 7.44 -39.15 -5.07
C ALA F 357 6.54 -38.38 -4.09
N ALA F 358 5.26 -38.31 -4.40
CA ALA F 358 4.28 -37.66 -3.52
C ALA F 358 4.26 -38.29 -2.12
N LEU F 359 4.17 -39.62 -2.06
CA LEU F 359 4.06 -40.32 -0.77
C LEU F 359 5.23 -40.02 0.15
N HIS F 360 6.44 -40.01 -0.42
CA HIS F 360 7.62 -39.71 0.37
C HIS F 360 7.61 -38.31 0.89
N MET F 361 7.23 -37.37 0.03
CA MET F 361 7.17 -35.98 0.40
C MET F 361 6.15 -35.77 1.51
N GLU F 362 4.97 -36.31 1.31
CA GLU F 362 3.88 -36.09 2.27
C GLU F 362 4.16 -36.76 3.62
N THR F 363 4.87 -37.88 3.60
CA THR F 363 5.27 -38.55 4.84
C THR F 363 6.20 -37.67 5.69
N ALA F 364 7.07 -36.89 5.04
CA ALA F 364 8.07 -36.11 5.75
C ALA F 364 7.61 -34.72 6.21
N ILE F 365 6.80 -34.04 5.41
CA ILE F 365 6.51 -32.63 5.70
C ILE F 365 5.48 -32.54 6.83
N PRO F 366 5.66 -31.56 7.74
CA PRO F 366 4.69 -31.34 8.83
C PRO F 366 3.36 -30.71 8.41
N ASN F 367 3.32 -30.09 7.24
CA ASN F 367 2.11 -29.36 6.80
C ASN F 367 1.36 -30.08 5.69
N PHE F 368 1.37 -31.40 5.73
CA PHE F 368 0.56 -32.22 4.86
C PHE F 368 -0.90 -32.07 5.27
N ILE F 369 -1.81 -31.94 4.30
CA ILE F 369 -3.23 -31.93 4.62
C ILE F 369 -3.98 -33.18 4.11
N ILE F 370 -3.77 -33.55 2.85
CA ILE F 370 -4.58 -34.61 2.24
C ILE F 370 -3.89 -35.06 0.98
N HIS F 371 -4.13 -36.32 0.59
CA HIS F 371 -3.52 -36.91 -0.59
C HIS F 371 -4.55 -37.17 -1.67
N GLU F 372 -4.16 -36.86 -2.91
CA GLU F 372 -5.03 -37.04 -4.08
C GLU F 372 -4.92 -38.44 -4.68
N HIS F 373 -6.04 -39.19 -4.69
CA HIS F 373 -6.05 -40.47 -5.43
C HIS F 373 -6.88 -40.42 -6.68
N HIS F 374 -6.19 -40.35 -7.81
CA HIS F 374 -6.88 -40.16 -9.10
C HIS F 374 -7.70 -41.34 -9.55
N THR F 375 -8.81 -41.05 -10.24
CA THR F 375 -9.77 -42.05 -10.67
C THR F 375 -9.19 -43.13 -11.63
N ASN F 376 -8.11 -42.80 -12.35
CA ASN F 376 -7.46 -43.75 -13.26
CA ASN F 376 -7.43 -43.72 -13.27
C ASN F 376 -6.21 -44.45 -12.70
N ALA F 377 -5.96 -44.27 -11.41
CA ALA F 377 -4.76 -44.83 -10.79
C ALA F 377 -4.66 -46.37 -10.82
N MET F 378 -5.81 -47.04 -10.93
CA MET F 378 -5.85 -48.50 -10.98
C MET F 378 -5.83 -49.07 -12.41
N LYS F 379 -5.78 -48.21 -13.43
CA LYS F 379 -5.75 -48.70 -14.82
C LYS F 379 -4.55 -49.61 -15.04
N ALA F 380 -4.79 -50.75 -15.72
CA ALA F 380 -3.73 -51.70 -16.02
C ALA F 380 -2.55 -51.07 -16.78
N SER F 381 -2.85 -50.19 -17.75
CA SER F 381 -1.82 -49.61 -18.60
C SER F 381 -0.95 -48.61 -17.83
N ILE F 382 -1.51 -48.10 -16.73
CA ILE F 382 -0.77 -47.20 -15.83
C ILE F 382 0.08 -48.04 -14.87
N ARG F 383 -0.56 -48.96 -14.15
CA ARG F 383 0.14 -49.80 -13.16
C ARG F 383 1.30 -50.60 -13.75
N GLU F 384 1.12 -51.11 -14.97
CA GLU F 384 2.12 -51.98 -15.58
C GLU F 384 3.42 -51.27 -15.95
N LEU F 385 3.42 -49.94 -15.89
CA LEU F 385 4.65 -49.19 -16.16
C LEU F 385 5.72 -49.49 -15.12
N CYS F 386 5.29 -49.87 -13.90
CA CYS F 386 6.21 -50.05 -12.77
C CYS F 386 6.02 -51.38 -12.05
N THR F 387 6.98 -51.74 -11.19
CA THR F 387 7.05 -53.10 -10.63
C THR F 387 6.26 -53.26 -9.33
N HIS F 388 5.99 -52.16 -8.65
CA HIS F 388 5.26 -52.16 -7.37
C HIS F 388 3.95 -51.43 -7.48
N ASP F 389 3.02 -51.76 -6.58
CA ASP F 389 1.70 -51.14 -6.60
C ASP F 389 1.37 -50.54 -5.23
N TYR F 390 1.36 -49.21 -5.14
CA TYR F 390 0.97 -48.56 -3.89
C TYR F 390 -0.39 -47.96 -4.04
N GLN F 391 -1.31 -48.42 -3.20
CA GLN F 391 -2.71 -48.02 -3.29
C GLN F 391 -3.22 -47.71 -1.89
N PRO F 392 -4.23 -46.81 -1.76
CA PRO F 392 -4.74 -46.55 -0.41
C PRO F 392 -5.61 -47.70 0.06
N GLU F 393 -5.92 -47.75 1.35
CA GLU F 393 -6.83 -48.72 1.92
C GLU F 393 -7.64 -47.97 2.94
N ASN F 394 -8.97 -48.06 2.85
CA ASN F 394 -9.85 -47.44 3.84
C ASN F 394 -9.59 -45.92 3.94
N GLY F 395 -9.18 -45.31 2.83
CA GLY F 395 -9.05 -43.86 2.76
C GLY F 395 -7.70 -43.36 3.24
N TYR F 396 -6.74 -44.28 3.37
CA TYR F 396 -5.38 -43.92 3.82
C TYR F 396 -4.30 -44.58 3.00
N TYR F 397 -3.26 -43.79 2.74
CA TYR F 397 -2.02 -44.24 2.14
C TYR F 397 -0.93 -44.35 3.18
N VAL F 398 0.04 -45.22 2.94
CA VAL F 398 1.28 -45.24 3.73
C VAL F 398 2.48 -45.18 2.79
N ALA F 399 3.65 -44.83 3.32
CA ALA F 399 4.85 -44.64 2.48
C ALA F 399 5.44 -45.98 2.10
N PRO F 400 6.16 -46.03 0.94
CA PRO F 400 6.99 -47.19 0.65
C PRO F 400 8.13 -47.21 1.66
N GLU F 401 8.65 -48.41 1.93
CA GLU F 401 9.70 -48.60 2.92
C GLU F 401 11.03 -49.10 2.35
N GLN F 402 11.12 -49.22 1.04
CA GLN F 402 12.32 -49.75 0.40
C GLN F 402 13.36 -48.64 0.27
N PRO F 403 14.63 -48.99 -0.01
CA PRO F 403 15.57 -47.89 -0.28
C PRO F 403 15.15 -47.06 -1.51
N GLY F 404 15.40 -45.76 -1.48
CA GLY F 404 15.06 -44.89 -2.60
C GLY F 404 13.56 -44.67 -2.64
N LEU F 405 13.01 -44.55 -3.85
CA LEU F 405 11.58 -44.33 -4.02
C LEU F 405 10.73 -45.57 -3.72
N GLY F 406 11.31 -46.76 -3.92
CA GLY F 406 10.60 -48.03 -3.74
C GLY F 406 9.83 -48.46 -4.97
N GLN F 407 10.35 -48.08 -6.14
CA GLN F 407 9.75 -48.36 -7.45
C GLN F 407 10.85 -48.58 -8.47
N GLU F 408 10.58 -49.47 -9.42
CA GLU F 408 11.44 -49.69 -10.58
C GLU F 408 10.54 -49.74 -11.81
N LEU F 409 11.11 -49.52 -12.99
CA LEU F 409 10.31 -49.61 -14.22
C LEU F 409 10.14 -51.09 -14.55
N ASN F 410 9.01 -51.42 -15.18
CA ASN F 410 8.74 -52.77 -15.65
C ASN F 410 9.27 -52.86 -17.09
N ASP F 411 10.51 -53.32 -17.22
CA ASP F 411 11.19 -53.30 -18.52
C ASP F 411 10.47 -54.08 -19.64
N GLU F 412 9.76 -55.14 -19.26
CA GLU F 412 8.94 -55.91 -20.21
C GLU F 412 7.92 -55.02 -20.92
N VAL F 413 7.34 -54.08 -20.18
CA VAL F 413 6.41 -53.12 -20.77
C VAL F 413 7.15 -51.93 -21.38
N VAL F 414 7.99 -51.27 -20.60
CA VAL F 414 8.56 -49.98 -21.02
C VAL F 414 9.59 -50.05 -22.16
N LYS F 415 10.09 -51.24 -22.49
CA LYS F 415 10.92 -51.35 -23.68
C LYS F 415 10.18 -50.86 -24.94
N GLU F 416 8.84 -50.99 -24.92
CA GLU F 416 7.99 -50.61 -26.05
C GLU F 416 7.80 -49.11 -26.17
N TYR F 417 8.15 -48.41 -25.09
CA TYR F 417 7.97 -46.96 -24.97
C TYR F 417 9.29 -46.20 -25.04
N LEU F 418 10.41 -46.91 -25.07
CA LEU F 418 11.70 -46.24 -25.02
C LEU F 418 11.84 -45.37 -26.25
N ALA F 419 12.17 -44.10 -26.03
CA ALA F 419 12.29 -43.12 -27.12
C ALA F 419 13.74 -42.69 -27.39
N TYR F 420 14.47 -42.32 -26.33
CA TYR F 420 15.87 -41.92 -26.48
C TYR F 420 16.70 -42.41 -25.33
N VAL F 421 17.98 -42.57 -25.60
CA VAL F 421 18.96 -42.84 -24.57
C VAL F 421 20.05 -41.80 -24.77
N ILE F 422 20.20 -40.94 -23.76
CA ILE F 422 21.24 -39.92 -23.77
C ILE F 422 22.47 -40.46 -23.05
N LYS F 423 23.61 -40.44 -23.74
CA LYS F 423 24.85 -40.89 -23.15
C LYS F 423 26.05 -40.16 -23.73
N MET G 23 -7.17 10.08 50.49
CA MET G 23 -7.37 10.99 51.65
C MET G 23 -7.59 12.45 51.25
N MET G 24 -6.70 13.03 50.43
CA MET G 24 -6.81 14.48 50.15
C MET G 24 -7.69 14.83 48.96
N LYS G 25 -8.12 16.09 48.94
CA LYS G 25 -9.04 16.58 47.92
C LYS G 25 -8.58 17.95 47.46
N ILE G 26 -8.82 18.23 46.19
CA ILE G 26 -8.52 19.53 45.60
C ILE G 26 -9.53 20.56 46.13
N THR G 27 -9.02 21.70 46.60
CA THR G 27 -9.91 22.75 47.13
C THR G 27 -10.07 23.95 46.21
N SER G 28 -9.04 24.29 45.45
CA SER G 28 -9.07 25.46 44.61
C SER G 28 -7.98 25.40 43.55
N ILE G 29 -8.20 26.12 42.44
CA ILE G 29 -7.17 26.26 41.41
CA ILE G 29 -7.19 26.25 41.39
C ILE G 29 -7.01 27.71 41.04
N GLU G 30 -5.79 28.23 41.25
CA GLU G 30 -5.49 29.62 40.91
C GLU G 30 -4.90 29.68 39.50
N VAL G 31 -5.34 30.66 38.71
CA VAL G 31 -4.83 30.88 37.36
C VAL G 31 -4.13 32.22 37.27
N PHE G 32 -2.86 32.21 36.87
CA PHE G 32 -2.07 33.43 36.74
C PHE G 32 -1.84 33.77 35.27
N ASP G 33 -2.34 34.94 34.88
CA ASP G 33 -2.22 35.48 33.56
C ASP G 33 -1.03 36.44 33.64
N CYS G 34 0.13 35.92 33.26
CA CYS G 34 1.38 36.64 33.48
C CYS G 34 1.71 37.60 32.35
N GLU G 35 1.04 38.75 32.38
CA GLU G 35 1.26 39.79 31.39
C GLU G 35 2.55 40.51 31.75
N LEU G 36 3.67 39.97 31.27
CA LEU G 36 4.99 40.47 31.65
C LEU G 36 5.22 41.94 31.29
N LYS G 37 4.53 42.43 30.26
CA LYS G 37 4.63 43.84 29.88
C LYS G 37 4.33 44.77 31.06
N LYS G 38 3.45 44.36 31.98
CA LYS G 38 3.16 45.15 33.18
C LYS G 38 4.39 45.36 34.05
N ARG G 39 5.34 44.43 34.01
CA ARG G 39 6.57 44.55 34.78
C ARG G 39 7.85 44.74 33.94
N ASP G 40 7.79 44.43 32.64
CA ASP G 40 8.96 44.49 31.75
C ASP G 40 8.54 44.76 30.31
N GLN G 41 8.80 45.97 29.83
CA GLN G 41 8.34 46.41 28.51
C GLN G 41 9.03 45.68 27.37
N THR G 42 10.28 45.28 27.59
CA THR G 42 11.06 44.54 26.58
C THR G 42 10.49 43.13 26.31
N MET G 43 9.49 42.72 27.06
CA MET G 43 9.00 41.34 27.07
C MET G 43 7.60 41.38 26.58
N SER G 44 7.33 42.29 25.69
CA SER G 44 6.02 42.80 25.52
C SER G 44 4.92 41.84 25.17
N SER G 45 5.11 41.01 24.19
CA SER G 45 4.06 40.09 23.79
C SER G 45 3.88 38.94 24.78
N TYR G 46 5.01 38.47 25.20
CA TYR G 46 5.19 37.25 25.97
C TYR G 46 4.28 37.19 27.21
N ASN G 47 3.56 36.08 27.38
CA ASN G 47 2.50 36.02 28.41
C ASN G 47 2.39 34.61 28.98
N PRO G 48 3.29 34.24 29.91
CA PRO G 48 3.14 32.89 30.47
C PRO G 48 1.80 32.73 31.18
N VAL G 49 1.31 31.49 31.25
CA VAL G 49 0.05 31.23 31.97
C VAL G 49 0.37 30.07 32.94
N LEU G 50 0.27 30.35 34.24
CA LEU G 50 0.67 29.39 35.26
C LEU G 50 -0.57 29.05 36.08
N ILE G 51 -0.59 27.87 36.69
CA ILE G 51 -1.64 27.53 37.64
C ILE G 51 -1.04 26.97 38.93
N ARG G 52 -1.85 26.96 39.99
CA ARG G 52 -1.48 26.29 41.23
C ARG G 52 -2.73 25.55 41.68
N VAL G 53 -2.58 24.25 41.92
CA VAL G 53 -3.66 23.41 42.43
C VAL G 53 -3.44 23.20 43.93
N ASN G 54 -4.45 23.52 44.72
CA ASN G 54 -4.41 23.50 46.18
C ASN G 54 -5.27 22.36 46.70
N THR G 55 -4.83 21.75 47.80
CA THR G 55 -5.52 20.62 48.40
C THR G 55 -5.85 20.90 49.86
N ASP G 56 -6.79 20.14 50.42
CA ASP G 56 -7.19 20.29 51.81
C ASP G 56 -6.18 19.69 52.80
N SER G 57 -5.04 19.23 52.30
CA SER G 57 -3.95 18.75 53.14
C SER G 57 -2.85 19.79 53.28
N GLY G 58 -2.98 20.90 52.57
CA GLY G 58 -1.93 21.92 52.57
C GLY G 58 -0.94 21.78 51.44
N LEU G 59 -0.88 20.60 50.82
CA LEU G 59 -0.01 20.42 49.66
C LEU G 59 -0.58 21.14 48.45
N SER G 60 0.32 21.78 47.69
CA SER G 60 -0.04 22.45 46.45
CA SER G 60 -0.06 22.43 46.45
C SER G 60 0.87 22.03 45.31
N GLY G 61 0.37 22.13 44.08
CA GLY G 61 1.16 21.81 42.90
C GLY G 61 1.06 22.91 41.88
N ILE G 62 2.15 23.16 41.16
CA ILE G 62 2.11 24.17 40.10
C ILE G 62 2.20 23.56 38.70
N GLY G 63 1.68 24.28 37.71
CA GLY G 63 1.62 23.80 36.33
C GLY G 63 1.65 24.99 35.40
N GLU G 64 1.72 24.73 34.10
CA GLU G 64 1.83 25.79 33.12
C GLU G 64 1.11 25.40 31.83
N VAL G 65 0.44 26.39 31.25
CA VAL G 65 -0.28 26.30 29.98
C VAL G 65 0.69 26.85 28.94
N GLY G 66 1.05 26.03 27.94
CA GLY G 66 2.16 26.37 27.05
C GLY G 66 1.90 27.37 25.92
N LEU G 67 1.24 28.49 26.25
CA LEU G 67 0.80 29.46 25.25
C LEU G 67 1.37 30.86 25.53
N ALA G 68 2.65 30.92 25.88
CA ALA G 68 3.29 32.19 26.28
C ALA G 68 3.57 33.12 25.11
N TYR G 69 3.58 32.56 23.90
CA TYR G 69 3.86 33.29 22.68
C TYR G 69 2.81 32.93 21.63
N GLY G 70 2.77 33.71 20.56
CA GLY G 70 1.73 33.53 19.54
C GLY G 70 0.39 34.00 20.07
N ALA G 71 -0.67 33.67 19.35
CA ALA G 71 -2.01 34.12 19.74
C ALA G 71 -2.66 33.00 20.52
N GLY G 72 -2.87 33.21 21.81
CA GLY G 72 -3.39 32.11 22.63
C GLY G 72 -3.41 32.26 24.13
N ALA G 73 -2.68 33.22 24.71
CA ALA G 73 -2.61 33.29 26.20
C ALA G 73 -3.97 33.44 26.86
N LYS G 74 -4.83 34.34 26.37
CA LYS G 74 -6.14 34.54 27.01
C LYS G 74 -7.03 33.30 26.89
N ALA G 75 -6.88 32.59 25.76
CA ALA G 75 -7.59 31.32 25.56
C ALA G 75 -7.11 30.31 26.62
N GLY G 76 -5.80 30.30 26.86
CA GLY G 76 -5.17 29.45 27.90
C GLY G 76 -5.71 29.72 29.31
N VAL G 77 -5.93 31.00 29.65
CA VAL G 77 -6.55 31.35 30.93
C VAL G 77 -7.97 30.75 30.98
N GLY G 78 -8.72 30.92 29.90
CA GLY G 78 -10.09 30.49 29.81
C GLY G 78 -10.25 28.99 29.92
N ILE G 79 -9.34 28.25 29.31
CA ILE G 79 -9.47 26.79 29.38
C ILE G 79 -9.33 26.26 30.81
N ILE G 80 -8.51 26.93 31.61
CA ILE G 80 -8.38 26.51 33.02
C ILE G 80 -9.71 26.79 33.73
N ARG G 81 -10.35 27.91 33.41
CA ARG G 81 -11.69 28.20 33.96
C ARG G 81 -12.72 27.13 33.55
N ASP G 82 -12.60 26.61 32.32
CA ASP G 82 -13.47 25.54 31.84
C ASP G 82 -13.19 24.18 32.48
N LEU G 83 -11.92 23.87 32.72
CA LEU G 83 -11.60 22.50 33.22
C LEU G 83 -11.55 22.36 34.74
N ALA G 84 -10.96 23.36 35.38
CA ALA G 84 -10.73 23.33 36.84
C ALA G 84 -12.00 23.00 37.65
N PRO G 85 -13.17 23.53 37.29
CA PRO G 85 -14.34 23.21 38.12
C PRO G 85 -14.60 21.73 38.23
N LEU G 86 -14.20 20.96 37.21
CA LEU G 86 -14.54 19.55 37.17
C LEU G 86 -13.79 18.74 38.21
N ILE G 87 -12.67 19.27 38.71
CA ILE G 87 -11.83 18.49 39.63
C ILE G 87 -11.82 19.02 41.07
N VAL G 88 -12.51 20.13 41.32
CA VAL G 88 -12.62 20.67 42.68
C VAL G 88 -13.32 19.61 43.51
N GLY G 89 -12.78 19.28 44.68
CA GLY G 89 -13.36 18.23 45.51
C GLY G 89 -12.90 16.83 45.18
N GLU G 90 -12.06 16.67 44.16
CA GLU G 90 -11.60 15.34 43.78
C GLU G 90 -10.19 15.00 44.31
N ASP G 91 -9.91 13.71 44.39
CA ASP G 91 -8.64 13.18 44.86
C ASP G 91 -7.54 13.46 43.80
N PRO G 92 -6.56 14.32 44.13
CA PRO G 92 -5.53 14.64 43.11
C PRO G 92 -4.66 13.46 42.68
N LEU G 93 -4.63 12.38 43.49
CA LEU G 93 -3.70 11.27 43.25
C LEU G 93 -4.07 10.37 42.05
N ASN G 94 -5.34 10.41 41.66
CA ASN G 94 -5.85 9.59 40.56
C ASN G 94 -5.59 10.31 39.24
N ILE G 95 -4.30 10.40 38.89
CA ILE G 95 -3.85 11.23 37.80
C ILE G 95 -4.26 10.68 36.42
N GLU G 96 -4.15 9.38 36.22
CA GLU G 96 -4.65 8.73 35.00
C GLU G 96 -6.16 8.94 34.84
N LYS G 97 -6.91 8.71 35.92
CA LYS G 97 -8.37 8.88 35.92
C LYS G 97 -8.76 10.30 35.56
N ILE G 98 -8.09 11.29 36.15
CA ILE G 98 -8.39 12.68 35.83
C ILE G 98 -8.14 13.01 34.37
N TRP G 99 -6.96 12.61 33.88
CA TRP G 99 -6.60 12.81 32.49
C TRP G 99 -7.60 12.20 31.58
N GLU G 100 -7.99 10.96 31.88
CA GLU G 100 -8.92 10.20 31.03
C GLU G 100 -10.31 10.85 31.06
N PHE G 101 -10.70 11.38 32.21
CA PHE G 101 -11.97 12.12 32.29
C PHE G 101 -11.94 13.37 31.40
N PHE G 102 -10.84 14.11 31.43
CA PHE G 102 -10.77 15.29 30.56
C PHE G 102 -10.83 14.87 29.09
N PHE G 103 -10.16 13.77 28.76
CA PHE G 103 -10.13 13.26 27.40
C PHE G 103 -11.51 12.83 26.91
N ARG G 104 -12.28 12.18 27.80
CA ARG G 104 -13.45 11.42 27.40
C ARG G 104 -14.78 12.11 27.70
N LYS G 105 -14.83 12.95 28.72
CA LYS G 105 -16.15 13.37 29.25
C LYS G 105 -16.37 14.88 29.24
N THR G 106 -15.64 15.58 28.35
CA THR G 106 -15.72 17.03 28.23
C THR G 106 -16.22 17.43 26.85
N PHE G 107 -16.46 16.43 26.00
CA PHE G 107 -16.73 16.55 24.56
C PHE G 107 -15.47 16.92 23.74
N TRP G 108 -14.90 18.07 24.04
CA TRP G 108 -13.76 18.56 23.26
C TRP G 108 -12.49 17.83 23.47
N GLY G 109 -12.37 17.09 24.58
CA GLY G 109 -11.16 16.26 24.80
C GLY G 109 -10.93 15.24 23.70
N MET G 110 -12.01 14.78 23.08
CA MET G 110 -11.85 13.89 21.90
C MET G 110 -11.75 14.59 20.52
N GLY G 111 -11.59 15.92 20.53
CA GLY G 111 -11.45 16.69 19.29
C GLY G 111 -10.77 17.99 19.66
N GLY G 112 -9.68 17.88 20.42
CA GLY G 112 -9.11 19.04 21.09
C GLY G 112 -8.23 19.87 20.18
N GLY G 113 -7.06 20.22 20.70
CA GLY G 113 -6.05 20.95 19.96
C GLY G 113 -5.18 21.67 20.96
N ASN G 114 -4.43 22.69 20.52
CA ASN G 114 -3.43 23.27 21.40
C ASN G 114 -3.99 23.80 22.71
N VAL G 115 -5.12 24.49 22.65
CA VAL G 115 -5.68 25.11 23.86
C VAL G 115 -6.21 24.05 24.80
N PHE G 116 -7.02 23.13 24.30
CA PHE G 116 -7.67 22.17 25.18
C PHE G 116 -6.60 21.27 25.84
N TYR G 117 -5.68 20.75 25.04
CA TYR G 117 -4.62 19.91 25.61
C TYR G 117 -3.62 20.66 26.54
N ALA G 118 -3.36 21.94 26.26
CA ALA G 118 -2.59 22.80 27.16
C ALA G 118 -3.27 22.91 28.52
N GLY G 119 -4.60 22.98 28.52
CA GLY G 119 -5.33 23.00 29.79
C GLY G 119 -5.10 21.73 30.59
N MET G 120 -5.30 20.57 29.92
CA MET G 120 -5.09 19.25 30.55
C MET G 120 -3.65 19.16 31.02
N SER G 121 -2.74 19.67 30.21
CA SER G 121 -1.30 19.62 30.49
C SER G 121 -0.97 20.32 31.81
N ALA G 122 -1.44 21.55 31.96
CA ALA G 122 -1.12 22.35 33.15
C ALA G 122 -1.60 21.65 34.41
N ILE G 123 -2.87 21.24 34.40
CA ILE G 123 -3.41 20.50 35.52
C ILE G 123 -2.60 19.23 35.83
N ASP G 124 -2.32 18.45 34.78
CA ASP G 124 -1.53 17.24 34.92
C ASP G 124 -0.20 17.52 35.59
N ILE G 125 0.49 18.56 35.12
CA ILE G 125 1.81 18.88 35.72
C ILE G 125 1.66 19.21 37.21
N ALA G 126 0.65 20.02 37.55
CA ALA G 126 0.41 20.33 38.96
C ALA G 126 0.13 19.07 39.80
N LEU G 127 -0.57 18.10 39.23
CA LEU G 127 -0.88 16.84 39.95
C LEU G 127 0.38 16.01 40.22
N TRP G 128 1.28 15.95 39.23
CA TRP G 128 2.56 15.32 39.45
C TRP G 128 3.37 15.99 40.53
N ASP G 129 3.36 17.33 40.55
CA ASP G 129 4.04 18.12 41.60
C ASP G 129 3.51 17.68 43.00
N ILE G 130 2.19 17.67 43.13
CA ILE G 130 1.54 17.24 44.36
C ILE G 130 1.91 15.81 44.79
N LYS G 131 1.84 14.87 43.84
CA LYS G 131 2.13 13.47 44.11
C LYS G 131 3.57 13.29 44.57
N GLY G 132 4.50 13.99 43.91
CA GLY G 132 5.91 13.99 44.30
C GLY G 132 6.14 14.51 45.73
N LYS G 133 5.52 15.65 46.07
CA LYS G 133 5.61 16.17 47.45
C LYS G 133 4.99 15.21 48.45
N TYR G 134 3.83 14.67 48.10
CA TYR G 134 3.15 13.68 48.94
C TYR G 134 4.01 12.45 49.25
N LEU G 135 4.76 11.98 48.26
CA LEU G 135 5.62 10.80 48.41
C LEU G 135 7.07 11.17 48.76
N GLY G 136 7.38 12.46 48.80
CA GLY G 136 8.67 12.93 49.29
C GLY G 136 9.82 12.73 48.32
N VAL G 137 9.53 12.65 47.02
CA VAL G 137 10.56 12.44 45.98
C VAL G 137 10.39 13.35 44.78
N PRO G 138 11.52 13.67 44.09
CA PRO G 138 11.40 14.42 42.86
C PRO G 138 10.58 13.66 41.82
N VAL G 139 9.88 14.41 40.97
CA VAL G 139 9.08 13.82 39.89
C VAL G 139 9.87 12.80 39.02
N TYR G 140 11.12 13.07 38.67
CA TYR G 140 11.84 12.08 37.85
C TYR G 140 11.85 10.69 38.49
N GLN G 141 11.81 10.62 39.83
CA GLN G 141 11.74 9.31 40.50
C GLN G 141 10.44 8.57 40.23
N LEU G 142 9.34 9.32 40.21
CA LEU G 142 8.06 8.73 39.89
C LEU G 142 7.92 8.41 38.41
N LEU G 143 8.81 8.94 37.58
CA LEU G 143 8.73 8.68 36.15
C LEU G 143 9.65 7.53 35.75
N GLY G 144 10.33 6.93 36.73
CA GLY G 144 11.19 5.76 36.50
C GLY G 144 12.63 5.85 36.98
N GLY G 145 12.99 6.98 37.59
CA GLY G 145 14.27 7.08 38.29
C GLY G 145 15.29 7.87 37.50
N LYS G 146 16.53 7.84 37.96
CA LYS G 146 17.58 8.67 37.32
C LYS G 146 18.27 7.92 36.18
N THR G 147 17.70 8.04 34.98
CA THR G 147 18.27 7.38 33.82
C THR G 147 19.46 8.17 33.28
N ASN G 148 19.31 9.50 33.23
CA ASN G 148 20.34 10.39 32.66
C ASN G 148 20.80 11.33 33.75
N GLU G 149 22.07 11.25 34.12
CA GLU G 149 22.64 12.04 35.22
C GLU G 149 22.82 13.51 34.85
N LYS G 150 23.16 13.75 33.59
CA LYS G 150 23.30 15.12 33.08
C LYS G 150 22.67 15.17 31.70
N LEU G 151 22.27 16.36 31.27
CA LEU G 151 21.49 16.50 30.05
C LEU G 151 22.15 17.47 29.11
N ARG G 152 22.67 16.95 28.01
CA ARG G 152 23.28 17.79 26.97
C ARG G 152 22.25 18.82 26.54
N THR G 153 22.71 20.06 26.43
CA THR G 153 21.85 21.23 26.19
C THR G 153 22.32 22.07 25.03
N TYR G 154 21.37 22.55 24.24
CA TYR G 154 21.66 23.52 23.19
C TYR G 154 21.13 24.96 23.42
N ALA G 155 21.86 25.92 22.87
CA ALA G 155 21.49 27.34 22.92
C ALA G 155 20.47 27.58 21.79
N SER G 156 19.26 28.01 22.15
CA SER G 156 18.14 27.97 21.22
C SER G 156 17.72 29.35 20.70
N GLN G 157 17.47 29.42 19.39
CA GLN G 157 16.87 30.56 18.67
C GLN G 157 17.87 31.70 18.53
N LEU G 158 19.03 31.39 17.95
CA LEU G 158 20.12 32.38 17.83
C LEU G 158 19.83 33.56 16.90
N GLN G 159 18.75 33.47 16.13
CA GLN G 159 18.29 34.61 15.31
C GLN G 159 17.91 35.82 16.17
N PHE G 160 17.78 35.59 17.47
CA PHE G 160 17.55 36.65 18.46
C PHE G 160 18.80 36.96 19.27
N GLY G 161 19.94 36.48 18.76
CA GLY G 161 21.24 36.69 19.39
C GLY G 161 21.45 35.82 20.61
N TRP G 162 22.57 36.05 21.28
CA TRP G 162 22.94 35.27 22.47
C TRP G 162 23.76 36.10 23.40
N GLY G 163 23.51 35.95 24.66
CA GLY G 163 24.26 36.67 25.66
C GLY G 163 23.99 38.14 25.73
N ASP G 164 25.03 38.94 25.54
CA ASP G 164 24.95 40.36 25.81
C ASP G 164 24.69 41.17 24.54
N LYS G 165 24.34 40.47 23.47
CA LYS G 165 23.81 41.06 22.27
C LYS G 165 22.49 40.39 21.83
N ARG G 166 21.44 40.66 22.58
CA ARG G 166 20.12 40.13 22.33
C ARG G 166 19.28 41.05 21.47
N HIS G 167 19.05 40.65 20.23
CA HIS G 167 18.17 41.38 19.38
C HIS G 167 18.04 40.69 18.06
N ILE G 168 17.22 41.22 17.16
CA ILE G 168 16.96 40.60 15.86
C ILE G 168 18.19 40.70 14.97
N LEU G 169 18.68 39.54 14.55
CA LEU G 169 19.90 39.49 13.75
C LEU G 169 19.57 39.36 12.27
N VAL G 170 20.34 40.07 11.44
CA VAL G 170 20.08 40.14 10.01
C VAL G 170 21.27 39.65 9.19
N THR G 171 22.45 40.22 9.42
CA THR G 171 23.60 39.88 8.59
C THR G 171 24.28 38.54 8.95
N PRO G 172 24.92 37.87 7.97
CA PRO G 172 25.64 36.65 8.31
C PRO G 172 26.64 36.81 9.47
N GLU G 173 27.36 37.94 9.53
CA GLU G 173 28.37 38.11 10.57
CA GLU G 173 28.36 38.17 10.58
C GLU G 173 27.71 38.23 11.96
N GLU G 174 26.50 38.78 12.01
CA GLU G 174 25.73 38.82 13.25
C GLU G 174 25.41 37.41 13.70
N TYR G 175 25.02 36.57 12.75
CA TYR G 175 24.74 35.18 13.05
C TYR G 175 25.99 34.48 13.55
N ALA G 176 27.13 34.71 12.88
CA ALA G 176 28.39 34.09 13.28
C ALA G 176 28.80 34.49 14.71
N GLU G 177 28.57 35.76 15.05
CA GLU G 177 28.89 36.28 16.38
C GLU G 177 28.04 35.64 17.49
N ALA G 178 26.73 35.48 17.23
CA ALA G 178 25.85 34.80 18.17
C ALA G 178 26.28 33.35 18.39
N ALA G 179 26.66 32.68 17.30
CA ALA G 179 27.21 31.31 17.40
C ALA G 179 28.44 31.27 18.31
N ARG G 180 29.40 32.17 18.09
CA ARG G 180 30.59 32.20 18.93
C ARG G 180 30.26 32.42 20.41
N ALA G 181 29.33 33.35 20.67
CA ALA G 181 28.91 33.66 22.04
C ALA G 181 28.37 32.42 22.75
N ALA G 182 27.53 31.66 22.04
CA ALA G 182 27.01 30.41 22.54
C ALA G 182 28.14 29.44 22.83
N LEU G 183 29.09 29.31 21.92
CA LEU G 183 30.21 28.39 22.14
C LEU G 183 31.09 28.82 23.31
N ASP G 184 31.24 30.14 23.47
CA ASP G 184 32.01 30.71 24.59
C ASP G 184 31.33 30.52 25.93
N ASP G 185 30.02 30.33 25.88
CA ASP G 185 29.18 30.10 27.02
C ASP G 185 29.13 28.60 27.41
N GLY G 186 29.82 27.75 26.64
CA GLY G 186 29.97 26.35 27.01
C GLY G 186 29.08 25.40 26.21
N TYR G 187 28.29 25.93 25.29
CA TYR G 187 27.45 25.08 24.44
C TYR G 187 28.21 24.42 23.30
N ASP G 188 27.86 23.17 22.98
CA ASP G 188 28.43 22.50 21.81
C ASP G 188 27.32 22.20 20.80
N ALA G 189 26.17 22.82 21.01
CA ALA G 189 25.07 22.79 20.06
C ALA G 189 24.27 24.07 20.13
N ILE G 190 23.69 24.44 18.99
CA ILE G 190 22.91 25.65 18.87
C ILE G 190 21.73 25.39 17.92
N LYS G 191 20.66 26.18 18.06
CA LYS G 191 19.54 26.13 17.13
C LYS G 191 19.28 27.51 16.57
N VAL G 192 19.12 27.58 15.25
CA VAL G 192 18.84 28.83 14.58
C VAL G 192 17.79 28.64 13.48
N ASP G 193 16.89 29.63 13.36
CA ASP G 193 16.03 29.75 12.20
C ASP G 193 16.62 30.80 11.28
N PRO G 194 17.18 30.38 10.13
CA PRO G 194 17.97 31.27 9.25
C PRO G 194 17.11 31.99 8.20
N LEU G 195 15.79 31.76 8.27
CA LEU G 195 14.84 32.33 7.31
C LEU G 195 13.73 33.16 7.99
N GLU G 196 13.57 33.02 9.29
CA GLU G 196 12.53 33.77 10.01
C GLU G 196 12.70 35.30 9.82
N ILE G 197 13.94 35.78 9.86
CA ILE G 197 14.24 37.22 9.75
C ILE G 197 14.52 37.58 8.30
N ASP G 198 13.75 38.50 7.75
CA ASP G 198 13.95 38.92 6.38
C ASP G 198 15.12 39.94 6.25
N ARG G 199 15.32 40.45 5.04
CA ARG G 199 16.45 41.36 4.78
C ARG G 199 16.36 42.69 5.52
N ASN G 200 15.16 42.99 6.00
CA ASN G 200 14.88 44.28 6.64
C ASN G 200 14.81 44.13 8.14
N GLY G 201 15.01 42.92 8.63
CA GLY G 201 14.86 42.65 10.04
C GLY G 201 13.42 42.42 10.47
N ASP G 202 12.49 42.25 9.52
CA ASP G 202 11.11 41.88 9.92
C ASP G 202 11.00 40.38 10.21
N ASP G 203 9.98 39.99 11.00
CA ASP G 203 9.85 38.65 11.54
C ASP G 203 8.73 37.88 10.84
N CYS G 204 9.12 36.92 9.98
CA CYS G 204 8.15 36.23 9.13
C CYS G 204 7.24 35.26 9.87
N VAL G 205 7.57 34.94 11.12
CA VAL G 205 6.71 34.07 11.92
C VAL G 205 5.41 34.80 12.29
N PHE G 206 5.49 36.13 12.46
CA PHE G 206 4.36 36.89 12.99
C PHE G 206 3.94 38.07 12.14
N GLN G 207 4.68 38.34 11.08
CA GLN G 207 4.31 39.42 10.14
C GLN G 207 4.12 38.86 8.75
N ASN G 208 3.24 39.47 7.98
CA ASN G 208 3.05 39.11 6.57
C ASN G 208 4.22 39.54 5.70
N ARG G 209 5.30 38.78 5.77
CA ARG G 209 6.47 39.00 4.93
C ARG G 209 6.75 37.67 4.30
N ASN G 210 7.32 37.70 3.10
CA ASN G 210 7.73 36.48 2.40
C ASN G 210 6.67 35.41 2.43
N ARG G 211 5.45 35.79 2.04
CA ARG G 211 4.39 34.79 1.92
C ARG G 211 4.68 33.66 0.91
N ASN G 212 5.55 33.91 -0.06
CA ASN G 212 5.97 32.89 -1.03
C ASN G 212 6.75 31.72 -0.42
N TYR G 213 7.20 31.86 0.82
CA TYR G 213 7.88 30.81 1.55
C TYR G 213 7.14 29.48 1.47
N SER G 214 5.79 29.55 1.47
CA SER G 214 4.91 28.38 1.42
C SER G 214 4.92 27.58 0.11
N GLY G 215 5.53 28.14 -0.94
CA GLY G 215 5.62 27.50 -2.26
C GLY G 215 7.06 27.13 -2.55
N LEU G 216 7.75 28.04 -3.23
CA LEU G 216 9.17 27.92 -3.59
C LEU G 216 9.92 29.20 -3.21
N LEU G 217 11.14 29.02 -2.70
CA LEU G 217 12.00 30.16 -2.38
C LEU G 217 12.50 30.87 -3.62
N LEU G 218 12.60 32.19 -3.50
CA LEU G 218 13.31 33.05 -4.47
C LEU G 218 14.83 32.95 -4.25
N ALA G 219 15.60 33.25 -5.28
CA ALA G 219 17.05 33.15 -5.22
C ALA G 219 17.61 33.91 -4.03
N ASP G 220 17.18 35.16 -3.85
CA ASP G 220 17.65 35.99 -2.72
C ASP G 220 17.42 35.35 -1.35
N GLN G 221 16.25 34.73 -1.16
CA GLN G 221 15.92 34.12 0.13
C GLN G 221 16.76 32.89 0.47
N LEU G 222 16.89 31.98 -0.50
CA LEU G 222 17.81 30.85 -0.42
C LEU G 222 19.24 31.32 -0.07
N LYS G 223 19.75 32.34 -0.76
CA LYS G 223 21.08 32.85 -0.44
C LYS G 223 21.12 33.47 0.95
N MET G 224 20.06 34.16 1.32
CA MET G 224 19.97 34.77 2.65
C MET G 224 20.10 33.69 3.74
N GLY G 225 19.24 32.67 3.65
CA GLY G 225 19.29 31.54 4.58
C GLY G 225 20.62 30.80 4.58
N GLU G 226 21.11 30.43 3.39
CA GLU G 226 22.34 29.66 3.34
C GLU G 226 23.52 30.45 3.91
N ALA G 227 23.64 31.71 3.55
CA ALA G 227 24.78 32.55 4.01
C ALA G 227 24.90 32.63 5.54
N ARG G 228 23.74 32.69 6.20
CA ARG G 228 23.67 32.74 7.64
C ARG G 228 24.14 31.41 8.26
N ILE G 229 23.66 30.30 7.70
CA ILE G 229 24.14 28.98 8.12
C ILE G 229 25.64 28.81 7.84
N ALA G 230 26.07 29.18 6.65
CA ALA G 230 27.50 29.05 6.29
C ALA G 230 28.42 29.80 7.25
N ALA G 231 28.06 31.05 7.55
CA ALA G 231 28.79 31.89 8.50
C ALA G 231 28.86 31.25 9.89
N MET G 232 27.75 30.70 10.37
CA MET G 232 27.75 30.04 11.65
C MET G 232 28.58 28.76 11.69
N ARG G 233 28.48 27.91 10.65
CA ARG G 233 29.30 26.68 10.62
C ARG G 233 30.77 27.09 10.60
N GLU G 234 31.10 28.07 9.77
CA GLU G 234 32.48 28.53 9.69
C GLU G 234 33.01 28.97 11.07
N ALA G 235 32.25 29.82 11.77
CA ALA G 235 32.60 30.32 13.10
C ALA G 235 32.67 29.24 14.19
N MET G 236 31.77 28.24 14.12
CA MET G 236 31.71 27.20 15.15
C MET G 236 32.77 26.10 15.04
N GLY G 237 33.30 25.90 13.84
CA GLY G 237 34.06 24.69 13.58
C GLY G 237 33.12 23.55 13.22
N ASP G 238 33.71 22.39 12.92
CA ASP G 238 32.96 21.26 12.37
C ASP G 238 32.24 20.41 13.40
N ASP G 239 32.72 20.40 14.64
CA ASP G 239 32.25 19.46 15.63
C ASP G 239 30.95 19.87 16.33
N ALA G 240 30.82 21.14 16.69
CA ALA G 240 29.59 21.63 17.35
C ALA G 240 28.35 21.45 16.46
N ASP G 241 27.19 21.18 17.06
CA ASP G 241 26.01 20.87 16.26
C ASP G 241 25.12 22.08 15.95
N ILE G 242 24.58 22.12 14.74
CA ILE G 242 23.64 23.14 14.30
C ILE G 242 22.32 22.45 13.99
N ILE G 243 21.29 22.87 14.73
CA ILE G 243 19.91 22.52 14.44
C ILE G 243 19.31 23.69 13.66
N VAL G 244 18.75 23.38 12.50
CA VAL G 244 18.04 24.39 11.71
C VAL G 244 16.55 24.32 12.00
N GLU G 245 16.05 25.41 12.57
CA GLU G 245 14.63 25.61 12.93
C GLU G 245 13.93 26.32 11.76
N ILE G 246 12.74 25.88 11.37
CA ILE G 246 12.03 26.49 10.25
C ILE G 246 10.69 27.12 10.67
N HIS G 247 10.22 26.77 11.87
CA HIS G 247 8.93 27.31 12.39
C HIS G 247 7.76 27.05 11.47
N SER G 248 7.82 25.96 10.70
CA SER G 248 6.77 25.64 9.72
C SER G 248 6.54 26.76 8.69
N LEU G 249 7.56 27.59 8.43
CA LEU G 249 7.37 28.71 7.49
C LEU G 249 7.41 28.21 6.05
N LEU G 250 8.12 27.11 5.82
CA LEU G 250 8.22 26.56 4.47
C LEU G 250 7.08 25.60 4.17
N GLY G 251 6.84 25.36 2.89
CA GLY G 251 5.93 24.28 2.48
C GLY G 251 6.75 23.08 2.06
N THR G 252 6.09 21.99 1.69
CA THR G 252 6.83 20.77 1.33
C THR G 252 7.97 21.03 0.30
N ASN G 253 7.63 21.77 -0.77
CA ASN G 253 8.60 22.01 -1.85
C ASN G 253 9.76 22.90 -1.50
N SER G 254 9.48 24.02 -0.82
CA SER G 254 10.58 24.92 -0.37
C SER G 254 11.37 24.28 0.78
N ALA G 255 10.71 23.50 1.63
CA ALA G 255 11.45 22.74 2.69
C ALA G 255 12.54 21.85 2.10
N ILE G 256 12.20 21.15 1.02
CA ILE G 256 13.16 20.26 0.36
C ILE G 256 14.22 21.10 -0.34
N GLN G 257 13.76 22.13 -1.05
CA GLN G 257 14.66 23.06 -1.75
C GLN G 257 15.70 23.64 -0.78
N PHE G 258 15.24 24.16 0.34
CA PHE G 258 16.17 24.75 1.31
C PHE G 258 17.07 23.69 1.98
N ALA G 259 16.53 22.53 2.33
CA ALA G 259 17.36 21.43 2.90
C ALA G 259 18.53 21.12 2.00
N LYS G 260 18.28 21.03 0.70
CA LYS G 260 19.34 20.65 -0.24
C LYS G 260 20.45 21.66 -0.23
N ALA G 261 20.09 22.91 0.05
CA ALA G 261 21.05 24.01 -0.01
C ALA G 261 21.95 24.06 1.24
N ILE G 262 21.46 23.50 2.33
CA ILE G 262 22.23 23.51 3.58
C ILE G 262 22.82 22.19 4.05
N GLU G 263 22.52 21.09 3.34
CA GLU G 263 23.02 19.76 3.72
C GLU G 263 24.56 19.76 3.84
N LYS G 264 25.21 20.58 3.03
CA LYS G 264 26.67 20.58 3.01
C LYS G 264 27.31 21.06 4.31
N TYR G 265 26.52 21.76 5.13
CA TYR G 265 26.99 22.28 6.42
C TYR G 265 26.87 21.29 7.58
N ARG G 266 26.48 20.04 7.26
CA ARG G 266 26.36 18.96 8.25
C ARG G 266 25.37 19.34 9.35
N ILE G 267 24.08 19.34 9.01
CA ILE G 267 23.02 19.82 9.92
C ILE G 267 22.54 18.67 10.80
N PHE G 268 22.39 18.93 12.10
CA PHE G 268 22.18 17.89 13.08
C PHE G 268 20.70 17.47 13.04
N LEU G 269 19.80 18.46 13.03
CA LEU G 269 18.36 18.23 12.91
C LEU G 269 17.70 19.35 12.13
N TYR G 270 16.58 19.05 11.46
CA TYR G 270 15.80 20.02 10.68
C TYR G 270 14.45 20.07 11.40
N GLU G 271 14.21 21.15 12.13
CA GLU G 271 12.99 21.27 12.97
C GLU G 271 11.83 21.97 12.27
N GLU G 272 10.61 21.39 12.40
CA GLU G 272 9.40 21.96 11.84
C GLU G 272 9.60 22.52 10.40
N PRO G 273 10.13 21.68 9.48
CA PRO G 273 10.31 22.14 8.10
C PRO G 273 8.98 22.55 7.47
N ILE G 274 7.87 21.91 7.88
CA ILE G 274 6.53 22.28 7.45
C ILE G 274 5.62 22.03 8.66
N HIS G 275 4.40 22.54 8.65
CA HIS G 275 3.47 22.27 9.76
C HIS G 275 3.09 20.81 9.83
N PRO G 276 2.49 20.37 10.95
CA PRO G 276 2.19 18.94 11.06
C PRO G 276 0.74 18.57 10.68
N LEU G 277 0.03 19.45 9.98
CA LEU G 277 -1.36 19.16 9.66
C LEU G 277 -1.55 18.16 8.51
N ASN G 278 -0.55 18.01 7.64
CA ASN G 278 -0.56 16.97 6.58
C ASN G 278 0.61 16.01 6.80
N SER G 279 0.32 14.86 7.40
CA SER G 279 1.38 13.91 7.78
C SER G 279 2.08 13.23 6.58
N ASP G 280 1.36 13.12 5.45
CA ASP G 280 1.95 12.57 4.23
C ASP G 280 3.01 13.51 3.65
N ASN G 281 2.76 14.83 3.75
CA ASN G 281 3.78 15.79 3.34
C ASN G 281 4.99 15.72 4.24
N MET G 282 4.76 15.55 5.54
CA MET G 282 5.91 15.38 6.46
C MET G 282 6.73 14.16 6.03
N GLN G 283 6.07 13.04 5.72
CA GLN G 283 6.80 11.88 5.19
C GLN G 283 7.62 12.21 3.94
N LYS G 284 7.00 12.91 2.99
CA LYS G 284 7.69 13.26 1.75
C LYS G 284 8.97 14.08 2.00
N VAL G 285 8.86 15.04 2.91
CA VAL G 285 10.01 15.88 3.26
C VAL G 285 11.08 14.97 3.85
N SER G 286 10.71 14.13 4.81
CA SER G 286 11.72 13.24 5.44
C SER G 286 12.41 12.30 4.43
N ARG G 287 11.69 11.86 3.38
CA ARG G 287 12.25 10.99 2.34
C ARG G 287 13.12 11.75 1.32
N SER G 288 13.04 13.08 1.36
CA SER G 288 13.62 13.90 0.32
C SER G 288 14.85 14.68 0.75
N THR G 289 15.23 14.55 2.03
CA THR G 289 16.47 15.12 2.52
C THR G 289 17.18 14.13 3.44
N THR G 290 18.49 14.24 3.52
CA THR G 290 19.27 13.44 4.44
C THR G 290 19.31 14.09 5.84
N ILE G 291 18.78 15.31 6.02
CA ILE G 291 18.83 15.90 7.35
C ILE G 291 17.69 15.26 8.15
N PRO G 292 18.00 14.67 9.32
CA PRO G 292 16.96 14.09 10.18
C PRO G 292 15.95 15.13 10.60
N ILE G 293 14.68 14.75 10.62
CA ILE G 293 13.62 15.72 10.90
C ILE G 293 13.25 15.70 12.38
N ALA G 294 13.01 16.88 12.94
CA ALA G 294 12.46 17.01 14.26
C ALA G 294 11.15 17.77 14.20
N THR G 295 10.17 17.31 14.96
CA THR G 295 8.97 18.13 15.15
C THR G 295 8.26 17.70 16.40
N GLY G 296 7.27 18.47 16.79
CA GLY G 296 6.35 18.01 17.81
C GLY G 296 5.80 19.09 18.71
N GLU G 297 6.38 20.29 18.67
CA GLU G 297 5.85 21.35 19.54
C GLU G 297 4.38 21.68 19.23
N ARG G 298 3.99 21.53 17.96
CA ARG G 298 2.58 21.67 17.56
C ARG G 298 1.83 20.34 17.33
N SER G 299 2.30 19.26 17.97
CA SER G 299 1.63 17.94 17.96
C SER G 299 1.30 17.51 19.39
N TYR G 300 0.04 17.14 19.63
CA TYR G 300 -0.46 16.95 20.97
C TYR G 300 -1.02 15.54 21.14
N THR G 301 -0.67 14.93 22.27
CA THR G 301 -1.08 13.57 22.65
C THR G 301 -0.44 12.48 21.80
N ARG G 302 -0.51 11.24 22.29
CA ARG G 302 -0.15 10.05 21.51
C ARG G 302 -0.76 10.06 20.08
N TRP G 303 -2.04 10.43 19.95
CA TRP G 303 -2.72 10.47 18.65
C TRP G 303 -2.10 11.44 17.68
N GLY G 304 -1.52 12.51 18.20
CA GLY G 304 -0.85 13.47 17.35
C GLY G 304 0.50 13.02 16.85
N TYR G 305 1.02 11.89 17.35
CA TYR G 305 2.33 11.40 16.91
C TYR G 305 2.23 10.10 16.10
N ARG G 306 1.06 9.45 16.13
CA ARG G 306 0.88 8.16 15.46
C ARG G 306 1.27 8.19 13.97
N GLU G 307 0.74 9.15 13.22
CA GLU G 307 0.98 9.13 11.81
C GLU G 307 2.42 9.60 11.53
N LEU G 308 2.97 10.48 12.38
CA LEU G 308 4.41 10.88 12.21
C LEU G 308 5.34 9.70 12.41
N LEU G 309 5.06 8.89 13.43
CA LEU G 309 5.83 7.71 13.74
C LEU G 309 5.69 6.53 12.77
N GLU G 310 4.44 6.18 12.48
CA GLU G 310 4.16 5.04 11.62
C GLU G 310 4.78 5.30 10.27
N LYS G 311 4.71 6.54 9.81
CA LYS G 311 5.23 6.87 8.52
C LYS G 311 6.73 7.09 8.51
N GLN G 312 7.33 6.92 9.68
CA GLN G 312 8.78 7.04 9.90
C GLN G 312 9.35 8.36 9.44
N SER G 313 8.63 9.43 9.75
CA SER G 313 8.93 10.76 9.25
CA SER G 313 8.95 10.74 9.22
C SER G 313 9.90 11.55 10.11
N ILE G 314 10.07 11.13 11.37
CA ILE G 314 10.81 11.95 12.31
C ILE G 314 11.88 11.21 13.07
N ALA G 315 13.01 11.90 13.26
CA ALA G 315 14.12 11.36 13.99
C ALA G 315 13.99 11.74 15.45
N VAL G 316 13.44 12.92 15.69
CA VAL G 316 13.34 13.44 17.06
C VAL G 316 11.93 14.02 17.27
N ALA G 317 11.27 13.60 18.36
CA ALA G 317 9.99 14.17 18.77
C ALA G 317 10.23 15.30 19.77
N GLN G 318 9.49 16.39 19.61
CA GLN G 318 9.64 17.57 20.48
C GLN G 318 8.35 17.99 21.15
N PRO G 319 7.73 17.10 21.92
CA PRO G 319 6.50 17.54 22.56
C PRO G 319 6.79 18.63 23.61
N ASP G 320 5.87 19.55 23.76
CA ASP G 320 5.93 20.54 24.83
C ASP G 320 5.04 19.95 25.95
N LEU G 321 5.60 19.79 27.15
CA LEU G 321 4.84 19.11 28.20
C LEU G 321 3.65 19.94 28.66
N CYS G 322 3.73 21.26 28.39
CA CYS G 322 2.64 22.20 28.67
C CYS G 322 1.57 22.36 27.56
N LEU G 323 1.66 21.53 26.53
CA LEU G 323 0.70 21.48 25.43
C LEU G 323 0.24 20.06 25.11
N CYS G 324 1.13 19.07 25.25
CA CYS G 324 0.89 17.76 24.65
C CYS G 324 -0.01 16.88 25.47
N GLY G 325 -0.41 17.35 26.66
CA GLY G 325 -1.20 16.57 27.59
C GLY G 325 -0.50 16.41 28.94
N GLY G 326 0.65 17.07 29.13
CA GLY G 326 1.31 17.09 30.43
C GLY G 326 2.38 16.03 30.60
N ILE G 327 2.76 15.78 31.86
CA ILE G 327 3.74 14.76 32.18
C ILE G 327 3.21 13.34 31.90
N THR G 328 1.98 13.06 32.29
CA THR G 328 1.40 11.74 31.99
C THR G 328 1.40 11.38 30.50
N GLU G 329 0.92 12.29 29.65
CA GLU G 329 0.85 12.00 28.23
C GLU G 329 2.23 12.13 27.58
N GLY G 330 3.04 13.08 28.06
CA GLY G 330 4.38 13.29 27.47
C GLY G 330 5.24 12.04 27.66
N LYS G 331 5.18 11.44 28.85
CA LYS G 331 5.86 10.17 29.10
C LYS G 331 5.41 9.11 28.07
N LYS G 332 4.10 8.98 27.87
CA LYS G 332 3.58 8.05 26.86
C LYS G 332 4.09 8.32 25.44
N ILE G 333 4.18 9.60 25.07
CA ILE G 333 4.71 9.99 23.78
C ILE G 333 6.18 9.57 23.66
N CYS G 334 6.99 9.79 24.72
CA CYS G 334 8.42 9.38 24.66
C CYS G 334 8.55 7.87 24.53
N ASP G 335 7.69 7.12 25.23
CA ASP G 335 7.74 5.63 25.23
C ASP G 335 7.36 5.07 23.87
N TYR G 336 6.40 5.74 23.23
CA TYR G 336 5.93 5.41 21.88
C TYR G 336 7.03 5.69 20.83
N ALA G 337 7.57 6.90 20.85
CA ALA G 337 8.66 7.31 19.95
C ALA G 337 9.82 6.32 19.96
N ASN G 338 10.17 5.81 21.14
CA ASN G 338 11.26 4.85 21.31
C ASN G 338 11.19 3.64 20.39
N ILE G 339 9.99 3.13 20.16
CA ILE G 339 9.90 1.94 19.33
C ILE G 339 10.26 2.19 17.84
N TYR G 340 10.30 3.47 17.45
CA TYR G 340 10.68 3.88 16.10
CA TYR G 340 10.68 3.85 16.09
C TYR G 340 12.08 4.47 16.00
N ASP G 341 12.88 4.30 17.07
CA ASP G 341 14.22 4.90 17.21
C ASP G 341 14.17 6.42 17.21
N THR G 342 13.02 6.95 17.62
CA THR G 342 12.82 8.38 17.69
C THR G 342 13.17 8.79 19.10
N THR G 343 14.11 9.72 19.21
CA THR G 343 14.56 10.24 20.50
C THR G 343 13.82 11.54 20.82
N VAL G 344 14.02 12.06 22.03
CA VAL G 344 13.20 13.16 22.51
C VAL G 344 14.00 14.37 22.96
N GLN G 345 13.62 15.54 22.45
CA GLN G 345 14.01 16.84 23.03
C GLN G 345 12.73 17.57 23.40
N VAL G 346 12.42 17.69 24.69
CA VAL G 346 11.17 18.37 25.10
C VAL G 346 11.22 19.83 24.63
N HIS G 347 10.12 20.33 24.08
CA HIS G 347 10.07 21.74 23.69
C HIS G 347 9.87 22.59 24.92
N VAL G 348 10.71 23.60 25.11
CA VAL G 348 10.68 24.43 26.33
C VAL G 348 10.79 25.91 25.95
N CYS G 349 9.69 26.63 26.07
CA CYS G 349 9.67 28.08 25.74
C CYS G 349 8.49 28.75 26.43
N GLY G 350 8.61 28.93 27.74
CA GLY G 350 7.56 29.57 28.51
C GLY G 350 8.19 30.09 29.79
N GLY G 351 7.60 29.70 30.91
CA GLY G 351 8.11 30.07 32.23
C GLY G 351 8.96 28.96 32.86
N PRO G 352 9.41 29.17 34.11
CA PRO G 352 10.24 28.18 34.78
C PRO G 352 9.53 26.83 35.05
N VAL G 353 8.19 26.81 35.03
CA VAL G 353 7.50 25.56 35.29
C VAL G 353 7.76 24.56 34.15
N SER G 354 7.61 25.01 32.90
CA SER G 354 7.91 24.16 31.75
CA SER G 354 7.90 24.16 31.76
C SER G 354 9.34 23.61 31.84
N THR G 355 10.29 24.47 32.23
CA THR G 355 11.68 24.03 32.39
C THR G 355 11.80 22.82 33.36
N VAL G 356 11.24 22.91 34.56
CA VAL G 356 11.40 21.79 35.53
C VAL G 356 10.63 20.53 35.12
N ALA G 357 9.47 20.69 34.50
CA ALA G 357 8.75 19.55 33.97
C ALA G 357 9.60 18.80 32.94
N ALA G 358 10.23 19.56 32.03
CA ALA G 358 11.10 18.99 31.01
C ALA G 358 12.31 18.26 31.64
N LEU G 359 12.95 18.89 32.63
CA LEU G 359 14.09 18.30 33.32
C LEU G 359 13.79 16.95 33.95
N HIS G 360 12.65 16.87 34.63
CA HIS G 360 12.26 15.60 35.22
C HIS G 360 12.00 14.58 34.17
N MET G 361 11.29 14.95 33.11
CA MET G 361 10.98 13.99 32.03
C MET G 361 12.26 13.47 31.39
N GLU G 362 13.14 14.38 31.02
CA GLU G 362 14.35 14.01 30.31
C GLU G 362 15.32 13.19 31.16
N THR G 363 15.32 13.46 32.47
CA THR G 363 16.11 12.65 33.42
C THR G 363 15.64 11.16 33.46
N ALA G 364 14.32 10.93 33.37
CA ALA G 364 13.79 9.57 33.47
C ALA G 364 13.83 8.73 32.15
N ILE G 365 13.61 9.35 31.00
CA ILE G 365 13.38 8.58 29.77
C ILE G 365 14.67 8.05 29.15
N PRO G 366 14.64 6.80 28.65
CA PRO G 366 15.89 6.31 28.08
C PRO G 366 16.23 6.91 26.70
N ASN G 367 15.24 7.51 26.02
CA ASN G 367 15.44 8.05 24.67
C ASN G 367 15.53 9.58 24.61
N PHE G 368 16.11 10.18 25.65
CA PHE G 368 16.48 11.59 25.62
C PHE G 368 17.60 11.81 24.62
N ILE G 369 17.54 12.88 23.82
CA ILE G 369 18.70 13.24 22.97
C ILE G 369 19.39 14.55 23.38
N ILE G 370 18.61 15.61 23.59
CA ILE G 370 19.17 16.95 23.84
C ILE G 370 18.10 17.85 24.44
N HIS G 371 18.54 18.85 25.23
CA HIS G 371 17.66 19.78 25.92
C HIS G 371 17.72 21.16 25.31
N GLU G 372 16.57 21.82 25.25
CA GLU G 372 16.49 23.15 24.64
C GLU G 372 16.62 24.27 25.69
N HIS G 373 17.64 25.13 25.55
CA HIS G 373 17.76 26.28 26.44
C HIS G 373 17.49 27.54 25.67
N HIS G 374 16.32 28.11 25.92
CA HIS G 374 15.89 29.30 25.17
C HIS G 374 16.64 30.57 25.54
N THR G 375 16.82 31.41 24.52
CA THR G 375 17.61 32.63 24.65
C THR G 375 17.05 33.63 25.71
N ASN G 376 15.77 33.47 26.06
CA ASN G 376 15.07 34.31 27.04
C ASN G 376 14.98 33.74 28.44
N ALA G 377 15.52 32.55 28.68
CA ALA G 377 15.26 31.88 29.96
C ALA G 377 15.90 32.56 31.20
N MET G 378 16.81 33.49 30.94
CA MET G 378 17.49 34.25 31.99
C MET G 378 16.85 35.61 32.30
N LYS G 379 15.86 36.02 31.49
CA LYS G 379 15.18 37.31 31.72
C LYS G 379 14.64 37.36 33.13
N ALA G 380 14.87 38.49 33.80
CA ALA G 380 14.38 38.69 35.16
C ALA G 380 12.87 38.51 35.27
N SER G 381 12.12 38.95 34.27
CA SER G 381 10.67 38.90 34.37
C SER G 381 10.15 37.46 34.21
N ILE G 382 10.96 36.61 33.60
CA ILE G 382 10.62 35.18 33.54
C ILE G 382 11.06 34.48 34.82
N ARG G 383 12.33 34.68 35.21
CA ARG G 383 12.86 34.00 36.40
C ARG G 383 12.11 34.35 37.69
N GLU G 384 11.66 35.60 37.82
CA GLU G 384 11.01 36.04 39.05
C GLU G 384 9.64 35.41 39.31
N LEU G 385 9.08 34.71 38.32
CA LEU G 385 7.79 34.03 38.48
C LEU G 385 7.88 32.92 39.54
N CYS G 386 9.08 32.37 39.70
CA CYS G 386 9.29 31.21 40.56
C CYS G 386 10.43 31.44 41.55
N THR G 387 10.56 30.53 42.51
CA THR G 387 11.46 30.71 43.67
C THR G 387 12.86 30.11 43.51
N HIS G 388 13.01 29.19 42.56
CA HIS G 388 14.28 28.54 42.27
C HIS G 388 14.70 28.82 40.86
N ASP G 389 16.00 28.77 40.61
CA ASP G 389 16.56 29.03 39.29
C ASP G 389 17.33 27.78 38.87
N TYR G 390 16.88 27.11 37.81
CA TYR G 390 17.63 25.98 37.25
C TYR G 390 18.19 26.39 35.90
N GLN G 391 19.51 26.44 35.83
CA GLN G 391 20.21 26.87 34.61
C GLN G 391 21.28 25.84 34.26
N PRO G 392 21.61 25.71 32.96
CA PRO G 392 22.66 24.78 32.56
C PRO G 392 24.03 25.31 32.92
N GLU G 393 25.03 24.43 32.97
CA GLU G 393 26.44 24.80 33.18
C GLU G 393 27.29 24.06 32.18
N ASN G 394 28.12 24.81 31.46
CA ASN G 394 29.04 24.23 30.48
C ASN G 394 28.32 23.23 29.55
N GLY G 395 27.12 23.62 29.14
CA GLY G 395 26.40 22.89 28.11
C GLY G 395 25.57 21.73 28.64
N TYR G 396 25.45 21.60 29.96
CA TYR G 396 24.65 20.53 30.58
C TYR G 396 23.71 20.99 31.65
N TYR G 397 22.59 20.29 31.73
CA TYR G 397 21.61 20.47 32.81
C TYR G 397 21.61 19.24 33.71
N VAL G 398 21.20 19.46 34.96
CA VAL G 398 20.86 18.37 35.87
C VAL G 398 19.44 18.60 36.43
N ALA G 399 18.85 17.55 36.99
CA ALA G 399 17.51 17.59 37.51
C ALA G 399 17.45 18.22 38.91
N PRO G 400 16.32 18.86 39.24
CA PRO G 400 16.05 19.23 40.62
C PRO G 400 15.99 17.98 41.49
N GLU G 401 16.35 18.11 42.76
CA GLU G 401 16.37 16.97 43.67
C GLU G 401 15.35 17.10 44.83
N GLN G 402 14.57 18.17 44.86
CA GLN G 402 13.57 18.38 45.92
C GLN G 402 12.34 17.50 45.67
N PRO G 403 11.46 17.34 46.69
CA PRO G 403 10.20 16.61 46.38
C PRO G 403 9.36 17.35 45.34
N GLY G 404 8.61 16.60 44.51
CA GLY G 404 7.79 17.21 43.47
C GLY G 404 8.64 17.79 42.33
N LEU G 405 8.19 18.90 41.77
CA LEU G 405 8.91 19.53 40.66
C LEU G 405 10.18 20.25 41.13
N GLY G 406 10.19 20.66 42.41
CA GLY G 406 11.30 21.46 42.95
C GLY G 406 11.16 22.94 42.61
N GLN G 407 9.92 23.41 42.51
CA GLN G 407 9.61 24.80 42.18
C GLN G 407 8.35 25.25 42.90
N GLU G 408 8.33 26.54 43.25
CA GLU G 408 7.16 27.20 43.79
C GLU G 408 7.00 28.52 43.07
N LEU G 409 5.79 29.05 43.08
CA LEU G 409 5.57 30.38 42.55
C LEU G 409 6.11 31.41 43.54
N ASN G 410 6.60 32.53 43.02
CA ASN G 410 7.02 33.67 43.82
C ASN G 410 5.81 34.58 44.04
N ASP G 411 5.11 34.35 45.15
CA ASP G 411 3.85 35.03 45.47
C ASP G 411 3.92 36.56 45.50
N GLU G 412 5.07 37.10 45.90
CA GLU G 412 5.30 38.55 45.87
C GLU G 412 5.15 39.12 44.46
N VAL G 413 5.56 38.35 43.45
CA VAL G 413 5.39 38.74 42.06
C VAL G 413 4.03 38.31 41.48
N VAL G 414 3.70 37.02 41.60
CA VAL G 414 2.52 36.50 40.89
C VAL G 414 1.18 36.93 41.46
N LYS G 415 1.15 37.50 42.65
CA LYS G 415 -0.10 38.08 43.15
C LYS G 415 -0.62 39.11 42.15
N GLU G 416 0.29 39.76 41.42
CA GLU G 416 -0.08 40.80 40.45
C GLU G 416 -0.71 40.22 39.19
N TYR G 417 -0.50 38.92 38.98
CA TYR G 417 -0.93 38.25 37.76
C TYR G 417 -2.12 37.34 38.00
N LEU G 418 -2.56 37.21 39.26
CA LEU G 418 -3.65 36.29 39.57
C LEU G 418 -4.86 36.78 38.82
N ALA G 419 -5.43 35.92 37.98
CA ALA G 419 -6.64 36.25 37.22
C ALA G 419 -7.93 35.63 37.80
N TYR G 420 -7.90 34.36 38.16
CA TYR G 420 -9.10 33.66 38.65
C TYR G 420 -8.68 32.65 39.69
N VAL G 421 -9.61 32.39 40.60
CA VAL G 421 -9.48 31.30 41.54
C VAL G 421 -10.73 30.46 41.42
N ILE G 422 -10.56 29.21 41.00
CA ILE G 422 -11.68 28.29 40.88
C ILE G 422 -11.78 27.46 42.16
N LYS G 423 -12.95 27.52 42.80
CA LYS G 423 -13.21 26.77 44.02
C LYS G 423 -14.68 26.31 44.12
N MET H 23 -12.55 52.82 1.43
CA MET H 23 -12.43 51.41 1.93
C MET H 23 -12.64 51.37 3.45
N MET H 24 -13.47 50.43 3.92
CA MET H 24 -13.81 50.29 5.35
C MET H 24 -12.63 49.85 6.20
N LYS H 25 -12.66 50.21 7.48
CA LYS H 25 -11.70 49.67 8.45
C LYS H 25 -12.45 49.12 9.65
N ILE H 26 -11.95 48.00 10.19
CA ILE H 26 -12.51 47.44 11.41
C ILE H 26 -12.15 48.37 12.57
N THR H 27 -13.12 48.69 13.41
CA THR H 27 -12.90 49.64 14.52
C THR H 27 -12.92 49.01 15.90
N SER H 28 -13.76 48.00 16.09
CA SER H 28 -13.80 47.28 17.36
C SER H 28 -14.48 45.93 17.18
N ILE H 29 -14.27 45.04 18.15
CA ILE H 29 -14.92 43.73 18.19
C ILE H 29 -15.47 43.52 19.60
N GLU H 30 -16.79 43.34 19.70
CA GLU H 30 -17.43 43.04 20.96
C GLU H 30 -17.50 41.54 21.15
N VAL H 31 -17.19 41.08 22.37
CA VAL H 31 -17.29 39.67 22.73
C VAL H 31 -18.36 39.46 23.78
N PHE H 32 -19.32 38.59 23.45
CA PHE H 32 -20.44 38.30 24.34
C PHE H 32 -20.32 36.89 24.91
N ASP H 33 -20.10 36.84 26.23
CA ASP H 33 -20.03 35.61 26.99
C ASP H 33 -21.46 35.30 27.47
N CYS H 34 -22.16 34.49 26.70
CA CYS H 34 -23.61 34.31 26.88
C CYS H 34 -23.85 33.20 27.89
N GLU H 35 -23.56 33.52 29.15
CA GLU H 35 -23.78 32.63 30.29
C GLU H 35 -25.27 32.57 30.56
N LEU H 36 -25.96 31.64 29.90
CA LEU H 36 -27.43 31.62 29.87
C LEU H 36 -28.08 31.52 31.26
N LYS H 37 -27.36 30.93 32.22
CA LYS H 37 -27.90 30.77 33.58
C LYS H 37 -28.12 32.10 34.29
N LYS H 38 -27.52 33.17 33.77
CA LYS H 38 -27.82 34.53 34.24
C LYS H 38 -29.29 34.88 34.02
N ARG H 39 -29.88 34.25 33.01
CA ARG H 39 -31.27 34.54 32.65
C ARG H 39 -32.22 33.35 32.73
N ASP H 40 -31.68 32.13 32.78
CA ASP H 40 -32.51 30.92 32.77
C ASP H 40 -31.77 29.74 33.41
N GLN H 41 -32.20 29.33 34.61
CA GLN H 41 -31.50 28.30 35.37
CA GLN H 41 -31.55 28.27 35.40
C GLN H 41 -31.56 26.92 34.72
N THR H 42 -32.54 26.70 33.85
CA THR H 42 -32.69 25.41 33.18
C THR H 42 -31.67 25.24 32.06
N MET H 43 -30.91 26.28 31.77
CA MET H 43 -29.95 26.26 30.66
C MET H 43 -28.52 26.33 31.16
N SER H 44 -28.33 26.01 32.44
CA SER H 44 -27.11 26.37 33.16
C SER H 44 -25.80 25.85 32.57
N SER H 45 -25.80 24.65 31.99
CA SER H 45 -24.57 24.11 31.39
C SER H 45 -24.35 24.51 29.91
N TYR H 46 -24.93 25.64 29.51
CA TYR H 46 -24.94 26.06 28.12
C TYR H 46 -24.46 27.51 28.00
N ASN H 47 -23.53 27.78 27.10
CA ASN H 47 -22.82 29.05 27.09
C ASN H 47 -22.39 29.46 25.67
N PRO H 48 -23.35 29.95 24.85
CA PRO H 48 -22.90 30.47 23.55
C PRO H 48 -21.90 31.60 23.73
N VAL H 49 -21.00 31.74 22.76
CA VAL H 49 -20.08 32.86 22.72
C VAL H 49 -20.32 33.55 21.37
N LEU H 50 -20.74 34.82 21.39
CA LEU H 50 -21.03 35.56 20.17
C LEU H 50 -20.09 36.76 20.07
N ILE H 51 -19.89 37.24 18.85
CA ILE H 51 -19.08 38.42 18.65
C ILE H 51 -19.77 39.36 17.67
N ARG H 52 -19.37 40.63 17.70
CA ARG H 52 -19.84 41.61 16.74
C ARG H 52 -18.63 42.42 16.30
N VAL H 53 -18.42 42.48 15.00
CA VAL H 53 -17.28 43.18 14.46
C VAL H 53 -17.84 44.47 13.87
N ASN H 54 -17.29 45.60 14.32
CA ASN H 54 -17.77 46.92 13.91
C ASN H 54 -16.81 47.61 12.98
N THR H 55 -17.35 48.39 12.06
CA THR H 55 -16.50 49.08 11.07
C THR H 55 -16.77 50.58 11.15
N ASP H 56 -15.84 51.36 10.60
CA ASP H 56 -15.95 52.81 10.57
C ASP H 56 -16.98 53.28 9.54
N SER H 57 -17.52 52.35 8.74
CA SER H 57 -18.59 52.67 7.81
C SER H 57 -19.94 52.59 8.49
N GLY H 58 -19.98 52.03 9.70
CA GLY H 58 -21.23 51.85 10.40
C GLY H 58 -21.83 50.46 10.23
N LEU H 59 -21.29 49.69 9.29
CA LEU H 59 -21.70 48.29 9.11
C LEU H 59 -21.03 47.42 10.18
N SER H 60 -21.82 46.51 10.74
CA SER H 60 -21.30 45.53 11.69
C SER H 60 -21.70 44.15 11.25
N GLY H 61 -20.98 43.15 11.74
CA GLY H 61 -21.27 41.76 11.40
C GLY H 61 -21.17 40.92 12.66
N ILE H 62 -21.91 39.83 12.71
CA ILE H 62 -21.91 38.99 13.89
C ILE H 62 -21.39 37.60 13.59
N GLY H 63 -20.70 37.02 14.57
CA GLY H 63 -20.19 35.67 14.48
C GLY H 63 -20.45 34.90 15.75
N GLU H 64 -20.06 33.62 15.74
CA GLU H 64 -20.25 32.74 16.88
C GLU H 64 -19.05 31.79 16.98
N VAL H 65 -18.59 31.57 18.22
CA VAL H 65 -17.58 30.58 18.58
C VAL H 65 -18.36 29.34 19.02
N GLY H 66 -18.11 28.22 18.34
CA GLY H 66 -18.94 27.00 18.50
C GLY H 66 -18.68 26.14 19.75
N LEU H 67 -18.55 26.78 20.90
CA LEU H 67 -18.19 26.06 22.13
C LEU H 67 -19.27 26.23 23.20
N ALA H 68 -20.52 26.17 22.79
CA ALA H 68 -21.65 26.44 23.71
C ALA H 68 -21.90 25.34 24.76
N TYR H 69 -21.44 24.12 24.47
CA TYR H 69 -21.58 22.95 25.36
C TYR H 69 -20.22 22.28 25.59
N GLY H 70 -20.14 21.42 26.60
CA GLY H 70 -18.87 20.83 26.96
C GLY H 70 -17.94 21.84 27.62
N ALA H 71 -16.66 21.50 27.71
CA ALA H 71 -15.73 22.33 28.44
C ALA H 71 -15.01 23.19 27.41
N GLY H 72 -15.33 24.48 27.38
CA GLY H 72 -14.70 25.32 26.38
C GLY H 72 -15.09 26.77 26.24
N ALA H 73 -16.23 27.16 26.80
CA ALA H 73 -16.73 28.51 26.54
C ALA H 73 -15.77 29.62 26.96
N LYS H 74 -15.15 29.52 28.15
CA LYS H 74 -14.28 30.60 28.62
C LYS H 74 -13.01 30.67 27.77
N ALA H 75 -12.55 29.51 27.29
CA ALA H 75 -11.45 29.47 26.34
C ALA H 75 -11.86 30.16 25.03
N GLY H 76 -13.11 30.00 24.65
CA GLY H 76 -13.66 30.62 23.43
C GLY H 76 -13.75 32.13 23.54
N VAL H 77 -14.09 32.63 24.72
CA VAL H 77 -14.07 34.05 24.95
C VAL H 77 -12.63 34.52 24.79
N GLY H 78 -11.70 33.79 25.42
CA GLY H 78 -10.29 34.17 25.40
C GLY H 78 -9.66 34.22 24.03
N ILE H 79 -9.99 33.27 23.15
CA ILE H 79 -9.34 33.23 21.85
C ILE H 79 -9.72 34.47 20.99
N ILE H 80 -10.90 35.01 21.19
CA ILE H 80 -11.27 36.26 20.52
C ILE H 80 -10.37 37.40 21.04
N ARG H 81 -10.10 37.43 22.35
CA ARG H 81 -9.19 38.44 22.94
C ARG H 81 -7.80 38.34 22.32
N ASP H 82 -7.43 37.12 21.94
CA ASP H 82 -6.11 36.85 21.35
C ASP H 82 -6.05 37.26 19.89
N LEU H 83 -7.14 37.05 19.16
CA LEU H 83 -7.14 37.16 17.69
C LEU H 83 -7.62 38.51 17.18
N ALA H 84 -8.74 38.99 17.72
CA ALA H 84 -9.33 40.32 17.37
C ALA H 84 -8.32 41.50 17.30
N PRO H 85 -7.38 41.60 18.25
CA PRO H 85 -6.51 42.76 18.13
C PRO H 85 -5.72 42.83 16.81
N LEU H 86 -5.45 41.67 16.21
CA LEU H 86 -4.67 41.61 14.98
C LEU H 86 -5.40 42.23 13.80
N ILE H 87 -6.72 42.34 13.87
CA ILE H 87 -7.47 42.88 12.73
C ILE H 87 -8.11 44.27 12.95
N VAL H 88 -7.99 44.84 14.16
CA VAL H 88 -8.45 46.21 14.37
C VAL H 88 -7.68 47.12 13.40
N GLY H 89 -8.42 47.95 12.65
CA GLY H 89 -7.83 48.86 11.69
C GLY H 89 -7.62 48.27 10.30
N GLU H 90 -7.95 46.99 10.14
CA GLU H 90 -7.75 46.32 8.87
C GLU H 90 -9.03 46.37 8.03
N ASP H 91 -8.86 46.15 6.72
CA ASP H 91 -9.96 46.14 5.78
C ASP H 91 -10.70 44.81 5.94
N PRO H 92 -11.98 44.84 6.34
CA PRO H 92 -12.71 43.56 6.55
C PRO H 92 -13.04 42.75 5.29
N LEU H 93 -12.99 43.39 4.12
CA LEU H 93 -13.35 42.74 2.86
C LEU H 93 -12.31 41.70 2.39
N ASN H 94 -11.07 41.81 2.89
CA ASN H 94 -10.04 40.82 2.53
C ASN H 94 -10.12 39.56 3.41
N ILE H 95 -11.21 38.82 3.22
CA ILE H 95 -11.55 37.69 4.06
C ILE H 95 -10.55 36.52 3.93
N GLU H 96 -10.17 36.18 2.70
CA GLU H 96 -9.18 35.12 2.48
C GLU H 96 -7.82 35.53 3.08
N LYS H 97 -7.43 36.79 2.89
CA LYS H 97 -6.17 37.27 3.44
C LYS H 97 -6.14 37.19 4.98
N ILE H 98 -7.25 37.58 5.62
CA ILE H 98 -7.35 37.55 7.07
C ILE H 98 -7.28 36.10 7.56
N TRP H 99 -8.00 35.21 6.89
CA TRP H 99 -8.06 33.79 7.27
C TRP H 99 -6.67 33.21 7.21
N GLU H 100 -6.01 33.49 6.09
CA GLU H 100 -4.65 32.99 5.86
C GLU H 100 -3.66 33.56 6.89
N PHE H 101 -3.85 34.83 7.26
CA PHE H 101 -3.02 35.43 8.30
C PHE H 101 -3.16 34.72 9.65
N PHE H 102 -4.37 34.47 10.07
CA PHE H 102 -4.57 33.73 11.30
C PHE H 102 -3.97 32.31 11.21
N PHE H 103 -4.08 31.68 10.05
CA PHE H 103 -3.56 30.33 9.87
C PHE H 103 -2.03 30.33 9.95
N ARG H 104 -1.43 31.32 9.32
CA ARG H 104 0.02 31.30 9.07
C ARG H 104 0.90 32.05 10.04
N LYS H 105 0.36 33.14 10.61
CA LYS H 105 1.19 34.14 11.27
CA LYS H 105 1.21 34.12 11.28
C LYS H 105 0.90 34.36 12.76
N THR H 106 0.32 33.35 13.42
CA THR H 106 -0.06 33.41 14.83
C THR H 106 0.64 32.30 15.62
N PHE H 107 1.49 31.55 14.92
CA PHE H 107 2.07 30.27 15.41
C PHE H 107 1.05 29.14 15.51
N TRP H 108 0.02 29.35 16.32
CA TRP H 108 -0.94 28.29 16.63
C TRP H 108 -1.90 27.96 15.50
N GLY H 109 -2.10 28.86 14.54
CA GLY H 109 -2.93 28.56 13.36
C GLY H 109 -2.49 27.29 12.60
N MET H 110 -1.20 27.00 12.64
CA MET H 110 -0.66 25.83 11.96
C MET H 110 -0.53 24.60 12.88
N GLY H 111 -1.10 24.70 14.09
CA GLY H 111 -1.16 23.55 15.01
C GLY H 111 -2.31 23.79 15.97
N GLY H 112 -3.48 24.07 15.40
CA GLY H 112 -4.60 24.62 16.16
C GLY H 112 -5.40 23.60 16.87
N GLY H 113 -6.71 23.67 16.68
CA GLY H 113 -7.64 22.74 17.32
C GLY H 113 -8.97 23.41 17.48
N ASN H 114 -9.84 22.84 18.31
CA ASN H 114 -11.19 23.36 18.39
C ASN H 114 -11.24 24.83 18.77
N VAL H 115 -10.49 25.23 19.81
CA VAL H 115 -10.58 26.61 20.29
C VAL H 115 -10.04 27.59 19.25
N PHE H 116 -8.83 27.32 18.75
CA PHE H 116 -8.22 28.25 17.82
C PHE H 116 -9.08 28.39 16.55
N TYR H 117 -9.50 27.28 15.96
CA TYR H 117 -10.23 27.39 14.69
C TYR H 117 -11.63 27.96 14.92
N ALA H 118 -12.16 27.76 16.11
CA ALA H 118 -13.41 28.45 16.50
C ALA H 118 -13.28 29.97 16.57
N GLY H 119 -12.16 30.46 17.08
CA GLY H 119 -11.87 31.92 17.09
C GLY H 119 -11.87 32.43 15.65
N MET H 120 -11.16 31.70 14.78
CA MET H 120 -11.05 32.07 13.36
C MET H 120 -12.43 32.03 12.72
N SER H 121 -13.21 31.02 13.12
CA SER H 121 -14.54 30.84 12.55
C SER H 121 -15.46 32.01 12.87
N ALA H 122 -15.47 32.44 14.13
CA ALA H 122 -16.39 33.50 14.55
C ALA H 122 -16.10 34.78 13.79
N ILE H 123 -14.80 35.11 13.67
CA ILE H 123 -14.37 36.29 12.94
C ILE H 123 -14.75 36.20 11.43
N ASP H 124 -14.47 35.04 10.83
CA ASP H 124 -14.81 34.79 9.46
C ASP H 124 -16.30 35.00 9.19
N ILE H 125 -17.13 34.40 10.03
CA ILE H 125 -18.56 34.53 9.83
C ILE H 125 -18.99 36.01 9.88
N ALA H 126 -18.48 36.73 10.87
CA ALA H 126 -18.79 38.16 11.02
C ALA H 126 -18.37 38.94 9.76
N LEU H 127 -17.25 38.54 9.13
CA LEU H 127 -16.81 39.23 7.92
C LEU H 127 -17.73 38.95 6.73
N TRP H 128 -18.23 37.71 6.62
CA TRP H 128 -19.22 37.40 5.60
C TRP H 128 -20.48 38.22 5.77
N ASP H 129 -20.90 38.39 7.03
CA ASP H 129 -22.05 39.26 7.35
C ASP H 129 -21.81 40.67 6.83
N ILE H 130 -20.67 41.26 7.20
CA ILE H 130 -20.31 42.61 6.73
C ILE H 130 -20.31 42.68 5.19
N LYS H 131 -19.67 41.71 4.55
CA LYS H 131 -19.56 41.73 3.10
C LYS H 131 -20.94 41.59 2.40
N GLY H 132 -21.79 40.72 2.94
CA GLY H 132 -23.18 40.64 2.47
C GLY H 132 -23.85 42.00 2.57
N LYS H 133 -23.73 42.63 3.73
CA LYS H 133 -24.41 43.92 3.94
C LYS H 133 -23.90 44.97 2.98
N TYR H 134 -22.57 45.03 2.83
CA TYR H 134 -21.90 45.98 1.95
C TYR H 134 -22.35 45.81 0.51
N LEU H 135 -22.49 44.57 0.06
CA LEU H 135 -22.91 44.30 -1.32
C LEU H 135 -24.45 44.21 -1.46
N GLY H 136 -25.16 44.21 -0.34
CA GLY H 136 -26.62 44.24 -0.31
C GLY H 136 -27.33 42.96 -0.69
N VAL H 137 -26.73 41.81 -0.37
CA VAL H 137 -27.31 40.52 -0.73
C VAL H 137 -27.11 39.54 0.43
N PRO H 138 -27.99 38.53 0.53
CA PRO H 138 -27.77 37.47 1.51
C PRO H 138 -26.46 36.73 1.26
N VAL H 139 -25.88 36.19 2.32
CA VAL H 139 -24.63 35.44 2.23
C VAL H 139 -24.69 34.28 1.21
N TYR H 140 -25.83 33.59 1.11
CA TYR H 140 -25.88 32.49 0.11
C TYR H 140 -25.55 32.98 -1.31
N GLN H 141 -25.89 34.23 -1.64
CA GLN H 141 -25.55 34.75 -2.95
C GLN H 141 -24.06 34.80 -3.19
N LEU H 142 -23.30 35.19 -2.15
CA LEU H 142 -21.85 35.30 -2.26
C LEU H 142 -21.21 33.94 -2.26
N LEU H 143 -21.93 32.94 -1.78
CA LEU H 143 -21.41 31.59 -1.74
C LEU H 143 -21.67 30.84 -3.04
N GLY H 144 -22.36 31.48 -3.99
CA GLY H 144 -22.68 30.81 -5.24
C GLY H 144 -24.12 30.81 -5.72
N GLY H 145 -25.04 31.33 -4.90
CA GLY H 145 -26.42 31.51 -5.33
C GLY H 145 -27.37 30.54 -4.69
N LYS H 146 -28.62 30.53 -5.15
CA LYS H 146 -29.64 29.64 -4.60
C LYS H 146 -29.66 28.28 -5.32
N THR H 147 -28.88 27.35 -4.78
CA THR H 147 -28.80 26.01 -5.33
C THR H 147 -29.96 25.15 -4.81
N ASN H 148 -30.28 25.32 -3.51
CA ASN H 148 -31.29 24.50 -2.86
C ASN H 148 -32.34 25.44 -2.28
N GLU H 149 -33.55 25.38 -2.83
CA GLU H 149 -34.62 26.31 -2.47
C GLU H 149 -35.17 26.03 -1.09
N LYS H 150 -35.23 24.74 -0.75
CA LYS H 150 -35.57 24.35 0.60
C LYS H 150 -34.67 23.24 1.09
N LEU H 151 -34.56 23.15 2.40
CA LEU H 151 -33.58 22.26 3.01
C LEU H 151 -34.26 21.23 3.91
N ARG H 152 -34.26 19.95 3.51
CA ARG H 152 -34.80 18.88 4.35
C ARG H 152 -34.11 18.92 5.71
N THR H 153 -34.89 18.77 6.78
CA THR H 153 -34.43 18.99 8.14
C THR H 153 -34.81 17.80 9.03
N TYR H 154 -33.89 17.38 9.88
CA TYR H 154 -34.19 16.40 10.91
C TYR H 154 -34.31 16.96 12.33
N ALA H 155 -35.17 16.33 13.14
CA ALA H 155 -35.29 16.65 14.56
C ALA H 155 -34.13 15.95 15.31
N SER H 156 -33.31 16.72 16.01
CA SER H 156 -32.03 16.23 16.49
C SER H 156 -31.96 16.03 18.02
N GLN H 157 -31.43 14.86 18.40
CA GLN H 157 -31.07 14.48 19.78
C GLN H 157 -32.32 14.17 20.61
N LEU H 158 -33.11 13.21 20.14
CA LEU H 158 -34.37 12.86 20.79
C LEU H 158 -34.25 12.13 22.13
N GLN H 159 -33.02 11.79 22.53
CA GLN H 159 -32.79 11.25 23.88
C GLN H 159 -33.17 12.28 24.96
N PHE H 160 -33.29 13.54 24.53
CA PHE H 160 -33.74 14.62 25.40
C PHE H 160 -35.19 15.04 25.12
N GLY H 161 -35.95 14.14 24.47
CA GLY H 161 -37.37 14.35 24.20
C GLY H 161 -37.59 15.24 22.98
N TRP H 162 -38.86 15.50 22.66
CA TRP H 162 -39.18 16.48 21.60
C TRP H 162 -40.38 17.31 21.92
N GLY H 163 -40.21 18.62 21.81
CA GLY H 163 -41.33 19.57 21.85
C GLY H 163 -42.15 19.53 23.12
N ASP H 164 -43.21 18.73 23.11
CA ASP H 164 -44.18 18.62 24.21
C ASP H 164 -43.57 18.10 25.53
N LYS H 165 -42.85 16.97 25.45
CA LYS H 165 -42.18 16.39 26.63
C LYS H 165 -40.67 16.43 26.44
N ARG H 166 -40.01 17.40 27.09
CA ARG H 166 -38.56 17.61 26.94
C ARG H 166 -37.78 17.32 28.25
N HIS H 167 -37.09 16.19 28.28
CA HIS H 167 -36.35 15.74 29.43
C HIS H 167 -35.50 14.55 29.08
N ILE H 168 -34.66 14.11 30.02
CA ILE H 168 -33.81 12.94 29.82
C ILE H 168 -34.70 11.71 29.72
N LEU H 169 -34.61 11.01 28.59
CA LEU H 169 -35.41 9.82 28.31
C LEU H 169 -34.68 8.51 28.60
N VAL H 170 -35.38 7.54 29.18
CA VAL H 170 -34.76 6.28 29.59
C VAL H 170 -35.35 5.03 28.92
N THR H 171 -36.68 4.84 29.03
CA THR H 171 -37.31 3.60 28.59
C THR H 171 -37.60 3.61 27.08
N PRO H 172 -37.67 2.43 26.45
CA PRO H 172 -38.02 2.44 25.01
C PRO H 172 -39.30 3.21 24.65
N GLU H 173 -40.35 3.05 25.45
CA GLU H 173 -41.61 3.76 25.23
C GLU H 173 -41.47 5.29 25.20
N GLU H 174 -40.64 5.85 26.08
CA GLU H 174 -40.32 7.29 26.05
C GLU H 174 -39.62 7.73 24.73
N TYR H 175 -38.70 6.89 24.25
CA TYR H 175 -38.05 7.15 22.98
C TYR H 175 -39.07 7.07 21.81
N ALA H 176 -40.01 6.13 21.90
CA ALA H 176 -41.04 5.98 20.88
C ALA H 176 -41.92 7.22 20.84
N GLU H 177 -42.30 7.71 22.02
CA GLU H 177 -43.12 8.91 22.12
C GLU H 177 -42.40 10.14 21.53
N ALA H 178 -41.14 10.33 21.90
CA ALA H 178 -40.30 11.38 21.30
C ALA H 178 -40.32 11.34 19.76
N ALA H 179 -40.13 10.15 19.19
CA ALA H 179 -40.15 9.95 17.73
C ALA H 179 -41.51 10.35 17.09
N ARG H 180 -42.61 9.93 17.73
CA ARG H 180 -43.95 10.34 17.31
C ARG H 180 -44.13 11.85 17.36
N ALA H 181 -43.69 12.47 18.46
CA ALA H 181 -43.76 13.91 18.60
C ALA H 181 -43.11 14.60 17.40
N ALA H 182 -41.88 14.19 17.08
CA ALA H 182 -41.17 14.77 15.94
C ALA H 182 -41.91 14.59 14.62
N LEU H 183 -42.34 13.37 14.32
CA LEU H 183 -43.07 13.09 13.08
C LEU H 183 -44.40 13.88 13.01
N ASP H 184 -45.07 14.03 14.14
CA ASP H 184 -46.28 14.85 14.21
C ASP H 184 -45.98 16.34 14.03
N ASP H 185 -44.74 16.73 14.33
CA ASP H 185 -44.26 18.10 14.14
C ASP H 185 -43.84 18.32 12.66
N GLY H 186 -43.97 17.27 11.86
CA GLY H 186 -43.79 17.37 10.40
C GLY H 186 -42.41 16.91 9.90
N TYR H 187 -41.59 16.35 10.79
CA TYR H 187 -40.29 15.81 10.36
C TYR H 187 -40.42 14.41 9.79
N ASP H 188 -39.58 14.08 8.79
CA ASP H 188 -39.54 12.71 8.28
C ASP H 188 -38.15 12.09 8.50
N ALA H 189 -37.38 12.72 9.38
CA ALA H 189 -36.11 12.23 9.82
C ALA H 189 -35.83 12.69 11.25
N ILE H 190 -35.23 11.82 12.03
CA ILE H 190 -34.84 12.14 13.40
C ILE H 190 -33.41 11.68 13.69
N LYS H 191 -32.80 12.24 14.72
CA LYS H 191 -31.53 11.70 15.23
C LYS H 191 -31.60 11.47 16.73
N VAL H 192 -31.01 10.36 17.15
CA VAL H 192 -31.04 9.95 18.55
C VAL H 192 -29.72 9.28 18.89
N ASP H 193 -29.23 9.54 20.09
CA ASP H 193 -28.13 8.76 20.66
C ASP H 193 -28.79 7.80 21.66
N PRO H 194 -28.88 6.50 21.29
CA PRO H 194 -29.52 5.48 22.10
C PRO H 194 -28.63 4.95 23.24
N LEU H 195 -27.38 5.40 23.36
CA LEU H 195 -26.49 4.86 24.39
C LEU H 195 -26.03 5.92 25.39
N GLU H 196 -26.30 7.18 25.09
CA GLU H 196 -25.83 8.27 25.93
C GLU H 196 -26.43 8.22 27.35
N ILE H 197 -27.71 7.88 27.42
CA ILE H 197 -28.42 7.81 28.72
C ILE H 197 -28.37 6.39 29.27
N ASP H 198 -27.76 6.21 30.44
CA ASP H 198 -27.68 4.87 31.03
C ASP H 198 -29.02 4.47 31.64
N ARG H 199 -29.10 3.28 32.23
CA ARG H 199 -30.34 2.77 32.82
C ARG H 199 -30.90 3.68 33.90
N ASN H 200 -30.03 4.47 34.53
CA ASN H 200 -30.43 5.30 35.67
C ASN H 200 -30.71 6.73 35.29
N GLY H 201 -30.64 7.05 33.99
CA GLY H 201 -30.90 8.38 33.54
C GLY H 201 -29.69 9.30 33.65
N ASP H 202 -28.49 8.74 33.83
CA ASP H 202 -27.28 9.53 33.85
C ASP H 202 -26.71 9.66 32.44
N ASP H 203 -25.87 10.67 32.25
CA ASP H 203 -25.38 11.09 30.93
C ASP H 203 -23.91 10.68 30.68
N CYS H 204 -23.71 9.69 29.83
CA CYS H 204 -22.38 9.13 29.60
C CYS H 204 -21.48 10.06 28.81
N VAL H 205 -22.05 11.10 28.16
CA VAL H 205 -21.25 12.09 27.46
C VAL H 205 -20.49 12.96 28.46
N PHE H 206 -21.11 13.27 29.58
CA PHE H 206 -20.51 14.20 30.55
C PHE H 206 -20.23 13.65 31.95
N GLN H 207 -20.57 12.38 32.19
CA GLN H 207 -20.36 11.76 33.49
C GLN H 207 -19.55 10.47 33.34
N ASN H 208 -18.79 10.13 34.38
CA ASN H 208 -18.10 8.85 34.42
C ASN H 208 -19.04 7.67 34.63
N ARG H 209 -19.72 7.29 33.56
CA ARG H 209 -20.60 6.12 33.56
C ARG H 209 -20.24 5.27 32.35
N ASN H 210 -20.36 3.95 32.49
CA ASN H 210 -20.14 2.99 31.42
C ASN H 210 -18.81 3.26 30.72
N ARG H 211 -17.76 3.36 31.51
CA ARG H 211 -16.42 3.56 30.94
C ARG H 211 -16.07 2.43 29.98
N ASN H 212 -16.70 1.27 30.15
CA ASN H 212 -16.40 0.13 29.30
C ASN H 212 -16.85 0.32 27.84
N TYR H 213 -17.67 1.34 27.59
CA TYR H 213 -18.13 1.67 26.22
C TYR H 213 -16.98 1.71 25.21
N SER H 214 -15.79 2.14 25.64
CA SER H 214 -14.63 2.29 24.74
CA SER H 214 -14.71 2.29 24.65
C SER H 214 -14.00 0.96 24.30
N GLY H 215 -14.43 -0.11 24.93
CA GLY H 215 -13.89 -1.43 24.63
C GLY H 215 -14.93 -2.23 23.90
N LEU H 216 -15.65 -3.05 24.67
CA LEU H 216 -16.76 -3.84 24.16
C LEU H 216 -17.96 -3.61 25.03
N LEU H 217 -19.14 -3.57 24.41
CA LEU H 217 -20.40 -3.44 25.18
C LEU H 217 -20.76 -4.69 25.94
N LEU H 218 -21.34 -4.50 27.14
CA LEU H 218 -21.99 -5.57 27.90
C LEU H 218 -23.34 -5.89 27.30
N ALA H 219 -23.85 -7.10 27.56
CA ALA H 219 -25.16 -7.52 27.05
C ALA H 219 -26.26 -6.52 27.36
N ASP H 220 -26.33 -6.06 28.60
CA ASP H 220 -27.40 -5.14 28.98
C ASP H 220 -27.38 -3.85 28.20
N GLN H 221 -26.17 -3.34 27.95
CA GLN H 221 -25.98 -2.08 27.23
C GLN H 221 -26.43 -2.21 25.76
N LEU H 222 -26.05 -3.30 25.16
CA LEU H 222 -26.43 -3.63 23.83
C LEU H 222 -27.95 -3.79 23.70
N LYS H 223 -28.53 -4.47 24.64
CA LYS H 223 -29.99 -4.59 24.74
C LYS H 223 -30.64 -3.24 24.97
N MET H 224 -30.02 -2.44 25.84
CA MET H 224 -30.52 -1.09 26.13
C MET H 224 -30.62 -0.23 24.86
N GLY H 225 -29.51 -0.13 24.11
CA GLY H 225 -29.46 0.72 22.94
C GLY H 225 -30.39 0.22 21.86
N GLU H 226 -30.39 -1.08 21.62
CA GLU H 226 -31.22 -1.65 20.55
C GLU H 226 -32.72 -1.53 20.84
N ALA H 227 -33.13 -1.82 22.06
CA ALA H 227 -34.56 -1.68 22.43
C ALA H 227 -35.08 -0.27 22.14
N ARG H 228 -34.26 0.75 22.41
CA ARG H 228 -34.65 2.14 22.11
C ARG H 228 -34.81 2.40 20.59
N ILE H 229 -33.82 2.03 19.79
CA ILE H 229 -33.93 2.12 18.33
C ILE H 229 -35.12 1.32 17.79
N ALA H 230 -35.27 0.07 18.24
CA ALA H 230 -36.37 -0.79 17.80
C ALA H 230 -37.75 -0.15 18.07
N ALA H 231 -37.91 0.46 19.24
CA ALA H 231 -39.20 1.08 19.64
C ALA H 231 -39.44 2.30 18.78
N MET H 232 -38.36 3.00 18.41
CA MET H 232 -38.54 4.19 17.60
C MET H 232 -38.91 3.82 16.15
N ARG H 233 -38.20 2.86 15.56
CA ARG H 233 -38.53 2.41 14.20
C ARG H 233 -40.00 1.92 14.18
N GLU H 234 -40.39 1.22 15.24
CA GLU H 234 -41.78 0.71 15.28
C GLU H 234 -42.76 1.86 15.24
N ALA H 235 -42.57 2.84 16.13
CA ALA H 235 -43.42 4.04 16.21
C ALA H 235 -43.47 4.84 14.91
N MET H 236 -42.30 4.98 14.25
CA MET H 236 -42.17 5.83 13.08
C MET H 236 -42.67 5.23 11.77
N GLY H 237 -42.64 3.91 11.66
CA GLY H 237 -42.85 3.25 10.39
C GLY H 237 -41.54 3.16 9.63
N ASP H 238 -41.55 2.49 8.48
CA ASP H 238 -40.30 2.19 7.75
C ASP H 238 -39.68 3.34 6.94
N ASP H 239 -40.50 4.32 6.58
CA ASP H 239 -40.08 5.34 5.61
C ASP H 239 -39.26 6.48 6.20
N ALA H 240 -39.64 6.94 7.37
CA ALA H 240 -38.91 8.03 8.03
C ALA H 240 -37.50 7.57 8.40
N ASP H 241 -36.52 8.47 8.29
CA ASP H 241 -35.13 8.11 8.52
C ASP H 241 -34.68 8.26 9.97
N ILE H 242 -33.85 7.31 10.41
CA ILE H 242 -33.23 7.39 11.73
C ILE H 242 -31.74 7.57 11.61
N ILE H 243 -31.21 8.67 12.15
CA ILE H 243 -29.76 8.83 12.30
C ILE H 243 -29.42 8.41 13.74
N VAL H 244 -28.47 7.50 13.89
CA VAL H 244 -27.98 7.08 15.21
C VAL H 244 -26.70 7.86 15.52
N GLU H 245 -26.80 8.72 16.54
CA GLU H 245 -25.68 9.51 17.06
C GLU H 245 -24.99 8.68 18.16
N ILE H 246 -23.66 8.65 18.18
CA ILE H 246 -22.91 7.93 19.22
C ILE H 246 -22.03 8.85 20.07
N HIS H 247 -21.83 10.10 19.64
CA HIS H 247 -21.03 11.09 20.39
C HIS H 247 -19.61 10.63 20.69
N SER H 248 -19.01 9.86 19.79
CA SER H 248 -17.73 9.21 20.04
C SER H 248 -17.62 8.44 21.36
N LEU H 249 -18.73 7.90 21.87
CA LEU H 249 -18.72 7.18 23.14
C LEU H 249 -18.13 5.76 22.98
N LEU H 250 -18.26 5.18 21.79
CA LEU H 250 -17.79 3.82 21.58
C LEU H 250 -16.37 3.89 21.04
N GLY H 251 -15.66 2.78 21.12
CA GLY H 251 -14.38 2.62 20.43
C GLY H 251 -14.61 1.80 19.18
N THR H 252 -13.56 1.60 18.40
CA THR H 252 -13.73 0.90 17.16
C THR H 252 -14.48 -0.41 17.28
N ASN H 253 -14.14 -1.19 18.29
CA ASN H 253 -14.71 -2.54 18.37
C ASN H 253 -16.15 -2.53 18.84
N SER H 254 -16.46 -1.68 19.80
CA SER H 254 -17.88 -1.63 20.26
C SER H 254 -18.75 -0.88 19.24
N ALA H 255 -18.15 0.07 18.51
CA ALA H 255 -18.86 0.77 17.41
C ALA H 255 -19.36 -0.24 16.37
N ILE H 256 -18.52 -1.19 16.01
CA ILE H 256 -18.89 -2.27 15.08
C ILE H 256 -19.93 -3.21 15.71
N GLN H 257 -19.69 -3.63 16.95
CA GLN H 257 -20.62 -4.50 17.66
C GLN H 257 -22.02 -3.91 17.69
N PHE H 258 -22.10 -2.65 18.09
CA PHE H 258 -23.39 -1.98 18.13
C PHE H 258 -24.05 -1.83 16.73
N ALA H 259 -23.24 -1.42 15.74
CA ALA H 259 -23.75 -1.27 14.37
C ALA H 259 -24.41 -2.56 13.90
N LYS H 260 -23.84 -3.71 14.26
CA LYS H 260 -24.38 -4.96 13.73
C LYS H 260 -25.74 -5.28 14.36
N ALA H 261 -25.96 -4.83 15.59
CA ALA H 261 -27.23 -5.07 16.31
C ALA H 261 -28.34 -4.15 15.83
N ILE H 262 -27.98 -3.00 15.26
CA ILE H 262 -29.00 -2.04 14.75
C ILE H 262 -29.16 -1.96 13.23
N GLU H 263 -28.34 -2.70 12.49
CA GLU H 263 -28.41 -2.67 11.02
C GLU H 263 -29.82 -3.02 10.51
N LYS H 264 -30.47 -3.95 11.19
CA LYS H 264 -31.80 -4.45 10.81
C LYS H 264 -32.87 -3.36 10.79
N TYR H 265 -32.62 -2.24 11.47
CA TYR H 265 -33.63 -1.17 11.58
C TYR H 265 -33.59 -0.13 10.46
N ARG H 266 -32.67 -0.34 9.52
CA ARG H 266 -32.50 0.53 8.36
C ARG H 266 -32.11 1.92 8.80
N ILE H 267 -30.84 2.05 9.19
CA ILE H 267 -30.30 3.28 9.77
C ILE H 267 -29.75 4.17 8.66
N PHE H 268 -30.09 5.45 8.70
CA PHE H 268 -29.77 6.37 7.63
C PHE H 268 -28.30 6.70 7.65
N LEU H 269 -27.84 7.10 8.84
CA LEU H 269 -26.44 7.47 9.08
C LEU H 269 -26.02 7.06 10.50
N TYR H 270 -24.73 6.79 10.66
CA TYR H 270 -24.14 6.44 11.95
C TYR H 270 -23.16 7.55 12.28
N GLU H 271 -23.52 8.38 13.26
CA GLU H 271 -22.76 9.62 13.51
C GLU H 271 -21.76 9.50 14.63
N GLU H 272 -20.53 9.95 14.37
CA GLU H 272 -19.45 9.89 15.36
C GLU H 272 -19.40 8.56 16.13
N PRO H 273 -19.32 7.42 15.39
CA PRO H 273 -19.24 6.15 16.11
C PRO H 273 -18.02 6.04 17.01
N ILE H 274 -16.92 6.71 16.60
CA ILE H 274 -15.71 6.86 17.38
C ILE H 274 -15.18 8.28 17.14
N HIS H 275 -14.24 8.70 17.97
CA HIS H 275 -13.66 10.02 17.82
C HIS H 275 -12.80 10.07 16.57
N PRO H 276 -12.50 11.29 16.10
CA PRO H 276 -11.80 11.33 14.84
C PRO H 276 -10.28 11.40 15.00
N LEU H 277 -9.74 11.08 16.16
CA LEU H 277 -8.30 11.28 16.36
C LEU H 277 -7.46 10.17 15.73
N ASN H 278 -8.06 8.98 15.50
CA ASN H 278 -7.36 7.91 14.74
C ASN H 278 -8.13 7.62 13.41
N SER H 279 -7.65 8.19 12.30
CA SER H 279 -8.39 8.11 11.01
C SER H 279 -8.38 6.69 10.45
N ASP H 280 -7.37 5.89 10.80
CA ASP H 280 -7.35 4.49 10.33
C ASP H 280 -8.47 3.68 10.99
N ASN H 281 -8.72 3.96 12.27
CA ASN H 281 -9.82 3.33 12.96
C ASN H 281 -11.18 3.70 12.40
N MET H 282 -11.32 4.96 12.00
CA MET H 282 -12.57 5.40 11.37
C MET H 282 -12.80 4.60 10.08
N GLN H 283 -11.74 4.43 9.29
CA GLN H 283 -11.83 3.63 8.08
C GLN H 283 -12.24 2.21 8.40
N LYS H 284 -11.64 1.64 9.44
CA LYS H 284 -11.97 0.25 9.78
C LYS H 284 -13.46 0.14 10.14
N VAL H 285 -13.94 1.15 10.87
CA VAL H 285 -15.37 1.15 11.23
C VAL H 285 -16.22 1.22 9.96
N SER H 286 -15.85 2.09 9.02
CA SER H 286 -16.61 2.28 7.78
CA SER H 286 -16.61 2.28 7.79
C SER H 286 -16.72 0.98 7.00
N ARG H 287 -15.60 0.26 6.91
CA ARG H 287 -15.55 -1.03 6.21
C ARG H 287 -16.26 -2.19 6.93
N SER H 288 -16.53 -2.03 8.22
CA SER H 288 -17.12 -3.15 9.00
C SER H 288 -18.62 -3.05 9.24
N THR H 289 -19.22 -1.98 8.77
CA THR H 289 -20.71 -1.92 8.85
C THR H 289 -21.28 -1.44 7.54
N THR H 290 -22.52 -1.83 7.26
CA THR H 290 -23.20 -1.33 6.09
C THR H 290 -23.81 0.05 6.32
N ILE H 291 -23.86 0.54 7.56
CA ILE H 291 -24.45 1.86 7.83
C ILE H 291 -23.45 2.93 7.40
N PRO H 292 -23.89 3.89 6.55
CA PRO H 292 -22.96 4.96 6.15
C PRO H 292 -22.51 5.78 7.35
N ILE H 293 -21.25 6.21 7.37
CA ILE H 293 -20.73 6.97 8.52
C ILE H 293 -20.86 8.47 8.28
N ALA H 294 -21.29 9.20 9.31
CA ALA H 294 -21.20 10.65 9.36
C ALA H 294 -20.26 11.11 10.49
N THR H 295 -19.42 12.10 10.19
CA THR H 295 -18.66 12.79 11.24
C THR H 295 -18.23 14.17 10.78
N GLY H 296 -17.79 14.99 11.72
CA GLY H 296 -17.12 16.25 11.36
C GLY H 296 -17.23 17.37 12.35
N GLU H 297 -18.12 17.25 13.31
CA GLU H 297 -18.22 18.33 14.26
C GLU H 297 -16.97 18.51 15.11
N ARG H 298 -16.17 17.44 15.26
CA ARG H 298 -14.88 17.56 15.94
C ARG H 298 -13.69 17.48 14.96
N SER H 299 -13.96 17.82 13.69
CA SER H 299 -12.95 17.85 12.62
C SER H 299 -12.91 19.27 12.05
N TYR H 300 -11.71 19.85 11.93
CA TYR H 300 -11.57 21.27 11.65
C TYR H 300 -10.62 21.49 10.49
N THR H 301 -11.00 22.45 9.64
CA THR H 301 -10.30 22.80 8.41
C THR H 301 -10.29 21.67 7.37
N ARG H 302 -9.99 22.05 6.14
CA ARG H 302 -9.71 21.09 5.06
C ARG H 302 -8.75 19.98 5.52
N TRP H 303 -7.75 20.33 6.31
CA TRP H 303 -6.76 19.33 6.76
C TRP H 303 -7.35 18.31 7.67
N GLY H 304 -8.41 18.69 8.38
CA GLY H 304 -9.06 17.77 9.31
C GLY H 304 -9.96 16.76 8.61
N TYR H 305 -10.24 16.99 7.33
CA TYR H 305 -11.03 16.08 6.52
C TYR H 305 -10.19 15.21 5.57
N ARG H 306 -8.93 15.57 5.38
CA ARG H 306 -8.16 14.92 4.36
C ARG H 306 -8.06 13.41 4.57
N GLU H 307 -7.66 12.97 5.76
CA GLU H 307 -7.57 11.51 5.95
C GLU H 307 -8.90 10.80 5.96
N LEU H 308 -9.95 11.47 6.43
CA LEU H 308 -11.29 10.90 6.40
C LEU H 308 -11.80 10.66 4.98
N LEU H 309 -11.53 11.61 4.09
CA LEU H 309 -11.99 11.53 2.71
C LEU H 309 -11.12 10.59 1.88
N GLU H 310 -9.79 10.78 1.94
CA GLU H 310 -8.90 9.92 1.18
C GLU H 310 -9.06 8.44 1.52
N LYS H 311 -9.42 8.14 2.76
CA LYS H 311 -9.57 6.77 3.19
C LYS H 311 -11.00 6.30 2.95
N GLN H 312 -11.84 7.17 2.37
CA GLN H 312 -13.22 6.83 1.97
C GLN H 312 -14.01 6.30 3.17
N SER H 313 -13.86 6.97 4.30
CA SER H 313 -14.40 6.48 5.56
CA SER H 313 -14.40 6.45 5.54
C SER H 313 -15.78 7.05 5.85
N ILE H 314 -16.11 8.17 5.23
CA ILE H 314 -17.36 8.84 5.56
C ILE H 314 -18.30 9.06 4.38
N ALA H 315 -19.60 8.95 4.64
CA ALA H 315 -20.61 9.27 3.65
C ALA H 315 -21.08 10.72 3.74
N VAL H 316 -21.06 11.28 4.96
CA VAL H 316 -21.59 12.63 5.21
C VAL H 316 -20.60 13.38 6.10
N ALA H 317 -20.20 14.58 5.68
CA ALA H 317 -19.33 15.44 6.48
C ALA H 317 -20.21 16.40 7.28
N GLN H 318 -19.86 16.67 8.54
CA GLN H 318 -20.70 17.51 9.43
C GLN H 318 -19.89 18.62 10.10
N PRO H 319 -19.18 19.45 9.30
CA PRO H 319 -18.45 20.53 9.93
C PRO H 319 -19.41 21.49 10.68
N ASP H 320 -18.96 22.01 11.81
CA ASP H 320 -19.61 23.13 12.47
C ASP H 320 -18.94 24.40 11.95
N LEU H 321 -19.73 25.27 11.31
CA LEU H 321 -19.14 26.50 10.72
C LEU H 321 -18.50 27.44 11.77
N CYS H 322 -18.95 27.30 13.00
CA CYS H 322 -18.41 28.03 14.16
C CYS H 322 -17.18 27.34 14.82
N LEU H 323 -16.71 26.22 14.24
CA LEU H 323 -15.50 25.52 14.69
C LEU H 323 -14.50 25.25 13.57
N CYS H 324 -14.99 24.98 12.36
CA CYS H 324 -14.14 24.35 11.32
C CYS H 324 -13.25 25.37 10.61
N GLY H 325 -13.46 26.66 10.90
CA GLY H 325 -12.80 27.72 10.15
C GLY H 325 -13.76 28.73 9.51
N GLY H 326 -15.07 28.64 9.80
CA GLY H 326 -16.01 29.67 9.35
C GLY H 326 -16.66 29.32 8.03
N ILE H 327 -17.27 30.33 7.42
CA ILE H 327 -17.88 30.18 6.10
C ILE H 327 -16.79 29.98 5.01
N THR H 328 -15.72 30.75 5.07
CA THR H 328 -14.67 30.60 4.07
C THR H 328 -14.19 29.13 4.02
N GLU H 329 -13.73 28.60 5.16
CA GLU H 329 -13.18 27.23 5.20
C GLU H 329 -14.28 26.16 5.14
N GLY H 330 -15.42 26.42 5.77
CA GLY H 330 -16.58 25.54 5.61
C GLY H 330 -16.95 25.25 4.14
N LYS H 331 -16.99 26.29 3.31
CA LYS H 331 -17.28 26.11 1.88
C LYS H 331 -16.23 25.19 1.24
N LYS H 332 -14.96 25.45 1.58
CA LYS H 332 -13.85 24.64 1.02
C LYS H 332 -13.96 23.15 1.41
N ILE H 333 -14.40 22.89 2.63
CA ILE H 333 -14.62 21.53 3.11
C ILE H 333 -15.71 20.85 2.29
N CYS H 334 -16.83 21.57 2.09
CA CYS H 334 -17.94 21.08 1.28
C CYS H 334 -17.49 20.71 -0.16
N ASP H 335 -16.74 21.62 -0.78
CA ASP H 335 -16.24 21.43 -2.15
C ASP H 335 -15.32 20.20 -2.29
N TYR H 336 -14.48 20.02 -1.28
CA TYR H 336 -13.55 18.88 -1.20
C TYR H 336 -14.33 17.58 -1.02
N ALA H 337 -15.22 17.57 -0.04
CA ALA H 337 -16.04 16.38 0.23
C ALA H 337 -16.75 15.87 -1.01
N ASN H 338 -17.19 16.81 -1.84
CA ASN H 338 -17.95 16.50 -3.05
C ASN H 338 -17.22 15.52 -3.95
N ILE H 339 -15.90 15.65 -4.04
CA ILE H 339 -15.18 14.81 -4.97
C ILE H 339 -15.14 13.33 -4.56
N TYR H 340 -15.49 13.05 -3.31
CA TYR H 340 -15.58 11.69 -2.76
CA TYR H 340 -15.58 11.67 -2.80
C TYR H 340 -17.03 11.23 -2.58
N ASP H 341 -17.98 11.99 -3.13
CA ASP H 341 -19.43 11.65 -3.02
C ASP H 341 -19.94 11.79 -1.60
N THR H 342 -19.16 12.57 -0.84
CA THR H 342 -19.49 12.92 0.54
C THR H 342 -20.39 14.17 0.54
N THR H 343 -21.62 14.02 1.02
CA THR H 343 -22.54 15.14 1.13
C THR H 343 -22.42 15.77 2.52
N VAL H 344 -23.11 16.90 2.73
CA VAL H 344 -22.88 17.73 3.89
C VAL H 344 -24.17 18.02 4.69
N GLN H 345 -24.05 17.85 6.01
CA GLN H 345 -25.00 18.37 6.98
C GLN H 345 -24.22 19.19 7.99
N VAL H 346 -24.36 20.52 7.92
CA VAL H 346 -23.63 21.37 8.83
C VAL H 346 -24.01 21.02 10.27
N HIS H 347 -23.03 20.95 11.16
CA HIS H 347 -23.34 20.75 12.57
C HIS H 347 -23.88 22.04 13.16
N VAL H 348 -25.08 21.98 13.77
CA VAL H 348 -25.68 23.18 14.37
C VAL H 348 -26.17 22.90 15.79
N CYS H 349 -25.45 23.44 16.78
CA CYS H 349 -25.81 23.33 18.19
C CYS H 349 -25.22 24.50 19.00
N GLY H 350 -25.83 25.67 18.85
CA GLY H 350 -25.31 26.86 19.52
C GLY H 350 -26.39 27.93 19.53
N GLY H 351 -25.97 29.14 19.22
CA GLY H 351 -26.89 30.26 19.15
C GLY H 351 -27.49 30.44 17.77
N PRO H 352 -28.30 31.51 17.59
CA PRO H 352 -28.95 31.72 16.30
C PRO H 352 -27.98 32.07 15.17
N VAL H 353 -26.76 32.52 15.50
CA VAL H 353 -25.78 32.85 14.47
C VAL H 353 -25.39 31.55 13.74
N SER H 354 -25.13 30.49 14.49
CA SER H 354 -24.76 29.21 13.87
C SER H 354 -25.85 28.76 12.91
N THR H 355 -27.11 28.85 13.32
CA THR H 355 -28.18 28.44 12.44
C THR H 355 -28.16 29.17 11.09
N VAL H 356 -28.06 30.50 11.11
CA VAL H 356 -28.16 31.22 9.84
C VAL H 356 -26.93 31.00 8.98
N ALA H 357 -25.76 30.85 9.60
CA ALA H 357 -24.54 30.55 8.86
C ALA H 357 -24.74 29.23 8.12
N ALA H 358 -25.29 28.23 8.82
CA ALA H 358 -25.57 26.93 8.21
C ALA H 358 -26.56 27.04 7.04
N LEU H 359 -27.62 27.81 7.24
CA LEU H 359 -28.66 27.99 6.24
C LEU H 359 -28.12 28.54 4.94
N HIS H 360 -27.30 29.59 5.04
CA HIS H 360 -26.61 30.15 3.85
C HIS H 360 -25.69 29.21 3.14
N MET H 361 -24.86 28.51 3.90
CA MET H 361 -23.98 27.50 3.32
C MET H 361 -24.77 26.42 2.60
N GLU H 362 -25.82 25.88 3.24
CA GLU H 362 -26.51 24.72 2.70
C GLU H 362 -27.36 25.06 1.50
N THR H 363 -27.81 26.32 1.43
CA THR H 363 -28.55 26.84 0.29
C THR H 363 -27.67 26.91 -0.99
N ALA H 364 -26.38 27.18 -0.81
CA ALA H 364 -25.47 27.38 -1.96
C ALA H 364 -24.78 26.10 -2.44
N ILE H 365 -24.52 25.14 -1.54
CA ILE H 365 -23.73 23.97 -1.91
C ILE H 365 -24.53 22.90 -2.65
N PRO H 366 -23.94 22.36 -3.72
CA PRO H 366 -24.62 21.31 -4.50
C PRO H 366 -24.72 19.98 -3.74
N ASN H 367 -23.84 19.76 -2.76
CA ASN H 367 -23.77 18.48 -2.06
C ASN H 367 -24.38 18.52 -0.65
N PHE H 368 -25.39 19.36 -0.47
CA PHE H 368 -26.17 19.37 0.76
C PHE H 368 -26.97 18.07 0.87
N ILE H 369 -27.03 17.44 2.06
CA ILE H 369 -27.94 16.28 2.23
C ILE H 369 -29.13 16.55 3.15
N ILE H 370 -28.85 17.09 4.34
CA ILE H 370 -29.93 17.31 5.32
C ILE H 370 -29.47 18.34 6.36
N HIS H 371 -30.44 18.95 7.05
CA HIS H 371 -30.20 20.02 8.02
C HIS H 371 -30.56 19.59 9.43
N GLU H 372 -29.72 19.99 10.40
CA GLU H 372 -29.93 19.56 11.80
C GLU H 372 -30.67 20.62 12.60
N HIS H 373 -31.82 20.23 13.15
CA HIS H 373 -32.57 21.12 14.02
CA HIS H 373 -32.51 21.14 14.04
C HIS H 373 -32.57 20.56 15.42
N HIS H 374 -31.84 21.23 16.31
CA HIS H 374 -31.63 20.74 17.66
C HIS H 374 -32.82 20.96 18.51
N THR H 375 -33.09 20.01 19.39
CA THR H 375 -34.26 20.03 20.29
C THR H 375 -34.37 21.26 21.22
N ASN H 376 -33.27 21.99 21.36
CA ASN H 376 -33.17 23.20 22.19
C ASN H 376 -33.24 24.53 21.44
N ALA H 377 -33.35 24.47 20.11
CA ALA H 377 -33.28 25.68 19.28
C ALA H 377 -34.54 26.55 19.41
N MET H 378 -35.60 26.01 20.00
CA MET H 378 -36.78 26.83 20.28
C MET H 378 -36.77 27.44 21.69
N LYS H 379 -35.77 27.09 22.51
CA LYS H 379 -35.67 27.66 23.87
C LYS H 379 -35.59 29.19 23.81
N ALA H 380 -36.40 29.85 24.64
CA ALA H 380 -36.45 31.31 24.66
C ALA H 380 -35.10 31.96 24.94
N SER H 381 -34.30 31.35 25.84
CA SER H 381 -33.05 31.97 26.22
C SER H 381 -32.00 31.89 25.10
N ILE H 382 -32.19 30.98 24.14
CA ILE H 382 -31.33 30.94 22.92
C ILE H 382 -31.88 31.94 21.90
N ARG H 383 -33.19 31.89 21.67
CA ARG H 383 -33.82 32.72 20.65
C ARG H 383 -33.67 34.21 20.91
N GLU H 384 -33.70 34.59 22.17
CA GLU H 384 -33.67 35.99 22.56
C GLU H 384 -32.31 36.65 22.37
N LEU H 385 -31.29 35.86 22.01
CA LEU H 385 -29.97 36.42 21.75
C LEU H 385 -29.95 37.29 20.51
N CYS H 386 -30.82 36.97 19.56
CA CYS H 386 -30.88 37.63 18.24
C CYS H 386 -32.27 38.19 17.94
N THR H 387 -32.39 38.92 16.83
CA THR H 387 -33.62 39.66 16.55
C THR H 387 -34.65 38.93 15.69
N HIS H 388 -34.20 37.92 14.93
CA HIS H 388 -35.11 37.16 14.08
C HIS H 388 -35.22 35.74 14.52
N ASP H 389 -36.34 35.11 14.19
CA ASP H 389 -36.50 33.70 14.42
C ASP H 389 -36.49 33.03 13.05
N TYR H 390 -35.66 32.01 12.88
CA TYR H 390 -35.71 31.17 11.67
C TYR H 390 -35.98 29.76 12.15
N GLN H 391 -37.11 29.19 11.74
CA GLN H 391 -37.52 27.85 12.19
C GLN H 391 -38.00 27.05 11.00
N PRO H 392 -37.82 25.71 11.03
CA PRO H 392 -38.30 24.89 9.93
C PRO H 392 -39.82 24.82 9.95
N GLU H 393 -40.42 24.60 8.79
CA GLU H 393 -41.86 24.36 8.66
C GLU H 393 -42.08 23.06 7.91
N ASN H 394 -42.86 22.16 8.50
CA ASN H 394 -43.10 20.84 7.92
C ASN H 394 -41.87 20.10 7.38
N GLY H 395 -40.79 20.12 8.16
CA GLY H 395 -39.59 19.37 7.81
C GLY H 395 -38.60 20.09 6.91
N TYR H 396 -38.84 21.36 6.60
CA TYR H 396 -37.98 22.13 5.71
C TYR H 396 -37.62 23.51 6.22
N TYR H 397 -36.37 23.87 5.98
CA TYR H 397 -35.88 25.22 6.21
C TYR H 397 -35.73 25.96 4.89
N VAL H 398 -35.78 27.29 4.97
CA VAL H 398 -35.44 28.16 3.83
C VAL H 398 -34.41 29.18 4.32
N ALA H 399 -33.62 29.74 3.39
CA ALA H 399 -32.62 30.73 3.78
C ALA H 399 -33.24 32.06 4.17
N PRO H 400 -32.57 32.82 5.06
CA PRO H 400 -32.89 34.24 5.18
C PRO H 400 -32.64 34.95 3.83
N GLU H 401 -33.34 36.06 3.62
CA GLU H 401 -33.24 36.82 2.37
C GLU H 401 -32.76 38.28 2.49
N GLN H 402 -32.52 38.74 3.72
CA GLN H 402 -31.96 40.08 3.95
C GLN H 402 -30.48 40.11 3.58
N PRO H 403 -29.89 41.31 3.40
CA PRO H 403 -28.44 41.39 3.17
C PRO H 403 -27.64 40.79 4.34
N GLY H 404 -26.47 40.23 4.04
CA GLY H 404 -25.66 39.60 5.09
C GLY H 404 -26.30 38.30 5.54
N LEU H 405 -26.14 38.00 6.82
CA LEU H 405 -26.58 36.73 7.37
C LEU H 405 -28.09 36.73 7.68
N GLY H 406 -28.65 37.92 7.86
CA GLY H 406 -30.08 38.05 8.18
C GLY H 406 -30.39 38.01 9.67
N GLN H 407 -29.38 38.34 10.48
CA GLN H 407 -29.52 38.35 11.94
C GLN H 407 -28.81 39.55 12.53
N GLU H 408 -29.37 40.01 13.64
CA GLU H 408 -28.72 40.98 14.49
C GLU H 408 -28.80 40.47 15.93
N LEU H 409 -27.89 40.96 16.76
CA LEU H 409 -27.94 40.68 18.20
C LEU H 409 -29.09 41.47 18.80
N ASN H 410 -29.77 40.86 19.76
CA ASN H 410 -30.80 41.55 20.51
C ASN H 410 -30.14 42.30 21.68
N ASP H 411 -29.83 43.58 21.45
CA ASP H 411 -29.00 44.37 22.38
C ASP H 411 -29.63 44.49 23.78
N GLU H 412 -30.96 44.42 23.86
CA GLU H 412 -31.66 44.46 25.16
C GLU H 412 -31.30 43.30 26.07
N VAL H 413 -30.96 42.17 25.46
CA VAL H 413 -30.52 40.97 26.18
C VAL H 413 -29.00 40.87 26.27
N VAL H 414 -28.34 40.95 25.14
CA VAL H 414 -26.89 40.69 25.10
C VAL H 414 -26.04 41.74 25.80
N LYS H 415 -26.61 42.90 26.11
CA LYS H 415 -25.90 43.85 26.97
C LYS H 415 -25.44 43.18 28.28
N GLU H 416 -26.23 42.25 28.80
CA GLU H 416 -25.82 41.63 30.06
CA GLU H 416 -25.92 41.50 30.04
C GLU H 416 -24.72 40.58 29.88
N TYR H 417 -24.46 40.19 28.64
CA TYR H 417 -23.43 39.21 28.31
C TYR H 417 -22.13 39.85 27.81
N LEU H 418 -22.15 41.14 27.48
CA LEU H 418 -20.94 41.79 26.95
C LEU H 418 -19.76 41.63 27.90
N ALA H 419 -18.71 40.97 27.43
CA ALA H 419 -17.59 40.64 28.30
C ALA H 419 -16.36 41.50 27.99
N TYR H 420 -16.08 41.73 26.71
CA TYR H 420 -14.91 42.54 26.31
C TYR H 420 -15.20 43.33 25.06
N VAL H 421 -14.47 44.44 24.91
CA VAL H 421 -14.50 45.24 23.71
C VAL H 421 -13.04 45.45 23.29
N ILE H 422 -12.65 44.83 22.18
CA ILE H 422 -11.30 44.97 21.67
C ILE H 422 -11.27 46.15 20.69
N LYS H 423 -10.43 47.14 20.94
CA LYS H 423 -10.33 48.29 20.04
C LYS H 423 -8.91 48.81 19.95
MG MG I . 27.36 -9.80 14.29
C1 MPD J . 29.09 -9.66 21.01
C2 MPD J . 30.44 -9.68 20.33
O2 MPD J . 30.25 -10.08 18.97
CM MPD J . 31.10 -8.31 20.42
C3 MPD J . 31.33 -10.67 21.07
C4 MPD J . 32.19 -11.51 20.14
O4 MPD J . 32.98 -10.63 19.30
C5 MPD J . 33.07 -12.43 21.00
C1 MPD K . 17.87 -32.28 2.24
C2 MPD K . 16.74 -31.69 3.10
O2 MPD K . 16.01 -32.75 3.74
CM MPD K . 17.34 -30.83 4.21
C3 MPD K . 15.83 -30.84 2.19
C4 MPD K . 16.42 -29.41 2.20
O4 MPD K . 17.70 -29.45 1.52
C5 MPD K . 15.58 -28.26 1.65
MG MG L . -4.38 -17.89 26.55
C1 MPD M . -1.58 -23.97 30.12
C2 MPD M . -3.06 -23.84 29.80
O2 MPD M . -3.25 -22.57 29.17
CM MPD M . -3.46 -24.95 28.83
C3 MPD M . -3.97 -23.79 31.04
C4 MPD M . -3.65 -24.64 32.28
O4 MPD M . -3.51 -26.03 31.96
C5 MPD M . -2.43 -24.16 33.07
N1 EPE N . -30.28 -19.74 32.56
C2 EPE N . -28.86 -19.85 32.93
C3 EPE N . -28.41 -18.46 33.39
N4 EPE N . -29.29 -17.80 34.38
C5 EPE N . -30.74 -18.07 34.22
C6 EPE N . -31.02 -19.52 33.81
C7 EPE N . -29.08 -16.34 34.26
C8 EPE N . -28.04 -15.85 35.25
O8 EPE N . -28.64 -14.83 36.06
C9 EPE N . -30.75 -20.91 31.78
C10 EPE N . -31.34 -22.02 32.63
S EPE N . -31.06 -23.47 31.87
O1S EPE N . -31.69 -23.50 30.57
O2S EPE N . -29.64 -23.67 31.71
O3S EPE N . -31.69 -24.68 32.78
N1 EPE O . 25.17 -0.83 34.87
C2 EPE O . 24.69 0.55 35.04
C3 EPE O . 23.19 0.67 35.30
N4 EPE O . 22.91 -0.11 36.51
C5 EPE O . 23.00 -1.51 36.05
C6 EPE O . 24.44 -1.87 35.66
C7 EPE O . 21.63 0.26 37.17
C8 EPE O . 21.75 1.53 38.05
O8 EPE O . 20.64 1.79 38.97
C9 EPE O . 26.62 -0.81 35.24
C10 EPE O . 27.55 -1.61 34.30
S EPE O . 28.64 -0.74 33.35
O1S EPE O . 27.93 -0.26 32.20
O2S EPE O . 29.21 0.39 34.03
O3S EPE O . 29.88 -1.70 32.88
MG MG P . 2.47 24.65 -20.89
C1 MPD Q . 1.14 24.64 -27.30
C2 MPD Q . 1.95 25.93 -27.35
O2 MPD Q . 2.11 26.38 -26.00
CM MPD Q . 3.30 25.64 -28.01
C3 MPD Q . 1.18 27.00 -28.12
C4 MPD Q . 1.60 28.43 -27.80
O4 MPD Q . 2.76 28.43 -26.95
C5 MPD Q . 1.94 29.23 -29.05
N1 EPE R . -32.58 24.39 -15.36
C2 EPE R . -31.33 24.92 -15.92
C3 EPE R . -30.29 25.32 -14.88
N4 EPE R . -30.78 26.05 -13.68
C5 EPE R . -32.15 25.64 -13.34
C6 EPE R . -32.38 24.24 -13.91
C7 EPE R . -30.67 27.52 -13.82
C8 EPE R . -30.13 28.16 -12.53
O8 EPE R . -30.56 29.53 -12.32
C9 EPE R . -32.96 23.10 -15.96
C10 EPE R . -34.47 23.01 -16.24
S EPE R . -35.10 21.46 -16.07
O1S EPE R . -35.11 20.78 -17.34
O2S EPE R . -34.31 20.70 -15.13
O3S EPE R . -36.64 21.56 -15.52
MG MG S . -25.28 2.99 -20.12
C1 MPD T . -28.59 8.46 -21.63
C2 MPD T . -29.68 7.55 -22.15
O2 MPD T . -29.19 6.21 -22.08
CM MPD T . -30.92 7.74 -21.26
C3 MPD T . -29.98 7.90 -23.60
C4 MPD T . -31.15 7.14 -24.24
O4 MPD T . -30.90 7.01 -25.65
C5 MPD T . -31.43 5.75 -23.63
N1 EPE U . 0.80 14.05 -40.62
C2 EPE U . 1.69 13.04 -41.26
C3 EPE U . 1.22 11.62 -40.94
N4 EPE U . -0.13 11.47 -41.51
C5 EPE U . -1.02 12.28 -40.66
C6 EPE U . -0.65 13.77 -40.86
C7 EPE U . -0.56 10.06 -41.67
C8 EPE U . 0.05 9.38 -42.91
O8 EPE U . -0.65 8.20 -43.38
C9 EPE U . 1.12 15.42 -41.07
C10 EPE U . 2.59 15.68 -41.44
S EPE U . 3.37 16.85 -40.52
O1S EPE U . 3.70 16.32 -39.24
O2S EPE U . 4.59 17.25 -41.16
O3S EPE U . 2.42 18.19 -40.36
MG MG V . 19.19 -10.42 -23.92
C1 MPD W . 22.07 -15.91 -24.54
C2 MPD W . 23.12 -15.44 -25.56
O2 MPD W . 22.80 -14.09 -25.94
CM MPD W . 24.50 -15.51 -24.93
C3 MPD W . 23.05 -16.34 -26.79
C4 MPD W . 23.46 -15.67 -28.10
O4 MPD W . 24.57 -14.76 -27.91
C5 MPD W . 23.84 -16.72 -29.13
N1 EPE X . -11.42 -26.45 -32.54
C2 EPE X . -10.05 -26.16 -33.00
C3 EPE X . -9.63 -24.72 -32.69
N4 EPE X . -10.49 -23.71 -33.33
C5 EPE X . -11.88 -24.16 -33.20
C6 EPE X . -12.02 -25.20 -32.08
C7 EPE X . -10.12 -23.50 -34.76
C8 EPE X . -10.38 -22.06 -35.25
O8 EPE X . -10.55 -21.86 -36.69
C9 EPE X . -11.43 -27.47 -31.46
C10 EPE X . -12.54 -28.51 -31.61
S EPE X . -13.27 -28.85 -30.13
O1S EPE X . -13.73 -27.64 -29.54
O2S EPE X . -14.39 -29.74 -30.31
O3S EPE X . -12.19 -29.59 -29.15
N1 EPE Y . 28.75 -29.05 -14.68
C2 EPE Y . 27.43 -29.72 -14.72
C3 EPE Y . 26.58 -29.59 -13.43
N4 EPE Y . 27.29 -29.91 -12.17
C5 EPE Y . 28.70 -29.52 -12.31
C6 EPE Y . 28.83 -28.41 -13.35
C7 EPE Y . 27.17 -31.35 -11.77
C8 EPE Y . 27.89 -31.64 -10.44
O8 EPE Y . 27.66 -32.95 -9.82
C9 EPE Y . 28.96 -28.08 -15.79
C10 EPE Y . 30.40 -27.97 -16.32
S EPE Y . 30.74 -26.47 -17.01
O1S EPE Y . 30.36 -26.46 -18.40
O2S EPE Y . 29.99 -25.49 -16.29
O3S EPE Y . 32.32 -26.10 -16.93
MG MG Z . -6.53 -29.92 -10.43
C1 MPD AA . -7.01 -32.11 -16.41
C2 MPD AA . -7.83 -33.31 -15.96
O2 MPD AA . -7.91 -33.31 -14.53
CM MPD AA . -9.25 -33.20 -16.53
C3 MPD AA . -7.14 -34.55 -16.49
C4 MPD AA . -7.24 -35.78 -15.59
O4 MPD AA . -8.52 -35.82 -14.95
C5 MPD AA . -7.01 -37.05 -16.38
MG MG BA . 10.53 25.22 17.40
C1 MPD CA . 7.80 31.26 18.01
C2 MPD CA . 9.17 31.71 18.47
O2 MPD CA . 10.01 30.56 18.60
CM MPD CA . 9.79 32.65 17.43
C3 MPD CA . 9.00 32.41 19.82
C4 MPD CA . 10.24 32.40 20.72
O4 MPD CA . 11.44 32.21 19.97
C5 MPD CA . 10.34 33.71 21.50
N1 EPE DA . -15.29 12.60 38.10
C2 EPE DA . -15.08 11.61 39.19
C3 EPE DA . -13.76 11.65 39.98
N4 EPE DA . -12.63 12.48 39.46
C5 EPE DA . -12.88 12.95 38.08
C6 EPE DA . -14.25 13.63 38.07
C7 EPE DA . -11.39 11.69 39.58
C8 EPE DA . -10.33 12.32 40.52
O8 EPE DA . -9.70 11.45 41.52
C9 EPE DA . -16.65 13.19 38.20
C10 EPE DA . -17.63 12.50 37.23
S EPE DA . -19.27 12.69 37.58
O1S EPE DA . -20.01 11.52 37.19
O2S EPE DA . -19.44 12.91 38.99
O3S EPE DA . -19.88 13.99 36.78
C1 MPD EA . -18.09 31.96 -3.68
C2 MPD EA . -16.77 31.43 -3.14
O2 MPD EA . -15.75 31.99 -3.96
CM MPD EA . -16.59 31.89 -1.71
C3 MPD EA . -16.78 29.90 -3.19
C4 MPD EA . -15.42 29.19 -3.32
O4 MPD EA . -14.42 29.54 -2.34
C5 MPD EA . -15.67 27.70 -3.26
MG MG FA . -23.12 15.07 16.87
C1 MPD GA . -25.26 15.92 23.95
C2 MPD GA . -24.69 17.08 23.14
O2 MPD GA . -23.27 17.08 23.32
CM MPD GA . -24.97 16.95 21.65
C3 MPD GA . -25.16 18.43 23.69
C4 MPD GA . -26.55 18.88 23.27
O4 MPD GA . -27.51 17.83 23.43
C5 MPD GA . -26.99 20.06 24.14
N1 EPE HA . -1.94 41.92 9.12
C2 EPE HA . -1.92 42.34 7.70
C3 EPE HA . -3.07 41.81 6.84
N4 EPE HA . -4.34 42.10 7.51
C5 EPE HA . -4.32 41.22 8.68
C6 EPE HA . -3.32 41.81 9.67
C7 EPE HA . -5.52 41.85 6.66
C8 EPE HA . -5.84 43.00 5.68
O8 EPE HA . -7.24 43.11 5.30
C9 EPE HA . -1.17 42.88 9.92
C10 EPE HA . 0.09 42.27 10.55
S EPE HA . 1.54 42.70 9.82
O1S EPE HA . 1.93 41.64 8.94
O2S EPE HA . 1.38 43.93 9.08
O3S EPE HA . 2.71 42.95 10.93
#